data_6W1C
#
_entry.id   6W1C
#
_cell.length_a   1.00
_cell.length_b   1.00
_cell.length_c   1.00
_cell.angle_alpha   90.00
_cell.angle_beta   90.00
_cell.angle_gamma   90.00
#
_symmetry.space_group_name_H-M   'P 1'
#
loop_
_entity.id
_entity.type
_entity.pdbx_description
1 polymer 'E1 glycoprotein'
2 polymer 'E2 glycoprotein'
3 polymer 'Fab CHK-265 heavy chain'
4 polymer 'Fab CHK-265 light chain'
#
loop_
_entity_poly.entity_id
_entity_poly.type
_entity_poly.pdbx_seq_one_letter_code
_entity_poly.pdbx_strand_id
1 'polypeptide(L)'
;YEHTAIIPNQVGFPYKAHVAREGYSPLTLQMQVIETSLEPTLNLEYITCDYKTKVPSPYVKCCGTAECRTQDKPEYKCAV
FTGVYPFMWGGAYCFCDSENTQMSEAYVERADVCKHDHAAAYRAHTASLRAKIKVTYGTVNQTVEAYVNGDHAVTIAGTK
FIFGPVSTPWTPFDTKILVYKGELYNQDFPRYGAGQPGRFGDIQSRTLDSRDLYANTGLKLARPAAGNIHVPYTQTPSGF
KTWQKDRDSPLNAKAPFGCIIQTNPVRAMNCAVGNIPVSMDIADSAFTRLTDAPVISELTCTVSTCTHSSDFGGIAVLSY
KVEKSGRCDIHSHSNVAVLQEVSIETEGRSVIHFSTASASPSFVVSVCSSRATCTAKCEP
;
A,B,C,D
2 'polypeptide(L)'
;STANHFNAYKLTRPYVAYCADCGMGHSCHSPAMIENIQADATDGTLKIQFASQIGLTKTDTHDHTKIRYAEGHDIAEAAR
STLKVHSSSECTVTGTMGHFILAKCPPGERISVSFVDSKNEHRTCRIAYHHEQRLIGRERFTVRPHHGIELPCTTYQLTT
AETSEEIDMHMPPDIPDRTILSQQSGNVKITVNGRTVRYSSSCGSQAVGTTTTDKTINSCTVDKCQAYVTSHTKWQFNSP
FVPRRMQAERKGKVHIPFPLINTTCRVPLAPEALVRSGKREATLSLHPIHPTLLSYRTFGAERVFDEQWITAQTEVTIPV
PVEGVEYQWGNHKPQRFVVA
;
E,F,G,H
3 'polypeptide(L)'
;QIQLVQSGREVKNPGETVKISCKASGYTFTEYPMLWVKQAPGKGFRWMGLIYTNTGEPTYAEEFKGRFVFSLEISASTAY
LQINNLTNEDTATYFCVRDYFISLDYWGQGTTLTVSSAKTTAPSVYPLAPVCGGTTGSSVTLGCLVKGYFPEPVTLTWNS
GSLSSGVHTFPALLQSGLYTLSSSVTVTSNTWPSQTITCNVAHPASSTKVDKKIESRR
;
I,J,K,L
4 'polypeptide(L)'
;QAVVTQESALTTSPGETVTLTCRSNIGAVTSSNCANWVQEKPDHFFTGLIGDTNNRRSGVPARFSGSLIGDKAALTITGA
QTEDEAIYFCALWYNNLWVFGGGTKLTVLGQPKSSPSVTLFPPSSEELETNKATLVCTITDFYPGVVTVDWKVDGTPVTQ
GMETTQPSKQSNNKYMASSYLTLTARAWERHSSYSCQVTHEGHTVEKSLSR
;
M,N,O,P
#
# COMPACT_ATOMS: atom_id res chain seq x y z
N TYR A 1 38.58 -82.96 -27.72
CA TYR A 1 38.39 -82.67 -29.13
C TYR A 1 38.00 -81.22 -29.27
N GLU A 2 36.72 -80.96 -29.51
CA GLU A 2 36.20 -79.61 -29.63
C GLU A 2 34.74 -79.63 -29.20
N HIS A 3 34.49 -79.20 -27.98
CA HIS A 3 33.11 -79.06 -27.54
C HIS A 3 32.55 -77.76 -28.07
N THR A 4 31.96 -77.82 -29.25
CA THR A 4 31.35 -76.66 -29.87
C THR A 4 29.86 -76.74 -29.58
N ALA A 5 29.34 -75.81 -28.80
CA ALA A 5 27.93 -75.80 -28.46
C ALA A 5 27.46 -74.39 -28.20
N ILE A 6 26.28 -74.28 -27.63
CA ILE A 6 25.77 -73.01 -27.15
C ILE A 6 25.38 -73.20 -25.70
N ILE A 7 25.92 -72.36 -24.84
CA ILE A 7 25.46 -72.33 -23.47
C ILE A 7 24.16 -71.55 -23.52
N PRO A 8 23.15 -71.88 -22.72
CA PRO A 8 21.98 -71.02 -22.64
C PRO A 8 22.33 -69.77 -21.87
N ASN A 9 22.49 -68.68 -22.62
CA ASN A 9 23.12 -67.45 -22.12
C ASN A 9 22.09 -66.59 -21.41
N GLN A 10 21.62 -67.09 -20.27
CA GLN A 10 20.77 -66.35 -19.36
C GLN A 10 21.27 -66.73 -17.98
N VAL A 11 22.17 -65.90 -17.45
CA VAL A 11 23.23 -66.36 -16.56
C VAL A 11 22.67 -66.75 -15.20
N GLY A 12 23.28 -67.78 -14.63
CA GLY A 12 22.73 -68.42 -13.46
C GLY A 12 22.32 -69.84 -13.76
N PHE A 13 22.01 -70.12 -15.01
CA PHE A 13 21.60 -71.46 -15.40
C PHE A 13 22.82 -72.36 -15.43
N PRO A 14 22.72 -73.60 -14.98
CA PRO A 14 23.80 -74.54 -15.25
C PRO A 14 23.82 -74.88 -16.73
N TYR A 15 25.02 -75.09 -17.26
CA TYR A 15 25.19 -75.45 -18.67
C TYR A 15 26.05 -76.71 -18.69
N LYS A 16 25.41 -77.85 -18.90
CA LYS A 16 26.11 -79.12 -18.90
C LYS A 16 26.77 -79.33 -20.25
N ALA A 17 27.80 -80.17 -20.27
CA ALA A 17 28.45 -80.57 -21.51
C ALA A 17 29.08 -81.95 -21.32
N HIS A 18 28.38 -82.98 -21.80
CA HIS A 18 28.80 -84.36 -21.64
C HIS A 18 29.54 -84.80 -22.89
N VAL A 19 30.71 -84.23 -23.10
CA VAL A 19 31.51 -84.43 -24.29
C VAL A 19 32.51 -85.53 -24.01
N ALA A 20 32.51 -86.57 -24.83
CA ALA A 20 33.32 -87.75 -24.60
C ALA A 20 34.08 -88.11 -25.87
N ARG A 21 35.39 -88.29 -25.73
CA ARG A 21 36.25 -88.73 -26.82
C ARG A 21 36.79 -90.12 -26.50
N GLU A 22 37.39 -90.76 -27.51
CA GLU A 22 37.97 -92.09 -27.35
C GLU A 22 39.19 -92.01 -26.46
N GLY A 23 39.40 -93.05 -25.66
CA GLY A 23 40.54 -93.12 -24.79
C GLY A 23 40.35 -92.49 -23.44
N TYR A 24 39.40 -91.58 -23.30
CA TYR A 24 39.17 -90.88 -22.06
C TYR A 24 37.98 -91.50 -21.36
N SER A 25 37.60 -90.88 -20.25
CA SER A 25 36.29 -91.13 -19.65
C SER A 25 35.26 -90.22 -20.32
N PRO A 26 34.02 -90.23 -19.85
CA PRO A 26 33.07 -89.19 -20.27
C PRO A 26 33.52 -87.85 -19.72
N LEU A 27 33.54 -86.84 -20.59
CA LEU A 27 34.05 -85.53 -20.19
C LEU A 27 32.88 -84.64 -19.81
N THR A 28 33.02 -83.91 -18.71
CA THR A 28 31.91 -83.11 -18.20
C THR A 28 32.35 -81.67 -18.00
N LEU A 29 31.68 -80.75 -18.68
CA LEU A 29 31.90 -79.33 -18.48
C LEU A 29 30.63 -78.75 -17.87
N GLN A 30 30.80 -77.76 -17.00
CA GLN A 30 29.67 -77.11 -16.33
C GLN A 30 29.90 -75.61 -16.36
N MET A 31 29.11 -74.90 -17.15
CA MET A 31 29.30 -73.47 -17.29
C MET A 31 28.19 -72.70 -16.59
N GLN A 32 28.47 -71.44 -16.29
CA GLN A 32 27.48 -70.54 -15.70
C GLN A 32 27.92 -69.11 -16.03
N VAL A 33 27.05 -68.33 -16.67
CA VAL A 33 27.49 -67.04 -17.19
C VAL A 33 27.33 -65.97 -16.12
N ILE A 34 28.00 -64.84 -16.33
CA ILE A 34 27.70 -63.59 -15.62
C ILE A 34 28.29 -62.43 -16.42
N GLU A 35 27.46 -61.40 -16.65
CA GLU A 35 27.88 -60.06 -17.10
C GLU A 35 28.62 -59.95 -18.42
N THR A 36 27.97 -60.27 -19.54
CA THR A 36 28.55 -60.26 -20.88
C THR A 36 28.17 -59.04 -21.69
N SER A 37 28.10 -57.87 -21.03
CA SER A 37 27.31 -56.73 -21.47
C SER A 37 27.82 -56.09 -22.76
N LEU A 38 26.96 -55.26 -23.36
CA LEU A 38 27.15 -54.76 -24.71
C LEU A 38 28.25 -53.72 -24.86
N GLU A 39 28.14 -52.59 -24.19
CA GLU A 39 29.14 -51.53 -24.27
C GLU A 39 29.23 -50.91 -25.66
N PRO A 40 28.20 -50.19 -26.11
CA PRO A 40 28.28 -49.56 -27.42
C PRO A 40 29.18 -48.34 -27.37
N THR A 41 30.01 -48.18 -28.39
CA THR A 41 31.01 -47.11 -28.42
C THR A 41 30.30 -45.80 -28.72
N LEU A 42 30.40 -44.85 -27.80
CA LEU A 42 29.68 -43.60 -27.91
C LEU A 42 30.48 -42.56 -28.70
N ASN A 43 29.79 -41.50 -29.09
CA ASN A 43 30.43 -40.33 -29.69
C ASN A 43 29.66 -39.15 -29.11
N LEU A 44 30.23 -38.53 -28.08
CA LEU A 44 29.49 -37.50 -27.35
C LEU A 44 29.53 -36.20 -28.13
N GLU A 45 28.36 -35.64 -28.41
CA GLU A 45 28.23 -34.27 -28.91
C GLU A 45 27.15 -33.58 -28.10
N TYR A 46 27.50 -33.05 -26.93
CA TYR A 46 26.56 -32.28 -26.14
C TYR A 46 27.29 -31.80 -24.90
N ILE A 47 26.73 -30.86 -24.18
CA ILE A 47 27.35 -30.44 -22.93
C ILE A 47 26.44 -30.79 -21.77
N THR A 48 25.16 -30.48 -21.91
CA THR A 48 24.20 -30.57 -20.82
C THR A 48 24.61 -29.68 -19.65
N CYS A 49 24.63 -28.37 -19.86
CA CYS A 49 25.08 -27.45 -18.81
C CYS A 49 24.03 -26.36 -18.66
N ASP A 50 24.21 -25.51 -17.65
CA ASP A 50 23.27 -24.43 -17.40
C ASP A 50 23.73 -23.15 -18.06
N TYR A 51 22.78 -22.33 -18.50
CA TYR A 51 23.09 -21.10 -19.21
C TYR A 51 23.55 -20.05 -18.22
N LYS A 52 24.27 -19.04 -18.72
CA LYS A 52 24.74 -17.96 -17.85
C LYS A 52 24.70 -16.66 -18.67
N THR A 53 24.15 -15.62 -18.07
CA THR A 53 24.11 -14.32 -18.73
C THR A 53 25.13 -13.38 -18.11
N LYS A 54 26.21 -13.14 -18.84
CA LYS A 54 27.21 -12.15 -18.48
C LYS A 54 26.59 -10.78 -18.70
N VAL A 55 25.94 -10.26 -17.66
CA VAL A 55 25.28 -8.97 -17.74
C VAL A 55 26.16 -7.99 -16.98
N PRO A 56 27.03 -7.27 -17.66
CA PRO A 56 27.97 -6.39 -16.96
C PRO A 56 27.30 -5.08 -16.57
N SER A 57 28.11 -4.19 -16.03
CA SER A 57 27.63 -2.86 -15.70
C SER A 57 27.31 -2.09 -16.98
N PRO A 58 26.08 -1.60 -17.14
CA PRO A 58 25.71 -0.93 -18.39
C PRO A 58 26.36 0.43 -18.50
N TYR A 59 26.94 0.69 -19.67
CA TYR A 59 27.69 1.92 -19.91
C TYR A 59 26.69 3.06 -20.00
N VAL A 60 26.63 3.84 -18.93
CA VAL A 60 25.83 5.06 -18.96
C VAL A 60 26.55 6.09 -19.81
N LYS A 61 25.81 6.74 -20.70
CA LYS A 61 26.28 7.90 -21.43
C LYS A 61 25.34 9.05 -21.10
N CYS A 62 25.79 9.92 -20.21
CA CYS A 62 24.89 10.89 -19.60
C CYS A 62 25.39 12.33 -19.71
N CYS A 63 25.05 13.06 -20.77
CA CYS A 63 24.27 12.57 -21.91
C CYS A 63 25.19 11.97 -22.96
N GLY A 64 24.62 11.38 -24.00
CA GLY A 64 25.46 10.89 -25.08
C GLY A 64 25.27 9.42 -25.40
N THR A 65 25.20 9.11 -26.69
CA THR A 65 25.08 7.72 -27.11
C THR A 65 26.42 7.01 -26.96
N ALA A 66 26.50 6.15 -25.95
CA ALA A 66 27.67 5.30 -25.81
C ALA A 66 27.63 4.20 -26.86
N GLU A 67 28.75 3.99 -27.53
CA GLU A 67 28.88 3.02 -28.59
C GLU A 67 28.87 1.61 -28.00
N CYS A 68 28.45 0.64 -28.80
CA CYS A 68 28.34 -0.74 -28.34
C CYS A 68 29.03 -1.61 -29.38
N ARG A 69 30.34 -1.81 -29.23
CA ARG A 69 31.06 -2.72 -30.09
C ARG A 69 30.77 -4.16 -29.67
N THR A 70 31.02 -5.09 -30.59
CA THR A 70 30.70 -6.49 -30.38
C THR A 70 31.66 -7.15 -29.38
N GLN A 71 31.10 -7.84 -28.40
CA GLN A 71 31.91 -8.55 -27.43
C GLN A 71 32.31 -9.92 -27.97
N ASP A 72 32.88 -10.75 -27.10
CA ASP A 72 33.24 -12.10 -27.47
C ASP A 72 32.31 -13.15 -26.87
N LYS A 73 31.21 -12.72 -26.27
CA LYS A 73 30.26 -13.59 -25.59
C LYS A 73 29.48 -14.43 -26.60
N PRO A 74 28.98 -15.59 -26.17
CA PRO A 74 28.24 -16.45 -27.11
C PRO A 74 26.86 -15.93 -27.44
N GLU A 75 26.31 -15.08 -26.58
CA GLU A 75 25.08 -14.37 -26.87
C GLU A 75 25.24 -12.87 -26.67
N TYR A 76 26.28 -12.28 -27.25
CA TYR A 76 26.70 -10.95 -26.87
C TYR A 76 25.76 -9.90 -27.44
N LYS A 77 24.68 -9.67 -26.73
CA LYS A 77 23.70 -8.67 -27.10
C LYS A 77 23.92 -7.42 -26.26
N CYS A 78 24.26 -6.34 -26.95
CA CYS A 78 24.30 -5.03 -26.34
C CYS A 78 23.32 -4.15 -27.09
N ALA A 79 22.57 -3.36 -26.34
CA ALA A 79 21.61 -2.44 -26.93
C ALA A 79 21.83 -1.10 -26.27
N VAL A 80 21.86 -0.04 -27.08
CA VAL A 80 22.05 1.31 -26.59
C VAL A 80 20.65 1.79 -26.24
N PHE A 81 20.16 1.44 -25.06
CA PHE A 81 18.87 1.91 -24.59
C PHE A 81 19.05 3.37 -24.22
N THR A 82 18.77 4.26 -25.17
CA THR A 82 18.93 5.69 -24.96
C THR A 82 17.68 6.27 -24.34
N GLY A 83 17.84 7.44 -23.72
CA GLY A 83 16.74 8.02 -22.97
C GLY A 83 16.63 7.49 -21.57
N VAL A 84 17.74 7.10 -20.98
CA VAL A 84 17.75 6.54 -19.64
C VAL A 84 17.76 7.68 -18.63
N TYR A 85 16.86 7.62 -17.68
CA TYR A 85 16.76 8.66 -16.68
C TYR A 85 17.31 8.10 -15.38
N PRO A 86 18.63 8.07 -15.20
CA PRO A 86 19.21 7.42 -14.02
C PRO A 86 19.05 8.23 -12.75
N PHE A 87 18.15 7.75 -11.88
CA PHE A 87 17.98 8.26 -10.53
C PHE A 87 18.27 7.15 -9.52
N MET A 88 19.48 7.16 -8.98
CA MET A 88 19.92 6.10 -8.09
C MET A 88 20.26 6.68 -6.73
N TRP A 89 20.92 5.86 -5.90
CA TRP A 89 21.11 6.24 -4.51
C TRP A 89 22.25 7.23 -4.29
N GLY A 90 23.41 7.01 -4.92
CA GLY A 90 24.63 7.62 -4.42
C GLY A 90 25.54 8.45 -5.31
N GLY A 91 24.96 9.16 -6.29
CA GLY A 91 25.75 10.13 -7.03
C GLY A 91 25.50 10.12 -8.52
N ALA A 92 25.27 11.30 -9.10
CA ALA A 92 24.49 11.53 -10.33
C ALA A 92 25.05 10.86 -11.57
N TYR A 93 24.34 9.83 -12.03
CA TYR A 93 24.62 9.21 -13.32
C TYR A 93 23.98 9.98 -14.46
N CYS A 94 23.03 10.86 -14.14
CA CYS A 94 22.50 11.82 -15.09
C CYS A 94 22.47 13.19 -14.44
N PHE A 95 22.81 14.21 -15.22
CA PHE A 95 22.78 15.59 -14.75
C PHE A 95 22.12 16.49 -15.77
N CYS A 96 21.58 15.90 -16.84
CA CYS A 96 20.97 16.64 -17.92
C CYS A 96 19.56 16.10 -18.15
N ASP A 97 18.89 16.62 -19.18
CA ASP A 97 17.51 16.25 -19.44
C ASP A 97 17.37 15.03 -20.35
N SER A 98 18.04 15.00 -21.49
CA SER A 98 17.90 13.91 -22.45
C SER A 98 19.28 13.48 -22.94
N GLU A 99 19.31 12.43 -23.76
CA GLU A 99 20.51 11.87 -24.35
C GLU A 99 21.35 11.01 -23.42
N ASN A 100 20.98 10.92 -22.14
CA ASN A 100 21.59 9.97 -21.24
C ASN A 100 20.93 8.62 -21.45
N THR A 101 21.73 7.57 -21.50
CA THR A 101 21.20 6.24 -21.81
C THR A 101 22.15 5.19 -21.24
N GLN A 102 21.76 3.93 -21.39
CA GLN A 102 22.55 2.80 -20.91
C GLN A 102 22.76 1.86 -22.07
N MET A 103 24.02 1.66 -22.46
CA MET A 103 24.37 0.58 -23.35
C MET A 103 24.49 -0.67 -22.51
N SER A 104 23.62 -1.65 -22.77
CA SER A 104 23.52 -2.84 -21.95
C SER A 104 24.00 -4.05 -22.74
N GLU A 105 24.95 -4.79 -22.17
CA GLU A 105 25.54 -5.92 -22.86
C GLU A 105 25.51 -7.14 -21.96
N ALA A 106 25.07 -8.24 -22.53
CA ALA A 106 25.08 -9.52 -21.85
C ALA A 106 25.59 -10.56 -22.83
N TYR A 107 26.11 -11.66 -22.30
CA TYR A 107 26.71 -12.68 -23.14
C TYR A 107 26.34 -14.06 -22.61
N VAL A 108 25.98 -14.93 -23.52
CA VAL A 108 25.68 -16.30 -23.15
C VAL A 108 26.98 -17.02 -22.86
N GLU A 109 27.02 -17.69 -21.71
CA GLU A 109 28.22 -18.37 -21.25
C GLU A 109 27.82 -19.67 -20.57
N ARG A 110 28.79 -20.57 -20.41
CA ARG A 110 28.52 -21.90 -19.88
C ARG A 110 28.32 -21.85 -18.37
N ALA A 111 27.88 -22.96 -17.82
CA ALA A 111 27.76 -23.05 -16.37
C ALA A 111 29.07 -23.49 -15.74
N ASP A 112 29.23 -23.21 -14.46
CA ASP A 112 30.40 -23.69 -13.73
C ASP A 112 30.17 -25.11 -13.21
N VAL A 113 28.93 -25.59 -13.28
CA VAL A 113 28.66 -26.94 -12.81
C VAL A 113 28.79 -27.97 -13.91
N CYS A 114 29.36 -27.59 -15.06
CA CYS A 114 29.66 -28.58 -16.08
C CYS A 114 30.76 -29.51 -15.63
N LYS A 115 31.77 -28.96 -14.96
CA LYS A 115 32.74 -29.76 -14.23
C LYS A 115 32.10 -30.52 -13.07
N HIS A 116 31.03 -29.98 -12.49
CA HIS A 116 30.22 -30.74 -11.55
C HIS A 116 29.43 -31.83 -12.24
N ASP A 117 28.70 -31.53 -13.30
CA ASP A 117 27.88 -32.53 -13.98
C ASP A 117 27.66 -32.12 -15.43
N HIS A 118 27.86 -33.06 -16.34
CA HIS A 118 27.66 -32.78 -17.76
C HIS A 118 26.38 -33.51 -18.18
N ALA A 119 26.05 -33.37 -19.46
CA ALA A 119 25.00 -34.18 -20.06
C ALA A 119 25.56 -34.69 -21.37
N ALA A 120 25.57 -36.00 -21.57
CA ALA A 120 26.26 -36.57 -22.71
C ALA A 120 25.26 -37.12 -23.72
N ALA A 121 25.35 -36.62 -24.95
CA ALA A 121 24.62 -37.16 -26.07
C ALA A 121 25.59 -37.95 -26.95
N TYR A 122 25.73 -39.22 -26.65
CA TYR A 122 26.64 -40.08 -27.39
C TYR A 122 25.85 -40.78 -28.47
N ARG A 123 26.28 -40.60 -29.71
CA ARG A 123 25.82 -41.49 -30.77
C ARG A 123 26.54 -42.82 -30.64
N ALA A 124 25.77 -43.90 -30.67
CA ALA A 124 26.29 -45.20 -30.29
C ALA A 124 26.80 -45.97 -31.50
N HIS A 125 28.00 -46.53 -31.37
CA HIS A 125 28.55 -47.45 -32.35
C HIS A 125 28.14 -48.85 -31.90
N THR A 126 28.78 -49.87 -32.47
CA THR A 126 28.52 -51.24 -32.09
C THR A 126 29.04 -51.54 -30.69
N ALA A 127 28.54 -52.61 -30.09
CA ALA A 127 28.99 -53.06 -28.79
C ALA A 127 29.28 -54.55 -28.89
N SER A 128 29.92 -55.10 -27.87
CA SER A 128 30.32 -56.50 -27.88
C SER A 128 30.27 -57.08 -26.47
N LEU A 129 29.79 -58.32 -26.37
CA LEU A 129 29.61 -59.01 -25.10
C LEU A 129 30.95 -59.33 -24.47
N ARG A 130 30.98 -59.32 -23.14
CA ARG A 130 32.17 -59.65 -22.37
C ARG A 130 31.60 -60.41 -21.17
N ALA A 131 32.12 -61.59 -20.91
CA ALA A 131 31.45 -62.46 -19.95
C ALA A 131 32.42 -63.19 -19.04
N LYS A 132 31.95 -63.49 -17.83
CA LYS A 132 32.62 -64.37 -16.90
C LYS A 132 31.77 -65.63 -16.76
N ILE A 133 32.22 -66.69 -17.41
CA ILE A 133 31.56 -67.99 -17.33
C ILE A 133 32.38 -68.78 -16.32
N LYS A 134 31.75 -69.16 -15.22
CA LYS A 134 32.32 -70.15 -14.34
C LYS A 134 32.29 -71.47 -15.07
N VAL A 135 33.46 -72.03 -15.30
CA VAL A 135 33.61 -73.29 -16.02
C VAL A 135 34.21 -74.29 -15.06
N THR A 136 33.51 -75.41 -14.90
CA THR A 136 34.02 -76.59 -14.25
C THR A 136 34.37 -77.56 -15.36
N TYR A 137 35.66 -77.67 -15.65
CA TYR A 137 36.17 -78.60 -16.64
C TYR A 137 36.79 -79.74 -15.86
N GLY A 138 35.96 -80.74 -15.54
CA GLY A 138 36.35 -81.82 -14.67
C GLY A 138 36.65 -81.30 -13.28
N THR A 139 37.85 -81.58 -12.80
CA THR A 139 38.33 -81.04 -11.54
C THR A 139 38.82 -79.61 -11.66
N VAL A 140 38.86 -79.03 -12.84
CA VAL A 140 39.22 -77.63 -12.98
C VAL A 140 37.99 -76.78 -12.67
N ASN A 141 38.18 -75.74 -11.88
CA ASN A 141 37.13 -74.76 -11.60
C ASN A 141 37.73 -73.37 -11.77
N GLN A 142 37.21 -72.61 -12.73
CA GLN A 142 37.74 -71.28 -12.99
C GLN A 142 36.70 -70.46 -13.76
N THR A 143 36.59 -69.19 -13.40
CA THR A 143 35.65 -68.31 -14.06
C THR A 143 36.38 -67.44 -15.06
N VAL A 144 36.11 -67.67 -16.32
CA VAL A 144 36.83 -67.01 -17.40
C VAL A 144 36.05 -65.76 -17.77
N GLU A 145 36.71 -64.62 -17.66
CA GLU A 145 36.10 -63.32 -17.93
C GLU A 145 36.84 -62.72 -19.12
N ALA A 146 36.26 -62.84 -20.30
CA ALA A 146 36.91 -62.40 -21.53
C ALA A 146 35.88 -61.74 -22.45
N TYR A 147 36.39 -61.05 -23.46
CA TYR A 147 35.53 -60.42 -24.46
C TYR A 147 34.86 -61.49 -25.30
N VAL A 148 33.54 -61.56 -25.19
CA VAL A 148 32.79 -62.75 -25.57
C VAL A 148 32.19 -62.56 -26.96
N ASN A 149 32.83 -61.72 -27.77
CA ASN A 149 32.33 -61.52 -29.12
C ASN A 149 32.91 -62.51 -30.11
N GLY A 150 33.62 -63.52 -29.65
CA GLY A 150 34.14 -64.52 -30.56
C GLY A 150 35.56 -64.31 -30.99
N ASP A 151 36.07 -63.09 -30.99
CA ASP A 151 37.45 -62.87 -31.39
C ASP A 151 38.45 -63.29 -30.34
N HIS A 152 38.13 -63.04 -29.07
CA HIS A 152 39.09 -63.26 -27.99
C HIS A 152 39.16 -64.74 -27.67
N ALA A 153 40.30 -65.35 -27.97
CA ALA A 153 40.56 -66.73 -27.58
C ALA A 153 40.81 -66.74 -26.09
N VAL A 154 39.84 -67.19 -25.32
CA VAL A 154 39.92 -67.17 -23.87
C VAL A 154 40.79 -68.36 -23.47
N THR A 155 41.92 -68.07 -22.84
CA THR A 155 42.82 -69.11 -22.41
C THR A 155 42.28 -69.72 -21.13
N ILE A 156 41.71 -70.93 -21.24
CA ILE A 156 41.27 -71.67 -20.08
C ILE A 156 42.47 -72.39 -19.48
N ALA A 157 42.28 -73.01 -18.32
CA ALA A 157 43.34 -73.84 -17.76
C ALA A 157 43.44 -75.12 -18.57
N GLY A 158 44.21 -75.08 -19.65
CA GLY A 158 44.26 -76.18 -20.58
C GLY A 158 43.16 -76.17 -21.61
N THR A 159 42.35 -75.13 -21.65
CA THR A 159 41.25 -75.06 -22.59
C THR A 159 41.34 -73.76 -23.38
N LYS A 160 40.54 -73.67 -24.42
CA LYS A 160 40.38 -72.45 -25.19
C LYS A 160 38.89 -72.21 -25.33
N PHE A 161 38.37 -71.31 -24.53
CA PHE A 161 37.00 -70.86 -24.69
C PHE A 161 36.95 -69.94 -25.90
N ILE A 162 35.89 -70.08 -26.68
CA ILE A 162 35.51 -69.08 -27.66
C ILE A 162 34.03 -68.82 -27.47
N PHE A 163 33.71 -67.89 -26.58
CA PHE A 163 32.34 -67.44 -26.39
C PHE A 163 32.11 -66.40 -27.47
N GLY A 164 31.04 -66.56 -28.24
CA GLY A 164 30.80 -65.69 -29.37
C GLY A 164 31.16 -66.38 -30.68
N PRO A 165 30.93 -65.72 -31.82
CA PRO A 165 30.29 -64.44 -32.14
C PRO A 165 28.79 -64.58 -31.97
N VAL A 166 28.25 -63.84 -31.01
CA VAL A 166 26.84 -63.96 -30.65
C VAL A 166 26.05 -62.95 -31.46
N SER A 167 24.82 -63.32 -31.80
CA SER A 167 24.03 -62.58 -32.77
C SER A 167 23.20 -61.47 -32.17
N THR A 168 23.64 -60.86 -31.07
CA THR A 168 22.71 -60.07 -30.27
C THR A 168 22.53 -58.66 -30.81
N PRO A 169 21.39 -58.37 -31.42
CA PRO A 169 21.00 -56.97 -31.70
C PRO A 169 20.11 -56.40 -30.62
N TRP A 170 19.56 -57.28 -29.79
CA TRP A 170 18.85 -56.83 -28.61
C TRP A 170 19.85 -56.24 -27.63
N THR A 171 19.89 -54.91 -27.59
CA THR A 171 20.87 -54.27 -26.76
C THR A 171 20.17 -53.03 -26.25
N PRO A 172 20.79 -52.29 -25.34
CA PRO A 172 20.26 -50.99 -24.96
C PRO A 172 20.71 -49.87 -25.87
N PHE A 173 21.24 -50.19 -27.04
CA PHE A 173 21.66 -49.19 -28.00
C PHE A 173 20.43 -48.52 -28.58
N ASP A 174 20.38 -47.19 -28.48
CA ASP A 174 19.50 -46.40 -29.31
C ASP A 174 20.30 -45.76 -30.43
N THR A 175 19.69 -44.81 -31.13
CA THR A 175 20.46 -44.01 -32.06
C THR A 175 21.35 -43.02 -31.34
N LYS A 176 20.83 -42.40 -30.28
CA LYS A 176 21.58 -41.44 -29.48
C LYS A 176 21.19 -41.69 -28.03
N ILE A 177 22.18 -41.76 -27.15
CA ILE A 177 21.96 -41.99 -25.74
C ILE A 177 22.35 -40.73 -24.99
N LEU A 178 21.41 -40.17 -24.26
CA LEU A 178 21.73 -39.16 -23.26
C LEU A 178 22.03 -39.85 -21.94
N VAL A 179 23.24 -39.61 -21.44
CA VAL A 179 23.67 -40.09 -20.14
C VAL A 179 23.73 -38.84 -19.27
N TYR A 180 23.12 -38.90 -18.10
CA TYR A 180 23.01 -37.74 -17.21
C TYR A 180 23.08 -38.25 -15.78
N LYS A 181 24.27 -38.23 -15.20
CA LYS A 181 24.49 -38.55 -13.80
C LYS A 181 24.31 -40.04 -13.54
N GLY A 182 24.45 -40.84 -14.58
CA GLY A 182 24.16 -42.26 -14.45
C GLY A 182 22.82 -42.58 -15.04
N GLU A 183 21.98 -41.57 -15.21
CA GLU A 183 20.66 -41.79 -15.80
C GLU A 183 20.79 -41.98 -17.30
N LEU A 184 20.34 -43.14 -17.77
CA LEU A 184 20.36 -43.44 -19.19
C LEU A 184 19.10 -42.88 -19.81
N TYR A 185 19.17 -42.62 -21.11
CA TYR A 185 17.99 -42.20 -21.85
C TYR A 185 18.28 -42.45 -23.31
N ASN A 186 17.48 -43.31 -23.93
CA ASN A 186 17.54 -43.40 -25.38
C ASN A 186 16.71 -42.27 -25.95
N GLN A 187 17.30 -41.08 -26.02
CA GLN A 187 16.53 -39.86 -26.27
C GLN A 187 17.12 -39.16 -27.47
N ASP A 188 16.26 -38.52 -28.26
CA ASP A 188 16.65 -37.91 -29.54
C ASP A 188 17.44 -36.63 -29.29
N PHE A 189 18.75 -36.75 -29.43
CA PHE A 189 19.61 -35.58 -29.38
C PHE A 189 19.37 -34.74 -30.63
N PRO A 190 19.50 -33.43 -30.55
CA PRO A 190 19.31 -32.60 -31.74
C PRO A 190 20.55 -32.59 -32.59
N ARG A 191 20.54 -31.76 -33.63
CA ARG A 191 21.75 -31.48 -34.37
C ARG A 191 22.69 -30.67 -33.48
N TYR A 192 23.98 -30.84 -33.74
CA TYR A 192 25.02 -30.20 -32.92
C TYR A 192 25.01 -28.71 -33.13
N GLY A 193 24.26 -28.01 -32.29
CA GLY A 193 24.09 -26.59 -32.42
C GLY A 193 22.89 -26.12 -33.21
N ALA A 194 21.73 -26.75 -33.04
CA ALA A 194 20.52 -26.32 -33.73
C ALA A 194 19.27 -26.37 -32.85
N GLY A 195 19.41 -26.06 -31.56
CA GLY A 195 18.30 -26.31 -30.63
C GLY A 195 17.24 -25.24 -30.71
N GLN A 196 16.02 -25.63 -30.33
CA GLN A 196 14.98 -24.65 -30.09
C GLN A 196 15.26 -23.98 -28.76
N PRO A 197 14.80 -22.75 -28.57
CA PRO A 197 15.02 -22.09 -27.28
C PRO A 197 14.17 -22.73 -26.21
N GLY A 198 14.83 -23.25 -25.19
CA GLY A 198 14.15 -24.10 -24.23
C GLY A 198 13.98 -25.52 -24.73
N ARG A 199 14.67 -25.89 -25.80
CA ARG A 199 14.71 -27.26 -26.26
C ARG A 199 15.62 -28.04 -25.32
N PHE A 200 15.39 -29.34 -25.27
CA PHE A 200 16.13 -30.20 -24.35
C PHE A 200 17.55 -30.36 -24.86
N GLY A 201 18.49 -29.81 -24.13
CA GLY A 201 19.82 -29.64 -24.65
C GLY A 201 20.04 -28.37 -25.45
N ASP A 202 20.02 -27.21 -24.81
CA ASP A 202 20.20 -25.97 -25.55
C ASP A 202 21.65 -25.58 -25.74
N ILE A 203 22.54 -25.97 -24.83
CA ILE A 203 23.92 -25.50 -24.86
C ILE A 203 24.67 -26.36 -25.88
N GLN A 204 25.43 -25.71 -26.75
CA GLN A 204 26.31 -26.42 -27.66
C GLN A 204 27.52 -26.86 -26.89
N SER A 205 27.69 -28.16 -26.73
CA SER A 205 28.84 -28.72 -26.05
C SER A 205 29.59 -29.62 -27.03
N ARG A 206 30.43 -29.00 -27.86
CA ARG A 206 31.25 -29.78 -28.76
C ARG A 206 32.33 -30.53 -28.00
N THR A 207 32.98 -29.86 -27.06
CA THR A 207 33.98 -30.49 -26.21
C THR A 207 33.59 -30.27 -24.76
N LEU A 208 34.01 -31.22 -23.91
CA LEU A 208 33.71 -31.14 -22.48
C LEU A 208 34.53 -30.05 -21.81
N ASP A 209 35.67 -29.71 -22.39
CA ASP A 209 36.35 -28.45 -22.16
C ASP A 209 36.35 -27.55 -23.38
N SER A 210 35.21 -27.46 -24.08
CA SER A 210 35.17 -26.90 -25.43
C SER A 210 35.33 -25.38 -25.44
N ARG A 211 35.25 -24.80 -26.65
CA ARG A 211 35.52 -23.39 -26.85
C ARG A 211 34.32 -22.57 -27.31
N ASP A 212 33.28 -23.21 -27.84
CA ASP A 212 32.12 -22.48 -28.31
C ASP A 212 30.86 -22.98 -27.60
N LEU A 213 29.74 -22.36 -27.93
CA LEU A 213 28.46 -22.79 -27.36
C LEU A 213 27.34 -22.29 -28.26
N TYR A 214 26.76 -23.22 -28.99
CA TYR A 214 25.52 -22.94 -29.71
C TYR A 214 24.41 -22.84 -28.68
N ALA A 215 23.51 -21.89 -28.89
CA ALA A 215 22.41 -21.72 -27.95
C ALA A 215 21.32 -20.85 -28.56
N ASN A 216 20.12 -21.40 -28.64
CA ASN A 216 18.96 -20.65 -29.12
C ASN A 216 18.17 -20.14 -27.93
N THR A 217 18.69 -20.34 -26.73
CA THR A 217 18.07 -19.74 -25.55
C THR A 217 18.56 -18.31 -25.41
N GLY A 218 18.01 -17.41 -26.20
CA GLY A 218 18.53 -16.08 -26.31
C GLY A 218 18.01 -15.12 -25.26
N LEU A 219 18.87 -14.24 -24.78
CA LEU A 219 18.44 -13.13 -23.93
C LEU A 219 17.67 -12.12 -24.78
N LYS A 220 16.88 -11.28 -24.11
CA LYS A 220 16.11 -10.26 -24.82
C LYS A 220 16.20 -8.97 -24.02
N LEU A 221 17.08 -8.06 -24.44
CA LEU A 221 17.24 -6.81 -23.73
C LEU A 221 16.09 -5.86 -24.05
N ALA A 222 16.06 -4.72 -23.36
CA ALA A 222 15.07 -3.70 -23.62
C ALA A 222 15.58 -2.33 -23.17
N ARG A 223 14.84 -1.30 -23.53
CA ARG A 223 15.00 -0.03 -22.86
C ARG A 223 14.47 -0.21 -21.44
N PRO A 224 15.33 -0.27 -20.44
CA PRO A 224 14.90 -0.78 -19.13
C PRO A 224 14.08 0.20 -18.30
N ALA A 225 13.74 -0.20 -17.08
CA ALA A 225 12.95 0.62 -16.18
C ALA A 225 13.79 1.80 -15.70
N ALA A 226 13.17 2.98 -15.67
CA ALA A 226 13.89 4.21 -15.41
C ALA A 226 14.29 4.30 -13.95
N GLY A 227 15.43 4.95 -13.69
CA GLY A 227 15.95 5.16 -12.37
C GLY A 227 16.72 3.98 -11.82
N ASN A 228 16.04 2.88 -11.49
CA ASN A 228 16.71 1.69 -11.02
C ASN A 228 17.43 1.03 -12.19
N ILE A 229 18.66 0.59 -11.92
CA ILE A 229 19.54 0.09 -12.97
C ILE A 229 19.08 -1.32 -13.23
N HIS A 230 18.12 -1.48 -14.13
CA HIS A 230 17.61 -2.79 -14.48
C HIS A 230 17.77 -2.95 -15.98
N VAL A 231 18.78 -3.70 -16.37
CA VAL A 231 18.94 -4.01 -17.78
C VAL A 231 18.34 -5.40 -17.88
N PRO A 232 17.03 -5.50 -18.02
CA PRO A 232 16.38 -6.81 -18.02
C PRO A 232 16.62 -7.55 -19.33
N TYR A 233 16.75 -8.87 -19.20
CA TYR A 233 17.13 -9.69 -20.33
C TYR A 233 16.19 -10.89 -20.37
N THR A 234 15.32 -10.92 -21.36
CA THR A 234 14.34 -11.98 -21.49
C THR A 234 15.06 -13.19 -22.06
N GLN A 235 15.58 -14.04 -21.19
CA GLN A 235 16.37 -15.20 -21.58
C GLN A 235 15.44 -16.36 -21.89
N THR A 236 16.01 -17.46 -22.34
CA THR A 236 15.22 -18.64 -22.55
C THR A 236 14.96 -19.33 -21.21
N PRO A 237 13.94 -20.19 -21.13
CA PRO A 237 13.86 -21.10 -19.99
C PRO A 237 14.84 -22.23 -20.19
N SER A 238 15.42 -22.69 -19.07
CA SER A 238 16.51 -23.66 -19.09
C SER A 238 16.07 -25.05 -19.53
N GLY A 239 16.51 -25.47 -20.72
CA GLY A 239 16.20 -26.81 -21.18
C GLY A 239 16.96 -27.86 -20.40
N PHE A 240 18.16 -27.52 -19.92
CA PHE A 240 18.88 -28.41 -19.03
C PHE A 240 18.23 -28.42 -17.66
N LYS A 241 17.53 -27.33 -17.32
CA LYS A 241 16.65 -27.37 -16.17
C LYS A 241 15.43 -28.25 -16.44
N THR A 242 15.04 -28.39 -17.71
CA THR A 242 13.87 -29.21 -18.00
C THR A 242 14.24 -30.65 -18.37
N TRP A 243 15.25 -30.85 -19.22
CA TRP A 243 15.58 -32.15 -19.79
C TRP A 243 16.15 -33.10 -18.77
N GLN A 244 16.70 -32.56 -17.69
CA GLN A 244 16.94 -33.33 -16.47
C GLN A 244 15.83 -33.13 -15.46
N LYS A 245 15.57 -31.90 -15.04
CA LYS A 245 14.61 -31.68 -13.99
C LYS A 245 13.20 -31.69 -14.58
N ASP A 246 12.47 -32.76 -14.26
CA ASP A 246 11.30 -33.05 -15.06
C ASP A 246 11.78 -33.66 -16.37
N ARG A 247 12.83 -34.48 -16.29
CA ARG A 247 13.15 -35.37 -17.39
C ARG A 247 12.22 -36.58 -17.35
N ASP A 248 12.27 -37.40 -18.40
CA ASP A 248 11.32 -38.50 -18.53
C ASP A 248 11.67 -39.72 -17.69
N SER A 249 10.99 -40.84 -17.94
CA SER A 249 11.38 -42.09 -17.33
C SER A 249 12.71 -42.54 -17.91
N PRO A 250 13.73 -42.71 -17.08
CA PRO A 250 15.10 -42.86 -17.61
C PRO A 250 15.32 -44.21 -18.23
N LEU A 251 16.17 -44.22 -19.27
CA LEU A 251 16.44 -45.41 -20.06
C LEU A 251 17.23 -46.47 -19.32
N ASN A 252 17.84 -46.12 -18.18
CA ASN A 252 18.30 -47.10 -17.22
C ASN A 252 17.18 -47.98 -16.72
N ALA A 253 16.00 -47.42 -16.49
CA ALA A 253 14.83 -48.25 -16.28
C ALA A 253 14.31 -48.71 -17.63
N LYS A 254 13.39 -49.67 -17.60
CA LYS A 254 12.71 -50.14 -18.80
C LYS A 254 13.67 -50.92 -19.69
N ALA A 255 14.39 -51.86 -19.11
CA ALA A 255 15.39 -52.61 -19.85
C ALA A 255 14.71 -53.61 -20.76
N PRO A 256 14.65 -53.35 -22.06
CA PRO A 256 14.14 -54.35 -23.00
C PRO A 256 15.07 -55.55 -23.07
N PHE A 257 14.48 -56.73 -23.17
CA PHE A 257 15.20 -57.99 -23.04
C PHE A 257 15.45 -58.39 -21.59
N GLY A 258 15.09 -57.53 -20.63
CA GLY A 258 15.39 -57.77 -19.25
C GLY A 258 16.85 -57.66 -18.87
N CYS A 259 17.52 -56.59 -19.28
CA CYS A 259 18.94 -56.44 -18.97
C CYS A 259 19.14 -55.50 -17.78
N ILE A 260 20.38 -55.39 -17.30
CA ILE A 260 20.72 -54.47 -16.23
C ILE A 260 21.76 -53.48 -16.75
N ILE A 261 21.31 -52.28 -17.11
CA ILE A 261 22.18 -51.27 -17.69
C ILE A 261 22.95 -50.59 -16.56
N GLN A 262 24.18 -50.18 -16.85
CA GLN A 262 25.03 -49.47 -15.91
C GLN A 262 26.14 -48.76 -16.67
N THR A 263 26.44 -47.53 -16.28
CA THR A 263 27.34 -46.73 -17.11
C THR A 263 28.47 -46.12 -16.28
N ASN A 264 29.49 -46.91 -16.00
CA ASN A 264 30.77 -46.26 -15.87
C ASN A 264 31.12 -46.06 -17.33
N PRO A 265 31.32 -47.15 -18.06
CA PRO A 265 31.01 -47.15 -19.49
C PRO A 265 29.64 -47.79 -19.65
N VAL A 266 28.86 -47.27 -20.61
CA VAL A 266 27.46 -47.65 -20.73
C VAL A 266 27.35 -49.05 -21.30
N ARG A 267 27.07 -50.02 -20.43
CA ARG A 267 27.02 -51.42 -20.83
C ARG A 267 25.96 -52.11 -20.00
N ALA A 268 25.44 -53.20 -20.52
CA ALA A 268 24.27 -53.82 -19.92
C ALA A 268 24.61 -55.19 -19.34
N MET A 269 25.06 -55.21 -18.10
CA MET A 269 25.40 -56.43 -17.39
C MET A 269 24.14 -57.23 -17.10
N ASN A 270 24.31 -58.54 -17.04
CA ASN A 270 23.27 -59.51 -16.75
C ASN A 270 22.17 -59.57 -17.80
N CYS A 271 22.46 -59.17 -19.03
CA CYS A 271 21.46 -59.03 -20.08
C CYS A 271 20.98 -60.40 -20.55
N ALA A 272 19.81 -60.80 -20.06
CA ALA A 272 19.25 -62.13 -20.30
C ALA A 272 18.72 -62.14 -21.73
N VAL A 273 19.60 -62.47 -22.66
CA VAL A 273 19.23 -62.52 -24.07
C VAL A 273 20.09 -63.57 -24.74
N GLY A 274 19.43 -64.46 -25.48
CA GLY A 274 20.09 -65.41 -26.36
C GLY A 274 20.90 -66.49 -25.66
N ASN A 275 21.54 -67.31 -26.49
CA ASN A 275 22.49 -68.30 -26.01
C ASN A 275 23.87 -67.87 -26.43
N ILE A 276 24.85 -68.18 -25.59
CA ILE A 276 26.24 -67.83 -25.87
C ILE A 276 26.84 -68.92 -26.75
N PRO A 277 27.25 -68.61 -27.98
CA PRO A 277 27.89 -69.63 -28.81
C PRO A 277 29.33 -69.82 -28.37
N VAL A 278 29.64 -71.02 -27.89
CA VAL A 278 30.94 -71.27 -27.25
C VAL A 278 31.59 -72.45 -27.93
N SER A 279 32.85 -72.27 -28.32
CA SER A 279 33.68 -73.33 -28.87
C SER A 279 34.80 -73.62 -27.88
N MET A 280 34.78 -74.82 -27.32
CA MET A 280 35.76 -75.23 -26.33
C MET A 280 36.78 -76.05 -27.10
N ASP A 281 37.93 -75.45 -27.36
CA ASP A 281 39.09 -76.21 -27.79
C ASP A 281 39.71 -76.80 -26.53
N ILE A 282 39.32 -78.04 -26.23
CA ILE A 282 39.76 -78.73 -25.03
C ILE A 282 40.00 -80.15 -25.52
N ALA A 283 41.20 -80.67 -25.29
CA ALA A 283 41.53 -81.99 -25.78
C ALA A 283 41.13 -83.05 -24.77
N ASP A 284 41.32 -84.32 -25.16
CA ASP A 284 41.20 -85.43 -24.22
C ASP A 284 42.42 -85.59 -23.33
N SER A 285 43.46 -84.77 -23.54
CA SER A 285 44.66 -84.82 -22.72
C SER A 285 44.59 -83.90 -21.53
N ALA A 286 43.39 -83.55 -21.07
CA ALA A 286 43.18 -83.00 -19.75
C ALA A 286 42.25 -83.88 -18.94
N PHE A 287 41.43 -84.70 -19.61
CA PHE A 287 40.41 -85.49 -18.96
C PHE A 287 41.00 -86.83 -18.54
N THR A 288 40.28 -87.54 -17.67
CA THR A 288 40.73 -88.82 -17.14
C THR A 288 40.60 -89.89 -18.21
N ARG A 289 41.62 -90.74 -18.32
CA ARG A 289 41.70 -91.70 -19.40
C ARG A 289 40.75 -92.86 -19.17
N LEU A 290 40.39 -93.53 -20.27
CA LEU A 290 39.43 -94.62 -20.19
C LEU A 290 40.02 -95.88 -19.58
N THR A 291 41.34 -95.98 -19.54
CA THR A 291 41.95 -97.22 -19.05
C THR A 291 41.97 -97.30 -17.54
N ASP A 292 41.75 -96.18 -16.84
CA ASP A 292 41.79 -96.19 -15.40
C ASP A 292 40.46 -95.81 -14.76
N ALA A 293 39.35 -95.91 -15.48
CA ALA A 293 38.07 -95.44 -14.97
C ALA A 293 37.27 -96.62 -14.44
N PRO A 294 36.33 -96.41 -13.53
CA PRO A 294 35.55 -97.54 -13.01
C PRO A 294 34.53 -98.00 -14.05
N VAL A 295 34.60 -99.28 -14.39
CA VAL A 295 33.74 -99.83 -15.42
C VAL A 295 32.36 -100.02 -14.83
N ILE A 296 31.45 -99.10 -15.15
CA ILE A 296 30.10 -99.18 -14.60
C ILE A 296 29.31 -100.23 -15.35
N SER A 297 28.34 -100.82 -14.67
CA SER A 297 27.52 -101.86 -15.28
C SER A 297 26.27 -102.01 -14.43
N GLU A 298 25.22 -102.52 -15.06
CA GLU A 298 23.92 -102.64 -14.42
C GLU A 298 23.30 -101.28 -14.11
N LEU A 299 23.17 -100.43 -15.12
CA LEU A 299 22.65 -99.08 -14.90
C LEU A 299 21.13 -99.12 -14.82
N THR A 300 20.60 -98.91 -13.62
CA THR A 300 19.15 -98.84 -13.43
C THR A 300 18.83 -97.60 -12.60
N CYS A 301 18.07 -96.69 -13.19
CA CYS A 301 17.75 -95.42 -12.55
C CYS A 301 16.37 -95.51 -11.92
N THR A 302 16.13 -94.69 -10.91
CA THR A 302 14.86 -94.68 -10.20
C THR A 302 14.17 -93.34 -10.37
N VAL A 303 12.89 -93.31 -10.03
CA VAL A 303 12.11 -92.08 -10.01
C VAL A 303 11.58 -91.90 -8.59
N SER A 304 12.32 -91.16 -7.77
CA SER A 304 11.94 -91.04 -6.37
C SER A 304 10.81 -90.05 -6.18
N THR A 305 10.83 -88.94 -6.90
CA THR A 305 9.80 -87.93 -6.76
C THR A 305 9.97 -86.97 -7.92
N CYS A 306 8.86 -86.34 -8.32
CA CYS A 306 8.87 -85.52 -9.51
C CYS A 306 8.25 -84.16 -9.19
N THR A 307 9.07 -83.14 -9.26
CA THR A 307 8.62 -81.78 -9.11
C THR A 307 8.29 -81.26 -10.50
N HIS A 308 7.30 -80.39 -10.59
CA HIS A 308 6.89 -79.88 -11.89
C HIS A 308 7.88 -78.84 -12.39
N SER A 309 8.31 -77.95 -11.51
CA SER A 309 9.16 -76.84 -11.89
C SER A 309 10.18 -76.46 -10.84
N SER A 310 10.54 -77.40 -9.97
CA SER A 310 11.52 -77.12 -8.93
C SER A 310 12.89 -77.19 -9.57
N ASP A 311 13.89 -76.67 -8.86
CA ASP A 311 15.29 -76.69 -9.32
C ASP A 311 15.77 -78.15 -9.31
N PHE A 312 15.70 -78.84 -8.17
CA PHE A 312 16.15 -80.21 -8.05
C PHE A 312 15.24 -81.17 -8.81
N GLY A 313 13.94 -80.97 -8.69
CA GLY A 313 12.97 -81.63 -9.55
C GLY A 313 12.69 -83.09 -9.25
N GLY A 314 13.68 -83.94 -9.46
CA GLY A 314 13.47 -85.37 -9.41
C GLY A 314 14.39 -86.05 -8.42
N ILE A 315 13.86 -87.11 -7.81
CA ILE A 315 14.67 -88.04 -7.03
C ILE A 315 15.06 -89.12 -8.04
N ALA A 316 16.33 -89.18 -8.38
CA ALA A 316 16.81 -90.20 -9.31
C ALA A 316 17.83 -91.09 -8.63
N VAL A 317 17.40 -92.30 -8.33
CA VAL A 317 18.25 -93.29 -7.65
C VAL A 317 18.80 -94.21 -8.73
N LEU A 318 20.03 -93.98 -9.13
CA LEU A 318 20.67 -94.73 -10.21
C LEU A 318 21.47 -95.85 -9.60
N SER A 319 21.02 -97.09 -9.78
CA SER A 319 21.79 -98.25 -9.36
C SER A 319 22.81 -98.58 -10.43
N TYR A 320 24.00 -98.99 -10.00
CA TYR A 320 25.06 -99.31 -10.93
C TYR A 320 26.17 -100.02 -10.17
N LYS A 321 26.64 -101.12 -10.75
CA LYS A 321 27.78 -101.86 -10.26
C LYS A 321 29.01 -101.44 -11.05
N VAL A 322 30.08 -101.10 -10.35
CA VAL A 322 31.23 -100.45 -10.95
C VAL A 322 32.41 -101.42 -10.93
N GLU A 323 33.24 -101.38 -11.96
CA GLU A 323 34.45 -102.18 -11.97
C GLU A 323 35.45 -101.63 -10.96
N LYS A 324 35.70 -100.33 -11.01
CA LYS A 324 36.56 -99.69 -10.03
C LYS A 324 35.84 -98.45 -9.54
N SER A 325 36.56 -97.64 -8.76
CA SER A 325 36.02 -96.37 -8.31
C SER A 325 36.15 -95.33 -9.41
N GLY A 326 35.72 -94.11 -9.12
CA GLY A 326 35.99 -93.00 -10.01
C GLY A 326 34.92 -91.94 -9.91
N ARG A 327 35.10 -90.92 -10.73
CA ARG A 327 34.08 -89.90 -10.88
C ARG A 327 33.11 -90.34 -11.96
N CYS A 328 31.84 -90.03 -11.74
CA CYS A 328 30.78 -90.46 -12.64
C CYS A 328 30.26 -89.26 -13.40
N ASP A 329 30.23 -89.39 -14.72
CA ASP A 329 29.65 -88.35 -15.56
C ASP A 329 28.14 -88.44 -15.47
N ILE A 330 27.50 -87.28 -15.56
CA ILE A 330 26.04 -87.22 -15.57
C ILE A 330 25.48 -86.84 -16.92
N HIS A 331 26.31 -86.71 -17.97
CA HIS A 331 25.99 -85.93 -19.15
C HIS A 331 24.95 -86.63 -20.00
N SER A 332 23.71 -86.51 -19.55
CA SER A 332 22.61 -87.23 -20.17
C SER A 332 22.25 -86.57 -21.48
N HIS A 333 21.80 -87.39 -22.43
CA HIS A 333 21.48 -86.89 -23.76
C HIS A 333 20.02 -86.48 -23.88
N SER A 334 19.54 -85.59 -23.00
CA SER A 334 18.15 -85.19 -23.03
C SER A 334 18.06 -83.68 -22.89
N ASN A 335 17.38 -83.04 -23.85
CA ASN A 335 17.13 -81.60 -23.72
C ASN A 335 16.06 -81.32 -22.69
N VAL A 336 15.20 -82.30 -22.40
CA VAL A 336 14.11 -82.13 -21.46
C VAL A 336 14.60 -82.31 -20.03
N ALA A 337 15.83 -82.78 -19.87
CA ALA A 337 16.36 -83.00 -18.54
C ALA A 337 17.43 -81.97 -18.23
N VAL A 338 17.78 -81.88 -16.94
CA VAL A 338 18.97 -81.17 -16.51
C VAL A 338 19.56 -81.96 -15.35
N LEU A 339 20.82 -82.32 -15.47
CA LEU A 339 21.51 -83.09 -14.45
C LEU A 339 21.76 -82.14 -13.29
N GLN A 340 21.64 -82.67 -12.07
CA GLN A 340 21.83 -81.84 -10.88
C GLN A 340 23.29 -81.47 -10.72
N GLU A 341 24.17 -82.36 -11.13
CA GLU A 341 25.59 -82.03 -11.20
C GLU A 341 26.28 -83.02 -12.11
N VAL A 342 27.56 -82.79 -12.39
CA VAL A 342 28.38 -83.82 -13.02
C VAL A 342 29.38 -84.18 -11.95
N SER A 343 29.03 -85.15 -11.12
CA SER A 343 29.81 -85.37 -9.92
C SER A 343 30.13 -86.83 -9.64
N ILE A 344 29.34 -87.75 -10.23
CA ILE A 344 28.87 -89.01 -9.66
C ILE A 344 29.90 -89.84 -8.90
N GLU A 345 29.49 -90.41 -7.78
CA GLU A 345 30.44 -90.94 -6.82
C GLU A 345 30.69 -92.40 -7.15
N THR A 346 31.33 -93.09 -6.21
CA THR A 346 31.50 -94.53 -6.29
C THR A 346 30.13 -95.19 -6.25
N GLU A 347 29.98 -96.31 -6.96
CA GLU A 347 28.69 -96.81 -7.40
C GLU A 347 27.79 -97.37 -6.30
N GLY A 348 26.66 -97.88 -6.70
CA GLY A 348 25.59 -98.22 -5.80
C GLY A 348 24.32 -97.57 -6.30
N ARG A 349 23.60 -96.95 -5.37
CA ARG A 349 22.39 -96.20 -5.71
C ARG A 349 22.70 -94.72 -5.57
N SER A 350 23.20 -94.12 -6.63
CA SER A 350 23.49 -92.70 -6.59
C SER A 350 22.21 -91.90 -6.73
N VAL A 351 21.86 -91.20 -5.66
CA VAL A 351 20.70 -90.32 -5.68
C VAL A 351 21.14 -89.06 -6.42
N ILE A 352 20.23 -88.47 -7.18
CA ILE A 352 20.55 -87.29 -7.96
C ILE A 352 19.31 -86.44 -8.08
N HIS A 353 19.48 -85.13 -8.04
CA HIS A 353 18.39 -84.22 -8.30
C HIS A 353 18.19 -84.14 -9.80
N PHE A 354 17.25 -84.93 -10.30
CA PHE A 354 16.95 -84.99 -11.72
C PHE A 354 16.07 -83.81 -12.08
N SER A 355 16.71 -82.70 -12.40
CA SER A 355 16.04 -81.45 -12.75
C SER A 355 15.43 -81.59 -14.13
N THR A 356 14.15 -81.24 -14.25
CA THR A 356 13.46 -81.34 -15.53
C THR A 356 12.20 -80.48 -15.44
N ALA A 357 12.07 -79.53 -16.34
CA ALA A 357 10.87 -78.70 -16.39
C ALA A 357 9.73 -79.34 -17.13
N SER A 358 9.98 -80.41 -17.86
CA SER A 358 8.93 -81.10 -18.59
C SER A 358 8.13 -81.94 -17.60
N ALA A 359 6.81 -81.97 -17.80
CA ALA A 359 5.94 -82.67 -16.87
C ALA A 359 6.02 -84.18 -17.03
N SER A 360 6.13 -84.65 -18.27
CA SER A 360 6.31 -86.07 -18.53
C SER A 360 7.81 -86.23 -18.69
N PRO A 361 8.53 -86.53 -17.63
CA PRO A 361 9.98 -86.68 -17.76
C PRO A 361 10.30 -88.05 -18.32
N SER A 362 11.28 -88.08 -19.23
CA SER A 362 11.93 -89.30 -19.67
C SER A 362 13.36 -88.91 -20.02
N PHE A 363 14.27 -89.07 -19.07
CA PHE A 363 15.62 -88.57 -19.24
C PHE A 363 16.54 -89.74 -19.57
N VAL A 364 17.26 -89.61 -20.68
CA VAL A 364 18.23 -90.60 -21.12
C VAL A 364 19.52 -90.21 -20.43
N VAL A 365 19.70 -90.70 -19.25
CA VAL A 365 20.85 -90.37 -18.41
C VAL A 365 22.08 -91.08 -18.92
N SER A 366 23.19 -90.36 -18.89
CA SER A 366 24.50 -90.92 -19.21
C SER A 366 25.23 -91.02 -17.90
N VAL A 367 25.57 -92.25 -17.50
CA VAL A 367 26.24 -92.48 -16.23
C VAL A 367 27.40 -93.43 -16.50
N CYS A 368 28.63 -92.90 -16.37
CA CYS A 368 29.85 -93.68 -16.40
C CYS A 368 30.11 -94.33 -17.75
N SER A 369 29.62 -93.73 -18.83
CA SER A 369 29.75 -94.35 -20.14
C SER A 369 28.65 -95.37 -20.40
N SER A 370 27.69 -95.47 -19.49
CA SER A 370 26.47 -96.22 -19.75
C SER A 370 25.28 -95.27 -19.63
N ARG A 371 24.12 -95.71 -20.09
CA ARG A 371 22.97 -94.84 -20.15
C ARG A 371 21.72 -95.58 -19.67
N ALA A 372 20.68 -94.82 -19.37
CA ALA A 372 19.38 -95.37 -19.00
C ALA A 372 18.30 -94.34 -19.36
N THR A 373 17.04 -94.71 -19.17
CA THR A 373 15.91 -93.85 -19.52
C THR A 373 14.92 -93.80 -18.36
N CYS A 374 15.08 -92.82 -17.50
CA CYS A 374 14.20 -92.64 -16.35
C CYS A 374 12.90 -92.00 -16.81
N THR A 375 11.79 -92.41 -16.20
CA THR A 375 10.46 -91.93 -16.57
C THR A 375 9.69 -91.54 -15.31
N ALA A 376 8.82 -90.54 -15.43
CA ALA A 376 8.04 -90.11 -14.27
C ALA A 376 7.05 -89.03 -14.69
N LYS A 377 6.28 -88.57 -13.71
CA LYS A 377 5.37 -87.43 -13.86
C LYS A 377 5.71 -86.44 -12.76
N CYS A 378 5.79 -85.16 -13.11
CA CYS A 378 6.17 -84.13 -12.15
C CYS A 378 4.98 -83.69 -11.30
N GLU A 379 5.16 -82.58 -10.59
CA GLU A 379 4.18 -82.05 -9.66
C GLU A 379 3.50 -80.81 -10.24
N PRO A 380 2.68 -80.13 -9.43
CA PRO A 380 2.11 -78.86 -9.89
C PRO A 380 2.85 -77.66 -9.31
N TYR B 1 -61.69 -56.80 27.09
CA TYR B 1 -61.34 -58.18 26.79
C TYR B 1 -59.84 -58.31 26.48
N GLU B 2 -59.54 -58.97 25.36
CA GLU B 2 -58.15 -59.18 24.93
C GLU B 2 -57.99 -58.45 23.59
N HIS B 3 -57.58 -57.20 23.66
CA HIS B 3 -57.40 -56.42 22.45
C HIS B 3 -56.07 -56.79 21.79
N THR B 4 -56.16 -57.28 20.55
CA THR B 4 -54.99 -57.70 19.81
C THR B 4 -54.87 -56.82 18.57
N ALA B 5 -53.73 -56.15 18.43
CA ALA B 5 -53.51 -55.19 17.36
C ALA B 5 -52.04 -55.19 17.00
N ILE B 6 -51.65 -54.32 16.07
CA ILE B 6 -50.26 -54.14 15.70
C ILE B 6 -50.00 -52.65 15.50
N ILE B 7 -49.03 -52.13 16.23
CA ILE B 7 -48.62 -50.74 16.05
C ILE B 7 -47.40 -50.78 15.15
N PRO B 8 -47.32 -49.97 14.11
CA PRO B 8 -46.17 -50.04 13.19
C PRO B 8 -44.92 -49.45 13.82
N ASN B 9 -43.78 -50.08 13.49
CA ASN B 9 -42.49 -49.75 14.10
C ASN B 9 -41.98 -48.42 13.54
N GLN B 10 -42.55 -47.35 14.07
CA GLN B 10 -42.13 -45.99 13.79
C GLN B 10 -42.86 -45.16 14.82
N VAL B 11 -42.15 -44.22 15.46
CA VAL B 11 -42.78 -43.43 16.51
C VAL B 11 -43.71 -42.40 15.90
N GLY B 12 -44.83 -42.16 16.60
CA GLY B 12 -45.69 -41.06 16.21
C GLY B 12 -46.94 -41.42 15.42
N PHE B 13 -46.87 -42.47 14.60
CA PHE B 13 -48.04 -42.91 13.85
C PHE B 13 -48.99 -43.53 14.85
N PRO B 14 -50.09 -42.85 15.19
CA PRO B 14 -50.85 -43.23 16.38
C PRO B 14 -51.73 -44.43 16.12
N TYR B 15 -51.49 -45.48 16.89
CA TYR B 15 -52.22 -46.74 16.72
C TYR B 15 -53.55 -46.49 17.41
N LYS B 16 -54.53 -46.04 16.64
CA LYS B 16 -55.89 -45.95 17.12
C LYS B 16 -56.39 -47.38 17.26
N ALA B 17 -57.10 -47.65 18.35
CA ALA B 17 -57.65 -48.96 18.56
C ALA B 17 -59.06 -48.83 19.08
N HIS B 18 -60.01 -49.31 18.28
CA HIS B 18 -61.40 -49.32 18.70
C HIS B 18 -61.62 -50.44 19.71
N VAL B 19 -62.20 -50.07 20.84
CA VAL B 19 -62.48 -51.01 21.90
C VAL B 19 -63.94 -51.41 21.76
N ALA B 20 -64.20 -52.70 21.74
CA ALA B 20 -65.55 -53.25 21.75
C ALA B 20 -65.70 -54.13 22.97
N ARG B 21 -66.52 -53.69 23.93
CA ARG B 21 -66.69 -54.37 25.20
C ARG B 21 -68.16 -54.69 25.40
N GLU B 22 -68.46 -55.32 26.54
CA GLU B 22 -69.81 -55.78 26.80
C GLU B 22 -70.71 -54.61 27.17
N GLY B 23 -71.64 -54.28 26.26
CA GLY B 23 -72.62 -53.24 26.47
C GLY B 23 -72.06 -51.85 26.55
N TYR B 24 -70.90 -51.60 25.97
CA TYR B 24 -70.15 -50.38 26.21
C TYR B 24 -69.81 -49.68 24.91
N SER B 25 -69.37 -48.43 25.02
CA SER B 25 -68.92 -47.68 23.86
C SER B 25 -67.51 -48.12 23.47
N PRO B 26 -67.00 -47.61 22.35
CA PRO B 26 -65.69 -48.07 21.86
C PRO B 26 -64.54 -47.47 22.66
N LEU B 27 -63.72 -48.33 23.23
CA LEU B 27 -62.63 -47.85 24.07
C LEU B 27 -61.46 -47.50 23.17
N THR B 28 -61.18 -46.21 23.05
CA THR B 28 -60.06 -45.74 22.24
C THR B 28 -58.77 -46.07 22.97
N LEU B 29 -58.02 -47.02 22.43
CA LEU B 29 -56.67 -47.29 22.90
C LEU B 29 -55.70 -46.63 21.92
N GLN B 30 -54.96 -45.65 22.41
CA GLN B 30 -54.05 -44.88 21.57
C GLN B 30 -52.63 -45.32 21.88
N MET B 31 -52.04 -46.07 20.97
CA MET B 31 -50.66 -46.47 21.15
C MET B 31 -49.75 -45.46 20.46
N GLN B 32 -48.60 -45.23 21.09
CA GLN B 32 -47.56 -44.37 20.51
C GLN B 32 -46.23 -45.03 20.80
N VAL B 33 -45.41 -45.22 19.77
CA VAL B 33 -44.16 -45.94 19.96
C VAL B 33 -43.04 -44.95 20.26
N ILE B 34 -41.99 -45.41 20.93
CA ILE B 34 -40.73 -44.70 21.04
C ILE B 34 -39.67 -45.68 21.53
N GLU B 35 -38.47 -45.60 20.92
CA GLU B 35 -37.25 -46.21 21.44
C GLU B 35 -37.22 -47.72 21.62
N THR B 36 -37.27 -48.49 20.53
CA THR B 36 -37.38 -49.93 20.51
C THR B 36 -36.03 -50.64 20.43
N SER B 37 -35.00 -50.04 21.04
CA SER B 37 -33.59 -50.15 20.62
C SER B 37 -33.06 -51.58 20.61
N LEU B 38 -32.23 -51.88 19.61
CA LEU B 38 -32.00 -53.24 19.13
C LEU B 38 -31.21 -54.12 20.09
N GLU B 39 -30.28 -53.53 20.87
CA GLU B 39 -29.56 -54.10 22.02
C GLU B 39 -28.88 -55.44 21.73
N PRO B 40 -27.84 -55.47 20.91
CA PRO B 40 -27.35 -56.75 20.40
C PRO B 40 -26.51 -57.49 21.42
N THR B 41 -26.44 -58.80 21.25
CA THR B 41 -25.64 -59.65 22.14
C THR B 41 -24.18 -59.41 21.83
N LEU B 42 -23.46 -58.81 22.76
CA LEU B 42 -22.06 -58.49 22.53
C LEU B 42 -21.20 -59.68 22.90
N ASN B 43 -20.06 -59.79 22.23
CA ASN B 43 -18.98 -60.64 22.74
C ASN B 43 -17.69 -60.07 22.16
N LEU B 44 -16.98 -59.28 22.95
CA LEU B 44 -15.77 -58.66 22.46
C LEU B 44 -14.63 -59.66 22.48
N GLU B 45 -13.91 -59.77 21.36
CA GLU B 45 -12.67 -60.54 21.31
C GLU B 45 -11.66 -59.68 20.56
N TYR B 46 -11.02 -58.78 21.29
CA TYR B 46 -10.13 -57.81 20.67
C TYR B 46 -9.57 -56.93 21.77
N ILE B 47 -8.64 -56.06 21.42
CA ILE B 47 -8.37 -54.92 22.28
C ILE B 47 -8.50 -53.68 21.40
N THR B 48 -8.17 -53.84 20.12
CA THR B 48 -8.24 -52.79 19.10
C THR B 48 -7.38 -51.58 19.44
N CYS B 49 -6.07 -51.75 19.50
CA CYS B 49 -5.21 -50.72 20.09
C CYS B 49 -4.14 -50.32 19.08
N ASP B 50 -3.16 -49.55 19.56
CA ASP B 50 -1.98 -49.26 18.78
C ASP B 50 -0.75 -49.72 19.55
N TYR B 51 0.12 -50.49 18.88
CA TYR B 51 1.26 -51.10 19.53
C TYR B 51 2.41 -50.11 19.66
N LYS B 52 3.30 -50.37 20.60
CA LYS B 52 4.45 -49.48 20.82
C LYS B 52 5.62 -50.38 21.21
N THR B 53 6.73 -50.24 20.50
CA THR B 53 7.89 -51.07 20.78
C THR B 53 8.67 -50.51 21.96
N LYS B 54 9.64 -51.29 22.44
CA LYS B 54 10.58 -50.85 23.46
C LYS B 54 11.94 -51.46 23.15
N VAL B 55 12.97 -50.63 23.12
CA VAL B 55 14.32 -51.13 22.88
C VAL B 55 15.16 -50.86 24.13
N PRO B 56 15.77 -51.88 24.72
CA PRO B 56 16.65 -51.65 25.86
C PRO B 56 18.00 -51.11 25.41
N SER B 57 18.81 -50.73 26.38
CA SER B 57 20.19 -50.40 26.10
C SER B 57 20.94 -51.68 25.71
N PRO B 58 21.67 -51.67 24.60
CA PRO B 58 22.17 -52.93 24.03
C PRO B 58 23.34 -53.49 24.82
N TYR B 59 23.60 -54.78 24.63
CA TYR B 59 24.76 -55.42 25.24
C TYR B 59 25.98 -54.89 24.53
N VAL B 60 26.82 -54.18 25.26
CA VAL B 60 28.10 -53.76 24.72
C VAL B 60 29.11 -54.90 24.85
N LYS B 61 29.67 -55.34 23.74
CA LYS B 61 30.78 -56.26 23.76
C LYS B 61 31.95 -55.64 23.02
N CYS B 62 32.86 -55.02 23.77
CA CYS B 62 34.04 -54.42 23.15
C CYS B 62 35.35 -54.67 23.89
N CYS B 63 35.75 -55.90 24.18
CA CYS B 63 35.42 -57.10 23.42
C CYS B 63 34.32 -57.92 24.07
N GLY B 64 34.13 -59.11 23.53
CA GLY B 64 33.24 -60.10 24.09
C GLY B 64 32.10 -60.51 23.19
N THR B 65 32.17 -61.75 22.70
CA THR B 65 31.04 -62.32 21.98
C THR B 65 30.04 -62.83 23.00
N ALA B 66 29.11 -61.97 23.37
CA ALA B 66 28.14 -62.28 24.39
C ALA B 66 27.08 -63.23 23.84
N GLU B 67 26.30 -63.80 24.75
CA GLU B 67 25.29 -64.77 24.40
C GLU B 67 24.02 -64.08 23.90
N CYS B 68 22.95 -64.86 23.78
CA CYS B 68 21.65 -64.31 23.43
C CYS B 68 20.66 -64.89 24.43
N ARG B 69 20.37 -64.13 25.47
CA ARG B 69 19.43 -64.59 26.48
C ARG B 69 18.00 -64.53 25.95
N THR B 70 17.11 -65.26 26.62
CA THR B 70 15.72 -65.28 26.21
C THR B 70 15.02 -63.99 26.65
N GLN B 71 14.42 -63.29 25.69
CA GLN B 71 13.53 -62.19 26.01
C GLN B 71 12.25 -62.75 26.59
N ASP B 72 11.58 -61.96 27.43
CA ASP B 72 10.44 -62.45 28.20
C ASP B 72 9.10 -61.92 27.69
N LYS B 73 9.09 -60.80 27.01
CA LYS B 73 7.82 -60.22 26.57
C LYS B 73 7.30 -60.93 25.34
N PRO B 74 6.04 -60.67 24.97
CA PRO B 74 5.51 -61.29 23.75
C PRO B 74 6.09 -60.69 22.49
N GLU B 75 6.51 -59.43 22.54
CA GLU B 75 7.15 -58.81 21.39
C GLU B 75 8.66 -58.97 21.43
N TYR B 76 9.17 -60.02 22.06
CA TYR B 76 10.59 -60.19 22.27
C TYR B 76 11.29 -60.56 20.97
N LYS B 77 12.19 -59.69 20.53
CA LYS B 77 13.16 -60.00 19.50
C LYS B 77 14.52 -59.67 20.09
N CYS B 78 15.30 -60.71 20.36
CA CYS B 78 16.61 -60.55 20.96
C CYS B 78 17.65 -61.03 19.95
N ALA B 79 18.85 -60.47 20.05
CA ALA B 79 19.92 -60.85 19.13
C ALA B 79 21.18 -60.11 19.52
N VAL B 80 22.29 -60.54 18.94
CA VAL B 80 23.59 -59.92 19.14
C VAL B 80 24.22 -59.86 17.76
N PHE B 81 24.20 -58.68 17.15
CA PHE B 81 24.94 -58.46 15.91
C PHE B 81 26.38 -58.30 16.30
N THR B 82 27.22 -59.25 15.92
CA THR B 82 28.61 -59.23 16.34
C THR B 82 29.40 -58.20 15.53
N GLY B 83 30.60 -57.90 16.02
CA GLY B 83 31.47 -56.98 15.29
C GLY B 83 31.07 -55.52 15.43
N VAL B 84 30.65 -55.13 16.62
CA VAL B 84 30.28 -53.74 16.87
C VAL B 84 31.54 -52.90 16.96
N TYR B 85 31.39 -51.60 16.77
CA TYR B 85 32.55 -50.73 16.85
C TYR B 85 32.17 -49.38 17.44
N PRO B 86 31.74 -49.33 18.69
CA PRO B 86 31.23 -48.08 19.25
C PRO B 86 32.33 -47.11 19.64
N PHE B 87 32.31 -45.92 19.06
CA PHE B 87 33.37 -44.93 19.21
C PHE B 87 32.79 -43.54 19.44
N MET B 88 31.78 -43.44 20.30
CA MET B 88 31.04 -42.19 20.48
C MET B 88 31.78 -41.21 21.40
N TRP B 89 31.06 -40.17 21.82
CA TRP B 89 31.65 -39.20 22.71
C TRP B 89 31.31 -39.49 24.16
N GLY B 90 31.18 -40.76 24.54
CA GLY B 90 30.66 -41.07 25.85
C GLY B 90 31.45 -42.03 26.73
N GLY B 91 32.63 -42.45 26.30
CA GLY B 91 33.42 -43.33 27.15
C GLY B 91 33.66 -44.69 26.52
N ALA B 92 34.87 -45.23 26.70
CA ALA B 92 35.35 -46.41 25.98
C ALA B 92 34.58 -47.67 26.36
N TYR B 93 33.79 -48.15 25.41
CA TYR B 93 33.20 -49.48 25.50
C TYR B 93 33.93 -50.47 24.60
N CYS B 94 34.34 -50.05 23.42
CA CYS B 94 35.20 -50.85 22.57
C CYS B 94 36.64 -50.41 22.80
N PHE B 95 37.50 -51.38 23.08
CA PHE B 95 38.91 -51.13 23.36
C PHE B 95 39.78 -52.02 22.49
N CYS B 96 39.17 -52.64 21.49
CA CYS B 96 39.87 -53.50 20.55
C CYS B 96 38.99 -53.64 19.31
N ASP B 97 39.61 -54.02 18.19
CA ASP B 97 38.86 -54.19 16.95
C ASP B 97 38.06 -55.48 16.92
N SER B 98 38.33 -56.42 17.82
CA SER B 98 37.68 -57.71 17.81
C SER B 98 36.90 -57.90 19.11
N GLU B 99 36.00 -58.86 19.09
CA GLU B 99 35.10 -59.17 20.19
C GLU B 99 33.89 -58.23 20.25
N ASN B 100 33.70 -57.39 19.25
CA ASN B 100 32.61 -56.42 19.24
C ASN B 100 31.26 -57.13 19.07
N THR B 101 30.23 -56.59 19.72
CA THR B 101 28.91 -57.18 19.66
C THR B 101 27.90 -56.18 20.20
N GLN B 102 26.77 -56.10 19.51
CA GLN B 102 25.67 -55.22 19.88
C GLN B 102 24.51 -56.12 20.27
N MET B 103 24.17 -56.10 21.56
CA MET B 103 23.08 -56.90 22.07
C MET B 103 21.81 -56.10 21.91
N SER B 104 21.04 -56.41 20.87
CA SER B 104 19.80 -55.71 20.59
C SER B 104 18.64 -56.60 20.98
N GLU B 105 17.85 -56.15 21.94
CA GLU B 105 16.64 -56.83 22.35
C GLU B 105 15.52 -55.81 22.42
N ALA B 106 14.34 -56.23 21.98
CA ALA B 106 13.22 -55.32 21.94
C ALA B 106 11.96 -56.07 22.32
N TYR B 107 11.02 -55.36 22.92
CA TYR B 107 9.74 -55.91 23.32
C TYR B 107 8.65 -54.99 22.82
N VAL B 108 7.83 -55.49 21.92
CA VAL B 108 6.63 -54.79 21.52
C VAL B 108 5.59 -54.95 22.61
N GLU B 109 5.02 -53.84 23.07
CA GLU B 109 4.06 -53.83 24.16
C GLU B 109 2.88 -52.95 23.78
N ARG B 110 1.89 -52.90 24.67
CA ARG B 110 0.68 -52.16 24.41
C ARG B 110 0.93 -50.66 24.56
N ALA B 111 0.08 -49.86 23.94
CA ALA B 111 0.16 -48.42 24.14
C ALA B 111 -0.43 -48.04 25.49
N ASP B 112 0.08 -46.94 26.05
CA ASP B 112 -0.38 -46.47 27.35
C ASP B 112 -1.78 -45.88 27.29
N VAL B 113 -2.24 -45.46 26.12
CA VAL B 113 -3.60 -44.98 25.97
C VAL B 113 -4.56 -46.10 25.60
N CYS B 114 -4.13 -47.35 25.69
CA CYS B 114 -5.02 -48.47 25.41
C CYS B 114 -6.09 -48.58 26.48
N LYS B 115 -5.71 -48.43 27.75
CA LYS B 115 -6.69 -48.26 28.80
C LYS B 115 -7.38 -46.92 28.72
N HIS B 116 -6.73 -45.91 28.15
CA HIS B 116 -7.40 -44.67 27.82
C HIS B 116 -8.40 -44.83 26.69
N ASP B 117 -8.13 -45.69 25.70
CA ASP B 117 -9.01 -45.89 24.57
C ASP B 117 -8.63 -47.16 23.82
N HIS B 118 -9.60 -48.04 23.64
CA HIS B 118 -9.39 -49.32 22.95
C HIS B 118 -10.30 -49.33 21.73
N ALA B 119 -10.38 -50.48 21.08
CA ALA B 119 -11.28 -50.65 19.94
C ALA B 119 -12.06 -51.94 20.17
N ALA B 120 -13.38 -51.87 20.02
CA ALA B 120 -14.22 -53.02 20.38
C ALA B 120 -14.59 -53.81 19.15
N ALA B 121 -14.33 -55.12 19.22
CA ALA B 121 -14.73 -56.06 18.18
C ALA B 121 -15.66 -57.08 18.80
N TYR B 122 -16.93 -56.71 18.89
CA TYR B 122 -17.92 -57.57 19.51
C TYR B 122 -18.53 -58.43 18.41
N ARG B 123 -18.27 -59.73 18.48
CA ARG B 123 -19.06 -60.69 17.73
C ARG B 123 -20.49 -60.64 18.25
N ALA B 124 -21.43 -60.77 17.31
CA ALA B 124 -22.83 -60.47 17.59
C ALA B 124 -23.51 -61.69 18.17
N HIS B 125 -24.34 -61.48 19.17
CA HIS B 125 -25.25 -62.51 19.66
C HIS B 125 -26.61 -62.07 19.14
N THR B 126 -27.66 -62.74 19.58
CA THR B 126 -29.01 -62.26 19.31
C THR B 126 -29.25 -60.99 20.12
N ALA B 127 -30.15 -60.14 19.61
CA ALA B 127 -30.46 -58.87 20.24
C ALA B 127 -31.95 -58.80 20.56
N SER B 128 -32.32 -57.81 21.37
CA SER B 128 -33.69 -57.62 21.81
C SER B 128 -34.09 -56.16 21.65
N LEU B 129 -35.18 -55.92 20.92
CA LEU B 129 -35.73 -54.60 20.73
C LEU B 129 -36.60 -54.22 21.93
N ARG B 130 -36.28 -53.08 22.54
CA ARG B 130 -36.96 -52.61 23.75
C ARG B 130 -37.76 -51.38 23.33
N ALA B 131 -39.03 -51.32 23.73
CA ALA B 131 -39.90 -50.26 23.25
C ALA B 131 -40.58 -49.54 24.41
N LYS B 132 -41.25 -48.43 24.08
CA LYS B 132 -42.07 -47.70 25.02
C LYS B 132 -43.28 -47.12 24.29
N ILE B 133 -44.46 -47.54 24.73
CA ILE B 133 -45.71 -47.12 24.14
C ILE B 133 -46.36 -46.12 25.10
N LYS B 134 -46.56 -44.91 24.64
CA LYS B 134 -47.54 -44.04 25.26
C LYS B 134 -48.92 -44.65 24.99
N VAL B 135 -49.67 -44.87 26.05
CA VAL B 135 -51.01 -45.41 25.93
C VAL B 135 -52.00 -44.35 26.40
N THR B 136 -52.91 -44.00 25.50
CA THR B 136 -54.20 -43.44 25.88
C THR B 136 -55.12 -44.64 26.02
N TYR B 137 -55.05 -45.29 27.17
CA TYR B 137 -55.85 -46.47 27.46
C TYR B 137 -57.21 -45.96 27.92
N GLY B 138 -58.05 -45.64 26.96
CA GLY B 138 -59.28 -44.92 27.23
C GLY B 138 -58.98 -43.56 27.82
N THR B 139 -59.60 -43.26 28.95
CA THR B 139 -59.31 -42.06 29.71
C THR B 139 -58.02 -42.16 30.52
N VAL B 140 -57.41 -43.33 30.61
CA VAL B 140 -56.06 -43.42 31.13
C VAL B 140 -55.13 -42.88 30.06
N ASN B 141 -54.06 -42.21 30.48
CA ASN B 141 -53.07 -41.71 29.55
C ASN B 141 -51.71 -41.72 30.23
N GLN B 142 -50.98 -42.81 30.05
CA GLN B 142 -49.68 -42.96 30.68
C GLN B 142 -48.67 -43.44 29.64
N THR B 143 -47.47 -43.74 30.10
CA THR B 143 -46.46 -44.34 29.25
C THR B 143 -45.99 -45.65 29.86
N VAL B 144 -45.78 -46.65 29.02
CA VAL B 144 -45.25 -47.93 29.44
C VAL B 144 -43.99 -48.16 28.63
N GLU B 145 -42.99 -48.78 29.23
CA GLU B 145 -41.71 -49.02 28.57
C GLU B 145 -41.27 -50.44 28.91
N ALA B 146 -41.34 -51.33 27.92
CA ALA B 146 -41.06 -52.74 28.18
C ALA B 146 -40.08 -53.29 27.17
N TYR B 147 -39.30 -54.29 27.61
CA TYR B 147 -38.64 -55.18 26.67
C TYR B 147 -39.71 -55.97 25.95
N VAL B 148 -39.57 -56.06 24.64
CA VAL B 148 -40.69 -56.38 23.77
C VAL B 148 -40.70 -57.86 23.40
N ASN B 149 -40.12 -58.69 24.28
CA ASN B 149 -39.96 -60.10 23.95
C ASN B 149 -41.26 -60.90 24.12
N GLY B 150 -42.26 -60.32 24.75
CA GLY B 150 -43.52 -61.02 24.92
C GLY B 150 -43.75 -61.59 26.30
N ASP B 151 -42.78 -61.48 27.21
CA ASP B 151 -42.92 -61.99 28.56
C ASP B 151 -43.31 -60.91 29.56
N HIS B 152 -42.84 -59.69 29.36
CA HIS B 152 -43.16 -58.59 30.25
C HIS B 152 -44.62 -58.20 30.08
N ALA B 153 -45.31 -58.04 31.19
CA ALA B 153 -46.70 -57.61 31.20
C ALA B 153 -46.74 -56.16 31.63
N VAL B 154 -47.12 -55.29 30.71
CA VAL B 154 -47.30 -53.87 31.00
C VAL B 154 -48.56 -53.79 31.85
N THR B 155 -48.36 -53.71 33.16
CA THR B 155 -49.49 -53.67 34.08
C THR B 155 -50.13 -52.31 34.03
N ILE B 156 -51.05 -52.12 33.09
CA ILE B 156 -51.73 -50.84 32.92
C ILE B 156 -52.81 -50.76 33.97
N ALA B 157 -53.35 -49.56 34.17
CA ALA B 157 -54.46 -49.38 35.08
C ALA B 157 -55.68 -50.03 34.43
N GLY B 158 -55.95 -51.27 34.82
CA GLY B 158 -56.91 -52.08 34.11
C GLY B 158 -56.36 -52.69 32.84
N THR B 159 -55.04 -52.75 32.72
CA THR B 159 -54.39 -53.24 31.52
C THR B 159 -53.33 -54.25 31.89
N LYS B 160 -53.30 -55.34 31.16
CA LYS B 160 -52.16 -56.24 31.12
C LYS B 160 -51.76 -56.28 29.65
N PHE B 161 -50.98 -55.29 29.23
CA PHE B 161 -50.54 -55.23 27.85
C PHE B 161 -49.37 -56.19 27.67
N ILE B 162 -49.25 -56.72 26.46
CA ILE B 162 -48.09 -57.47 26.04
C ILE B 162 -47.76 -56.96 24.66
N PHE B 163 -46.69 -56.17 24.57
CA PHE B 163 -46.22 -55.66 23.29
C PHE B 163 -45.57 -56.85 22.59
N GLY B 164 -46.32 -57.47 21.69
CA GLY B 164 -45.82 -58.60 20.95
C GLY B 164 -45.76 -59.86 21.79
N PRO B 165 -44.66 -60.62 21.73
CA PRO B 165 -43.27 -60.63 21.23
C PRO B 165 -43.09 -60.36 19.75
N VAL B 166 -42.24 -59.37 19.48
CA VAL B 166 -42.09 -58.87 18.12
C VAL B 166 -41.27 -59.86 17.31
N SER B 167 -41.75 -60.16 16.11
CA SER B 167 -41.05 -61.12 15.25
C SER B 167 -40.05 -60.46 14.30
N THR B 168 -39.49 -59.31 14.64
CA THR B 168 -38.70 -58.56 13.67
C THR B 168 -37.21 -58.75 13.86
N PRO B 169 -36.62 -59.77 13.24
CA PRO B 169 -35.16 -59.98 13.33
C PRO B 169 -34.39 -59.19 12.28
N TRP B 170 -35.11 -58.54 11.38
CA TRP B 170 -34.47 -57.73 10.35
C TRP B 170 -33.90 -56.47 10.97
N THR B 171 -32.66 -56.56 11.44
CA THR B 171 -32.10 -55.55 12.29
C THR B 171 -30.70 -55.20 11.82
N PRO B 172 -30.20 -54.01 12.16
CA PRO B 172 -28.91 -53.58 11.63
C PRO B 172 -27.70 -54.09 12.40
N PHE B 173 -27.85 -55.08 13.25
CA PHE B 173 -26.70 -55.70 13.89
C PHE B 173 -25.94 -56.48 12.85
N ASP B 174 -24.62 -56.34 12.85
CA ASP B 174 -23.76 -57.09 11.95
C ASP B 174 -23.32 -58.41 12.60
N THR B 175 -22.28 -59.02 12.05
CA THR B 175 -21.74 -60.25 12.64
C THR B 175 -20.70 -59.95 13.70
N LYS B 176 -19.73 -59.09 13.39
CA LYS B 176 -18.74 -58.61 14.35
C LYS B 176 -18.65 -57.10 14.13
N ILE B 177 -19.16 -56.34 15.09
CA ILE B 177 -19.23 -54.89 14.98
C ILE B 177 -18.05 -54.29 15.73
N LEU B 178 -17.55 -53.17 15.24
CA LEU B 178 -16.47 -52.49 15.93
C LEU B 178 -16.98 -51.17 16.49
N VAL B 179 -16.74 -50.99 17.78
CA VAL B 179 -17.00 -49.74 18.48
C VAL B 179 -15.64 -49.05 18.61
N TYR B 180 -15.42 -48.03 17.80
CA TYR B 180 -14.15 -47.31 17.78
C TYR B 180 -14.43 -45.91 18.31
N LYS B 181 -14.30 -45.76 19.62
CA LYS B 181 -14.42 -44.46 20.26
C LYS B 181 -15.85 -43.96 20.30
N GLY B 182 -16.82 -44.84 20.10
CA GLY B 182 -18.18 -44.41 19.96
C GLY B 182 -18.65 -44.55 18.53
N GLU B 183 -17.72 -44.84 17.62
CA GLU B 183 -18.12 -45.15 16.27
C GLU B 183 -18.58 -46.59 16.22
N LEU B 184 -19.54 -46.86 15.35
CA LEU B 184 -19.95 -48.23 15.05
C LEU B 184 -19.60 -48.50 13.60
N TYR B 185 -19.05 -49.68 13.36
CA TYR B 185 -18.64 -50.05 12.01
C TYR B 185 -18.62 -51.57 11.94
N ASN B 186 -19.56 -52.14 11.21
CA ASN B 186 -19.61 -53.59 11.08
C ASN B 186 -18.56 -54.03 10.09
N GLN B 187 -17.54 -54.74 10.57
CA GLN B 187 -16.44 -55.18 9.71
C GLN B 187 -15.86 -56.45 10.33
N ASP B 188 -15.58 -57.44 9.50
CA ASP B 188 -15.15 -58.76 9.97
C ASP B 188 -13.71 -58.68 10.46
N PHE B 189 -13.55 -58.95 11.75
CA PHE B 189 -12.25 -58.76 12.41
C PHE B 189 -11.32 -59.92 12.07
N PRO B 190 -10.08 -59.88 12.54
CA PRO B 190 -9.17 -61.02 12.32
C PRO B 190 -9.55 -62.18 13.24
N ARG B 191 -8.79 -63.27 13.13
CA ARG B 191 -9.14 -64.51 13.81
C ARG B 191 -8.89 -64.43 15.32
N TYR B 192 -9.03 -65.57 15.98
CA TYR B 192 -8.86 -65.63 17.43
C TYR B 192 -7.39 -65.49 17.77
N GLY B 193 -6.96 -64.23 17.89
CA GLY B 193 -5.56 -63.88 17.87
C GLY B 193 -4.90 -63.96 16.51
N ALA B 194 -5.69 -64.13 15.45
CA ALA B 194 -5.19 -64.67 14.19
C ALA B 194 -4.95 -63.61 13.13
N GLY B 195 -4.42 -62.46 13.53
CA GLY B 195 -4.29 -61.36 12.59
C GLY B 195 -3.09 -61.52 11.67
N GLN B 196 -3.25 -61.08 10.42
CA GLN B 196 -2.15 -60.95 9.49
C GLN B 196 -1.37 -59.69 9.81
N PRO B 197 -0.19 -59.51 9.23
CA PRO B 197 0.65 -58.38 9.64
C PRO B 197 0.16 -57.07 9.07
N GLY B 198 -0.06 -56.11 9.95
CA GLY B 198 -0.45 -54.78 9.51
C GLY B 198 -1.89 -54.68 9.07
N ARG B 199 -2.81 -55.18 9.89
CA ARG B 199 -4.23 -55.11 9.57
C ARG B 199 -4.93 -54.43 10.73
N PHE B 200 -6.26 -54.35 10.62
CA PHE B 200 -7.05 -53.77 11.70
C PHE B 200 -7.15 -54.77 12.83
N GLY B 201 -6.15 -54.76 13.70
CA GLY B 201 -5.97 -55.83 14.65
C GLY B 201 -4.61 -56.48 14.66
N ASP B 202 -3.55 -55.76 14.27
CA ASP B 202 -2.20 -56.26 14.44
C ASP B 202 -1.79 -56.40 15.89
N ILE B 203 -2.29 -55.54 16.76
CA ILE B 203 -2.11 -55.74 18.19
C ILE B 203 -3.22 -56.68 18.60
N GLN B 204 -2.96 -57.98 18.50
CA GLN B 204 -3.92 -58.98 18.88
C GLN B 204 -3.97 -59.01 20.40
N SER B 205 -5.17 -58.89 20.95
CA SER B 205 -5.37 -58.87 22.39
C SER B 205 -6.60 -59.70 22.72
N ARG B 206 -6.42 -60.71 23.56
CA ARG B 206 -7.54 -61.55 23.94
C ARG B 206 -8.45 -60.84 24.93
N THR B 207 -7.87 -59.98 25.76
CA THR B 207 -8.63 -59.26 26.77
C THR B 207 -8.22 -57.80 26.73
N LEU B 208 -9.12 -56.94 27.21
CA LEU B 208 -8.87 -55.51 27.21
C LEU B 208 -7.85 -55.13 28.27
N ASP B 209 -7.96 -55.72 29.45
CA ASP B 209 -6.91 -55.65 30.44
C ASP B 209 -6.08 -56.91 30.49
N SER B 210 -5.88 -57.57 29.35
CA SER B 210 -5.29 -58.91 29.33
C SER B 210 -3.78 -58.87 29.58
N ARG B 211 -3.21 -60.06 29.80
CA ARG B 211 -1.79 -60.20 30.07
C ARG B 211 -0.97 -60.72 28.90
N ASP B 212 -1.61 -61.40 27.94
CA ASP B 212 -0.90 -61.84 26.75
C ASP B 212 -1.10 -60.82 25.63
N LEU B 213 -0.60 -61.16 24.45
CA LEU B 213 -0.80 -60.30 23.29
C LEU B 213 -0.50 -61.09 22.03
N TYR B 214 -1.48 -61.19 21.16
CA TYR B 214 -1.30 -61.83 19.87
C TYR B 214 -0.44 -60.91 19.01
N ALA B 215 0.56 -61.50 18.38
CA ALA B 215 1.58 -60.70 17.72
C ALA B 215 1.65 -61.05 16.25
N ASN B 216 1.51 -60.03 15.42
CA ASN B 216 1.78 -60.13 14.00
C ASN B 216 2.51 -58.87 13.54
N THR B 217 2.99 -58.12 14.52
CA THR B 217 3.71 -56.88 14.25
C THR B 217 5.08 -57.19 13.67
N GLY B 218 5.46 -56.42 12.67
CA GLY B 218 6.64 -56.79 11.92
C GLY B 218 7.92 -56.16 12.43
N LEU B 219 8.15 -56.23 13.73
CA LEU B 219 9.40 -55.75 14.28
C LEU B 219 10.52 -56.72 13.94
N LYS B 220 11.36 -56.33 13.00
CA LYS B 220 12.47 -57.17 12.55
C LYS B 220 13.73 -56.36 12.79
N LEU B 221 14.62 -56.92 13.61
CA LEU B 221 15.83 -56.21 14.01
C LEU B 221 16.80 -56.11 12.83
N ALA B 222 17.67 -55.12 12.90
CA ALA B 222 18.67 -54.89 11.85
C ALA B 222 20.04 -54.67 12.48
N ARG B 223 21.03 -55.32 11.87
CA ARG B 223 22.40 -55.26 12.38
C ARG B 223 22.95 -53.86 12.16
N PRO B 224 23.07 -53.05 13.22
CA PRO B 224 23.19 -51.60 13.05
C PRO B 224 24.55 -51.13 12.60
N ALA B 225 24.69 -49.83 12.38
CA ALA B 225 25.93 -49.27 11.85
C ALA B 225 26.94 -49.02 12.96
N ALA B 226 28.16 -48.69 12.57
CA ALA B 226 29.24 -48.59 13.54
C ALA B 226 29.19 -47.27 14.27
N GLY B 227 29.99 -47.16 15.34
CA GLY B 227 30.19 -45.94 16.06
C GLY B 227 29.02 -45.54 16.93
N ASN B 228 27.94 -45.09 16.32
CA ASN B 228 26.73 -44.80 17.05
C ASN B 228 26.04 -46.11 17.39
N ILE B 229 25.26 -46.09 18.46
CA ILE B 229 24.48 -47.24 18.87
C ILE B 229 23.18 -47.11 18.09
N HIS B 230 23.21 -47.54 16.84
CA HIS B 230 22.01 -47.57 16.04
C HIS B 230 21.28 -48.85 16.36
N VAL B 231 20.12 -48.73 16.97
CA VAL B 231 19.37 -49.94 17.31
C VAL B 231 18.53 -50.16 16.07
N PRO B 232 19.03 -50.95 15.13
CA PRO B 232 18.30 -51.18 13.88
C PRO B 232 17.14 -52.13 14.12
N TYR B 233 15.94 -51.59 13.97
CA TYR B 233 14.73 -52.37 14.22
C TYR B 233 13.66 -51.92 13.24
N THR B 234 13.56 -52.64 12.13
CA THR B 234 12.56 -52.37 11.11
C THR B 234 11.25 -52.91 11.65
N GLN B 235 10.23 -52.06 11.73
CA GLN B 235 8.98 -52.39 12.39
C GLN B 235 7.87 -52.47 11.35
N THR B 236 6.67 -52.78 11.83
CA THR B 236 5.52 -52.82 10.94
C THR B 236 4.90 -51.44 10.86
N PRO B 237 3.80 -51.29 10.13
CA PRO B 237 3.10 -50.01 10.12
C PRO B 237 2.20 -49.86 11.33
N SER B 238 1.34 -48.83 11.29
CA SER B 238 0.40 -48.58 12.36
C SER B 238 -1.01 -49.00 11.95
N GLY B 239 -1.34 -50.28 12.17
CA GLY B 239 -2.65 -50.77 11.79
C GLY B 239 -3.75 -50.27 12.71
N PHE B 240 -3.39 -49.93 13.95
CA PHE B 240 -4.33 -49.26 14.84
C PHE B 240 -4.61 -47.86 14.33
N LYS B 241 -3.62 -47.24 13.70
CA LYS B 241 -3.88 -46.03 12.93
C LYS B 241 -4.70 -46.35 11.70
N THR B 242 -4.51 -47.53 11.12
CA THR B 242 -5.19 -47.87 9.86
C THR B 242 -6.68 -48.12 10.06
N TRP B 243 -7.08 -48.69 11.18
CA TRP B 243 -8.47 -49.03 11.44
C TRP B 243 -9.31 -47.80 11.71
N GLN B 244 -8.68 -46.71 12.14
CA GLN B 244 -9.35 -45.42 12.28
C GLN B 244 -9.06 -44.49 11.11
N LYS B 245 -7.79 -44.13 10.91
CA LYS B 245 -7.45 -43.32 9.77
C LYS B 245 -7.28 -44.23 8.56
N ASP B 246 -8.13 -44.01 7.57
CA ASP B 246 -8.29 -45.01 6.52
C ASP B 246 -9.26 -46.09 6.99
N ARG B 247 -10.00 -45.79 8.06
CA ARG B 247 -11.16 -46.59 8.40
C ARG B 247 -12.28 -46.20 7.45
N ASP B 248 -13.17 -47.16 7.16
CA ASP B 248 -14.23 -46.94 6.19
C ASP B 248 -15.38 -46.10 6.74
N SER B 249 -16.44 -45.95 5.95
CA SER B 249 -17.60 -45.20 6.39
C SER B 249 -18.33 -45.97 7.48
N PRO B 250 -18.32 -45.48 8.73
CA PRO B 250 -18.77 -46.29 9.86
C PRO B 250 -20.28 -46.46 9.89
N LEU B 251 -20.71 -47.59 10.44
CA LEU B 251 -22.05 -48.14 10.24
C LEU B 251 -23.16 -47.33 10.89
N ASN B 252 -22.82 -46.42 11.81
CA ASN B 252 -23.74 -45.38 12.24
C ASN B 252 -24.20 -44.52 11.08
N ALA B 253 -23.33 -44.27 10.11
CA ALA B 253 -23.82 -43.84 8.81
C ALA B 253 -24.14 -45.08 7.98
N LYS B 254 -25.20 -45.00 7.20
CA LYS B 254 -25.59 -46.14 6.41
C LYS B 254 -26.29 -47.17 7.29
N ALA B 255 -26.88 -46.72 8.36
CA ALA B 255 -27.71 -47.59 9.17
C ALA B 255 -29.02 -47.81 8.42
N PRO B 256 -29.24 -48.97 7.82
CA PRO B 256 -30.51 -49.23 7.14
C PRO B 256 -31.64 -49.39 8.15
N PHE B 257 -32.85 -49.09 7.67
CA PHE B 257 -34.01 -48.95 8.55
C PHE B 257 -34.07 -47.57 9.20
N GLY B 258 -33.09 -46.72 8.95
CA GLY B 258 -32.94 -45.51 9.71
C GLY B 258 -32.69 -45.75 11.18
N CYS B 259 -31.79 -46.66 11.51
CA CYS B 259 -31.55 -47.01 12.91
C CYS B 259 -30.83 -45.88 13.61
N ILE B 260 -31.01 -45.79 14.92
CA ILE B 260 -30.25 -44.88 15.76
C ILE B 260 -29.20 -45.70 16.48
N ILE B 261 -28.06 -45.88 15.84
CA ILE B 261 -27.01 -46.74 16.36
C ILE B 261 -26.21 -45.96 17.37
N GLN B 262 -26.45 -46.24 18.66
CA GLN B 262 -25.66 -45.64 19.73
C GLN B 262 -25.16 -46.77 20.62
N THR B 263 -23.93 -46.63 21.12
CA THR B 263 -23.39 -47.71 21.92
C THR B 263 -22.85 -47.18 23.24
N ASN B 264 -23.74 -46.91 24.17
CA ASN B 264 -23.31 -47.03 25.55
C ASN B 264 -23.39 -48.54 25.72
N PRO B 265 -24.60 -49.07 25.67
CA PRO B 265 -24.77 -50.43 25.13
C PRO B 265 -25.19 -50.28 23.68
N VAL B 266 -24.70 -51.20 22.84
CA VAL B 266 -24.88 -51.09 21.40
C VAL B 266 -26.33 -51.39 21.05
N ARG B 267 -27.10 -50.34 20.78
CA ARG B 267 -28.52 -50.47 20.51
C ARG B 267 -28.92 -49.50 19.41
N ALA B 268 -29.86 -49.93 18.59
CA ALA B 268 -30.41 -49.10 17.54
C ALA B 268 -31.73 -48.50 18.01
N MET B 269 -31.63 -47.48 18.86
CA MET B 269 -32.77 -46.71 19.31
C MET B 269 -33.30 -45.92 18.12
N ASN B 270 -34.63 -45.89 18.01
CA ASN B 270 -35.29 -45.43 16.80
C ASN B 270 -35.07 -46.36 15.63
N CYS B 271 -35.09 -47.67 15.88
CA CYS B 271 -35.09 -48.65 14.81
C CYS B 271 -36.43 -48.54 14.09
N ALA B 272 -36.39 -48.17 12.82
CA ALA B 272 -37.59 -47.99 12.02
C ALA B 272 -37.73 -49.20 11.10
N VAL B 273 -38.56 -50.15 11.51
CA VAL B 273 -38.86 -51.30 10.67
C VAL B 273 -40.02 -52.06 11.31
N GLY B 274 -40.84 -52.65 10.46
CA GLY B 274 -41.82 -53.63 10.89
C GLY B 274 -43.01 -53.05 11.62
N ASN B 275 -43.78 -53.95 12.22
CA ASN B 275 -44.89 -53.58 13.10
C ASN B 275 -44.94 -54.59 14.23
N ILE B 276 -45.24 -54.09 15.42
CA ILE B 276 -45.16 -54.89 16.64
C ILE B 276 -46.57 -55.22 17.10
N PRO B 277 -46.84 -56.47 17.49
CA PRO B 277 -48.16 -56.81 17.98
C PRO B 277 -48.38 -56.30 19.40
N VAL B 278 -49.64 -56.33 19.81
CA VAL B 278 -50.05 -55.91 21.15
C VAL B 278 -51.24 -56.76 21.55
N SER B 279 -51.15 -57.39 22.71
CA SER B 279 -52.24 -58.13 23.31
C SER B 279 -52.48 -57.58 24.70
N MET B 280 -53.56 -56.82 24.87
CA MET B 280 -53.85 -56.13 26.12
C MET B 280 -55.07 -56.79 26.74
N ASP B 281 -54.87 -57.47 27.86
CA ASP B 281 -55.98 -57.90 28.70
C ASP B 281 -56.53 -56.66 29.39
N ILE B 282 -57.59 -56.10 28.83
CA ILE B 282 -58.10 -54.79 29.21
C ILE B 282 -59.22 -55.02 30.20
N ALA B 283 -59.20 -54.27 31.30
CA ALA B 283 -60.32 -54.28 32.23
C ALA B 283 -61.48 -53.48 31.66
N ASP B 284 -62.67 -53.69 32.22
CA ASP B 284 -63.82 -52.88 31.82
C ASP B 284 -63.88 -51.56 32.57
N SER B 285 -62.89 -51.27 33.43
CA SER B 285 -62.85 -50.10 34.29
C SER B 285 -62.64 -48.79 33.52
N ALA B 286 -62.33 -48.85 32.23
CA ALA B 286 -62.55 -47.72 31.34
C ALA B 286 -63.71 -47.98 30.40
N PHE B 287 -64.05 -49.25 30.18
CA PHE B 287 -65.08 -49.63 29.22
C PHE B 287 -66.43 -49.35 29.86
N THR B 288 -66.88 -48.10 29.76
CA THR B 288 -68.05 -47.62 30.48
C THR B 288 -69.32 -48.15 29.86
N ARG B 289 -70.32 -48.42 30.71
CA ARG B 289 -71.57 -49.06 30.30
C ARG B 289 -72.42 -48.12 29.44
N LEU B 290 -73.54 -48.68 28.95
CA LEU B 290 -74.27 -48.04 27.86
C LEU B 290 -75.10 -46.86 28.32
N THR B 291 -75.24 -46.64 29.63
CA THR B 291 -75.98 -45.49 30.10
C THR B 291 -75.22 -44.18 29.88
N ASP B 292 -73.90 -44.19 30.05
CA ASP B 292 -73.11 -42.96 30.04
C ASP B 292 -72.87 -42.38 28.65
N ALA B 293 -73.21 -43.10 27.60
CA ALA B 293 -72.94 -42.64 26.23
C ALA B 293 -74.05 -41.68 25.84
N PRO B 294 -73.83 -40.79 24.88
CA PRO B 294 -74.92 -39.92 24.43
C PRO B 294 -75.82 -40.68 23.47
N VAL B 295 -77.05 -40.21 23.33
CA VAL B 295 -77.91 -40.70 22.28
C VAL B 295 -77.42 -40.06 20.99
N ILE B 296 -76.83 -40.85 20.10
CA ILE B 296 -76.27 -40.26 18.89
C ILE B 296 -77.41 -40.04 17.89
N SER B 297 -78.04 -38.88 18.00
CA SER B 297 -79.29 -38.63 17.30
C SER B 297 -79.00 -37.73 16.13
N GLU B 298 -79.14 -38.30 14.93
CA GLU B 298 -78.83 -37.58 13.70
C GLU B 298 -77.35 -37.26 13.58
N LEU B 299 -76.52 -38.30 13.68
CA LEU B 299 -75.13 -38.14 13.28
C LEU B 299 -75.07 -37.99 11.77
N THR B 300 -74.50 -36.88 11.31
CA THR B 300 -74.27 -36.65 9.89
C THR B 300 -72.91 -36.01 9.74
N CYS B 301 -71.92 -36.81 9.38
CA CYS B 301 -70.55 -36.33 9.28
C CYS B 301 -70.39 -35.57 7.97
N THR B 302 -69.72 -34.43 8.03
CA THR B 302 -69.49 -33.63 6.84
C THR B 302 -68.00 -33.41 6.66
N VAL B 303 -67.49 -33.85 5.52
CA VAL B 303 -66.12 -33.60 5.11
C VAL B 303 -66.05 -32.13 4.72
N SER B 304 -65.52 -31.31 5.62
CA SER B 304 -65.44 -29.89 5.32
C SER B 304 -64.21 -29.58 4.46
N THR B 305 -63.10 -30.26 4.71
CA THR B 305 -61.89 -30.01 3.93
C THR B 305 -61.08 -31.29 3.86
N CYS B 306 -60.38 -31.44 2.74
CA CYS B 306 -59.50 -32.58 2.50
C CYS B 306 -58.18 -32.06 1.96
N THR B 307 -57.11 -32.31 2.71
CA THR B 307 -55.77 -31.89 2.31
C THR B 307 -55.17 -32.99 1.45
N HIS B 308 -53.99 -32.75 0.91
CA HIS B 308 -53.33 -33.83 0.17
C HIS B 308 -52.68 -34.81 1.12
N SER B 309 -51.64 -34.38 1.83
CA SER B 309 -50.82 -35.26 2.66
C SER B 309 -50.32 -34.64 3.94
N SER B 310 -51.15 -33.90 4.67
CA SER B 310 -50.67 -33.22 5.86
C SER B 310 -50.96 -34.09 7.08
N ASP B 311 -50.49 -33.63 8.23
CA ASP B 311 -50.73 -34.32 9.51
C ASP B 311 -52.20 -34.14 9.87
N PHE B 312 -52.78 -32.97 9.59
CA PHE B 312 -54.20 -32.73 9.86
C PHE B 312 -55.08 -33.37 8.79
N GLY B 313 -54.85 -33.01 7.53
CA GLY B 313 -55.43 -33.69 6.39
C GLY B 313 -56.91 -33.48 6.19
N GLY B 314 -57.72 -34.14 7.02
CA GLY B 314 -59.16 -34.02 6.91
C GLY B 314 -59.70 -33.11 7.98
N ILE B 315 -60.37 -32.05 7.55
CA ILE B 315 -61.16 -31.23 8.44
C ILE B 315 -62.58 -31.77 8.28
N ALA B 316 -62.99 -32.63 9.20
CA ALA B 316 -64.28 -33.29 9.07
C ALA B 316 -65.22 -32.86 10.19
N VAL B 317 -66.33 -32.27 9.80
CA VAL B 317 -67.33 -31.79 10.75
C VAL B 317 -68.36 -32.87 10.94
N LEU B 318 -68.22 -33.66 11.99
CA LEU B 318 -69.24 -34.63 12.39
C LEU B 318 -70.37 -33.80 12.98
N SER B 319 -71.53 -33.84 12.32
CA SER B 319 -72.71 -33.15 12.83
C SER B 319 -73.65 -34.17 13.46
N TYR B 320 -73.68 -34.18 14.79
CA TYR B 320 -74.51 -35.12 15.50
C TYR B 320 -75.18 -34.39 16.66
N LYS B 321 -76.48 -34.59 16.79
CA LYS B 321 -77.24 -34.08 17.92
C LYS B 321 -77.21 -35.12 19.03
N VAL B 322 -77.09 -34.66 20.27
CA VAL B 322 -76.92 -35.53 21.42
C VAL B 322 -78.29 -35.81 22.00
N GLU B 323 -78.67 -37.09 22.03
CA GLU B 323 -79.88 -37.46 22.75
C GLU B 323 -79.64 -37.43 24.24
N LYS B 324 -78.44 -37.76 24.67
CA LYS B 324 -78.10 -37.69 26.09
C LYS B 324 -76.69 -37.15 26.21
N SER B 325 -76.22 -37.09 27.44
CA SER B 325 -74.84 -36.70 27.67
C SER B 325 -73.92 -37.88 27.36
N GLY B 326 -72.75 -37.58 26.84
CA GLY B 326 -71.82 -38.65 26.53
C GLY B 326 -70.51 -38.14 25.99
N ARG B 327 -69.45 -38.75 26.50
CA ARG B 327 -68.18 -38.72 25.81
C ARG B 327 -68.29 -39.65 24.61
N CYS B 328 -67.73 -39.22 23.50
CA CYS B 328 -67.81 -39.97 22.26
C CYS B 328 -66.43 -40.53 21.94
N ASP B 329 -66.33 -41.84 21.99
CA ASP B 329 -65.19 -42.47 21.36
C ASP B 329 -65.34 -42.31 19.85
N ILE B 330 -64.58 -41.37 19.30
CA ILE B 330 -64.67 -41.07 17.88
C ILE B 330 -63.84 -41.98 17.01
N HIS B 331 -63.24 -43.03 17.54
CA HIS B 331 -62.38 -43.90 16.75
C HIS B 331 -63.22 -44.78 15.85
N SER B 332 -63.52 -44.25 14.67
CA SER B 332 -64.32 -45.00 13.72
C SER B 332 -63.48 -46.09 13.10
N HIS B 333 -64.14 -47.12 12.59
CA HIS B 333 -63.46 -48.22 11.93
C HIS B 333 -63.22 -47.94 10.46
N SER B 334 -62.45 -46.90 10.14
CA SER B 334 -62.13 -46.59 8.75
C SER B 334 -60.62 -46.52 8.65
N ASN B 335 -60.01 -47.55 8.06
CA ASN B 335 -58.55 -47.72 8.15
C ASN B 335 -57.78 -46.86 7.17
N VAL B 336 -58.44 -46.07 6.33
CA VAL B 336 -57.74 -45.22 5.38
C VAL B 336 -57.37 -43.89 6.03
N ALA B 337 -58.05 -43.54 7.12
CA ALA B 337 -57.89 -42.20 7.70
C ALA B 337 -57.66 -42.27 9.20
N VAL B 338 -57.01 -41.26 9.75
CA VAL B 338 -56.71 -41.22 11.17
C VAL B 338 -57.28 -39.94 11.76
N LEU B 339 -58.09 -40.10 12.81
CA LEU B 339 -58.83 -39.01 13.42
C LEU B 339 -57.97 -38.40 14.53
N GLN B 340 -58.56 -37.47 15.29
CA GLN B 340 -57.83 -36.89 16.41
C GLN B 340 -57.69 -37.88 17.55
N GLU B 341 -58.80 -38.28 18.15
CA GLU B 341 -58.76 -39.28 19.22
C GLU B 341 -60.15 -39.86 19.46
N VAL B 342 -60.31 -40.62 20.53
CA VAL B 342 -61.65 -40.91 21.03
C VAL B 342 -62.05 -39.62 21.71
N SER B 343 -62.78 -38.77 20.99
CA SER B 343 -62.71 -37.35 21.29
C SER B 343 -64.02 -36.61 21.38
N ILE B 344 -65.13 -37.31 21.15
CA ILE B 344 -66.44 -36.66 21.08
C ILE B 344 -66.93 -36.14 22.42
N GLU B 345 -67.60 -34.99 22.37
CA GLU B 345 -68.25 -34.33 23.48
C GLU B 345 -69.74 -34.41 23.17
N THR B 346 -70.52 -33.55 23.81
CA THR B 346 -71.91 -33.33 23.40
C THR B 346 -71.96 -32.89 21.94
N GLU B 347 -72.51 -33.77 21.10
CA GLU B 347 -72.31 -33.73 19.66
C GLU B 347 -73.03 -32.58 18.98
N GLY B 348 -72.34 -31.92 18.09
CA GLY B 348 -72.82 -30.74 17.44
C GLY B 348 -72.25 -30.71 16.04
N ARG B 349 -71.65 -29.58 15.69
CA ARG B 349 -70.87 -29.47 14.46
C ARG B 349 -69.41 -29.68 14.85
N SER B 350 -69.10 -30.84 15.42
CA SER B 350 -67.80 -31.06 16.02
C SER B 350 -66.79 -31.44 14.94
N VAL B 351 -65.70 -30.68 14.91
CA VAL B 351 -64.63 -30.91 13.94
C VAL B 351 -63.82 -32.13 14.36
N ILE B 352 -63.05 -32.66 13.41
CA ILE B 352 -62.13 -33.75 13.68
C ILE B 352 -61.01 -33.63 12.66
N HIS B 353 -59.77 -33.82 13.11
CA HIS B 353 -58.64 -33.91 12.21
C HIS B 353 -58.53 -35.34 11.69
N PHE B 354 -59.39 -35.66 10.73
CA PHE B 354 -59.43 -36.99 10.14
C PHE B 354 -58.44 -37.02 8.99
N SER B 355 -57.21 -37.40 9.31
CA SER B 355 -56.12 -37.35 8.36
C SER B 355 -55.97 -38.69 7.66
N THR B 356 -56.03 -38.64 6.34
CA THR B 356 -55.88 -39.85 5.53
C THR B 356 -55.08 -39.44 4.29
N ALA B 357 -54.04 -40.20 3.98
CA ALA B 357 -53.15 -39.86 2.88
C ALA B 357 -53.77 -40.12 1.52
N SER B 358 -54.83 -40.91 1.45
CA SER B 358 -55.51 -41.16 0.19
C SER B 358 -56.30 -39.92 -0.21
N ALA B 359 -56.31 -39.63 -1.50
CA ALA B 359 -57.08 -38.50 -2.00
C ALA B 359 -58.53 -38.89 -2.18
N SER B 360 -58.82 -40.18 -2.29
CA SER B 360 -60.19 -40.65 -2.43
C SER B 360 -60.73 -40.66 -1.01
N PRO B 361 -61.47 -39.64 -0.60
CA PRO B 361 -61.97 -39.62 0.78
C PRO B 361 -63.26 -40.41 0.92
N SER B 362 -63.22 -41.44 1.76
CA SER B 362 -64.41 -42.13 2.24
C SER B 362 -64.11 -42.67 3.63
N PHE B 363 -64.40 -41.88 4.66
CA PHE B 363 -64.10 -42.26 6.03
C PHE B 363 -65.35 -42.88 6.63
N VAL B 364 -65.16 -43.69 7.66
CA VAL B 364 -66.25 -44.37 8.35
C VAL B 364 -66.08 -44.11 9.84
N VAL B 365 -66.75 -43.11 10.33
CA VAL B 365 -66.58 -42.68 11.71
C VAL B 365 -67.64 -43.35 12.57
N SER B 366 -67.40 -43.40 13.87
CA SER B 366 -68.37 -43.93 14.82
C SER B 366 -68.32 -43.02 16.03
N VAL B 367 -69.46 -42.49 16.45
CA VAL B 367 -69.49 -41.46 17.47
C VAL B 367 -70.00 -42.08 18.76
N CYS B 368 -69.07 -42.58 19.58
CA CYS B 368 -69.38 -43.14 20.89
C CYS B 368 -70.22 -44.40 20.80
N SER B 369 -69.88 -45.29 19.88
CA SER B 369 -70.78 -46.39 19.56
C SER B 369 -71.83 -45.96 18.54
N SER B 370 -71.65 -44.79 17.95
CA SER B 370 -72.44 -44.36 16.81
C SER B 370 -71.84 -44.92 15.53
N ARG B 371 -72.28 -44.40 14.40
CA ARG B 371 -71.77 -44.89 13.13
C ARG B 371 -72.10 -43.89 12.04
N ALA B 372 -71.30 -43.88 10.98
CA ALA B 372 -71.55 -43.04 9.82
C ALA B 372 -70.40 -43.19 8.83
N THR B 373 -70.62 -42.74 7.60
CA THR B 373 -69.61 -42.76 6.56
C THR B 373 -69.62 -41.42 5.84
N CYS B 374 -68.53 -40.67 5.96
CA CYS B 374 -68.36 -39.40 5.28
C CYS B 374 -67.55 -39.60 4.01
N THR B 375 -67.62 -38.64 3.09
CA THR B 375 -66.91 -38.74 1.83
C THR B 375 -66.34 -37.38 1.44
N ALA B 376 -65.34 -37.40 0.56
CA ALA B 376 -64.70 -36.18 0.09
C ALA B 376 -63.72 -36.52 -1.01
N LYS B 377 -62.97 -35.52 -1.46
CA LYS B 377 -61.88 -35.68 -2.42
C LYS B 377 -60.79 -34.68 -2.09
N CYS B 378 -59.81 -35.08 -1.30
CA CYS B 378 -58.73 -34.19 -0.92
C CYS B 378 -57.64 -34.19 -1.98
N GLU B 379 -57.07 -33.01 -2.23
CA GLU B 379 -56.12 -32.91 -3.31
C GLU B 379 -54.85 -32.17 -2.88
N PRO B 380 -53.81 -32.18 -3.72
CA PRO B 380 -52.55 -31.44 -3.56
C PRO B 380 -51.73 -31.90 -2.37
N TYR C 1 -20.30 14.62 -55.72
CA TYR C 1 -21.58 14.02 -56.08
C TYR C 1 -22.02 13.08 -54.97
N GLU C 2 -22.82 12.08 -55.32
CA GLU C 2 -23.29 11.06 -54.37
C GLU C 2 -22.47 9.80 -54.63
N HIS C 3 -21.58 9.47 -53.71
CA HIS C 3 -20.81 8.24 -53.83
C HIS C 3 -21.31 7.23 -52.81
N THR C 4 -21.90 6.15 -53.31
CA THR C 4 -22.37 5.07 -52.46
C THR C 4 -21.20 4.10 -52.32
N ALA C 5 -21.04 3.54 -51.12
CA ALA C 5 -20.05 2.49 -50.92
C ALA C 5 -20.31 1.78 -49.61
N ILE C 6 -19.62 0.66 -49.42
CA ILE C 6 -19.61 -0.07 -48.16
C ILE C 6 -18.23 -0.67 -47.96
N ILE C 7 -17.53 -0.18 -46.95
CA ILE C 7 -16.16 -0.63 -46.68
C ILE C 7 -16.22 -1.70 -45.59
N PRO C 8 -15.43 -2.76 -45.68
CA PRO C 8 -15.58 -3.87 -44.74
C PRO C 8 -15.01 -3.55 -43.37
N ASN C 9 -15.65 -4.09 -42.33
CA ASN C 9 -15.30 -3.77 -40.94
C ASN C 9 -14.21 -4.71 -40.45
N GLN C 10 -13.05 -4.59 -41.06
CA GLN C 10 -11.81 -5.19 -40.58
C GLN C 10 -10.77 -4.10 -40.76
N VAL C 11 -10.37 -3.49 -39.65
CA VAL C 11 -9.75 -2.17 -39.67
C VAL C 11 -8.35 -2.24 -40.28
N GLY C 12 -8.08 -1.29 -41.15
CA GLY C 12 -6.81 -1.28 -41.86
C GLY C 12 -6.83 -1.82 -43.28
N PHE C 13 -7.61 -2.86 -43.55
CA PHE C 13 -7.65 -3.44 -44.89
C PHE C 13 -8.41 -2.49 -45.78
N PRO C 14 -7.73 -1.68 -46.60
CA PRO C 14 -8.32 -0.42 -47.05
C PRO C 14 -9.31 -0.63 -48.19
N TYR C 15 -10.37 0.18 -48.17
CA TYR C 15 -11.44 0.07 -49.15
C TYR C 15 -11.14 1.11 -50.22
N LYS C 16 -10.81 0.63 -51.40
CA LYS C 16 -10.61 1.52 -52.53
C LYS C 16 -11.98 1.87 -53.10
N ALA C 17 -12.05 2.96 -53.85
CA ALA C 17 -13.29 3.34 -54.52
C ALA C 17 -12.97 4.32 -55.64
N HIS C 18 -13.22 3.90 -56.87
CA HIS C 18 -13.07 4.81 -57.99
C HIS C 18 -14.37 5.56 -58.22
N VAL C 19 -14.34 6.85 -57.95
CA VAL C 19 -15.48 7.73 -58.18
C VAL C 19 -15.31 8.33 -59.56
N ALA C 20 -16.43 8.54 -60.26
CA ALA C 20 -16.42 8.98 -61.64
C ALA C 20 -17.34 10.18 -61.85
N ARG C 21 -16.81 11.22 -62.49
CA ARG C 21 -17.60 12.35 -62.95
C ARG C 21 -17.06 12.75 -64.32
N GLU C 22 -17.87 12.50 -65.34
CA GLU C 22 -17.42 12.56 -66.72
C GLU C 22 -17.20 14.01 -67.16
N GLY C 23 -15.93 14.40 -67.17
CA GLY C 23 -15.54 15.78 -67.28
C GLY C 23 -14.55 16.21 -66.22
N TYR C 24 -14.63 15.63 -65.03
CA TYR C 24 -13.49 15.58 -64.14
C TYR C 24 -12.65 14.40 -64.58
N SER C 25 -11.50 14.21 -63.97
CA SER C 25 -10.67 13.06 -64.26
C SER C 25 -11.21 11.81 -63.55
N PRO C 26 -10.52 10.68 -63.67
CA PRO C 26 -10.86 9.53 -62.82
C PRO C 26 -10.53 9.85 -61.36
N LEU C 27 -11.52 9.68 -60.50
CA LEU C 27 -11.34 10.01 -59.09
C LEU C 27 -11.17 8.74 -58.28
N THR C 28 -10.40 8.82 -57.21
CA THR C 28 -10.18 7.65 -56.37
C THR C 28 -10.19 8.07 -54.91
N LEU C 29 -10.88 7.32 -54.07
CA LEU C 29 -10.88 7.53 -52.63
C LEU C 29 -10.53 6.22 -51.96
N GLN C 30 -9.99 6.31 -50.76
CA GLN C 30 -9.64 5.14 -49.98
C GLN C 30 -10.16 5.37 -48.58
N MET C 31 -10.98 4.46 -48.10
CA MET C 31 -11.42 4.50 -46.72
C MET C 31 -10.64 3.47 -45.92
N GLN C 32 -10.55 3.71 -44.62
CA GLN C 32 -9.92 2.77 -43.71
C GLN C 32 -10.62 2.99 -42.37
N VAL C 33 -10.89 1.90 -41.65
CA VAL C 33 -11.62 2.03 -40.40
C VAL C 33 -10.67 1.88 -39.23
N ILE C 34 -11.06 2.39 -38.08
CA ILE C 34 -10.41 2.08 -36.81
C ILE C 34 -11.34 2.55 -35.70
N GLU C 35 -11.45 1.76 -34.63
CA GLU C 35 -12.20 2.15 -33.43
C GLU C 35 -13.70 2.39 -33.62
N THR C 36 -14.50 1.33 -33.84
CA THR C 36 -15.90 1.42 -34.27
C THR C 36 -16.96 0.93 -33.28
N SER C 37 -16.64 0.89 -31.98
CA SER C 37 -17.37 0.07 -31.01
C SER C 37 -18.78 0.58 -30.71
N LEU C 38 -19.54 -0.24 -29.97
CA LEU C 38 -21.00 -0.13 -29.91
C LEU C 38 -21.53 0.59 -28.68
N GLU C 39 -21.13 0.17 -27.46
CA GLU C 39 -21.56 0.82 -26.22
C GLU C 39 -23.07 0.74 -25.96
N PRO C 40 -23.60 -0.42 -25.54
CA PRO C 40 -25.05 -0.56 -25.36
C PRO C 40 -25.60 0.26 -24.21
N THR C 41 -26.91 0.49 -24.25
CA THR C 41 -27.59 1.33 -23.27
C THR C 41 -27.68 0.56 -21.96
N LEU C 42 -27.22 1.15 -20.88
CA LEU C 42 -27.25 0.48 -19.59
C LEU C 42 -28.46 0.92 -18.78
N ASN C 43 -28.93 0.02 -17.93
CA ASN C 43 -29.96 0.36 -16.95
C ASN C 43 -29.61 -0.39 -15.68
N LEU C 44 -28.93 0.29 -14.76
CA LEU C 44 -28.32 -0.39 -13.62
C LEU C 44 -29.38 -0.79 -12.60
N GLU C 45 -29.29 -2.02 -12.09
CA GLU C 45 -30.29 -2.56 -11.18
C GLU C 45 -29.59 -3.29 -10.04
N TYR C 46 -28.28 -3.12 -9.92
CA TYR C 46 -27.53 -3.82 -8.90
C TYR C 46 -26.63 -2.82 -8.20
N ILE C 47 -25.97 -3.23 -7.12
CA ILE C 47 -24.90 -2.39 -6.57
C ILE C 47 -23.64 -3.23 -6.42
N THR C 48 -23.82 -4.52 -6.15
CA THR C 48 -22.72 -5.45 -5.90
C THR C 48 -21.85 -5.05 -4.72
N CYS C 49 -22.42 -5.07 -3.51
CA CYS C 49 -21.70 -4.68 -2.31
C CYS C 49 -21.41 -5.94 -1.50
N ASP C 50 -20.89 -5.75 -0.30
CA ASP C 50 -20.68 -6.87 0.61
C ASP C 50 -21.35 -6.57 1.95
N TYR C 51 -21.95 -7.60 2.53
CA TYR C 51 -22.74 -7.43 3.75
C TYR C 51 -21.82 -7.28 4.95
N LYS C 52 -22.26 -6.49 5.92
CA LYS C 52 -21.51 -6.34 7.17
C LYS C 52 -22.57 -6.26 8.26
N THR C 53 -22.57 -7.24 9.15
CA THR C 53 -23.51 -7.25 10.25
C THR C 53 -23.08 -6.25 11.32
N LYS C 54 -24.04 -5.54 11.88
CA LYS C 54 -23.78 -4.60 12.97
C LYS C 54 -24.38 -5.19 14.23
N VAL C 55 -23.53 -5.45 15.22
CA VAL C 55 -24.01 -6.04 16.46
C VAL C 55 -23.78 -5.03 17.57
N PRO C 56 -24.83 -4.52 18.20
CA PRO C 56 -24.63 -3.75 19.43
C PRO C 56 -24.32 -4.70 20.59
N SER C 57 -23.90 -4.11 21.69
CA SER C 57 -23.61 -4.92 22.87
C SER C 57 -24.92 -5.36 23.51
N PRO C 58 -24.97 -6.54 24.12
CA PRO C 58 -26.25 -7.06 24.60
C PRO C 58 -26.60 -6.47 25.95
N TYR C 59 -27.76 -5.79 26.01
CA TYR C 59 -28.24 -5.10 27.21
C TYR C 59 -28.60 -6.15 28.25
N VAL C 60 -27.82 -6.18 29.33
CA VAL C 60 -27.95 -7.22 30.34
C VAL C 60 -29.12 -6.90 31.26
N LYS C 61 -29.71 -7.93 31.83
CA LYS C 61 -30.77 -7.79 32.82
C LYS C 61 -30.66 -8.93 33.80
N CYS C 62 -30.02 -8.66 34.93
CA CYS C 62 -29.63 -9.70 35.86
C CYS C 62 -30.00 -9.39 37.31
N CYS C 63 -31.29 -9.20 37.64
CA CYS C 63 -32.43 -9.81 36.95
C CYS C 63 -33.21 -8.86 36.05
N GLY C 64 -34.16 -9.42 35.31
CA GLY C 64 -35.09 -8.62 34.55
C GLY C 64 -35.03 -8.85 33.05
N THR C 65 -36.13 -9.34 32.49
CA THR C 65 -36.16 -9.61 31.07
C THR C 65 -36.72 -8.40 30.32
N ALA C 66 -35.82 -7.57 29.82
CA ALA C 66 -36.22 -6.37 29.13
C ALA C 66 -36.68 -6.68 27.72
N GLU C 67 -37.33 -5.71 27.09
CA GLU C 67 -37.87 -5.83 25.75
C GLU C 67 -37.24 -4.79 24.84
N CYS C 68 -37.11 -5.14 23.56
CA CYS C 68 -36.41 -4.28 22.60
C CYS C 68 -37.27 -4.15 21.35
N ARG C 69 -37.74 -2.93 21.09
CA ARG C 69 -38.32 -2.63 19.80
C ARG C 69 -37.22 -2.56 18.75
N THR C 70 -37.51 -3.09 17.57
CA THR C 70 -36.51 -3.29 16.53
C THR C 70 -36.07 -2.00 15.86
N GLN C 71 -34.76 -1.88 15.61
CA GLN C 71 -34.23 -0.78 14.84
C GLN C 71 -34.65 -0.90 13.38
N ASP C 72 -34.65 0.22 12.67
CA ASP C 72 -35.19 0.29 11.31
C ASP C 72 -34.17 -0.05 10.23
N LYS C 73 -33.09 -0.75 10.58
CA LYS C 73 -32.02 -1.08 9.65
C LYS C 73 -32.41 -2.22 8.72
N PRO C 74 -31.51 -2.62 7.83
CA PRO C 74 -31.87 -3.62 6.82
C PRO C 74 -31.99 -5.03 7.36
N GLU C 75 -31.35 -5.35 8.47
CA GLU C 75 -31.50 -6.67 9.04
C GLU C 75 -31.73 -6.64 10.55
N TYR C 76 -32.61 -5.77 11.03
CA TYR C 76 -32.67 -5.46 12.46
C TYR C 76 -33.33 -6.59 13.24
N LYS C 77 -32.57 -7.65 13.45
CA LYS C 77 -33.01 -8.78 14.25
C LYS C 77 -32.36 -8.68 15.62
N CYS C 78 -33.16 -8.88 16.66
CA CYS C 78 -32.69 -8.75 18.03
C CYS C 78 -33.69 -9.41 18.96
N ALA C 79 -33.19 -9.85 20.11
CA ALA C 79 -34.02 -10.56 21.07
C ALA C 79 -33.36 -10.52 22.43
N VAL C 80 -34.18 -10.66 23.46
CA VAL C 80 -33.70 -10.85 24.81
C VAL C 80 -33.54 -12.36 24.94
N PHE C 81 -32.30 -12.82 24.89
CA PHE C 81 -31.99 -14.19 25.27
C PHE C 81 -32.17 -14.25 26.78
N THR C 82 -33.30 -14.79 27.22
CA THR C 82 -33.55 -14.92 28.65
C THR C 82 -32.71 -16.06 29.23
N GLY C 83 -32.56 -16.04 30.54
CA GLY C 83 -31.74 -17.05 31.18
C GLY C 83 -30.26 -16.82 30.97
N VAL C 84 -29.85 -15.59 30.90
CA VAL C 84 -28.44 -15.28 30.80
C VAL C 84 -27.82 -15.40 32.18
N TYR C 85 -26.61 -15.93 32.22
CA TYR C 85 -25.83 -15.98 33.44
C TYR C 85 -24.47 -15.40 33.09
N PRO C 86 -24.41 -14.11 32.74
CA PRO C 86 -23.15 -13.54 32.28
C PRO C 86 -22.14 -13.31 33.39
N PHE C 87 -20.90 -13.69 33.10
CA PHE C 87 -19.82 -13.85 34.07
C PHE C 87 -18.60 -13.05 33.64
N MET C 88 -18.81 -11.78 33.31
CA MET C 88 -17.80 -10.94 32.68
C MET C 88 -16.67 -10.57 33.64
N TRP C 89 -15.71 -9.81 33.10
CA TRP C 89 -14.37 -9.72 33.68
C TRP C 89 -14.30 -8.88 34.95
N GLY C 90 -14.62 -7.59 34.88
CA GLY C 90 -14.28 -6.71 35.99
C GLY C 90 -15.25 -5.64 36.47
N GLY C 91 -16.55 -5.84 36.33
CA GLY C 91 -17.48 -4.95 37.01
C GLY C 91 -18.65 -4.47 36.20
N ALA C 92 -19.85 -4.79 36.69
CA ALA C 92 -21.12 -4.30 36.19
C ALA C 92 -22.15 -4.85 37.18
N TYR C 93 -23.15 -4.02 37.53
CA TYR C 93 -24.05 -4.33 38.64
C TYR C 93 -25.04 -5.47 38.37
N CYS C 94 -25.05 -6.06 37.18
CA CYS C 94 -25.96 -7.14 36.82
C CYS C 94 -25.25 -8.49 36.90
N PHE C 95 -25.22 -9.06 38.09
CA PHE C 95 -24.67 -10.37 38.39
C PHE C 95 -25.55 -11.11 39.39
N CYS C 96 -26.85 -11.05 39.21
CA CYS C 96 -27.78 -11.81 40.05
C CYS C 96 -27.90 -13.20 39.45
N ASP C 97 -28.52 -14.11 40.18
CA ASP C 97 -28.57 -15.50 39.74
C ASP C 97 -29.81 -15.85 38.93
N SER C 98 -30.86 -15.03 38.98
CA SER C 98 -32.12 -15.37 38.33
C SER C 98 -32.61 -14.15 37.55
N GLU C 99 -33.47 -14.41 36.56
CA GLU C 99 -34.10 -13.38 35.75
C GLU C 99 -33.16 -12.69 34.77
N ASN C 100 -32.03 -13.31 34.43
CA ASN C 100 -31.06 -12.73 33.50
C ASN C 100 -31.60 -12.82 32.07
N THR C 101 -31.33 -11.79 31.28
CA THR C 101 -31.71 -11.75 29.88
C THR C 101 -30.72 -10.83 29.19
N GLN C 102 -30.40 -11.14 27.94
CA GLN C 102 -29.36 -10.42 27.21
C GLN C 102 -30.02 -9.89 25.94
N MET C 103 -30.07 -8.58 25.81
CA MET C 103 -30.65 -7.97 24.62
C MET C 103 -29.58 -7.93 23.54
N SER C 104 -29.63 -8.88 22.62
CA SER C 104 -28.73 -8.91 21.49
C SER C 104 -29.45 -8.39 20.27
N GLU C 105 -28.90 -7.36 19.64
CA GLU C 105 -29.51 -6.74 18.48
C GLU C 105 -28.43 -6.52 17.42
N ALA C 106 -28.84 -6.68 16.16
CA ALA C 106 -27.92 -6.48 15.05
C ALA C 106 -28.74 -6.16 13.81
N TYR C 107 -28.10 -5.46 12.87
CA TYR C 107 -28.73 -5.06 11.63
C TYR C 107 -27.70 -5.20 10.51
N VAL C 108 -28.13 -5.73 9.38
CA VAL C 108 -27.24 -5.87 8.24
C VAL C 108 -27.02 -4.49 7.64
N GLU C 109 -25.83 -4.24 7.10
CA GLU C 109 -25.53 -2.96 6.48
C GLU C 109 -24.56 -3.18 5.33
N ARG C 110 -24.44 -2.16 4.48
CA ARG C 110 -23.53 -2.23 3.35
C ARG C 110 -22.09 -2.10 3.81
N ALA C 111 -21.19 -2.68 3.04
CA ALA C 111 -19.77 -2.61 3.36
C ALA C 111 -19.21 -1.24 3.03
N ASP C 112 -18.22 -0.82 3.81
CA ASP C 112 -17.68 0.52 3.68
C ASP C 112 -16.76 0.65 2.48
N VAL C 113 -16.34 -0.46 1.88
CA VAL C 113 -15.53 -0.39 0.68
C VAL C 113 -16.38 -0.42 -0.59
N CYS C 114 -17.69 -0.23 -0.45
CA CYS C 114 -18.57 -0.27 -1.61
C CYS C 114 -18.33 0.91 -2.53
N LYS C 115 -17.96 2.06 -1.96
CA LYS C 115 -17.52 3.20 -2.77
C LYS C 115 -16.21 2.92 -3.47
N HIS C 116 -15.35 2.10 -2.88
CA HIS C 116 -14.15 1.62 -3.54
C HIS C 116 -14.46 0.67 -4.69
N ASP C 117 -15.25 -0.36 -4.46
CA ASP C 117 -15.60 -1.34 -5.49
C ASP C 117 -17.07 -1.66 -5.38
N HIS C 118 -17.78 -1.57 -6.48
CA HIS C 118 -19.18 -1.98 -6.54
C HIS C 118 -19.26 -3.15 -7.51
N ALA C 119 -20.48 -3.54 -7.85
CA ALA C 119 -20.68 -4.53 -8.90
C ALA C 119 -22.00 -4.22 -9.57
N ALA C 120 -21.96 -3.46 -10.65
CA ALA C 120 -23.19 -3.02 -11.30
C ALA C 120 -23.74 -4.13 -12.18
N ALA C 121 -25.05 -4.08 -12.41
CA ALA C 121 -25.72 -4.96 -13.34
C ALA C 121 -26.69 -4.15 -14.17
N TYR C 122 -26.34 -3.95 -15.44
CA TYR C 122 -27.13 -3.12 -16.34
C TYR C 122 -27.96 -4.01 -17.23
N ARG C 123 -29.25 -3.72 -17.32
CA ARG C 123 -30.04 -4.20 -18.42
C ARG C 123 -29.56 -3.50 -19.69
N ALA C 124 -29.62 -4.22 -20.80
CA ALA C 124 -28.92 -3.83 -22.02
C ALA C 124 -29.88 -3.16 -22.99
N HIS C 125 -29.57 -1.93 -23.37
CA HIS C 125 -30.26 -1.24 -24.44
C HIS C 125 -29.32 -1.29 -25.64
N THR C 126 -29.71 -0.65 -26.74
CA THR C 126 -28.97 -0.72 -27.98
C THR C 126 -27.69 0.10 -27.91
N ALA C 127 -26.77 -0.17 -28.83
CA ALA C 127 -25.50 0.53 -28.91
C ALA C 127 -25.34 1.12 -30.30
N SER C 128 -24.37 2.01 -30.44
CA SER C 128 -24.14 2.71 -31.71
C SER C 128 -22.69 2.57 -32.12
N LEU C 129 -22.47 2.14 -33.37
CA LEU C 129 -21.14 1.95 -33.93
C LEU C 129 -20.45 3.31 -34.08
N ARG C 130 -19.26 3.41 -33.48
CA ARG C 130 -18.49 4.65 -33.50
C ARG C 130 -17.20 4.32 -34.24
N ALA C 131 -16.99 4.93 -35.39
CA ALA C 131 -15.84 4.62 -36.23
C ALA C 131 -14.89 5.80 -36.36
N LYS C 132 -13.72 5.53 -36.93
CA LYS C 132 -12.81 6.56 -37.39
C LYS C 132 -12.26 6.10 -38.74
N ILE C 133 -12.69 6.79 -39.78
CA ILE C 133 -12.33 6.43 -41.15
C ILE C 133 -11.17 7.33 -41.54
N LYS C 134 -10.01 6.74 -41.75
CA LYS C 134 -8.98 7.39 -42.54
C LYS C 134 -9.50 7.47 -43.97
N VAL C 135 -9.75 8.67 -44.43
CA VAL C 135 -10.16 8.90 -45.81
C VAL C 135 -9.01 9.54 -46.55
N THR C 136 -8.64 8.90 -47.66
CA THR C 136 -7.71 9.46 -48.62
C THR C 136 -8.47 9.56 -49.92
N TYR C 137 -9.21 10.65 -50.08
CA TYR C 137 -9.87 10.98 -51.33
C TYR C 137 -9.01 12.01 -52.01
N GLY C 138 -8.06 11.52 -52.80
CA GLY C 138 -7.11 12.36 -53.51
C GLY C 138 -6.19 13.09 -52.57
N THR C 139 -6.22 14.42 -52.64
CA THR C 139 -5.50 15.24 -51.69
C THR C 139 -6.11 15.24 -50.31
N VAL C 140 -7.36 14.82 -50.15
CA VAL C 140 -7.94 14.71 -48.83
C VAL C 140 -7.35 13.48 -48.16
N ASN C 141 -6.33 13.69 -47.34
CA ASN C 141 -5.69 12.61 -46.62
C ASN C 141 -5.78 12.91 -45.13
N GLN C 142 -6.72 12.25 -44.45
CA GLN C 142 -6.86 12.44 -43.02
C GLN C 142 -7.93 11.53 -42.48
N THR C 143 -7.93 11.34 -41.17
CA THR C 143 -8.95 10.55 -40.51
C THR C 143 -10.08 11.49 -40.10
N VAL C 144 -11.25 10.92 -39.94
CA VAL C 144 -12.37 11.58 -39.30
C VAL C 144 -13.07 10.56 -38.43
N GLU C 145 -13.40 10.93 -37.22
CA GLU C 145 -14.11 10.04 -36.30
C GLU C 145 -15.58 10.43 -36.37
N ALA C 146 -16.45 9.48 -36.08
CA ALA C 146 -17.89 9.74 -36.11
C ALA C 146 -18.65 8.60 -35.46
N TYR C 147 -19.55 8.93 -34.56
CA TYR C 147 -20.56 7.98 -34.13
C TYR C 147 -21.49 7.71 -35.31
N VAL C 148 -21.38 6.50 -35.85
CA VAL C 148 -21.81 6.22 -37.21
C VAL C 148 -23.21 5.62 -37.22
N ASN C 149 -24.03 5.99 -36.23
CA ASN C 149 -25.38 5.46 -36.13
C ASN C 149 -26.32 6.02 -37.20
N GLY C 150 -25.92 7.07 -37.90
CA GLY C 150 -26.70 7.55 -39.02
C GLY C 150 -27.18 8.97 -38.90
N ASP C 151 -27.30 9.50 -37.70
CA ASP C 151 -27.66 10.90 -37.52
C ASP C 151 -26.47 11.83 -37.59
N HIS C 152 -25.44 11.57 -36.78
CA HIS C 152 -24.31 12.47 -36.66
C HIS C 152 -23.40 12.33 -37.87
N ALA C 153 -23.80 12.93 -38.98
CA ALA C 153 -23.06 12.88 -40.23
C ALA C 153 -21.84 13.75 -40.08
N VAL C 154 -20.73 13.31 -40.67
CA VAL C 154 -19.44 13.95 -40.49
C VAL C 154 -19.29 14.99 -41.59
N THR C 155 -18.96 16.21 -41.19
CA THR C 155 -18.61 17.23 -42.17
C THR C 155 -17.17 17.02 -42.59
N ILE C 156 -16.96 16.43 -43.76
CA ILE C 156 -15.62 16.21 -44.27
C ILE C 156 -15.11 17.51 -44.88
N ALA C 157 -13.82 17.54 -45.21
CA ALA C 157 -13.19 18.77 -45.68
C ALA C 157 -13.63 19.07 -47.10
N GLY C 158 -14.76 19.75 -47.22
CA GLY C 158 -15.38 19.92 -48.52
C GLY C 158 -16.22 18.74 -48.94
N THR C 159 -16.47 17.81 -48.04
CA THR C 159 -17.25 16.62 -48.33
C THR C 159 -18.20 16.36 -47.18
N LYS C 160 -19.05 15.35 -47.34
CA LYS C 160 -19.99 14.95 -46.32
C LYS C 160 -19.93 13.43 -46.20
N PHE C 161 -19.82 12.93 -44.99
CA PHE C 161 -19.86 11.50 -44.75
C PHE C 161 -21.15 11.16 -44.01
N ILE C 162 -21.92 10.23 -44.58
CA ILE C 162 -22.94 9.51 -43.87
C ILE C 162 -22.46 8.08 -43.76
N PHE C 163 -21.68 7.79 -42.73
CA PHE C 163 -21.14 6.46 -42.51
C PHE C 163 -22.17 5.73 -41.68
N GLY C 164 -22.84 4.74 -42.25
CA GLY C 164 -23.88 4.04 -41.55
C GLY C 164 -25.17 4.82 -41.60
N PRO C 165 -26.13 4.49 -40.71
CA PRO C 165 -26.20 3.45 -39.70
C PRO C 165 -26.51 2.09 -40.29
N VAL C 166 -25.64 1.12 -39.99
CA VAL C 166 -25.86 -0.24 -40.44
C VAL C 166 -26.74 -0.95 -39.42
N SER C 167 -27.35 -2.05 -39.84
CA SER C 167 -28.28 -2.78 -38.99
C SER C 167 -27.71 -4.05 -38.39
N THR C 168 -26.46 -4.05 -37.98
CA THR C 168 -25.87 -5.30 -37.55
C THR C 168 -26.08 -5.51 -36.06
N PRO C 169 -26.76 -6.56 -35.65
CA PRO C 169 -26.81 -6.93 -34.23
C PRO C 169 -25.67 -7.85 -33.78
N TRP C 170 -24.46 -7.56 -34.24
CA TRP C 170 -23.29 -8.24 -33.72
C TRP C 170 -22.98 -7.68 -32.35
N THR C 171 -23.61 -8.26 -31.34
CA THR C 171 -23.78 -7.51 -30.12
C THR C 171 -22.92 -8.16 -29.05
N PRO C 172 -22.01 -7.41 -28.45
CA PRO C 172 -21.23 -7.97 -27.34
C PRO C 172 -22.00 -7.98 -26.06
N PHE C 173 -23.07 -7.23 -25.98
CA PHE C 173 -23.91 -7.22 -24.79
C PHE C 173 -24.79 -8.47 -24.77
N ASP C 174 -25.12 -8.91 -23.56
CA ASP C 174 -26.27 -9.78 -23.33
C ASP C 174 -27.46 -8.92 -22.91
N THR C 175 -28.51 -9.59 -22.42
CA THR C 175 -29.65 -8.86 -21.89
C THR C 175 -29.32 -8.21 -20.55
N LYS C 176 -28.69 -8.96 -19.65
CA LYS C 176 -28.27 -8.42 -18.36
C LYS C 176 -26.77 -8.61 -18.28
N ILE C 177 -26.03 -7.52 -18.14
CA ILE C 177 -24.58 -7.54 -18.13
C ILE C 177 -24.11 -7.11 -16.76
N LEU C 178 -23.26 -7.92 -16.15
CA LEU C 178 -22.65 -7.57 -14.88
C LEU C 178 -21.28 -6.96 -15.13
N VAL C 179 -21.08 -5.75 -14.61
CA VAL C 179 -19.84 -5.03 -14.75
C VAL C 179 -19.25 -4.95 -13.34
N TYR C 180 -18.00 -5.35 -13.19
CA TYR C 180 -17.35 -5.40 -11.88
C TYR C 180 -15.85 -5.39 -12.09
N LYS C 181 -15.22 -4.29 -11.68
CA LYS C 181 -13.76 -4.23 -11.66
C LYS C 181 -13.21 -3.99 -13.05
N GLY C 182 -14.07 -3.64 -13.99
CA GLY C 182 -13.69 -3.60 -15.38
C GLY C 182 -14.12 -4.87 -16.09
N GLU C 183 -14.30 -5.94 -15.33
CA GLU C 183 -14.65 -7.21 -15.94
C GLU C 183 -16.13 -7.23 -16.28
N LEU C 184 -16.43 -7.61 -17.52
CA LEU C 184 -17.79 -7.78 -17.97
C LEU C 184 -18.16 -9.23 -17.75
N TYR C 185 -19.47 -9.49 -17.70
CA TYR C 185 -19.94 -10.87 -17.56
C TYR C 185 -21.36 -10.90 -18.05
N ASN C 186 -21.60 -11.64 -19.12
CA ASN C 186 -22.96 -11.83 -19.58
C ASN C 186 -23.61 -12.95 -18.76
N GLN C 187 -24.02 -12.61 -17.55
CA GLN C 187 -24.70 -13.58 -16.68
C GLN C 187 -25.90 -12.86 -16.09
N ASP C 188 -27.04 -13.54 -16.00
CA ASP C 188 -28.30 -12.93 -15.58
C ASP C 188 -28.30 -12.73 -14.06
N PHE C 189 -28.51 -11.49 -13.65
CA PHE C 189 -28.52 -11.15 -12.23
C PHE C 189 -29.86 -11.55 -11.62
N PRO C 190 -29.98 -11.57 -10.30
CA PRO C 190 -31.30 -11.78 -9.70
C PRO C 190 -32.09 -10.48 -9.70
N ARG C 191 -33.29 -10.54 -9.13
CA ARG C 191 -34.19 -9.40 -9.17
C ARG C 191 -33.71 -8.28 -8.24
N TYR C 192 -33.95 -7.04 -8.69
CA TYR C 192 -33.49 -5.87 -7.97
C TYR C 192 -34.43 -5.59 -6.81
N GLY C 193 -34.03 -6.10 -5.64
CA GLY C 193 -34.97 -6.26 -4.55
C GLY C 193 -35.65 -7.61 -4.55
N ALA C 194 -35.70 -8.29 -5.71
CA ALA C 194 -36.24 -9.63 -5.81
C ALA C 194 -35.14 -10.66 -5.95
N GLY C 195 -34.06 -10.51 -5.18
CA GLY C 195 -33.02 -11.51 -5.20
C GLY C 195 -33.28 -12.61 -4.18
N GLN C 196 -32.49 -13.67 -4.26
CA GLN C 196 -32.50 -14.80 -3.34
C GLN C 196 -31.18 -14.86 -2.60
N PRO C 197 -31.17 -15.38 -1.38
CA PRO C 197 -29.93 -15.37 -0.59
C PRO C 197 -28.96 -16.42 -1.09
N GLY C 198 -27.68 -16.09 -1.02
CA GLY C 198 -26.66 -17.00 -1.52
C GLY C 198 -26.51 -16.95 -3.02
N ARG C 199 -26.56 -15.76 -3.60
CA ARG C 199 -26.39 -15.58 -5.03
C ARG C 199 -25.57 -14.33 -5.24
N PHE C 200 -25.12 -14.16 -6.49
CA PHE C 200 -24.31 -13.00 -6.85
C PHE C 200 -25.21 -11.77 -6.84
N GLY C 201 -25.16 -11.03 -5.74
CA GLY C 201 -26.15 -10.02 -5.47
C GLY C 201 -27.04 -10.28 -4.27
N ASP C 202 -26.49 -10.80 -3.17
CA ASP C 202 -27.25 -10.94 -1.93
C ASP C 202 -27.64 -9.61 -1.30
N ILE C 203 -26.93 -8.53 -1.57
CA ILE C 203 -27.38 -7.20 -1.19
C ILE C 203 -27.83 -6.52 -2.48
N GLN C 204 -29.14 -6.35 -2.64
CA GLN C 204 -29.69 -5.81 -3.88
C GLN C 204 -29.48 -4.30 -3.91
N SER C 205 -28.92 -3.81 -5.02
CA SER C 205 -28.64 -2.40 -5.17
C SER C 205 -29.67 -1.78 -6.10
N ARG C 206 -30.81 -1.39 -5.52
CA ARG C 206 -31.84 -0.69 -6.29
C ARG C 206 -31.37 0.71 -6.67
N THR C 207 -30.53 1.30 -5.84
CA THR C 207 -29.77 2.49 -6.19
C THR C 207 -28.30 2.18 -5.93
N LEU C 208 -27.44 2.96 -6.58
CA LEU C 208 -25.99 2.73 -6.43
C LEU C 208 -25.49 3.29 -5.12
N ASP C 209 -25.58 4.61 -4.94
CA ASP C 209 -25.41 5.21 -3.64
C ASP C 209 -26.75 5.43 -2.93
N SER C 210 -27.73 4.58 -3.22
CA SER C 210 -29.10 4.82 -2.76
C SER C 210 -29.26 4.48 -1.29
N ARG C 211 -30.15 5.22 -0.63
CA ARG C 211 -30.39 5.09 0.81
C ARG C 211 -31.09 3.81 1.21
N ASP C 212 -31.84 3.18 0.31
CA ASP C 212 -32.49 1.93 0.64
C ASP C 212 -31.46 0.79 0.64
N LEU C 213 -31.78 -0.28 1.36
CA LEU C 213 -30.84 -1.37 1.49
C LEU C 213 -31.53 -2.67 1.11
N TYR C 214 -31.54 -2.95 -0.18
CA TYR C 214 -32.19 -4.14 -0.68
C TYR C 214 -31.31 -5.34 -0.39
N ALA C 215 -31.94 -6.37 0.16
CA ALA C 215 -31.18 -7.58 0.43
C ALA C 215 -32.09 -8.57 1.14
N ASN C 216 -31.67 -9.83 1.12
CA ASN C 216 -32.29 -10.89 1.90
C ASN C 216 -31.22 -11.75 2.53
N THR C 217 -30.22 -11.10 3.14
CA THR C 217 -29.09 -11.82 3.72
C THR C 217 -29.53 -12.59 4.96
N GLY C 218 -28.94 -13.75 5.15
CA GLY C 218 -29.44 -14.68 6.14
C GLY C 218 -28.83 -14.54 7.52
N LEU C 219 -29.16 -13.47 8.23
CA LEU C 219 -28.71 -13.33 9.60
C LEU C 219 -29.52 -14.25 10.50
N LYS C 220 -28.88 -14.78 11.53
CA LYS C 220 -29.54 -15.66 12.49
C LYS C 220 -28.79 -15.55 13.80
N LEU C 221 -29.31 -14.74 14.72
CA LEU C 221 -28.70 -14.65 16.04
C LEU C 221 -29.08 -15.88 16.85
N ALA C 222 -28.21 -16.24 17.80
CA ALA C 222 -28.39 -17.45 18.58
C ALA C 222 -28.04 -17.18 20.03
N ARG C 223 -28.66 -17.98 20.91
CA ARG C 223 -28.49 -17.78 22.35
C ARG C 223 -27.11 -18.27 22.76
N PRO C 224 -26.18 -17.36 23.01
CA PRO C 224 -24.77 -17.75 23.15
C PRO C 224 -24.43 -18.37 24.49
N ALA C 225 -23.15 -18.65 24.70
CA ALA C 225 -22.67 -19.28 25.93
C ALA C 225 -22.68 -18.26 27.04
N ALA C 226 -23.61 -18.43 27.98
CA ALA C 226 -23.84 -17.45 29.04
C ALA C 226 -22.72 -17.54 30.08
N GLY C 227 -22.09 -16.41 30.36
CA GLY C 227 -20.84 -16.36 31.07
C GLY C 227 -19.78 -15.60 30.31
N ASN C 228 -19.73 -15.75 29.00
CA ASN C 228 -18.96 -14.87 28.13
C ASN C 228 -19.93 -14.03 27.30
N ILE C 229 -19.52 -12.81 27.02
CA ILE C 229 -20.30 -11.87 26.22
C ILE C 229 -20.16 -12.36 24.78
N HIS C 230 -21.09 -13.18 24.33
CA HIS C 230 -21.04 -13.70 22.98
C HIS C 230 -22.45 -13.69 22.41
N VAL C 231 -22.70 -12.71 21.55
CA VAL C 231 -24.01 -12.62 20.90
C VAL C 231 -23.77 -13.38 19.61
N PRO C 232 -24.02 -14.69 19.59
CA PRO C 232 -23.65 -15.50 18.43
C PRO C 232 -24.63 -15.29 17.30
N TYR C 233 -24.17 -14.55 16.30
CA TYR C 233 -25.00 -14.26 15.14
C TYR C 233 -24.45 -15.07 13.99
N THR C 234 -25.23 -16.06 13.55
CA THR C 234 -24.82 -16.94 12.46
C THR C 234 -25.40 -16.35 11.20
N GLN C 235 -24.54 -15.78 10.35
CA GLN C 235 -24.97 -15.15 9.12
C GLN C 235 -24.81 -16.13 7.98
N THR C 236 -25.36 -15.78 6.83
CA THR C 236 -25.11 -16.55 5.63
C THR C 236 -23.72 -16.21 5.12
N PRO C 237 -23.16 -17.05 4.24
CA PRO C 237 -21.85 -16.74 3.67
C PRO C 237 -21.95 -15.57 2.70
N SER C 238 -20.83 -14.88 2.51
CA SER C 238 -20.80 -13.65 1.72
C SER C 238 -21.00 -13.95 0.25
N GLY C 239 -22.28 -13.92 -0.18
CA GLY C 239 -22.64 -14.40 -1.51
C GLY C 239 -22.21 -13.46 -2.61
N PHE C 240 -22.00 -12.18 -2.27
CA PHE C 240 -21.38 -11.26 -3.21
C PHE C 240 -19.91 -11.58 -3.35
N LYS C 241 -19.25 -11.87 -2.23
CA LYS C 241 -17.86 -12.29 -2.30
C LYS C 241 -17.76 -13.70 -2.83
N THR C 242 -18.80 -14.50 -2.64
CA THR C 242 -18.77 -15.85 -3.16
C THR C 242 -19.03 -15.92 -4.65
N TRP C 243 -19.54 -14.85 -5.25
CA TRP C 243 -19.94 -14.89 -6.66
C TRP C 243 -19.03 -14.04 -7.54
N GLN C 244 -18.56 -12.92 -7.03
CA GLN C 244 -17.50 -12.18 -7.70
C GLN C 244 -16.17 -12.87 -7.51
N LYS C 245 -15.73 -13.02 -6.26
CA LYS C 245 -14.61 -13.90 -6.01
C LYS C 245 -15.08 -15.34 -6.20
N ASP C 246 -14.24 -16.14 -6.84
CA ASP C 246 -14.67 -17.45 -7.30
C ASP C 246 -15.66 -17.24 -8.44
N ARG C 247 -15.39 -16.27 -9.29
CA ARG C 247 -16.30 -15.91 -10.37
C ARG C 247 -16.21 -16.89 -11.52
N ASP C 248 -17.07 -16.69 -12.52
CA ASP C 248 -17.02 -17.44 -13.77
C ASP C 248 -16.08 -16.74 -14.75
N SER C 249 -16.09 -17.17 -16.01
CA SER C 249 -15.20 -16.59 -17.01
C SER C 249 -15.65 -15.18 -17.36
N PRO C 250 -14.72 -14.28 -17.72
CA PRO C 250 -15.11 -12.89 -17.95
C PRO C 250 -15.82 -12.74 -19.28
N LEU C 251 -16.65 -11.70 -19.37
CA LEU C 251 -17.28 -11.37 -20.65
C LEU C 251 -16.29 -10.78 -21.63
N ASN C 252 -15.21 -10.16 -21.13
CA ASN C 252 -14.06 -9.86 -21.96
C ASN C 252 -13.42 -11.12 -22.50
N ALA C 253 -13.44 -12.20 -21.76
CA ALA C 253 -13.11 -13.48 -22.33
C ALA C 253 -14.28 -13.95 -23.19
N LYS C 254 -13.97 -14.84 -24.14
CA LYS C 254 -14.99 -15.47 -24.97
C LYS C 254 -15.60 -14.47 -25.93
N ALA C 255 -14.81 -13.48 -26.33
CA ALA C 255 -15.34 -12.31 -27.01
C ALA C 255 -15.73 -12.64 -28.45
N PRO C 256 -17.01 -12.79 -28.75
CA PRO C 256 -17.42 -12.91 -30.15
C PRO C 256 -17.24 -11.57 -30.85
N PHE C 257 -17.04 -11.63 -32.16
CA PHE C 257 -16.79 -10.43 -32.96
C PHE C 257 -15.34 -9.95 -32.87
N GLY C 258 -14.52 -10.60 -32.05
CA GLY C 258 -13.18 -10.12 -31.76
C GLY C 258 -13.14 -8.77 -31.08
N CYS C 259 -14.07 -8.48 -30.19
CA CYS C 259 -14.21 -7.13 -29.68
C CYS C 259 -13.26 -6.89 -28.52
N ILE C 260 -12.70 -5.70 -28.45
CA ILE C 260 -12.00 -5.26 -27.25
C ILE C 260 -13.06 -4.74 -26.30
N ILE C 261 -13.56 -5.61 -25.44
CA ILE C 261 -14.61 -5.24 -24.50
C ILE C 261 -13.99 -4.44 -23.37
N GLN C 262 -14.11 -3.11 -23.44
CA GLN C 262 -13.51 -2.24 -22.44
C GLN C 262 -14.59 -1.35 -21.84
N THR C 263 -14.47 -1.08 -20.54
CA THR C 263 -15.52 -0.28 -19.90
C THR C 263 -14.91 0.93 -19.19
N ASN C 264 -14.55 1.94 -19.96
CA ASN C 264 -14.52 3.25 -19.36
C ASN C 264 -15.98 3.61 -19.37
N PRO C 265 -16.55 3.73 -20.56
CA PRO C 265 -17.95 3.35 -20.73
C PRO C 265 -17.96 1.95 -21.30
N VAL C 266 -18.94 1.15 -20.89
CA VAL C 266 -18.99 -0.27 -21.22
C VAL C 266 -19.28 -0.43 -22.71
N ARG C 267 -18.27 -0.83 -23.47
CA ARG C 267 -18.43 -0.97 -24.91
C ARG C 267 -17.38 -1.92 -25.46
N ALA C 268 -17.80 -2.75 -26.39
CA ALA C 268 -16.86 -3.58 -27.13
C ALA C 268 -16.26 -2.72 -28.23
N MET C 269 -15.23 -1.96 -27.88
CA MET C 269 -14.53 -1.08 -28.81
C MET C 269 -13.75 -1.92 -29.81
N ASN C 270 -13.72 -1.42 -31.04
CA ASN C 270 -12.97 -1.98 -32.16
C ASN C 270 -13.43 -3.37 -32.57
N CYS C 271 -14.68 -3.71 -32.32
CA CYS C 271 -15.19 -5.05 -32.64
C CYS C 271 -15.34 -5.22 -34.13
N ALA C 272 -14.66 -6.20 -34.70
CA ALA C 272 -14.61 -6.39 -36.15
C ALA C 272 -15.83 -7.18 -36.60
N VAL C 273 -16.67 -6.55 -37.42
CA VAL C 273 -17.82 -7.23 -37.99
C VAL C 273 -18.37 -6.37 -39.12
N GLY C 274 -18.98 -7.02 -40.11
CA GLY C 274 -19.80 -6.35 -41.10
C GLY C 274 -19.04 -5.48 -42.09
N ASN C 275 -19.81 -4.66 -42.79
CA ASN C 275 -19.24 -3.63 -43.67
C ASN C 275 -20.06 -2.36 -43.48
N ILE C 276 -19.35 -1.27 -43.17
CA ILE C 276 -19.99 0.00 -42.87
C ILE C 276 -20.42 0.64 -44.18
N PRO C 277 -21.68 1.07 -44.29
CA PRO C 277 -22.13 1.76 -45.50
C PRO C 277 -21.84 3.25 -45.42
N VAL C 278 -21.03 3.72 -46.35
CA VAL C 278 -20.64 5.12 -46.41
C VAL C 278 -21.27 5.75 -47.64
N SER C 279 -22.17 6.69 -47.41
CA SER C 279 -22.65 7.60 -48.44
C SER C 279 -21.82 8.85 -48.35
N MET C 280 -21.40 9.37 -49.50
CA MET C 280 -20.43 10.46 -49.50
C MET C 280 -20.93 11.58 -50.40
N ASP C 281 -21.21 12.73 -49.79
CA ASP C 281 -21.34 13.97 -50.54
C ASP C 281 -19.96 14.41 -50.97
N ILE C 282 -19.55 13.98 -52.15
CA ILE C 282 -18.20 14.22 -52.67
C ILE C 282 -18.24 15.63 -53.24
N ALA C 283 -17.28 16.45 -52.87
CA ALA C 283 -17.14 17.76 -53.46
C ALA C 283 -16.60 17.64 -54.87
N ASP C 284 -16.94 18.60 -55.72
CA ASP C 284 -16.39 18.62 -57.06
C ASP C 284 -14.94 19.07 -57.06
N SER C 285 -14.51 19.82 -56.02
CA SER C 285 -13.16 20.32 -55.91
C SER C 285 -12.12 19.23 -55.72
N ALA C 286 -12.53 18.05 -55.27
CA ALA C 286 -11.64 16.89 -55.22
C ALA C 286 -11.58 16.18 -56.56
N PHE C 287 -12.60 16.31 -57.39
CA PHE C 287 -12.56 15.79 -58.74
C PHE C 287 -11.68 16.72 -59.56
N THR C 288 -10.44 16.30 -59.82
CA THR C 288 -9.54 17.02 -60.71
C THR C 288 -10.09 16.90 -62.12
N ARG C 289 -9.94 17.97 -62.90
CA ARG C 289 -10.67 18.11 -64.16
C ARG C 289 -10.13 17.18 -65.23
N LEU C 290 -11.01 16.80 -66.16
CA LEU C 290 -10.62 15.86 -67.19
C LEU C 290 -9.71 16.50 -68.22
N THR C 291 -9.81 17.81 -68.40
CA THR C 291 -8.96 18.49 -69.35
C THR C 291 -7.58 18.79 -68.82
N ASP C 292 -7.30 18.49 -67.55
CA ASP C 292 -6.01 18.75 -66.97
C ASP C 292 -5.19 17.50 -66.67
N ALA C 293 -5.78 16.31 -66.76
CA ALA C 293 -5.18 15.10 -66.19
C ALA C 293 -4.07 14.54 -67.07
N PRO C 294 -3.40 13.47 -66.65
CA PRO C 294 -2.37 12.87 -67.49
C PRO C 294 -3.01 12.10 -68.64
N VAL C 295 -2.69 12.53 -69.86
CA VAL C 295 -3.25 11.94 -71.06
C VAL C 295 -2.60 10.59 -71.29
N ILE C 296 -3.26 9.52 -70.86
CA ILE C 296 -2.64 8.21 -70.92
C ILE C 296 -2.82 7.63 -72.31
N SER C 297 -1.86 6.80 -72.71
CA SER C 297 -1.96 6.12 -73.99
C SER C 297 -1.14 4.84 -73.92
N GLU C 298 -1.75 3.77 -74.41
CA GLU C 298 -1.09 2.47 -74.58
C GLU C 298 -0.66 1.85 -73.25
N LEU C 299 -1.61 1.63 -72.35
CA LEU C 299 -1.29 1.09 -71.04
C LEU C 299 -0.96 -0.38 -71.14
N THR C 300 0.26 -0.74 -70.75
CA THR C 300 0.73 -2.12 -70.86
C THR C 300 1.02 -2.62 -69.45
N CYS C 301 0.05 -3.30 -68.87
CA CYS C 301 0.16 -3.80 -67.51
C CYS C 301 0.33 -5.32 -67.54
N THR C 302 1.40 -5.80 -66.95
CA THR C 302 1.61 -7.22 -66.77
C THR C 302 2.07 -7.45 -65.33
N VAL C 303 1.69 -8.60 -64.79
CA VAL C 303 2.02 -8.98 -63.43
C VAL C 303 3.20 -9.92 -63.50
N SER C 304 4.23 -9.62 -62.70
CA SER C 304 5.41 -10.49 -62.69
C SER C 304 5.30 -11.57 -61.64
N THR C 305 5.18 -11.21 -60.38
CA THR C 305 5.17 -12.21 -59.32
C THR C 305 3.81 -12.20 -58.66
N CYS C 306 3.38 -13.39 -58.22
CA CYS C 306 2.09 -13.54 -57.59
C CYS C 306 2.28 -14.36 -56.32
N THR C 307 1.76 -13.84 -55.21
CA THR C 307 1.75 -14.54 -53.94
C THR C 307 0.31 -14.55 -53.44
N HIS C 308 -0.25 -15.75 -53.30
CA HIS C 308 -1.70 -15.87 -53.18
C HIS C 308 -2.21 -15.52 -51.79
N SER C 309 -1.32 -15.34 -50.81
CA SER C 309 -1.73 -15.12 -49.44
C SER C 309 -0.99 -14.01 -48.71
N SER C 310 -0.74 -12.89 -49.37
CA SER C 310 0.15 -11.90 -48.79
C SER C 310 -0.54 -10.54 -48.74
N ASP C 311 0.20 -9.53 -48.34
CA ASP C 311 -0.32 -8.16 -48.26
C ASP C 311 -0.12 -7.49 -49.63
N PHE C 312 1.13 -7.36 -50.09
CA PHE C 312 1.41 -6.76 -51.39
C PHE C 312 1.03 -7.72 -52.51
N GLY C 313 1.26 -9.01 -52.29
CA GLY C 313 0.69 -10.07 -53.08
C GLY C 313 1.24 -10.23 -54.49
N GLY C 314 0.91 -9.27 -55.36
CA GLY C 314 1.34 -9.30 -56.73
C GLY C 314 2.25 -8.11 -57.04
N ILE C 315 3.19 -8.33 -57.93
CA ILE C 315 4.05 -7.27 -58.42
C ILE C 315 3.63 -7.06 -59.87
N ALA C 316 2.97 -5.94 -60.14
CA ALA C 316 2.57 -5.59 -61.49
C ALA C 316 3.42 -4.44 -62.01
N VAL C 317 3.55 -4.36 -63.33
CA VAL C 317 4.27 -3.28 -63.98
C VAL C 317 3.39 -2.75 -65.09
N LEU C 318 2.93 -1.51 -64.92
CA LEU C 318 2.07 -0.86 -65.90
C LEU C 318 2.96 0.00 -66.77
N SER C 319 2.96 -0.25 -68.08
CA SER C 319 3.76 0.54 -69.00
C SER C 319 2.83 1.31 -69.94
N TYR C 320 2.54 2.54 -69.56
CA TYR C 320 1.69 3.39 -70.38
C TYR C 320 2.53 4.55 -70.89
N LYS C 321 2.40 4.81 -72.19
CA LYS C 321 3.11 5.91 -72.83
C LYS C 321 2.30 7.18 -72.68
N VAL C 322 2.74 8.05 -71.80
CA VAL C 322 1.91 9.16 -71.32
C VAL C 322 2.04 10.32 -72.29
N GLU C 323 0.91 10.74 -72.87
CA GLU C 323 0.91 11.97 -73.65
C GLU C 323 0.94 13.18 -72.73
N LYS C 324 0.12 13.17 -71.68
CA LYS C 324 0.24 14.18 -70.64
C LYS C 324 0.76 13.47 -69.40
N SER C 325 1.47 14.22 -68.56
CA SER C 325 2.06 13.64 -67.37
C SER C 325 1.22 13.95 -66.15
N GLY C 326 1.63 13.45 -65.00
CA GLY C 326 0.97 13.80 -63.77
C GLY C 326 0.89 12.63 -62.82
N ARG C 327 0.06 12.83 -61.79
CA ARG C 327 -0.27 11.78 -60.83
C ARG C 327 -1.13 10.72 -61.49
N CYS C 328 -0.88 9.47 -61.14
CA CYS C 328 -1.65 8.36 -61.67
C CYS C 328 -2.80 8.03 -60.72
N ASP C 329 -4.01 8.27 -61.20
CA ASP C 329 -5.17 7.66 -60.57
C ASP C 329 -5.20 6.19 -60.93
N ILE C 330 -4.86 5.35 -59.96
CA ILE C 330 -4.63 3.94 -60.24
C ILE C 330 -5.73 3.04 -59.70
N HIS C 331 -6.98 3.50 -59.66
CA HIS C 331 -8.05 2.76 -59.03
C HIS C 331 -8.41 1.53 -59.85
N SER C 332 -8.21 0.37 -59.24
CA SER C 332 -8.53 -0.88 -59.91
C SER C 332 -10.04 -1.04 -59.91
N HIS C 333 -10.59 -1.33 -61.08
CA HIS C 333 -12.02 -1.49 -61.23
C HIS C 333 -12.42 -2.97 -61.24
N SER C 334 -11.73 -3.80 -60.48
CA SER C 334 -12.00 -5.24 -60.47
C SER C 334 -12.04 -5.70 -59.02
N ASN C 335 -12.87 -6.71 -58.74
CA ASN C 335 -13.09 -7.10 -57.35
C ASN C 335 -12.22 -8.27 -56.91
N VAL C 336 -11.42 -8.82 -57.82
CA VAL C 336 -10.67 -10.02 -57.50
C VAL C 336 -9.43 -9.67 -56.69
N ALA C 337 -8.90 -8.47 -56.87
CA ALA C 337 -7.60 -8.16 -56.30
C ALA C 337 -7.57 -6.74 -55.79
N VAL C 338 -6.58 -6.44 -54.94
CA VAL C 338 -6.41 -5.12 -54.37
C VAL C 338 -5.03 -4.60 -54.76
N LEU C 339 -5.01 -3.41 -55.36
CA LEU C 339 -3.77 -2.72 -55.68
C LEU C 339 -3.30 -2.04 -54.42
N GLN C 340 -2.05 -1.58 -54.41
CA GLN C 340 -1.52 -0.88 -53.25
C GLN C 340 -2.18 0.47 -53.07
N GLU C 341 -2.04 1.36 -54.06
CA GLU C 341 -2.78 2.61 -54.03
C GLU C 341 -2.72 3.29 -55.39
N VAL C 342 -3.48 4.37 -55.55
CA VAL C 342 -3.49 5.12 -56.80
C VAL C 342 -2.58 6.32 -56.58
N SER C 343 -1.31 6.16 -56.93
CA SER C 343 -0.34 7.19 -56.64
C SER C 343 0.64 7.37 -57.80
N ILE C 344 0.32 6.77 -58.95
CA ILE C 344 1.23 6.51 -60.07
C ILE C 344 1.90 7.77 -60.63
N GLU C 345 3.07 7.59 -61.23
CA GLU C 345 3.90 8.69 -61.72
C GLU C 345 3.45 9.07 -63.12
N THR C 346 4.33 9.81 -63.80
CA THR C 346 4.23 9.98 -65.24
C THR C 346 4.28 8.60 -65.87
N GLU C 347 3.28 8.29 -66.70
CA GLU C 347 3.01 6.95 -67.18
C GLU C 347 4.11 6.44 -68.09
N GLY C 348 4.76 5.40 -67.63
CA GLY C 348 5.93 4.85 -68.26
C GLY C 348 5.98 3.38 -67.95
N ARG C 349 7.16 2.91 -67.58
CA ARG C 349 7.32 1.58 -67.01
C ARG C 349 7.26 1.76 -65.50
N SER C 350 6.06 1.91 -64.96
CA SER C 350 5.92 2.13 -63.53
C SER C 350 5.52 0.84 -62.83
N VAL C 351 5.90 0.74 -61.56
CA VAL C 351 5.61 -0.43 -60.75
C VAL C 351 4.23 -0.28 -60.13
N ILE C 352 3.70 -1.37 -59.58
CA ILE C 352 2.46 -1.36 -58.86
C ILE C 352 2.50 -2.59 -57.97
N HIS C 353 2.07 -2.45 -56.72
CA HIS C 353 1.88 -3.61 -55.85
C HIS C 353 0.39 -3.94 -55.86
N PHE C 354 0.06 -5.12 -56.40
CA PHE C 354 -1.33 -5.50 -56.57
C PHE C 354 -1.52 -6.94 -56.17
N SER C 355 -2.19 -7.15 -55.04
CA SER C 355 -2.39 -8.47 -54.47
C SER C 355 -3.85 -8.84 -54.45
N THR C 356 -4.12 -10.11 -54.16
CA THR C 356 -5.48 -10.62 -54.18
C THR C 356 -5.43 -12.05 -53.67
N ALA C 357 -6.55 -12.57 -53.22
CA ALA C 357 -6.61 -13.89 -52.63
C ALA C 357 -6.59 -15.00 -53.66
N SER C 358 -6.99 -14.74 -54.90
CA SER C 358 -7.21 -15.79 -55.88
C SER C 358 -5.89 -16.29 -56.44
N ALA C 359 -5.80 -17.60 -56.62
CA ALA C 359 -4.62 -18.20 -57.22
C ALA C 359 -4.58 -17.96 -58.73
N SER C 360 -5.75 -17.78 -59.34
CA SER C 360 -5.85 -17.45 -60.75
C SER C 360 -6.31 -16.00 -60.77
N PRO C 361 -5.41 -15.06 -60.52
CA PRO C 361 -5.84 -13.66 -60.43
C PRO C 361 -5.96 -13.04 -61.82
N SER C 362 -6.97 -12.19 -61.97
CA SER C 362 -7.11 -11.30 -63.11
C SER C 362 -7.70 -10.00 -62.58
N PHE C 363 -6.97 -8.91 -62.76
CA PHE C 363 -7.40 -7.61 -62.24
C PHE C 363 -7.78 -6.73 -63.42
N VAL C 364 -8.56 -5.70 -63.13
CA VAL C 364 -8.94 -4.68 -64.09
C VAL C 364 -8.55 -3.35 -63.45
N VAL C 365 -7.44 -2.82 -63.83
CA VAL C 365 -6.92 -1.59 -63.26
C VAL C 365 -7.31 -0.43 -64.15
N SER C 366 -7.81 0.62 -63.52
CA SER C 366 -8.10 1.86 -64.23
C SER C 366 -6.93 2.79 -63.89
N VAL C 367 -6.03 2.97 -64.84
CA VAL C 367 -4.82 3.75 -64.62
C VAL C 367 -5.04 5.11 -65.27
N CYS C 368 -5.29 6.14 -64.44
CA CYS C 368 -5.39 7.52 -64.89
C CYS C 368 -6.63 7.75 -65.75
N SER C 369 -7.68 6.95 -65.53
CA SER C 369 -8.84 6.96 -66.41
C SER C 369 -8.64 6.12 -67.66
N SER C 370 -7.47 5.54 -67.82
CA SER C 370 -7.27 4.54 -68.85
C SER C 370 -7.47 3.17 -68.22
N ARG C 371 -8.32 2.37 -68.85
CA ARG C 371 -8.79 1.15 -68.20
C ARG C 371 -8.24 -0.04 -68.96
N ALA C 372 -7.77 -1.03 -68.20
CA ALA C 372 -7.25 -2.27 -68.76
C ALA C 372 -7.40 -3.37 -67.73
N THR C 373 -7.02 -4.59 -68.12
CA THR C 373 -7.06 -5.75 -67.24
C THR C 373 -5.81 -6.58 -67.50
N CYS C 374 -5.32 -7.24 -66.47
CA CYS C 374 -4.18 -8.15 -66.58
C CYS C 374 -4.40 -9.37 -65.71
N THR C 375 -4.10 -10.56 -66.26
CA THR C 375 -4.25 -11.81 -65.54
C THR C 375 -2.92 -12.18 -64.91
N ALA C 376 -2.93 -13.24 -64.10
CA ALA C 376 -1.70 -13.71 -63.47
C ALA C 376 -1.97 -14.97 -62.66
N LYS C 377 -0.90 -15.57 -62.15
CA LYS C 377 -0.96 -16.75 -61.30
C LYS C 377 -0.54 -16.34 -59.90
N CYS C 378 -1.22 -16.87 -58.89
CA CYS C 378 -0.86 -16.57 -57.52
C CYS C 378 0.11 -17.60 -56.97
N GLU C 379 0.69 -17.31 -55.81
CA GLU C 379 1.62 -18.21 -55.17
C GLU C 379 0.96 -19.00 -54.05
N PRO C 380 1.70 -19.92 -53.43
CA PRO C 380 1.25 -20.58 -52.20
C PRO C 380 1.74 -19.80 -51.00
N TYR D 1 -49.24 -18.53 -0.40
CA TYR D 1 -49.52 -19.32 -1.59
C TYR D 1 -49.02 -18.52 -2.77
N GLU D 2 -49.18 -19.05 -3.97
CA GLU D 2 -48.67 -18.39 -5.18
C GLU D 2 -49.87 -18.22 -6.10
N HIS D 3 -50.37 -17.00 -6.22
CA HIS D 3 -51.44 -16.71 -7.16
C HIS D 3 -50.93 -15.77 -8.23
N THR D 4 -51.03 -16.20 -9.48
CA THR D 4 -50.64 -15.39 -10.61
C THR D 4 -51.91 -14.94 -11.29
N ALA D 5 -51.99 -13.67 -11.68
CA ALA D 5 -53.17 -13.13 -12.35
C ALA D 5 -52.74 -11.94 -13.18
N ILE D 6 -53.71 -11.30 -13.81
CA ILE D 6 -53.46 -10.10 -14.61
C ILE D 6 -54.51 -9.06 -14.23
N ILE D 7 -54.04 -7.91 -13.76
CA ILE D 7 -54.94 -6.82 -13.41
C ILE D 7 -55.11 -5.97 -14.66
N PRO D 8 -56.24 -5.28 -14.82
CA PRO D 8 -56.41 -4.46 -16.03
C PRO D 8 -55.67 -3.15 -15.90
N ASN D 9 -54.85 -2.85 -16.91
CA ASN D 9 -53.92 -1.71 -16.84
C ASN D 9 -54.60 -0.43 -17.34
N GLN D 10 -55.71 -0.10 -16.69
CA GLN D 10 -56.43 1.16 -16.89
C GLN D 10 -56.67 1.67 -15.49
N VAL D 11 -55.87 2.68 -15.09
CA VAL D 11 -55.68 2.99 -13.69
C VAL D 11 -56.93 3.63 -13.11
N GLY D 12 -57.42 3.04 -12.03
CA GLY D 12 -58.72 3.38 -11.53
C GLY D 12 -59.66 2.21 -11.61
N PHE D 13 -59.26 1.18 -12.33
CA PHE D 13 -60.07 -0.02 -12.39
C PHE D 13 -59.94 -0.75 -11.06
N PRO D 14 -61.03 -1.01 -10.35
CA PRO D 14 -60.93 -1.92 -9.21
C PRO D 14 -60.67 -3.31 -9.73
N TYR D 15 -59.89 -4.09 -8.98
CA TYR D 15 -59.52 -5.42 -9.44
C TYR D 15 -59.77 -6.40 -8.31
N LYS D 16 -60.85 -7.14 -8.41
CA LYS D 16 -61.09 -8.25 -7.50
C LYS D 16 -60.17 -9.39 -7.92
N ALA D 17 -59.69 -10.14 -6.93
CA ALA D 17 -59.05 -11.43 -7.17
C ALA D 17 -59.22 -12.29 -5.92
N HIS D 18 -60.20 -13.18 -5.94
CA HIS D 18 -60.45 -13.96 -4.75
C HIS D 18 -59.96 -15.39 -4.93
N VAL D 19 -58.74 -15.62 -4.49
CA VAL D 19 -58.10 -16.92 -4.61
C VAL D 19 -58.10 -17.54 -3.22
N ALA D 20 -58.09 -18.87 -3.16
CA ALA D 20 -58.15 -19.57 -1.89
C ALA D 20 -57.50 -20.95 -2.00
N ARG D 21 -56.56 -21.24 -1.09
CA ARG D 21 -56.04 -22.59 -0.92
C ARG D 21 -56.89 -23.27 0.13
N GLU D 22 -56.73 -24.58 0.26
CA GLU D 22 -57.54 -25.35 1.20
C GLU D 22 -57.16 -25.03 2.64
N GLY D 23 -58.12 -25.18 3.55
CA GLY D 23 -57.90 -24.95 4.95
C GLY D 23 -57.94 -23.50 5.39
N TYR D 24 -58.10 -22.57 4.48
CA TYR D 24 -58.28 -21.17 4.82
C TYR D 24 -59.64 -20.75 4.32
N SER D 25 -59.99 -19.49 4.54
CA SER D 25 -61.15 -18.93 3.90
C SER D 25 -60.75 -18.40 2.53
N PRO D 26 -61.71 -17.93 1.73
CA PRO D 26 -61.35 -17.37 0.42
C PRO D 26 -60.71 -15.99 0.60
N LEU D 27 -59.51 -15.84 0.06
CA LEU D 27 -58.78 -14.60 0.20
C LEU D 27 -59.08 -13.68 -0.97
N THR D 28 -59.72 -12.56 -0.67
CA THR D 28 -59.97 -11.54 -1.67
C THR D 28 -58.76 -10.61 -1.75
N LEU D 29 -58.47 -10.13 -2.94
CA LEU D 29 -57.40 -9.17 -3.14
C LEU D 29 -57.92 -8.05 -4.02
N GLN D 30 -57.93 -6.84 -3.48
CA GLN D 30 -58.34 -5.66 -4.21
C GLN D 30 -57.09 -4.99 -4.74
N MET D 31 -56.83 -5.19 -6.03
CA MET D 31 -55.76 -4.49 -6.70
C MET D 31 -56.30 -3.17 -7.25
N GLN D 32 -55.42 -2.16 -7.22
CA GLN D 32 -55.73 -0.86 -7.81
C GLN D 32 -54.41 -0.33 -8.33
N VAL D 33 -54.43 0.26 -9.52
CA VAL D 33 -53.21 0.80 -10.10
C VAL D 33 -53.17 2.30 -9.86
N ILE D 34 -51.98 2.87 -9.98
CA ILE D 34 -51.80 4.32 -10.08
C ILE D 34 -50.43 4.55 -10.70
N GLU D 35 -50.38 5.44 -11.71
CA GLU D 35 -49.16 6.01 -12.24
C GLU D 35 -48.13 5.06 -12.84
N THR D 36 -48.46 4.40 -13.95
CA THR D 36 -47.66 3.36 -14.58
C THR D 36 -46.71 3.87 -15.66
N SER D 37 -46.26 5.12 -15.52
CA SER D 37 -45.80 5.98 -16.62
C SER D 37 -44.61 5.45 -17.41
N LEU D 38 -44.42 5.99 -18.62
CA LEU D 38 -43.71 5.34 -19.71
C LEU D 38 -42.21 5.23 -19.51
N GLU D 39 -41.53 6.30 -19.07
CA GLU D 39 -40.10 6.32 -18.76
C GLU D 39 -39.18 5.94 -19.92
N PRO D 40 -39.08 6.75 -20.97
CA PRO D 40 -38.31 6.32 -22.14
C PRO D 40 -36.82 6.43 -21.95
N THR D 41 -36.06 5.87 -22.90
CA THR D 41 -34.61 6.04 -22.93
C THR D 41 -34.30 7.15 -23.92
N LEU D 42 -33.30 7.98 -23.60
CA LEU D 42 -33.01 9.13 -24.46
C LEU D 42 -31.54 9.19 -24.82
N ASN D 43 -31.25 9.92 -25.89
CA ASN D 43 -29.88 10.23 -26.26
C ASN D 43 -29.92 11.54 -27.05
N LEU D 44 -29.47 12.62 -26.44
CA LEU D 44 -29.68 13.94 -27.03
C LEU D 44 -28.68 14.20 -28.16
N GLU D 45 -29.14 14.83 -29.23
CA GLU D 45 -28.24 15.47 -30.20
C GLU D 45 -28.93 16.71 -30.75
N TYR D 46 -28.78 17.83 -30.05
CA TYR D 46 -29.32 19.10 -30.53
C TYR D 46 -29.01 20.18 -29.51
N ILE D 47 -29.18 21.44 -29.88
CA ILE D 47 -29.08 22.50 -28.87
C ILE D 47 -30.33 23.37 -28.91
N THR D 48 -30.91 23.53 -30.10
CA THR D 48 -32.10 24.32 -30.35
C THR D 48 -31.98 25.79 -29.93
N CYS D 49 -30.79 26.35 -30.05
CA CYS D 49 -30.53 27.69 -29.53
C CYS D 49 -30.49 28.65 -30.72
N ASP D 50 -30.72 29.92 -30.44
CA ASP D 50 -30.80 30.91 -31.50
C ASP D 50 -29.42 31.45 -31.84
N TYR D 51 -29.29 31.97 -33.05
CA TYR D 51 -28.00 32.43 -33.54
C TYR D 51 -27.66 33.77 -32.90
N LYS D 52 -26.36 33.98 -32.64
CA LYS D 52 -25.90 35.29 -32.21
C LYS D 52 -24.79 35.66 -33.20
N THR D 53 -25.01 36.72 -33.95
CA THR D 53 -23.97 37.21 -34.83
C THR D 53 -22.94 37.98 -34.02
N LYS D 54 -21.66 37.72 -34.28
CA LYS D 54 -20.58 38.43 -33.63
C LYS D 54 -19.86 39.25 -34.69
N VAL D 55 -20.37 40.45 -34.95
CA VAL D 55 -19.71 41.36 -35.87
C VAL D 55 -19.02 42.40 -34.99
N PRO D 56 -17.70 42.46 -34.99
CA PRO D 56 -17.01 43.52 -34.24
C PRO D 56 -17.02 44.82 -35.03
N SER D 57 -16.31 45.80 -34.50
CA SER D 57 -16.04 46.98 -35.29
C SER D 57 -15.08 46.61 -36.42
N PRO D 58 -15.29 47.12 -37.63
CA PRO D 58 -14.53 46.61 -38.78
C PRO D 58 -13.13 47.20 -38.81
N TYR D 59 -12.23 46.48 -39.49
CA TYR D 59 -10.86 46.94 -39.62
C TYR D 59 -10.86 48.09 -40.62
N VAL D 60 -10.54 49.29 -40.14
CA VAL D 60 -10.38 50.41 -41.05
C VAL D 60 -9.05 50.28 -41.77
N LYS D 61 -9.02 50.68 -43.03
CA LYS D 61 -7.79 50.69 -43.80
C LYS D 61 -7.83 51.88 -44.75
N CYS D 62 -7.23 52.98 -44.30
CA CYS D 62 -7.40 54.25 -45.01
C CYS D 62 -6.11 55.00 -45.32
N CYS D 63 -5.16 54.44 -46.07
CA CYS D 63 -5.37 53.37 -47.05
C CYS D 63 -4.94 52.07 -46.44
N GLY D 64 -4.86 51.04 -47.28
CA GLY D 64 -4.35 49.76 -46.84
C GLY D 64 -5.32 48.62 -47.08
N THR D 65 -4.90 47.66 -47.89
CA THR D 65 -5.72 46.49 -48.12
C THR D 65 -5.10 45.28 -47.41
N ALA D 66 -5.36 45.19 -46.11
CA ALA D 66 -4.80 44.11 -45.33
C ALA D 66 -5.66 42.86 -45.47
N GLU D 67 -5.23 41.80 -44.82
CA GLU D 67 -5.96 40.54 -44.84
C GLU D 67 -6.65 40.34 -43.50
N CYS D 68 -7.55 39.37 -43.46
CA CYS D 68 -8.36 39.14 -42.27
C CYS D 68 -7.82 37.89 -41.59
N ARG D 69 -7.83 37.90 -40.26
CA ARG D 69 -7.34 36.75 -39.52
C ARG D 69 -8.34 35.60 -39.60
N THR D 70 -7.83 34.40 -39.87
CA THR D 70 -8.68 33.22 -39.94
C THR D 70 -9.09 32.84 -38.51
N GLN D 71 -10.17 33.44 -38.04
CA GLN D 71 -10.51 33.41 -36.62
C GLN D 71 -11.09 32.07 -36.22
N ASP D 72 -11.33 31.91 -34.92
CA ASP D 72 -11.76 30.63 -34.36
C ASP D 72 -13.25 30.57 -34.08
N LYS D 73 -14.03 31.51 -34.57
CA LYS D 73 -15.47 31.42 -34.40
C LYS D 73 -16.02 30.38 -35.35
N PRO D 74 -17.04 29.64 -34.93
CA PRO D 74 -17.59 28.60 -35.80
C PRO D 74 -18.36 29.17 -36.96
N GLU D 75 -19.07 30.27 -36.75
CA GLU D 75 -19.66 31.02 -37.84
C GLU D 75 -18.79 32.19 -38.22
N TYR D 76 -17.47 32.04 -38.15
CA TYR D 76 -16.56 33.11 -38.53
C TYR D 76 -16.55 33.24 -40.05
N LYS D 77 -17.01 34.38 -40.51
CA LYS D 77 -16.81 34.81 -41.89
C LYS D 77 -16.03 36.11 -41.84
N CYS D 78 -15.03 36.22 -42.70
CA CYS D 78 -14.24 37.43 -42.81
C CYS D 78 -14.43 37.99 -44.20
N ALA D 79 -14.07 39.25 -44.36
CA ALA D 79 -14.14 39.89 -45.67
C ALA D 79 -13.36 41.17 -45.62
N VAL D 80 -12.47 41.35 -46.59
CA VAL D 80 -11.71 42.59 -46.72
C VAL D 80 -12.41 43.32 -47.85
N PHE D 81 -13.38 44.14 -47.50
CA PHE D 81 -14.01 45.00 -48.49
C PHE D 81 -13.02 46.10 -48.81
N THR D 82 -12.87 46.41 -50.09
CA THR D 82 -12.08 47.55 -50.49
C THR D 82 -12.98 48.76 -50.67
N GLY D 83 -12.38 49.86 -51.11
CA GLY D 83 -13.15 51.02 -51.53
C GLY D 83 -13.80 51.78 -50.40
N VAL D 84 -13.02 52.19 -49.43
CA VAL D 84 -13.53 52.82 -48.21
C VAL D 84 -14.02 54.23 -48.52
N TYR D 85 -15.21 54.52 -48.05
CA TYR D 85 -15.77 55.86 -48.17
C TYR D 85 -16.33 56.18 -46.80
N PRO D 86 -15.56 55.96 -45.74
CA PRO D 86 -16.04 56.31 -44.40
C PRO D 86 -16.04 57.81 -44.16
N PHE D 87 -17.19 58.37 -43.80
CA PHE D 87 -17.38 59.81 -43.70
C PHE D 87 -18.07 60.17 -42.39
N MET D 88 -17.55 59.65 -41.28
CA MET D 88 -18.24 59.77 -40.01
C MET D 88 -18.07 61.16 -39.39
N TRP D 89 -18.82 61.39 -38.31
CA TRP D 89 -18.77 62.67 -37.62
C TRP D 89 -17.77 62.65 -36.47
N GLY D 90 -16.76 61.79 -36.53
CA GLY D 90 -15.77 61.71 -35.47
C GLY D 90 -14.32 61.68 -35.92
N GLY D 91 -14.07 61.58 -37.23
CA GLY D 91 -12.71 61.49 -37.71
C GLY D 91 -12.16 60.07 -37.69
N ALA D 92 -11.37 59.70 -38.70
CA ALA D 92 -10.88 58.32 -38.78
C ALA D 92 -9.78 58.18 -39.83
N TYR D 93 -9.55 56.93 -40.25
CA TYR D 93 -8.62 56.65 -41.34
C TYR D 93 -9.19 57.02 -42.70
N CYS D 94 -10.48 57.28 -42.80
CA CYS D 94 -11.13 57.67 -44.04
C CYS D 94 -10.90 59.16 -44.29
N PHE D 95 -9.65 59.50 -44.59
CA PHE D 95 -9.18 60.82 -44.96
C PHE D 95 -8.12 60.70 -46.03
N CYS D 96 -8.12 59.56 -46.71
CA CYS D 96 -7.28 59.33 -47.89
C CYS D 96 -8.25 59.10 -49.03
N ASP D 97 -7.77 59.30 -50.26
CA ASP D 97 -8.65 59.29 -51.42
C ASP D 97 -9.17 57.91 -51.78
N SER D 98 -8.30 56.91 -51.88
CA SER D 98 -8.69 55.55 -52.22
C SER D 98 -7.89 54.58 -51.38
N GLU D 99 -7.98 53.30 -51.73
CA GLU D 99 -7.33 52.21 -51.01
C GLU D 99 -7.93 51.94 -49.65
N ASN D 100 -9.13 52.43 -49.38
CA ASN D 100 -9.78 52.22 -48.09
C ASN D 100 -10.34 50.80 -48.05
N THR D 101 -10.59 50.30 -46.85
CA THR D 101 -10.98 48.91 -46.71
C THR D 101 -11.61 48.69 -45.35
N GLN D 102 -12.56 47.78 -45.32
CA GLN D 102 -13.27 47.40 -44.10
C GLN D 102 -13.02 45.92 -43.90
N MET D 103 -12.47 45.59 -42.74
CA MET D 103 -12.30 44.20 -42.37
C MET D 103 -13.53 43.78 -41.58
N SER D 104 -14.45 43.11 -42.25
CA SER D 104 -15.69 42.67 -41.64
C SER D 104 -15.56 41.21 -41.24
N GLU D 105 -15.58 40.95 -39.94
CA GLU D 105 -15.47 39.61 -39.42
C GLU D 105 -16.62 39.36 -38.47
N ALA D 106 -17.12 38.12 -38.48
CA ALA D 106 -18.25 37.76 -37.64
C ALA D 106 -18.11 36.32 -37.21
N TYR D 107 -18.69 36.01 -36.06
CA TYR D 107 -18.65 34.66 -35.51
C TYR D 107 -20.02 34.33 -34.96
N VAL D 108 -20.53 33.19 -35.36
CA VAL D 108 -21.83 32.72 -34.85
C VAL D 108 -21.62 32.13 -33.48
N GLU D 109 -22.47 32.52 -32.52
CA GLU D 109 -22.35 32.06 -31.15
C GLU D 109 -23.72 31.61 -30.62
N ARG D 110 -23.68 30.70 -29.65
CA ARG D 110 -24.90 30.21 -29.02
C ARG D 110 -25.46 31.28 -28.09
N ALA D 111 -26.76 31.51 -28.23
CA ALA D 111 -27.43 32.60 -27.52
C ALA D 111 -27.53 32.31 -26.03
N ASP D 112 -27.52 33.37 -25.23
CA ASP D 112 -27.27 33.26 -23.79
C ASP D 112 -28.44 32.68 -23.02
N VAL D 113 -29.61 32.55 -23.64
CA VAL D 113 -30.76 31.98 -22.96
C VAL D 113 -30.71 30.46 -22.88
N CYS D 114 -29.73 29.84 -23.55
CA CYS D 114 -29.56 28.40 -23.43
C CYS D 114 -29.07 28.03 -22.04
N LYS D 115 -28.30 28.93 -21.42
CA LYS D 115 -27.95 28.82 -20.01
C LYS D 115 -29.16 28.96 -19.11
N HIS D 116 -30.23 29.61 -19.55
CA HIS D 116 -31.52 29.44 -18.94
C HIS D 116 -32.23 28.21 -19.47
N ASP D 117 -32.36 28.06 -20.78
CA ASP D 117 -32.98 26.87 -21.37
C ASP D 117 -32.73 26.82 -22.86
N HIS D 118 -32.18 25.71 -23.33
CA HIS D 118 -32.09 25.42 -24.76
C HIS D 118 -33.02 24.25 -25.02
N ALA D 119 -33.41 24.09 -26.28
CA ALA D 119 -34.41 23.09 -26.65
C ALA D 119 -33.66 21.86 -27.13
N ALA D 120 -33.81 20.74 -26.42
CA ALA D 120 -33.05 19.56 -26.77
C ALA D 120 -33.90 18.60 -27.60
N ALA D 121 -33.22 17.70 -28.31
CA ALA D 121 -33.88 16.65 -29.07
C ALA D 121 -33.11 15.35 -28.84
N TYR D 122 -33.81 14.35 -28.33
CA TYR D 122 -33.20 13.07 -28.02
C TYR D 122 -33.74 12.04 -29.00
N ARG D 123 -32.83 11.23 -29.53
CA ARG D 123 -33.24 9.96 -30.12
C ARG D 123 -33.70 9.05 -29.00
N ALA D 124 -34.64 8.18 -29.32
CA ALA D 124 -35.38 7.44 -28.30
C ALA D 124 -34.68 6.14 -27.95
N HIS D 125 -34.99 5.64 -26.76
CA HIS D 125 -34.62 4.30 -26.34
C HIS D 125 -35.92 3.64 -25.90
N THR D 126 -35.81 2.48 -25.26
CA THR D 126 -36.99 1.78 -24.76
C THR D 126 -37.59 2.49 -23.56
N ALA D 127 -38.83 2.14 -23.24
CA ALA D 127 -39.57 2.72 -22.13
C ALA D 127 -39.59 1.75 -20.97
N SER D 128 -40.13 2.18 -19.82
CA SER D 128 -40.27 1.35 -18.64
C SER D 128 -41.51 1.75 -17.86
N LEU D 129 -42.56 0.93 -17.93
CA LEU D 129 -43.83 1.22 -17.29
C LEU D 129 -43.70 1.02 -15.78
N ARG D 130 -43.91 2.09 -15.03
CA ARG D 130 -43.74 2.09 -13.58
C ARG D 130 -45.12 2.26 -12.95
N ALA D 131 -45.47 1.37 -12.02
CA ALA D 131 -46.81 1.36 -11.48
C ALA D 131 -46.80 1.43 -9.95
N LYS D 132 -47.99 1.63 -9.39
CA LYS D 132 -48.20 1.54 -7.95
C LYS D 132 -49.52 0.83 -7.68
N ILE D 133 -49.43 -0.31 -7.02
CA ILE D 133 -50.58 -1.15 -6.75
C ILE D 133 -50.98 -0.90 -5.31
N LYS D 134 -52.18 -0.37 -5.13
CA LYS D 134 -52.83 -0.48 -3.83
C LYS D 134 -53.47 -1.86 -3.75
N VAL D 135 -53.04 -2.66 -2.79
CA VAL D 135 -53.56 -4.00 -2.61
C VAL D 135 -54.28 -4.05 -1.26
N THR D 136 -55.49 -4.59 -1.31
CA THR D 136 -56.26 -4.88 -0.10
C THR D 136 -56.47 -6.38 -0.09
N TYR D 137 -55.49 -7.09 0.43
CA TYR D 137 -55.54 -8.54 0.60
C TYR D 137 -55.57 -8.79 2.10
N GLY D 138 -56.72 -9.21 2.59
CA GLY D 138 -56.90 -9.58 3.98
C GLY D 138 -56.78 -8.42 4.94
N THR D 139 -55.89 -8.55 5.91
CA THR D 139 -55.57 -7.43 6.78
C THR D 139 -54.75 -6.38 6.07
N VAL D 140 -54.10 -6.70 4.97
CA VAL D 140 -53.30 -5.72 4.25
C VAL D 140 -54.23 -4.85 3.44
N ASN D 141 -54.26 -3.56 3.76
CA ASN D 141 -54.88 -2.56 2.89
C ASN D 141 -53.85 -1.45 2.72
N GLN D 142 -52.93 -1.65 1.79
CA GLN D 142 -51.77 -0.78 1.68
C GLN D 142 -51.30 -0.73 0.24
N THR D 143 -50.55 0.30 -0.09
CA THR D 143 -50.05 0.50 -1.43
C THR D 143 -48.59 0.10 -1.49
N VAL D 144 -48.10 -0.09 -2.70
CA VAL D 144 -46.68 -0.33 -2.95
C VAL D 144 -46.41 -0.08 -4.42
N GLU D 145 -45.30 0.59 -4.72
CA GLU D 145 -44.99 1.02 -6.08
C GLU D 145 -43.71 0.36 -6.53
N ALA D 146 -43.56 0.16 -7.84
CA ALA D 146 -42.33 -0.36 -8.41
C ALA D 146 -42.36 -0.21 -9.92
N TYR D 147 -41.18 -0.30 -10.54
CA TYR D 147 -41.11 -0.45 -11.99
C TYR D 147 -41.70 -1.80 -12.37
N VAL D 148 -42.64 -1.79 -13.30
CA VAL D 148 -43.54 -2.93 -13.44
C VAL D 148 -43.09 -3.84 -14.57
N ASN D 149 -41.80 -3.82 -14.89
CA ASN D 149 -41.32 -4.57 -16.04
C ASN D 149 -41.00 -6.02 -15.70
N GLY D 150 -41.22 -6.43 -14.46
CA GLY D 150 -40.87 -7.77 -14.07
C GLY D 150 -39.42 -7.98 -13.70
N ASP D 151 -38.65 -6.91 -13.56
CA ASP D 151 -37.30 -7.04 -13.04
C ASP D 151 -37.23 -6.84 -11.54
N HIS D 152 -37.57 -5.65 -11.06
CA HIS D 152 -37.52 -5.38 -9.63
C HIS D 152 -38.81 -5.89 -9.00
N ALA D 153 -38.70 -7.02 -8.31
CA ALA D 153 -39.86 -7.67 -7.70
C ALA D 153 -40.23 -6.91 -6.44
N VAL D 154 -41.51 -6.63 -6.27
CA VAL D 154 -41.97 -5.84 -5.14
C VAL D 154 -42.32 -6.83 -4.05
N THR D 155 -41.34 -7.16 -3.22
CA THR D 155 -41.56 -8.05 -2.09
C THR D 155 -42.40 -7.31 -1.06
N ILE D 156 -43.69 -7.62 -1.05
CA ILE D 156 -44.70 -6.88 -0.30
C ILE D 156 -44.58 -7.15 1.18
N ALA D 157 -45.35 -6.41 1.98
CA ALA D 157 -45.29 -6.52 3.43
C ALA D 157 -45.89 -7.84 3.86
N GLY D 158 -45.08 -8.88 3.87
CA GLY D 158 -45.58 -10.23 3.95
C GLY D 158 -46.06 -10.77 2.63
N THR D 159 -45.63 -10.19 1.53
CA THR D 159 -46.05 -10.63 0.21
C THR D 159 -44.87 -10.60 -0.75
N LYS D 160 -45.06 -11.16 -1.94
CA LYS D 160 -44.11 -11.00 -3.03
C LYS D 160 -44.91 -10.75 -4.30
N PHE D 161 -45.24 -9.49 -4.55
CA PHE D 161 -45.85 -9.13 -5.82
C PHE D 161 -44.74 -9.09 -6.87
N ILE D 162 -45.09 -9.55 -8.06
CA ILE D 162 -44.26 -9.39 -9.24
C ILE D 162 -45.13 -8.75 -10.30
N PHE D 163 -45.11 -7.42 -10.35
CA PHE D 163 -45.79 -6.68 -11.40
C PHE D 163 -44.91 -6.80 -12.63
N GLY D 164 -45.38 -7.53 -13.62
CA GLY D 164 -44.58 -7.82 -14.79
C GLY D 164 -44.53 -9.31 -15.06
N PRO D 165 -43.69 -9.76 -16.01
CA PRO D 165 -42.75 -9.22 -16.98
C PRO D 165 -43.53 -8.46 -18.02
N VAL D 166 -43.30 -7.15 -18.06
CA VAL D 166 -44.20 -6.24 -18.76
C VAL D 166 -44.03 -6.37 -20.27
N SER D 167 -45.08 -6.83 -20.93
CA SER D 167 -45.05 -6.99 -22.38
C SER D 167 -45.58 -5.78 -23.13
N THR D 168 -45.35 -4.57 -22.65
CA THR D 168 -46.06 -3.43 -23.21
C THR D 168 -45.30 -2.70 -24.31
N PRO D 169 -45.58 -3.00 -25.56
CA PRO D 169 -45.14 -2.14 -26.67
C PRO D 169 -46.14 -1.05 -27.07
N TRP D 170 -46.69 -0.36 -26.08
CA TRP D 170 -47.50 0.80 -26.38
C TRP D 170 -46.61 2.03 -26.38
N THR D 171 -46.15 2.41 -27.56
CA THR D 171 -45.01 3.31 -27.55
C THR D 171 -45.48 4.74 -27.60
N PRO D 172 -45.53 5.43 -26.47
CA PRO D 172 -45.91 6.84 -26.51
C PRO D 172 -44.81 7.76 -26.97
N PHE D 173 -43.58 7.27 -27.03
CA PHE D 173 -42.50 8.01 -27.62
C PHE D 173 -42.34 7.58 -29.07
N ASP D 174 -41.82 8.47 -29.90
CA ASP D 174 -41.38 8.15 -31.24
C ASP D 174 -39.88 7.82 -31.25
N THR D 175 -39.30 7.77 -32.45
CA THR D 175 -37.87 7.48 -32.59
C THR D 175 -37.01 8.64 -32.13
N LYS D 176 -37.40 9.87 -32.46
CA LYS D 176 -36.68 11.07 -32.03
C LYS D 176 -37.74 12.04 -31.52
N ILE D 177 -37.60 12.46 -30.26
CA ILE D 177 -38.54 13.37 -29.64
C ILE D 177 -37.76 14.57 -29.14
N LEU D 178 -38.28 15.75 -29.40
CA LEU D 178 -37.66 16.96 -28.90
C LEU D 178 -38.37 17.38 -27.62
N VAL D 179 -37.57 17.64 -26.59
CA VAL D 179 -38.04 18.20 -25.34
C VAL D 179 -37.70 19.68 -25.42
N TYR D 180 -38.72 20.53 -25.49
CA TYR D 180 -38.53 21.94 -25.70
C TYR D 180 -39.51 22.66 -24.79
N LYS D 181 -38.98 23.24 -23.71
CA LYS D 181 -39.78 24.05 -22.80
C LYS D 181 -40.75 23.22 -21.99
N GLY D 182 -40.53 21.92 -21.89
CA GLY D 182 -41.48 21.04 -21.26
C GLY D 182 -42.38 20.37 -22.28
N GLU D 183 -42.48 20.96 -23.46
CA GLU D 183 -43.31 20.37 -24.50
C GLU D 183 -42.57 19.23 -25.16
N LEU D 184 -43.32 18.24 -25.62
CA LEU D 184 -42.77 17.14 -26.38
C LEU D 184 -43.10 17.36 -27.84
N TYR D 185 -42.24 16.85 -28.72
CA TYR D 185 -42.50 16.97 -30.14
C TYR D 185 -41.86 15.80 -30.86
N ASN D 186 -42.68 14.88 -31.36
CA ASN D 186 -42.14 13.81 -32.18
C ASN D 186 -41.83 14.36 -33.55
N GLN D 187 -40.61 14.85 -33.74
CA GLN D 187 -40.21 15.42 -35.02
C GLN D 187 -38.86 14.82 -35.38
N ASP D 188 -38.53 14.82 -36.67
CA ASP D 188 -37.30 14.21 -37.15
C ASP D 188 -36.11 15.09 -36.77
N PHE D 189 -35.12 14.43 -36.16
CA PHE D 189 -33.85 15.09 -35.88
C PHE D 189 -33.14 15.36 -37.20
N PRO D 190 -32.35 16.42 -37.30
CA PRO D 190 -31.71 16.73 -38.57
C PRO D 190 -30.48 15.86 -38.81
N ARG D 191 -29.70 16.22 -39.82
CA ARG D 191 -28.33 15.74 -39.89
C ARG D 191 -27.59 16.27 -38.68
N TYR D 192 -26.99 15.34 -37.92
CA TYR D 192 -26.32 15.67 -36.68
C TYR D 192 -25.06 16.45 -36.98
N GLY D 193 -25.17 17.77 -36.85
CA GLY D 193 -24.21 18.70 -37.40
C GLY D 193 -24.52 19.15 -38.81
N ALA D 194 -25.43 18.47 -39.49
CA ALA D 194 -25.66 18.66 -40.91
C ALA D 194 -26.91 19.47 -41.20
N GLY D 195 -27.16 20.52 -40.42
CA GLY D 195 -28.41 21.25 -40.56
C GLY D 195 -28.40 22.20 -41.74
N GLN D 196 -29.37 22.01 -42.64
CA GLN D 196 -29.65 22.99 -43.67
C GLN D 196 -30.36 24.17 -43.02
N PRO D 197 -30.05 25.40 -43.43
CA PRO D 197 -30.44 26.57 -42.63
C PRO D 197 -31.92 26.87 -42.75
N GLY D 198 -32.48 27.40 -41.67
CA GLY D 198 -33.92 27.54 -41.62
C GLY D 198 -34.62 26.25 -41.25
N ARG D 199 -34.13 25.57 -40.22
CA ARG D 199 -34.69 24.30 -39.80
C ARG D 199 -34.81 24.29 -38.30
N PHE D 200 -35.44 23.24 -37.79
CA PHE D 200 -35.52 23.04 -36.36
C PHE D 200 -34.16 22.58 -35.88
N GLY D 201 -33.37 23.54 -35.40
CA GLY D 201 -32.00 23.27 -35.04
C GLY D 201 -30.95 23.71 -36.03
N ASP D 202 -31.00 24.97 -36.48
CA ASP D 202 -29.98 25.51 -37.37
C ASP D 202 -28.62 25.64 -36.70
N ILE D 203 -28.57 25.82 -35.39
CA ILE D 203 -27.34 25.62 -34.65
C ILE D 203 -27.41 24.18 -34.17
N GLN D 204 -26.31 23.45 -34.31
CA GLN D 204 -26.26 22.07 -33.83
C GLN D 204 -25.62 22.06 -32.45
N SER D 205 -26.10 21.17 -31.60
CA SER D 205 -25.63 21.07 -30.23
C SER D 205 -25.28 19.64 -29.93
N ARG D 206 -24.00 19.30 -30.13
CA ARG D 206 -23.51 17.96 -29.81
C ARG D 206 -23.54 17.69 -28.31
N THR D 207 -23.33 18.74 -27.51
CA THR D 207 -23.52 18.66 -26.08
C THR D 207 -24.37 19.83 -25.65
N LEU D 208 -24.66 19.90 -24.35
CA LEU D 208 -25.34 21.07 -23.83
C LEU D 208 -24.42 22.27 -23.82
N ASP D 209 -23.28 22.14 -23.15
CA ASP D 209 -22.23 23.14 -23.18
C ASP D 209 -20.98 22.64 -23.87
N SER D 210 -21.13 21.91 -24.98
CA SER D 210 -19.99 21.29 -25.63
C SER D 210 -19.12 22.34 -26.32
N ARG D 211 -17.83 22.00 -26.46
CA ARG D 211 -16.83 22.90 -27.02
C ARG D 211 -17.02 23.18 -28.50
N ASP D 212 -17.70 22.31 -29.23
CA ASP D 212 -18.01 22.60 -30.61
C ASP D 212 -19.38 23.25 -30.73
N LEU D 213 -19.83 23.42 -31.97
CA LEU D 213 -21.18 23.90 -32.25
C LEU D 213 -21.44 23.60 -33.72
N TYR D 214 -22.47 22.81 -33.97
CA TYR D 214 -22.84 22.44 -35.33
C TYR D 214 -23.45 23.64 -36.01
N ALA D 215 -22.94 23.95 -37.20
CA ALA D 215 -23.25 25.22 -37.82
C ALA D 215 -23.94 24.97 -39.16
N ASN D 216 -25.05 25.66 -39.38
CA ASN D 216 -25.71 25.68 -40.68
C ASN D 216 -26.26 27.07 -40.96
N THR D 217 -25.63 28.09 -40.39
CA THR D 217 -26.22 29.43 -40.36
C THR D 217 -26.08 30.11 -41.72
N GLY D 218 -27.06 30.94 -42.04
CA GLY D 218 -27.05 31.61 -43.33
C GLY D 218 -26.49 33.01 -43.32
N LEU D 219 -25.40 33.24 -42.61
CA LEU D 219 -24.83 34.58 -42.54
C LEU D 219 -24.07 34.88 -43.82
N LYS D 220 -24.38 36.03 -44.42
CA LYS D 220 -23.76 36.46 -45.67
C LYS D 220 -23.28 37.89 -45.48
N LEU D 221 -21.99 38.12 -45.71
CA LEU D 221 -21.43 39.45 -45.58
C LEU D 221 -21.55 40.18 -46.91
N ALA D 222 -21.70 41.50 -46.85
CA ALA D 222 -21.94 42.31 -48.03
C ALA D 222 -21.03 43.53 -48.05
N ARG D 223 -20.82 44.05 -49.26
CA ARG D 223 -20.03 45.27 -49.44
C ARG D 223 -20.82 46.44 -48.87
N PRO D 224 -20.26 47.19 -47.91
CA PRO D 224 -21.09 48.12 -47.14
C PRO D 224 -21.44 49.41 -47.85
N ALA D 225 -22.33 50.18 -47.24
CA ALA D 225 -22.76 51.47 -47.78
C ALA D 225 -21.85 52.56 -47.26
N ALA D 226 -21.84 53.70 -47.94
CA ALA D 226 -20.83 54.72 -47.71
C ALA D 226 -21.10 55.51 -46.44
N GLY D 227 -20.14 56.36 -46.06
CA GLY D 227 -20.25 57.24 -44.93
C GLY D 227 -20.06 56.57 -43.59
N ASN D 228 -21.01 55.75 -43.17
CA ASN D 228 -20.87 54.97 -41.95
C ASN D 228 -20.50 53.55 -42.32
N ILE D 229 -19.94 52.83 -41.36
CA ILE D 229 -19.42 51.48 -41.59
C ILE D 229 -20.62 50.56 -41.45
N HIS D 230 -21.38 50.41 -42.54
CA HIS D 230 -22.45 49.44 -42.57
C HIS D 230 -21.84 48.07 -42.75
N VAL D 231 -21.90 47.27 -41.69
CA VAL D 231 -21.24 45.98 -41.70
C VAL D 231 -22.39 45.04 -42.04
N PRO D 232 -22.71 44.93 -43.32
CA PRO D 232 -23.94 44.23 -43.73
C PRO D 232 -23.78 42.74 -43.64
N TYR D 233 -24.43 42.17 -42.63
CA TYR D 233 -24.38 40.75 -42.42
C TYR D 233 -25.79 40.22 -42.62
N THR D 234 -26.03 39.66 -43.80
CA THR D 234 -27.35 39.14 -44.12
C THR D 234 -27.38 37.72 -43.57
N GLN D 235 -28.08 37.52 -42.46
CA GLN D 235 -28.14 36.24 -41.79
C GLN D 235 -29.26 35.41 -42.41
N THR D 236 -29.35 34.16 -41.99
CA THR D 236 -30.49 33.36 -42.38
C THR D 236 -31.67 33.69 -41.47
N PRO D 237 -32.85 33.20 -41.80
CA PRO D 237 -33.95 33.27 -40.83
C PRO D 237 -33.69 32.29 -39.71
N SER D 238 -33.64 32.83 -38.49
CA SER D 238 -33.35 32.04 -37.30
C SER D 238 -34.50 31.10 -36.96
N GLY D 239 -34.33 29.81 -37.32
CA GLY D 239 -35.41 28.86 -37.16
C GLY D 239 -35.57 28.34 -35.74
N PHE D 240 -34.70 28.79 -34.82
CA PHE D 240 -34.94 28.55 -33.40
C PHE D 240 -36.18 29.30 -32.94
N LYS D 241 -36.45 30.45 -33.55
CA LYS D 241 -37.76 31.07 -33.39
C LYS D 241 -38.81 30.25 -34.12
N THR D 242 -38.48 29.68 -35.26
CA THR D 242 -39.45 28.91 -36.02
C THR D 242 -39.72 27.55 -35.40
N TRP D 243 -38.75 26.98 -34.69
CA TRP D 243 -38.89 25.64 -34.14
C TRP D 243 -39.77 25.64 -32.91
N GLN D 244 -39.82 26.76 -32.19
CA GLN D 244 -40.79 26.92 -31.12
C GLN D 244 -42.02 27.68 -31.57
N LYS D 245 -41.86 28.94 -31.97
CA LYS D 245 -43.01 29.71 -32.44
C LYS D 245 -43.35 29.25 -33.85
N ASP D 246 -44.61 28.92 -34.04
CA ASP D 246 -44.98 28.14 -35.22
C ASP D 246 -44.51 26.71 -35.04
N ARG D 247 -44.58 26.20 -33.82
CA ARG D 247 -44.41 24.77 -33.59
C ARG D 247 -45.71 24.04 -33.91
N ASP D 248 -45.66 22.71 -33.86
CA ASP D 248 -46.82 21.89 -34.21
C ASP D 248 -47.67 21.55 -33.00
N SER D 249 -48.58 20.60 -33.16
CA SER D 249 -49.36 20.10 -32.04
C SER D 249 -48.45 19.30 -31.11
N PRO D 250 -48.19 19.79 -29.91
CA PRO D 250 -47.09 19.23 -29.11
C PRO D 250 -47.47 17.94 -28.43
N LEU D 251 -46.52 17.43 -27.64
CA LEU D 251 -46.59 16.11 -27.03
C LEU D 251 -47.66 16.00 -25.98
N ASN D 252 -48.13 17.12 -25.43
CA ASN D 252 -49.31 17.11 -24.59
C ASN D 252 -50.56 16.74 -25.37
N ALA D 253 -50.63 17.12 -26.62
CA ALA D 253 -51.68 16.59 -27.47
C ALA D 253 -51.16 15.30 -28.10
N LYS D 254 -52.07 14.59 -28.75
CA LYS D 254 -51.72 13.45 -29.58
C LYS D 254 -51.34 12.22 -28.78
N ALA D 255 -51.67 12.19 -27.50
CA ALA D 255 -51.24 11.07 -26.69
C ALA D 255 -52.24 9.92 -26.84
N PRO D 256 -51.97 8.95 -27.72
CA PRO D 256 -52.74 7.71 -27.69
C PRO D 256 -52.38 6.94 -26.44
N PHE D 257 -53.36 6.23 -25.90
CA PHE D 257 -53.21 5.62 -24.58
C PHE D 257 -53.50 6.59 -23.44
N GLY D 258 -53.78 7.85 -23.79
CA GLY D 258 -54.37 8.79 -22.86
C GLY D 258 -53.48 9.30 -21.74
N CYS D 259 -52.21 8.91 -21.71
CA CYS D 259 -51.33 9.39 -20.66
C CYS D 259 -50.94 10.83 -20.95
N ILE D 260 -50.84 11.64 -19.91
CA ILE D 260 -50.31 12.98 -20.01
C ILE D 260 -48.80 12.86 -19.89
N ILE D 261 -48.08 13.43 -20.84
CA ILE D 261 -46.62 13.37 -20.84
C ILE D 261 -46.10 14.33 -19.80
N GLN D 262 -44.90 14.06 -19.29
CA GLN D 262 -44.20 15.00 -18.45
C GLN D 262 -42.72 14.63 -18.46
N THR D 263 -41.87 15.63 -18.59
CA THR D 263 -40.44 15.28 -18.59
C THR D 263 -39.66 16.24 -17.70
N ASN D 264 -39.70 16.00 -16.40
CA ASN D 264 -38.48 16.27 -15.67
C ASN D 264 -37.72 15.00 -16.01
N PRO D 265 -38.21 13.85 -15.58
CA PRO D 265 -37.85 12.60 -16.23
C PRO D 265 -38.91 12.30 -17.28
N VAL D 266 -38.45 11.98 -18.50
CA VAL D 266 -39.33 11.88 -19.66
C VAL D 266 -40.19 10.63 -19.53
N ARG D 267 -41.45 10.81 -19.17
CA ARG D 267 -42.37 9.69 -19.02
C ARG D 267 -43.78 10.17 -19.30
N ALA D 268 -44.50 9.38 -20.07
CA ALA D 268 -45.92 9.64 -20.28
C ALA D 268 -46.68 9.00 -19.13
N MET D 269 -46.99 9.80 -18.13
CA MET D 269 -47.63 9.32 -16.92
C MET D 269 -49.10 9.03 -17.20
N ASN D 270 -49.62 8.06 -16.46
CA ASN D 270 -51.02 7.67 -16.48
C ASN D 270 -51.46 7.09 -17.81
N CYS D 271 -50.60 6.33 -18.48
CA CYS D 271 -50.93 5.72 -19.76
C CYS D 271 -51.96 4.62 -19.56
N ALA D 272 -52.96 4.55 -20.44
CA ALA D 272 -54.00 3.54 -20.35
C ALA D 272 -53.76 2.54 -21.48
N VAL D 273 -53.27 1.36 -21.12
CA VAL D 273 -53.06 0.30 -22.09
C VAL D 273 -52.83 -0.99 -21.32
N GLY D 274 -53.26 -2.11 -21.91
CA GLY D 274 -52.84 -3.44 -21.50
C GLY D 274 -53.39 -3.92 -20.17
N ASN D 275 -52.69 -4.90 -19.63
CA ASN D 275 -52.97 -5.42 -18.30
C ASN D 275 -51.64 -5.78 -17.64
N ILE D 276 -51.52 -5.45 -16.37
CA ILE D 276 -50.30 -5.72 -15.62
C ILE D 276 -50.30 -7.17 -15.14
N PRO D 277 -49.33 -7.98 -15.52
CA PRO D 277 -49.26 -9.33 -14.96
C PRO D 277 -48.66 -9.29 -13.56
N VAL D 278 -49.38 -9.85 -12.61
CA VAL D 278 -48.97 -9.83 -11.22
C VAL D 278 -48.83 -11.26 -10.74
N SER D 279 -47.63 -11.64 -10.39
CA SER D 279 -47.37 -12.92 -9.74
C SER D 279 -47.17 -12.66 -8.25
N MET D 280 -48.18 -13.00 -7.45
CA MET D 280 -48.16 -12.72 -6.02
C MET D 280 -47.88 -14.04 -5.30
N ASP D 281 -46.65 -14.19 -4.82
CA ASP D 281 -46.36 -15.20 -3.82
C ASP D 281 -46.84 -14.67 -2.48
N ILE D 282 -48.01 -15.12 -2.06
CA ILE D 282 -48.74 -14.49 -0.96
C ILE D 282 -48.28 -15.18 0.31
N ALA D 283 -48.05 -14.38 1.35
CA ALA D 283 -47.62 -14.93 2.64
C ALA D 283 -48.75 -15.65 3.34
N ASP D 284 -48.38 -16.50 4.30
CA ASP D 284 -49.32 -17.45 4.89
C ASP D 284 -50.31 -16.80 5.85
N SER D 285 -50.08 -15.54 6.23
CA SER D 285 -51.00 -14.85 7.12
C SER D 285 -52.33 -14.49 6.49
N ALA D 286 -52.45 -14.55 5.16
CA ALA D 286 -53.69 -14.24 4.47
C ALA D 286 -54.70 -15.38 4.54
N PHE D 287 -54.29 -16.56 4.98
CA PHE D 287 -55.20 -17.69 5.05
C PHE D 287 -55.93 -17.64 6.38
N THR D 288 -57.13 -17.05 6.38
CA THR D 288 -57.98 -17.07 7.55
C THR D 288 -58.63 -18.44 7.62
N ARG D 289 -58.31 -19.17 8.68
CA ARG D 289 -58.34 -20.64 8.67
C ARG D 289 -59.74 -21.21 8.61
N LEU D 290 -59.86 -22.36 7.93
CA LEU D 290 -61.18 -22.94 7.66
C LEU D 290 -61.79 -23.56 8.89
N THR D 291 -61.00 -23.80 9.94
CA THR D 291 -61.56 -24.15 11.22
C THR D 291 -62.29 -22.98 11.86
N ASP D 292 -61.67 -21.80 11.86
CA ASP D 292 -62.25 -20.64 12.52
C ASP D 292 -63.05 -19.77 11.56
N ALA D 293 -63.66 -20.35 10.54
CA ALA D 293 -64.34 -19.59 9.50
C ALA D 293 -65.71 -19.12 9.91
N PRO D 294 -66.32 -18.18 9.19
CA PRO D 294 -67.73 -17.88 9.43
C PRO D 294 -68.60 -18.98 8.81
N VAL D 295 -69.20 -19.79 9.68
CA VAL D 295 -69.99 -20.93 9.22
C VAL D 295 -71.33 -20.42 8.72
N ILE D 296 -71.46 -20.27 7.39
CA ILE D 296 -72.69 -19.78 6.81
C ILE D 296 -73.44 -20.92 6.13
N SER D 297 -74.77 -20.79 6.07
CA SER D 297 -75.59 -21.81 5.43
C SER D 297 -76.92 -21.18 5.04
N GLU D 298 -77.44 -21.58 3.88
CA GLU D 298 -78.57 -20.91 3.27
C GLU D 298 -78.21 -19.49 2.82
N LEU D 299 -77.27 -19.37 1.89
CA LEU D 299 -76.97 -18.09 1.27
C LEU D 299 -77.84 -17.88 0.03
N THR D 300 -78.66 -16.83 0.05
CA THR D 300 -79.58 -16.58 -1.04
C THR D 300 -79.44 -15.14 -1.52
N CYS D 301 -78.95 -14.97 -2.74
CA CYS D 301 -78.72 -13.64 -3.30
C CYS D 301 -79.96 -13.21 -4.08
N THR D 302 -80.36 -11.96 -3.89
CA THR D 302 -81.42 -11.35 -4.67
C THR D 302 -80.87 -10.08 -5.30
N VAL D 303 -80.84 -10.07 -6.63
CA VAL D 303 -80.43 -8.90 -7.38
C VAL D 303 -81.64 -7.98 -7.43
N SER D 304 -81.74 -7.09 -6.46
CA SER D 304 -82.94 -6.29 -6.32
C SER D 304 -82.95 -5.12 -7.28
N THR D 305 -81.80 -4.53 -7.56
CA THR D 305 -81.74 -3.37 -8.43
C THR D 305 -80.56 -3.52 -9.37
N CYS D 306 -80.83 -3.35 -10.66
CA CYS D 306 -79.79 -3.50 -11.66
C CYS D 306 -79.59 -2.16 -12.36
N THR D 307 -78.43 -1.56 -12.13
CA THR D 307 -78.07 -0.29 -12.76
C THR D 307 -77.50 -0.60 -14.12
N HIS D 308 -77.58 0.37 -15.03
CA HIS D 308 -77.07 0.14 -16.38
C HIS D 308 -75.54 0.22 -16.41
N SER D 309 -74.99 1.33 -15.90
CA SER D 309 -73.56 1.61 -16.04
C SER D 309 -72.95 2.30 -14.82
N SER D 310 -73.69 2.39 -13.72
CA SER D 310 -73.22 3.07 -12.52
C SER D 310 -72.21 2.18 -11.81
N ASP D 311 -71.41 2.77 -10.94
CA ASP D 311 -70.21 2.16 -10.37
C ASP D 311 -70.59 1.05 -9.39
N PHE D 312 -71.59 1.26 -8.53
CA PHE D 312 -72.04 0.21 -7.63
C PHE D 312 -72.86 -0.84 -8.38
N GLY D 313 -73.67 -0.39 -9.32
CA GLY D 313 -74.30 -1.23 -10.32
C GLY D 313 -75.44 -2.09 -9.85
N GLY D 314 -75.13 -3.15 -9.12
CA GLY D 314 -76.13 -4.12 -8.72
C GLY D 314 -76.35 -4.12 -7.21
N ILE D 315 -77.51 -3.63 -6.80
CA ILE D 315 -77.85 -3.62 -5.39
C ILE D 315 -78.33 -5.03 -5.10
N ALA D 316 -77.41 -5.91 -4.73
CA ALA D 316 -77.75 -7.27 -4.39
C ALA D 316 -77.96 -7.39 -2.89
N VAL D 317 -78.63 -8.47 -2.49
CA VAL D 317 -78.79 -8.80 -1.08
C VAL D 317 -78.65 -10.31 -0.95
N LEU D 318 -77.48 -10.75 -0.53
CA LEU D 318 -77.26 -12.14 -0.16
C LEU D 318 -77.95 -12.35 1.18
N SER D 319 -79.11 -12.99 1.15
CA SER D 319 -79.70 -13.47 2.38
C SER D 319 -78.93 -14.72 2.78
N TYR D 320 -77.96 -14.53 3.66
CA TYR D 320 -77.10 -15.61 4.09
C TYR D 320 -77.32 -15.82 5.56
N LYS D 321 -77.91 -16.96 5.89
CA LYS D 321 -77.98 -17.44 7.25
C LYS D 321 -76.59 -17.92 7.63
N VAL D 322 -76.28 -17.85 8.92
CA VAL D 322 -74.94 -18.18 9.39
C VAL D 322 -75.07 -18.96 10.68
N GLU D 323 -74.59 -20.21 10.67
CA GLU D 323 -74.46 -20.93 11.92
C GLU D 323 -73.28 -20.40 12.71
N LYS D 324 -72.07 -20.50 12.15
CA LYS D 324 -70.89 -19.99 12.83
C LYS D 324 -70.69 -18.57 12.39
N SER D 325 -70.66 -17.67 13.37
CA SER D 325 -70.62 -16.24 13.07
C SER D 325 -69.20 -15.81 12.70
N GLY D 326 -69.11 -14.76 11.90
CA GLY D 326 -67.80 -14.26 11.50
C GLY D 326 -67.88 -13.50 10.19
N ARG D 327 -66.76 -12.91 9.83
CA ARG D 327 -66.60 -12.23 8.56
C ARG D 327 -66.56 -13.26 7.44
N CYS D 328 -66.87 -12.79 6.24
CA CYS D 328 -66.99 -13.66 5.07
C CYS D 328 -66.35 -13.00 3.86
N ASP D 329 -65.60 -13.78 3.10
CA ASP D 329 -65.09 -13.28 1.83
C ASP D 329 -66.22 -13.25 0.81
N ILE D 330 -66.39 -12.07 0.20
CA ILE D 330 -67.53 -11.87 -0.70
C ILE D 330 -67.13 -11.83 -2.16
N HIS D 331 -65.98 -12.36 -2.54
CA HIS D 331 -65.49 -12.19 -3.90
C HIS D 331 -66.24 -13.12 -4.86
N SER D 332 -66.96 -12.50 -5.78
CA SER D 332 -67.71 -13.27 -6.76
C SER D 332 -66.76 -13.84 -7.80
N HIS D 333 -66.91 -15.13 -8.08
CA HIS D 333 -66.17 -15.77 -9.16
C HIS D 333 -66.89 -15.65 -10.50
N SER D 334 -67.15 -14.43 -10.95
CA SER D 334 -67.90 -14.23 -12.19
C SER D 334 -67.27 -13.07 -12.95
N ASN D 335 -67.13 -13.22 -14.26
CA ASN D 335 -66.44 -12.21 -15.06
C ASN D 335 -67.39 -11.21 -15.69
N VAL D 336 -68.68 -11.29 -15.37
CA VAL D 336 -69.67 -10.41 -15.96
C VAL D 336 -69.97 -9.23 -15.04
N ALA D 337 -69.42 -9.24 -13.83
CA ALA D 337 -69.71 -8.16 -12.90
C ALA D 337 -68.67 -8.13 -11.79
N VAL D 338 -68.42 -6.93 -11.26
CA VAL D 338 -67.52 -6.76 -10.14
C VAL D 338 -68.35 -6.39 -8.93
N LEU D 339 -68.12 -7.09 -7.84
CA LEU D 339 -68.74 -6.77 -6.56
C LEU D 339 -68.08 -5.50 -6.07
N GLN D 340 -68.89 -4.57 -5.53
CA GLN D 340 -68.42 -3.23 -5.22
C GLN D 340 -67.45 -3.22 -4.04
N GLU D 341 -67.48 -4.24 -3.20
CA GLU D 341 -66.38 -4.49 -2.29
C GLU D 341 -66.23 -5.99 -2.16
N VAL D 342 -65.18 -6.45 -1.51
CA VAL D 342 -65.13 -7.83 -1.05
C VAL D 342 -64.79 -7.75 0.43
N SER D 343 -65.82 -7.62 1.26
CA SER D 343 -65.62 -7.26 2.64
C SER D 343 -66.53 -8.02 3.57
N ILE D 344 -67.54 -8.71 2.99
CA ILE D 344 -68.86 -9.02 3.52
C ILE D 344 -68.96 -9.43 4.99
N GLU D 345 -69.95 -8.90 5.70
CA GLU D 345 -70.01 -9.00 7.15
C GLU D 345 -70.60 -10.35 7.56
N THR D 346 -70.98 -10.42 8.83
CA THR D 346 -71.75 -11.55 9.36
C THR D 346 -73.11 -11.61 8.67
N GLU D 347 -73.61 -12.82 8.46
CA GLU D 347 -74.73 -13.09 7.56
C GLU D 347 -76.04 -12.47 8.00
N GLY D 348 -76.88 -12.17 7.04
CA GLY D 348 -78.17 -11.53 7.23
C GLY D 348 -78.78 -11.31 5.87
N ARG D 349 -79.38 -10.14 5.68
CA ARG D 349 -79.83 -9.72 4.35
C ARG D 349 -78.74 -8.82 3.80
N SER D 350 -77.55 -9.38 3.57
CA SER D 350 -76.36 -8.60 3.28
C SER D 350 -76.43 -7.99 1.88
N VAL D 351 -76.81 -6.72 1.83
CA VAL D 351 -76.85 -6.00 0.57
C VAL D 351 -75.42 -5.63 0.22
N ILE D 352 -75.08 -5.71 -1.05
CA ILE D 352 -73.76 -5.38 -1.54
C ILE D 352 -73.90 -4.82 -2.94
N HIS D 353 -73.03 -3.89 -3.30
CA HIS D 353 -72.97 -3.40 -4.67
C HIS D 353 -72.26 -4.45 -5.52
N PHE D 354 -72.79 -4.68 -6.71
CA PHE D 354 -72.24 -5.66 -7.63
C PHE D 354 -72.38 -5.10 -9.04
N SER D 355 -71.35 -4.37 -9.47
CA SER D 355 -71.42 -3.56 -10.67
C SER D 355 -70.89 -4.35 -11.86
N THR D 356 -71.64 -4.27 -12.96
CA THR D 356 -71.25 -4.95 -14.18
C THR D 356 -72.06 -4.34 -15.32
N ALA D 357 -71.38 -4.01 -16.41
CA ALA D 357 -72.02 -3.35 -17.54
C ALA D 357 -72.63 -4.31 -18.53
N SER D 358 -72.83 -5.57 -18.17
CA SER D 358 -73.48 -6.51 -19.06
C SER D 358 -74.98 -6.23 -19.05
N ALA D 359 -75.62 -6.45 -20.19
CA ALA D 359 -77.06 -6.23 -20.26
C ALA D 359 -77.82 -7.30 -19.51
N SER D 360 -77.40 -8.55 -19.65
CA SER D 360 -78.04 -9.67 -18.96
C SER D 360 -77.10 -9.99 -17.81
N PRO D 361 -77.28 -9.37 -16.65
CA PRO D 361 -76.42 -9.69 -15.51
C PRO D 361 -76.74 -11.06 -14.93
N SER D 362 -75.69 -11.82 -14.65
CA SER D 362 -75.79 -13.12 -13.99
C SER D 362 -74.39 -13.49 -13.53
N PHE D 363 -74.23 -13.69 -12.24
CA PHE D 363 -72.91 -13.88 -11.68
C PHE D 363 -72.94 -15.03 -10.67
N VAL D 364 -71.77 -15.60 -10.43
CA VAL D 364 -71.56 -16.58 -9.37
C VAL D 364 -70.92 -15.82 -8.22
N VAL D 365 -71.74 -15.36 -7.30
CA VAL D 365 -71.25 -14.66 -6.12
C VAL D 365 -70.65 -15.68 -5.17
N SER D 366 -69.46 -15.38 -4.70
CA SER D 366 -68.72 -16.31 -3.85
C SER D 366 -68.69 -15.68 -2.47
N VAL D 367 -69.72 -15.95 -1.69
CA VAL D 367 -69.92 -15.30 -0.40
C VAL D 367 -69.60 -16.31 0.67
N CYS D 368 -68.42 -16.16 1.29
CA CYS D 368 -68.05 -16.85 2.52
C CYS D 368 -67.92 -18.36 2.33
N SER D 369 -67.37 -18.79 1.21
CA SER D 369 -67.29 -20.22 0.90
C SER D 369 -68.58 -20.78 0.33
N SER D 370 -69.59 -19.93 0.19
CA SER D 370 -70.82 -20.31 -0.50
C SER D 370 -70.91 -19.48 -1.77
N ARG D 371 -71.25 -20.16 -2.86
CA ARG D 371 -71.22 -19.49 -4.16
C ARG D 371 -72.52 -19.81 -4.87
N ALA D 372 -73.28 -18.77 -5.16
CA ALA D 372 -74.60 -18.95 -5.74
C ALA D 372 -74.74 -18.04 -6.95
N THR D 373 -75.93 -18.04 -7.53
CA THR D 373 -76.22 -17.32 -8.77
C THR D 373 -76.99 -16.06 -8.42
N CYS D 374 -76.53 -14.93 -8.94
CA CYS D 374 -77.25 -13.68 -8.87
C CYS D 374 -77.49 -13.19 -10.29
N THR D 375 -78.72 -13.34 -10.77
CA THR D 375 -79.08 -13.01 -12.13
C THR D 375 -80.17 -11.96 -12.14
N ALA D 376 -80.06 -10.99 -13.04
CA ALA D 376 -81.03 -9.92 -13.12
C ALA D 376 -80.84 -9.17 -14.43
N LYS D 377 -81.51 -8.02 -14.53
CA LYS D 377 -81.36 -7.11 -15.67
C LYS D 377 -80.83 -5.79 -15.14
N CYS D 378 -79.88 -5.20 -15.86
CA CYS D 378 -79.41 -3.86 -15.52
C CYS D 378 -80.39 -2.81 -16.05
N GLU D 379 -80.07 -1.55 -15.78
CA GLU D 379 -80.94 -0.48 -16.21
C GLU D 379 -80.64 -0.07 -17.64
N PRO D 380 -81.38 0.90 -18.17
CA PRO D 380 -81.00 1.45 -19.47
C PRO D 380 -79.86 2.42 -19.30
N SER E 1 39.98 -16.56 -3.69
CA SER E 1 40.44 -16.29 -2.34
C SER E 1 39.66 -17.12 -1.34
N THR E 2 40.31 -17.55 -0.25
CA THR E 2 39.57 -18.16 0.84
C THR E 2 40.38 -18.24 2.13
N ALA E 3 41.70 -18.43 2.02
CA ALA E 3 42.49 -18.68 3.24
C ALA E 3 42.81 -17.39 3.97
N ASN E 4 43.59 -16.52 3.34
CA ASN E 4 43.69 -15.14 3.80
C ASN E 4 42.57 -14.40 3.08
N HIS E 5 41.35 -14.54 3.62
CA HIS E 5 40.16 -13.97 3.00
C HIS E 5 40.12 -12.47 3.17
N PHE E 6 40.90 -11.95 4.12
CA PHE E 6 41.08 -10.52 4.27
C PHE E 6 41.85 -9.91 3.10
N ASN E 7 42.61 -10.71 2.35
CA ASN E 7 43.26 -10.21 1.15
C ASN E 7 42.25 -9.87 0.07
N ALA E 8 41.32 -10.80 -0.20
CA ALA E 8 40.29 -10.55 -1.18
C ALA E 8 39.27 -9.54 -0.68
N TYR E 9 39.10 -9.46 0.64
CA TYR E 9 38.24 -8.41 1.19
C TYR E 9 38.89 -7.03 1.07
N LYS E 10 40.19 -6.94 1.35
CA LYS E 10 40.87 -5.65 1.36
C LYS E 10 41.22 -5.19 -0.04
N LEU E 11 41.09 -6.06 -1.03
CA LEU E 11 41.24 -5.63 -2.43
C LEU E 11 40.11 -4.69 -2.85
N THR E 12 38.87 -5.12 -2.69
CA THR E 12 37.72 -4.33 -3.15
C THR E 12 36.78 -4.02 -1.98
N ARG E 13 36.43 -2.74 -1.86
CA ARG E 13 35.55 -2.30 -0.79
C ARG E 13 34.12 -2.77 -1.05
N PRO E 14 33.33 -2.98 0.00
CA PRO E 14 31.93 -3.42 -0.20
C PRO E 14 31.05 -2.33 -0.81
N TYR E 15 29.86 -2.70 -1.27
CA TYR E 15 29.01 -1.77 -1.98
C TYR E 15 27.62 -1.82 -1.37
N VAL E 16 26.76 -0.89 -1.82
CA VAL E 16 25.35 -0.85 -1.46
C VAL E 16 24.57 -1.32 -2.67
N ALA E 17 23.31 -1.67 -2.49
CA ALA E 17 22.57 -2.31 -3.56
C ALA E 17 21.19 -1.71 -3.71
N TYR E 18 20.84 -1.37 -4.95
CA TYR E 18 19.55 -0.77 -5.26
C TYR E 18 18.53 -1.86 -5.49
N CYS E 19 18.15 -2.55 -4.41
CA CYS E 19 17.24 -3.68 -4.49
C CYS E 19 15.81 -3.18 -4.43
N ALA E 20 14.99 -3.66 -5.34
CA ALA E 20 13.59 -3.29 -5.38
C ALA E 20 12.75 -4.06 -4.36
N ASP E 21 13.18 -5.25 -3.97
CA ASP E 21 12.48 -6.04 -2.96
C ASP E 21 13.12 -5.70 -1.64
N CYS E 22 12.55 -4.72 -0.93
CA CYS E 22 13.27 -4.16 0.20
C CYS E 22 12.41 -3.81 1.40
N GLY E 23 11.37 -4.55 1.73
CA GLY E 23 10.58 -4.10 2.85
C GLY E 23 9.11 -3.86 2.61
N MET E 24 8.49 -4.67 1.75
CA MET E 24 7.06 -4.60 1.52
C MET E 24 6.65 -3.40 0.69
N GLY E 25 7.29 -3.23 -0.46
CA GLY E 25 6.81 -2.32 -1.47
C GLY E 25 7.85 -1.31 -1.86
N HIS E 26 8.52 -0.77 -0.86
CA HIS E 26 9.67 0.07 -1.13
C HIS E 26 10.86 -0.81 -1.45
N SER E 27 11.77 -0.27 -2.25
CA SER E 27 13.06 -0.87 -2.50
C SER E 27 14.02 0.21 -2.98
N CYS E 28 15.18 0.28 -2.36
CA CYS E 28 16.14 1.34 -2.68
C CYS E 28 17.53 0.77 -2.53
N HIS E 29 18.50 1.67 -2.39
CA HIS E 29 19.87 1.26 -2.11
C HIS E 29 20.00 0.83 -0.65
N SER E 30 19.60 -0.39 -0.36
CA SER E 30 19.82 -0.94 0.97
C SER E 30 21.10 -1.76 0.94
N PRO E 31 21.58 -2.19 2.11
CA PRO E 31 22.66 -3.18 2.12
C PRO E 31 22.15 -4.61 1.99
N ALA E 32 20.83 -4.79 1.87
CA ALA E 32 20.24 -6.12 1.90
C ALA E 32 19.91 -6.58 0.49
N MET E 33 20.75 -6.23 -0.48
CA MET E 33 20.61 -6.78 -1.82
C MET E 33 21.13 -8.22 -1.83
N ILE E 34 20.75 -8.99 -2.84
CA ILE E 34 21.26 -10.34 -3.04
C ILE E 34 21.67 -10.44 -4.50
N GLU E 35 22.94 -10.78 -4.73
CA GLU E 35 23.45 -10.75 -6.10
C GLU E 35 23.08 -12.00 -6.88
N ASN E 36 23.03 -13.15 -6.24
CA ASN E 36 22.62 -14.37 -6.92
C ASN E 36 22.65 -15.47 -5.88
N ILE E 37 22.06 -16.60 -6.24
CA ILE E 37 21.99 -17.76 -5.35
C ILE E 37 22.83 -18.86 -5.95
N GLN E 38 23.33 -19.75 -5.11
CA GLN E 38 24.14 -20.86 -5.57
C GLN E 38 23.40 -22.15 -5.24
N ALA E 39 22.95 -22.85 -6.27
CA ALA E 39 22.27 -24.12 -6.07
C ALA E 39 23.05 -25.17 -6.86
N ASP E 40 24.16 -25.62 -6.26
CA ASP E 40 24.83 -26.82 -6.69
C ASP E 40 24.83 -27.76 -5.50
N ALA E 41 23.76 -28.52 -5.35
CA ALA E 41 23.64 -29.35 -4.16
C ALA E 41 22.51 -30.35 -4.28
N THR E 42 22.82 -31.62 -4.07
CA THR E 42 21.76 -32.58 -3.76
C THR E 42 21.29 -32.24 -2.35
N ASP E 43 22.24 -31.88 -1.49
CA ASP E 43 21.93 -31.42 -0.15
C ASP E 43 21.25 -30.07 -0.14
N GLY E 44 21.57 -29.20 -1.09
CA GLY E 44 20.79 -27.99 -1.28
C GLY E 44 21.05 -26.87 -0.30
N THR E 45 22.29 -26.43 -0.23
CA THR E 45 22.64 -25.20 0.45
C THR E 45 22.54 -24.08 -0.58
N LEU E 46 21.66 -23.12 -0.34
CA LEU E 46 21.59 -21.93 -1.16
C LEU E 46 22.84 -21.10 -0.87
N LYS E 47 23.64 -20.86 -1.91
CA LYS E 47 24.84 -20.04 -1.79
C LYS E 47 24.49 -18.64 -2.27
N ILE E 48 23.92 -17.83 -1.38
CA ILE E 48 23.53 -16.47 -1.67
C ILE E 48 24.77 -15.60 -1.76
N GLN E 49 24.74 -14.63 -2.68
CA GLN E 49 25.83 -13.69 -2.85
C GLN E 49 25.45 -12.42 -2.11
N PHE E 50 26.14 -12.14 -1.02
CA PHE E 50 25.74 -11.06 -0.14
C PHE E 50 26.48 -9.80 -0.58
N ALA E 51 25.81 -8.67 -0.44
CA ALA E 51 26.41 -7.42 -0.86
C ALA E 51 27.50 -6.97 0.08
N SER E 52 27.43 -7.33 1.35
CA SER E 52 28.37 -6.82 2.32
C SER E 52 29.59 -7.73 2.44
N GLN E 53 30.42 -7.44 3.44
CA GLN E 53 31.55 -8.28 3.80
C GLN E 53 31.12 -9.19 4.94
N ILE E 54 30.12 -10.02 4.68
CA ILE E 54 29.56 -10.94 5.68
C ILE E 54 30.58 -12.05 5.87
N GLY E 55 31.24 -12.06 7.02
CA GLY E 55 32.39 -12.89 7.23
C GLY E 55 33.71 -12.16 7.08
N LEU E 56 33.72 -10.84 7.22
CA LEU E 56 34.93 -10.03 7.23
C LEU E 56 34.64 -8.86 8.16
N THR E 57 35.63 -8.46 8.95
CA THR E 57 35.44 -7.35 9.87
C THR E 57 35.40 -6.04 9.12
N LYS E 58 34.80 -5.02 9.75
CA LYS E 58 34.73 -3.68 9.16
C LYS E 58 36.09 -3.01 9.12
N THR E 59 37.01 -3.40 9.99
CA THR E 59 38.40 -3.03 9.91
C THR E 59 39.21 -3.98 9.05
N ASP E 60 38.56 -4.88 8.32
CA ASP E 60 39.25 -5.82 7.45
C ASP E 60 39.89 -6.96 8.23
N THR E 61 39.35 -7.22 9.42
CA THR E 61 39.82 -8.32 10.25
C THR E 61 39.04 -9.59 9.93
N HIS E 62 39.67 -10.73 10.20
CA HIS E 62 38.97 -12.00 10.05
C HIS E 62 38.07 -12.23 11.25
N ASP E 63 36.93 -11.56 11.26
CA ASP E 63 36.15 -11.42 12.48
C ASP E 63 34.87 -12.19 12.25
N HIS E 64 34.81 -13.41 12.79
CA HIS E 64 33.61 -14.24 12.71
C HIS E 64 32.44 -13.62 13.48
N THR E 65 32.73 -12.83 14.51
CA THR E 65 31.71 -11.98 15.09
C THR E 65 31.26 -10.87 14.15
N LYS E 66 32.19 -10.14 13.56
CA LYS E 66 31.85 -8.94 12.81
C LYS E 66 31.29 -9.29 11.43
N ILE E 67 29.96 -9.32 11.35
CA ILE E 67 29.28 -9.47 10.08
C ILE E 67 29.34 -8.11 9.40
N ARG E 68 30.38 -7.89 8.62
CA ARG E 68 30.67 -6.60 8.02
C ARG E 68 29.72 -6.36 6.87
N TYR E 69 29.62 -5.10 6.44
CA TYR E 69 28.68 -4.71 5.42
C TYR E 69 29.02 -3.29 4.98
N ALA E 70 28.16 -2.71 4.16
CA ALA E 70 28.47 -1.43 3.55
C ALA E 70 27.33 -0.46 3.76
N GLU E 71 27.66 0.75 4.18
CA GLU E 71 26.79 1.91 4.10
C GLU E 71 27.29 2.76 2.94
N GLY E 72 26.87 4.02 2.87
CA GLY E 72 27.49 5.00 2.00
C GLY E 72 28.95 5.19 2.33
N HIS E 73 29.25 5.24 3.62
CA HIS E 73 30.61 5.08 4.12
C HIS E 73 30.85 3.58 4.32
N ASP E 74 32.09 3.14 4.14
CA ASP E 74 32.49 1.75 3.87
C ASP E 74 32.05 0.69 4.87
N ILE E 75 32.22 0.94 6.16
CA ILE E 75 31.90 -0.10 7.13
C ILE E 75 30.46 -0.02 7.61
N ALA E 76 29.53 -0.58 6.82
CA ALA E 76 28.15 -0.64 7.25
C ALA E 76 27.85 -2.00 7.85
N GLU E 77 28.64 -2.36 8.85
CA GLU E 77 28.66 -3.71 9.38
C GLU E 77 28.02 -3.75 10.77
N ALA E 78 27.65 -4.97 11.15
CA ALA E 78 27.10 -5.26 12.46
C ALA E 78 27.77 -6.54 12.95
N ALA E 79 27.19 -7.15 13.97
CA ALA E 79 27.58 -8.48 14.41
C ALA E 79 27.10 -9.48 13.37
N ARG E 80 27.71 -10.68 13.36
CA ARG E 80 27.27 -11.71 12.43
C ARG E 80 25.96 -12.35 12.85
N SER E 81 25.53 -12.15 14.10
CA SER E 81 24.24 -12.66 14.56
C SER E 81 23.07 -11.91 13.96
N THR E 82 23.29 -10.70 13.42
CA THR E 82 22.25 -9.94 12.76
C THR E 82 21.88 -10.51 11.39
N LEU E 83 22.72 -11.36 10.82
CA LEU E 83 22.39 -12.01 9.56
C LEU E 83 21.32 -13.07 9.80
N LYS E 84 20.27 -13.00 9.00
CA LYS E 84 19.15 -13.94 9.10
C LYS E 84 18.70 -14.31 7.69
N VAL E 85 18.32 -15.58 7.51
CA VAL E 85 17.83 -16.07 6.23
C VAL E 85 16.44 -16.62 6.46
N HIS E 86 15.46 -16.09 5.74
CA HIS E 86 14.06 -16.47 5.91
C HIS E 86 13.51 -16.85 4.54
N SER E 87 13.34 -18.15 4.29
CA SER E 87 12.77 -18.57 3.01
C SER E 87 11.27 -18.80 3.12
N SER E 88 10.87 -19.79 3.91
CA SER E 88 9.50 -19.91 4.38
C SER E 88 9.51 -19.87 5.90
N SER E 89 10.69 -19.82 6.48
CA SER E 89 10.96 -19.69 7.90
C SER E 89 12.45 -19.47 8.01
N GLU E 90 12.94 -19.36 9.24
CA GLU E 90 14.35 -19.12 9.49
C GLU E 90 15.16 -20.36 9.13
N CYS E 91 15.78 -20.34 7.95
CA CYS E 91 16.55 -21.48 7.46
C CYS E 91 17.86 -21.59 8.22
N THR E 92 18.56 -22.70 8.01
CA THR E 92 19.80 -22.95 8.72
C THR E 92 20.92 -22.14 8.09
N VAL E 93 21.59 -21.33 8.91
CA VAL E 93 22.76 -20.63 8.43
C VAL E 93 23.91 -21.61 8.27
N THR E 94 24.53 -21.58 7.10
CA THR E 94 25.53 -22.58 6.79
C THR E 94 26.96 -22.08 6.85
N GLY E 95 27.30 -20.97 6.21
CA GLY E 95 28.66 -20.51 6.20
C GLY E 95 28.74 -19.18 5.49
N THR E 96 29.71 -18.38 5.92
CA THR E 96 29.79 -17.00 5.46
C THR E 96 31.25 -16.66 5.26
N MET E 97 31.55 -16.01 4.14
CA MET E 97 32.88 -15.47 3.90
C MET E 97 32.70 -14.31 2.93
N GLY E 98 32.75 -13.09 3.46
CA GLY E 98 32.81 -11.90 2.62
C GLY E 98 31.51 -11.64 1.90
N HIS E 99 31.54 -11.81 0.57
CA HIS E 99 30.35 -11.66 -0.24
C HIS E 99 29.59 -12.95 -0.41
N PHE E 100 30.13 -14.10 -0.01
CA PHE E 100 29.49 -15.39 -0.22
C PHE E 100 28.89 -15.83 1.10
N ILE E 101 27.69 -16.42 1.05
CA ILE E 101 27.06 -16.99 2.23
C ILE E 101 26.11 -18.11 1.82
N LEU E 102 26.43 -19.34 2.21
CA LEU E 102 25.63 -20.52 1.88
C LEU E 102 24.88 -20.94 3.12
N ALA E 103 23.75 -21.62 2.93
CA ALA E 103 22.93 -22.02 4.07
C ALA E 103 21.80 -22.94 3.63
N LYS E 104 21.27 -23.70 4.57
CA LYS E 104 20.22 -24.67 4.27
C LYS E 104 18.87 -24.06 4.66
N CYS E 105 18.11 -23.60 3.68
CA CYS E 105 16.82 -23.01 3.94
C CYS E 105 15.72 -24.05 3.83
N PRO E 106 14.52 -23.74 4.29
CA PRO E 106 13.40 -24.68 4.17
C PRO E 106 12.73 -24.53 2.82
N PRO E 107 11.56 -25.14 2.62
CA PRO E 107 10.74 -24.79 1.46
C PRO E 107 10.25 -23.35 1.57
N GLY E 108 10.20 -22.67 0.42
CA GLY E 108 9.85 -21.25 0.41
C GLY E 108 9.80 -20.60 -0.97
N GLU E 109 9.07 -19.49 -1.07
CA GLU E 109 8.92 -18.81 -2.35
C GLU E 109 10.06 -17.85 -2.67
N ARG E 110 10.57 -17.14 -1.67
CA ARG E 110 11.72 -16.27 -1.86
C ARG E 110 12.61 -16.36 -0.63
N ILE E 111 13.91 -16.50 -0.87
CA ILE E 111 14.90 -16.52 0.20
C ILE E 111 15.10 -15.06 0.59
N SER E 112 15.11 -14.78 1.89
CA SER E 112 15.20 -13.43 2.39
C SER E 112 16.44 -13.29 3.25
N VAL E 113 17.37 -12.47 2.79
CA VAL E 113 18.55 -12.10 3.56
C VAL E 113 18.13 -10.90 4.39
N SER E 114 18.60 -10.85 5.64
CA SER E 114 18.27 -9.76 6.53
C SER E 114 19.48 -9.43 7.37
N PHE E 115 19.87 -8.16 7.35
CA PHE E 115 20.87 -7.65 8.26
C PHE E 115 20.11 -6.79 9.25
N VAL E 116 20.26 -7.09 10.53
CA VAL E 116 19.58 -6.36 11.58
C VAL E 116 20.62 -5.86 12.57
N ASP E 117 21.19 -4.69 12.28
CA ASP E 117 21.78 -3.85 13.30
C ASP E 117 21.35 -2.41 13.07
N SER E 118 21.33 -2.02 11.80
CA SER E 118 20.90 -0.69 11.43
C SER E 118 19.67 -0.86 10.55
N LYS E 119 19.68 -1.91 9.73
CA LYS E 119 18.51 -2.31 8.96
C LYS E 119 17.49 -2.80 9.96
N ASN E 120 16.49 -1.96 10.22
CA ASN E 120 15.78 -1.88 11.50
C ASN E 120 14.92 -3.12 11.70
N GLU E 121 15.46 -4.05 12.49
CA GLU E 121 14.90 -5.38 12.62
C GLU E 121 15.00 -6.12 11.30
N HIS E 122 16.23 -6.34 10.83
CA HIS E 122 16.45 -7.06 9.59
C HIS E 122 15.99 -6.32 8.34
N ARG E 123 16.65 -5.21 8.03
CA ARG E 123 16.59 -4.65 6.68
C ARG E 123 17.15 -5.71 5.73
N THR E 124 16.32 -6.14 4.79
CA THR E 124 16.63 -7.31 3.98
C THR E 124 15.78 -7.35 2.72
N CYS E 125 15.83 -8.49 2.04
CA CYS E 125 15.06 -8.70 0.82
C CYS E 125 14.78 -10.18 0.60
N ARG E 126 13.76 -10.46 -0.20
CA ARG E 126 13.33 -11.83 -0.48
C ARG E 126 13.30 -12.02 -1.99
N ILE E 127 14.37 -12.60 -2.53
CA ILE E 127 14.44 -12.91 -3.94
C ILE E 127 13.69 -14.22 -4.18
N ALA E 128 13.10 -14.34 -5.36
CA ALA E 128 12.21 -15.46 -5.63
C ALA E 128 13.00 -16.68 -6.09
N TYR E 129 12.97 -17.73 -5.28
CA TYR E 129 13.68 -18.96 -5.59
C TYR E 129 12.79 -20.13 -5.21
N HIS E 130 12.67 -21.11 -6.08
CA HIS E 130 11.92 -22.33 -5.77
C HIS E 130 12.83 -23.24 -4.95
N HIS E 131 12.72 -23.17 -3.63
CA HIS E 131 13.55 -23.98 -2.74
C HIS E 131 12.86 -25.32 -2.51
N GLU E 132 12.91 -26.19 -3.51
CA GLU E 132 12.33 -27.52 -3.43
C GLU E 132 13.43 -28.57 -3.47
N GLN E 133 13.49 -29.39 -2.42
CA GLN E 133 14.56 -30.37 -2.28
C GLN E 133 14.25 -31.62 -3.09
N ARG E 134 14.83 -31.72 -4.28
CA ARG E 134 14.58 -32.87 -5.14
C ARG E 134 15.34 -34.08 -4.60
N LEU E 135 14.70 -34.82 -3.71
CA LEU E 135 15.39 -35.89 -3.00
C LEU E 135 15.56 -37.11 -3.89
N ILE E 136 16.74 -37.71 -3.79
CA ILE E 136 17.01 -38.91 -4.56
C ILE E 136 16.43 -40.10 -3.82
N GLY E 137 16.40 -41.25 -4.49
CA GLY E 137 15.91 -42.46 -3.88
C GLY E 137 14.51 -42.79 -4.35
N ARG E 138 14.17 -44.08 -4.21
CA ARG E 138 12.81 -44.52 -4.44
C ARG E 138 11.83 -43.92 -3.45
N GLU E 139 12.26 -43.65 -2.22
CA GLU E 139 11.47 -42.92 -1.25
C GLU E 139 11.76 -41.42 -1.36
N ARG E 140 10.94 -40.61 -0.65
CA ARG E 140 11.00 -39.15 -0.79
C ARG E 140 10.81 -38.37 0.51
N PHE E 141 11.53 -38.67 1.58
CA PHE E 141 11.38 -37.91 2.82
C PHE E 141 12.71 -37.32 3.23
N THR E 142 12.67 -36.33 4.13
CA THR E 142 13.87 -35.63 4.59
C THR E 142 14.34 -36.21 5.93
N VAL E 143 14.55 -37.52 5.95
CA VAL E 143 14.85 -38.26 7.18
C VAL E 143 16.25 -38.86 7.21
N ARG E 144 17.15 -38.24 7.94
CA ARG E 144 18.48 -38.83 8.11
C ARG E 144 18.49 -40.00 9.08
N PRO E 145 17.65 -39.99 10.12
CA PRO E 145 18.06 -40.49 11.44
C PRO E 145 18.29 -41.97 11.61
N HIS E 146 17.39 -42.84 11.17
CA HIS E 146 17.60 -44.26 11.29
C HIS E 146 18.56 -44.67 10.20
N HIS E 147 19.19 -45.82 10.37
CA HIS E 147 20.17 -46.29 9.41
C HIS E 147 19.41 -46.86 8.24
N GLY E 148 19.03 -46.01 7.29
CA GLY E 148 18.23 -46.52 6.20
C GLY E 148 19.04 -46.91 5.00
N ILE E 149 19.86 -46.00 4.49
CA ILE E 149 20.72 -46.28 3.35
C ILE E 149 21.63 -45.09 3.14
N GLU E 150 22.80 -45.37 2.58
CA GLU E 150 23.70 -44.32 2.15
C GLU E 150 23.44 -44.12 0.67
N LEU E 151 23.39 -42.87 0.25
CA LEU E 151 23.26 -42.60 -1.17
C LEU E 151 24.32 -41.61 -1.59
N PRO E 152 24.84 -41.73 -2.81
CA PRO E 152 25.75 -40.70 -3.31
C PRO E 152 24.95 -39.49 -3.73
N CYS E 153 25.21 -38.35 -3.09
CA CYS E 153 24.52 -37.12 -3.41
C CYS E 153 25.55 -36.01 -3.57
N THR E 154 25.44 -35.25 -4.64
CA THR E 154 26.41 -34.19 -4.88
C THR E 154 26.10 -33.02 -3.96
N THR E 155 26.94 -32.84 -2.94
CA THR E 155 26.66 -31.86 -1.91
C THR E 155 27.58 -30.66 -2.11
N TYR E 156 27.17 -29.54 -1.52
CA TYR E 156 27.98 -28.32 -1.57
C TYR E 156 29.15 -28.49 -0.62
N GLN E 157 30.28 -27.87 -0.97
CA GLN E 157 31.45 -27.87 -0.12
C GLN E 157 31.16 -27.00 1.07
N LEU E 158 31.41 -27.53 2.27
CA LEU E 158 31.10 -26.83 3.51
C LEU E 158 32.35 -26.44 4.27
N THR E 159 33.48 -26.34 3.59
CA THR E 159 34.70 -25.96 4.26
C THR E 159 35.13 -24.56 3.85
N THR E 160 36.27 -24.14 4.37
CA THR E 160 36.86 -22.87 4.00
C THR E 160 37.48 -23.04 2.62
N ALA E 161 37.58 -21.96 1.86
CA ALA E 161 38.01 -22.09 0.47
C ALA E 161 39.50 -21.79 0.41
N GLU E 162 40.08 -22.09 -0.76
CA GLU E 162 41.33 -21.45 -1.18
C GLU E 162 41.13 -20.69 -2.47
N THR E 163 40.70 -21.38 -3.52
CA THR E 163 40.18 -20.74 -4.73
C THR E 163 39.65 -21.87 -5.61
N SER E 164 38.46 -21.69 -6.16
CA SER E 164 38.00 -22.62 -7.18
C SER E 164 37.44 -21.86 -8.37
N GLU E 165 36.69 -20.81 -8.10
CA GLU E 165 35.93 -20.12 -9.13
C GLU E 165 35.97 -18.63 -8.82
N GLU E 166 36.48 -17.87 -9.79
CA GLU E 166 36.77 -16.46 -9.60
C GLU E 166 35.52 -15.63 -9.86
N ILE E 167 34.99 -15.06 -8.80
CA ILE E 167 34.08 -13.93 -8.88
C ILE E 167 34.89 -12.75 -9.36
N ASP E 168 34.34 -11.98 -10.28
CA ASP E 168 35.04 -10.83 -10.84
C ASP E 168 35.07 -9.70 -9.82
N MET E 169 36.08 -9.74 -8.96
CA MET E 169 36.26 -8.72 -7.93
C MET E 169 36.99 -7.55 -8.58
N HIS E 170 36.22 -6.78 -9.34
CA HIS E 170 36.75 -5.75 -10.22
C HIS E 170 35.56 -4.94 -10.70
N MET E 171 35.76 -4.17 -11.74
CA MET E 171 34.73 -3.23 -12.13
C MET E 171 34.61 -2.13 -11.09
N PRO E 172 35.56 -1.20 -11.06
CA PRO E 172 35.34 0.02 -10.31
C PRO E 172 34.17 0.80 -10.89
N PRO E 173 33.08 0.89 -10.15
CA PRO E 173 31.78 1.13 -10.78
C PRO E 173 31.43 2.60 -10.91
N ASP E 174 30.23 2.83 -11.40
CA ASP E 174 29.51 4.10 -11.29
C ASP E 174 28.12 3.80 -10.74
N ILE E 175 27.24 4.79 -10.80
CA ILE E 175 25.86 4.64 -10.32
C ILE E 175 25.06 5.90 -10.64
N PRO E 176 23.72 5.89 -10.44
CA PRO E 176 22.90 7.11 -10.63
C PRO E 176 22.73 7.83 -9.30
N ASP E 177 22.24 9.06 -9.36
CA ASP E 177 21.96 9.80 -8.13
C ASP E 177 21.42 11.19 -8.47
N ARG E 178 21.14 11.97 -7.42
CA ARG E 178 20.94 13.41 -7.56
C ARG E 178 21.43 14.26 -6.39
N THR E 179 22.08 13.68 -5.37
CA THR E 179 22.07 14.34 -4.06
C THR E 179 23.44 14.50 -3.43
N ILE E 180 24.52 14.29 -4.20
CA ILE E 180 25.86 14.20 -3.62
C ILE E 180 26.46 15.52 -3.14
N LEU E 181 25.84 16.64 -3.50
CA LEU E 181 26.45 17.94 -3.27
C LEU E 181 25.81 18.63 -2.07
N SER E 182 26.22 19.89 -1.87
CA SER E 182 25.51 20.86 -1.06
C SER E 182 25.79 22.24 -1.63
N GLN E 183 25.10 23.26 -1.13
CA GLN E 183 25.50 24.62 -1.46
C GLN E 183 24.52 25.64 -0.91
N GLN E 184 25.02 26.68 -0.27
CA GLN E 184 24.22 27.80 0.23
C GLN E 184 24.06 28.80 -0.91
N SER E 185 23.31 28.40 -1.94
CA SER E 185 22.54 29.25 -2.87
C SER E 185 23.40 30.10 -3.82
N GLY E 186 24.65 30.37 -3.50
CA GLY E 186 25.67 30.82 -4.43
C GLY E 186 26.99 30.25 -4.02
N ASN E 187 27.04 29.54 -2.89
CA ASN E 187 28.25 28.87 -2.48
C ASN E 187 28.03 27.37 -2.55
N VAL E 188 28.45 26.77 -3.66
CA VAL E 188 28.38 25.32 -3.80
C VAL E 188 29.43 24.68 -2.90
N LYS E 189 28.96 23.85 -1.96
CA LYS E 189 29.80 23.29 -0.91
C LYS E 189 29.77 21.77 -0.99
N ILE E 190 30.93 21.19 -1.23
CA ILE E 190 31.11 19.74 -1.21
C ILE E 190 31.95 19.41 0.02
N THR E 191 31.78 18.20 0.57
CA THR E 191 32.56 17.76 1.71
C THR E 191 33.27 16.44 1.41
N VAL E 192 34.03 15.94 2.39
CA VAL E 192 34.51 14.57 2.31
C VAL E 192 33.36 13.64 2.70
N ASN E 193 33.03 12.70 1.82
CA ASN E 193 31.83 11.88 2.01
C ASN E 193 31.95 10.59 1.20
N GLY E 194 30.93 9.74 1.32
CA GLY E 194 30.96 8.37 0.82
C GLY E 194 30.64 8.15 -0.65
N ARG E 195 30.93 9.13 -1.50
CA ARG E 195 30.81 8.99 -2.93
C ARG E 195 32.10 9.47 -3.58
N THR E 196 32.62 8.64 -4.50
CA THR E 196 33.79 8.98 -5.29
C THR E 196 33.39 10.08 -6.27
N VAL E 197 33.82 11.30 -5.95
CA VAL E 197 33.07 12.52 -6.25
C VAL E 197 33.48 13.13 -7.58
N ARG E 198 32.54 13.16 -8.51
CA ARG E 198 32.61 14.00 -9.69
C ARG E 198 31.70 15.20 -9.46
N TYR E 199 32.04 16.34 -10.06
CA TYR E 199 31.20 17.51 -9.98
C TYR E 199 30.44 17.64 -11.29
N SER E 200 29.19 18.09 -11.23
CA SER E 200 28.40 18.38 -12.43
C SER E 200 27.54 19.62 -12.18
N SER E 201 28.09 20.77 -12.51
CA SER E 201 27.39 22.03 -12.32
C SER E 201 26.78 22.49 -13.64
N SER E 202 26.18 23.68 -13.63
CA SER E 202 25.95 24.42 -14.87
C SER E 202 27.25 24.94 -15.44
N CYS E 203 28.24 25.20 -14.60
CA CYS E 203 29.63 25.41 -14.99
C CYS E 203 30.45 25.53 -13.71
N GLY E 204 31.68 25.02 -13.75
CA GLY E 204 32.62 25.35 -12.69
C GLY E 204 33.47 24.17 -12.27
N SER E 205 33.99 24.28 -11.04
CA SER E 205 34.90 23.29 -10.46
C SER E 205 34.12 22.23 -9.71
N GLN E 206 32.82 22.48 -9.56
CA GLN E 206 31.87 21.43 -9.24
C GLN E 206 31.12 21.05 -10.52
N ALA E 207 31.79 21.29 -11.65
CA ALA E 207 31.46 20.68 -12.92
C ALA E 207 32.61 19.84 -13.45
N VAL E 208 33.82 20.05 -12.95
CA VAL E 208 34.98 19.24 -13.29
C VAL E 208 35.99 19.44 -12.17
N GLY E 209 36.57 18.36 -11.67
CA GLY E 209 37.44 18.47 -10.53
C GLY E 209 37.22 17.40 -9.50
N THR E 210 38.13 17.29 -8.54
CA THR E 210 38.15 16.17 -7.62
C THR E 210 37.07 16.33 -6.55
N THR E 211 36.63 15.19 -6.03
CA THR E 211 35.62 15.14 -4.97
C THR E 211 36.02 14.08 -3.96
N THR E 212 36.77 14.47 -2.94
CA THR E 212 37.00 13.63 -1.79
C THR E 212 37.05 14.49 -0.53
N THR E 213 36.68 15.76 -0.66
CA THR E 213 36.89 16.75 0.38
C THR E 213 35.99 17.96 0.17
N ASP E 214 36.22 18.97 1.00
CA ASP E 214 35.37 20.16 0.99
C ASP E 214 35.88 21.15 -0.04
N LYS E 215 34.96 21.65 -0.86
CA LYS E 215 35.27 22.66 -1.86
C LYS E 215 34.08 23.59 -1.98
N THR E 216 34.36 24.88 -1.95
CA THR E 216 33.35 25.92 -2.09
C THR E 216 33.54 26.62 -3.42
N ILE E 217 32.41 26.89 -4.08
CA ILE E 217 32.40 27.53 -5.39
C ILE E 217 31.45 28.70 -5.26
N ASN E 218 31.98 29.92 -5.40
CA ASN E 218 31.16 31.10 -5.26
C ASN E 218 30.39 31.36 -6.55
N SER E 219 29.16 31.86 -6.39
CA SER E 219 28.32 32.18 -7.54
C SER E 219 27.85 30.92 -8.27
N CYS E 220 27.26 30.00 -7.51
CA CYS E 220 26.77 28.76 -8.09
C CYS E 220 25.30 28.55 -7.76
N THR E 221 24.50 28.39 -8.82
CA THR E 221 23.07 28.16 -8.66
C THR E 221 22.84 26.69 -8.35
N VAL E 222 21.77 26.44 -7.58
CA VAL E 222 21.58 25.13 -6.95
C VAL E 222 21.08 24.12 -7.96
N ASP E 223 20.41 24.59 -9.00
CA ASP E 223 19.92 23.67 -10.04
C ASP E 223 21.06 23.23 -10.94
N LYS E 224 22.16 23.99 -10.96
CA LYS E 224 23.34 23.59 -11.71
C LYS E 224 24.01 22.37 -11.11
N CYS E 225 24.38 22.42 -9.83
CA CYS E 225 25.33 21.50 -9.22
C CYS E 225 24.75 20.10 -9.02
N GLN E 226 25.66 19.12 -8.93
CA GLN E 226 25.32 17.72 -8.71
C GLN E 226 26.58 16.93 -8.39
N ALA E 227 26.57 16.20 -7.27
CA ALA E 227 27.69 15.38 -6.86
C ALA E 227 27.51 13.97 -7.38
N TYR E 228 28.57 13.43 -7.97
CA TYR E 228 28.55 12.11 -8.57
C TYR E 228 29.44 11.21 -7.75
N VAL E 229 29.05 9.95 -7.65
CA VAL E 229 29.78 8.95 -6.87
C VAL E 229 29.96 7.72 -7.73
N THR E 230 31.21 7.39 -8.03
CA THR E 230 31.55 6.17 -8.75
C THR E 230 32.26 5.20 -7.80
N SER E 231 32.73 4.07 -8.36
CA SER E 231 33.47 3.09 -7.58
C SER E 231 34.84 2.90 -8.22
N HIS E 232 35.74 2.25 -7.48
CA HIS E 232 37.14 2.18 -7.89
C HIS E 232 37.90 1.20 -7.03
N THR E 233 38.76 0.42 -7.69
CA THR E 233 39.72 -0.49 -7.04
C THR E 233 39.13 -1.84 -6.70
N LYS E 234 37.83 -1.97 -6.95
CA LYS E 234 37.10 -3.20 -6.72
C LYS E 234 35.65 -2.94 -7.14
N TRP E 235 34.85 -3.99 -7.10
CA TRP E 235 33.43 -3.79 -7.23
C TRP E 235 32.73 -5.14 -7.11
N GLN E 236 31.40 -5.10 -7.12
CA GLN E 236 30.59 -6.27 -7.40
C GLN E 236 30.67 -6.58 -8.90
N PHE E 237 30.02 -7.67 -9.30
CA PHE E 237 30.37 -8.29 -10.57
C PHE E 237 29.86 -7.56 -11.80
N ASN E 238 28.54 -7.45 -11.97
CA ASN E 238 28.00 -6.87 -13.18
C ASN E 238 27.05 -5.78 -12.74
N SER E 239 27.01 -5.54 -11.43
CA SER E 239 26.16 -4.54 -10.80
C SER E 239 24.70 -4.81 -11.06
N PRO E 240 24.11 -5.82 -10.41
CA PRO E 240 22.71 -6.19 -10.68
C PRO E 240 21.70 -5.12 -10.33
N PHE E 241 22.03 -4.22 -9.38
CA PHE E 241 21.28 -2.99 -9.33
C PHE E 241 22.16 -1.89 -9.91
N VAL E 242 23.26 -1.60 -9.21
CA VAL E 242 24.63 -1.34 -9.68
C VAL E 242 24.78 -0.81 -11.10
N PRO E 243 24.31 0.40 -11.41
CA PRO E 243 24.41 0.87 -12.80
C PRO E 243 25.84 1.26 -13.10
N ARG E 244 26.55 0.35 -13.76
CA ARG E 244 27.99 0.40 -13.80
C ARG E 244 28.41 1.09 -15.09
N ARG E 245 28.35 2.41 -15.09
CA ARG E 245 28.79 3.17 -16.25
C ARG E 245 30.24 3.59 -16.10
N MET E 246 30.99 2.89 -15.24
CA MET E 246 32.43 3.08 -15.12
C MET E 246 33.07 2.62 -16.42
N GLN E 247 33.99 3.44 -16.94
CA GLN E 247 34.52 3.23 -18.27
C GLN E 247 35.55 2.12 -18.33
N ALA E 248 36.21 1.79 -17.22
CA ALA E 248 37.29 0.82 -17.27
C ALA E 248 36.72 -0.55 -16.90
N GLU E 249 36.50 -1.38 -17.92
CA GLU E 249 36.07 -2.75 -17.69
C GLU E 249 37.27 -3.60 -17.31
N ARG E 250 37.28 -4.08 -16.06
CA ARG E 250 38.43 -4.79 -15.53
C ARG E 250 37.94 -5.60 -14.33
N LYS E 251 38.60 -6.72 -14.10
CA LYS E 251 38.13 -7.71 -13.14
C LYS E 251 39.15 -7.91 -12.03
N GLY E 252 38.68 -8.54 -10.95
CA GLY E 252 39.54 -8.97 -9.87
C GLY E 252 39.23 -10.41 -9.51
N LYS E 253 39.90 -10.90 -8.48
CA LYS E 253 39.77 -12.29 -8.08
C LYS E 253 38.99 -12.40 -6.78
N VAL E 254 37.97 -13.25 -6.80
CA VAL E 254 37.29 -13.69 -5.59
C VAL E 254 37.04 -15.18 -5.71
N HIS E 255 36.93 -15.86 -4.58
CA HIS E 255 36.66 -17.29 -4.59
C HIS E 255 35.28 -17.54 -3.98
N ILE E 256 34.50 -18.37 -4.64
CA ILE E 256 33.22 -18.84 -4.14
C ILE E 256 33.52 -19.77 -2.97
N PRO E 257 32.76 -19.71 -1.87
CA PRO E 257 33.07 -20.54 -0.72
C PRO E 257 32.52 -21.95 -0.89
N PHE E 258 33.41 -22.92 -0.75
CA PHE E 258 33.11 -24.34 -0.69
C PHE E 258 32.44 -24.89 -1.93
N PRO E 259 33.17 -25.06 -3.03
CA PRO E 259 32.60 -25.74 -4.20
C PRO E 259 32.30 -27.20 -3.90
N LEU E 260 31.31 -27.74 -4.60
CA LEU E 260 30.64 -28.97 -4.18
C LEU E 260 31.51 -30.20 -4.43
N ILE E 261 31.35 -31.20 -3.56
CA ILE E 261 32.02 -32.49 -3.67
C ILE E 261 30.96 -33.59 -3.59
N ASN E 262 31.35 -34.81 -3.96
CA ASN E 262 30.40 -35.92 -3.96
C ASN E 262 30.21 -36.41 -2.53
N THR E 263 29.17 -35.93 -1.86
CA THR E 263 28.83 -36.32 -0.49
C THR E 263 27.84 -37.47 -0.49
N THR E 264 27.23 -37.70 0.68
CA THR E 264 26.26 -38.76 0.81
C THR E 264 24.92 -38.23 1.31
N CYS E 265 23.97 -39.14 1.48
CA CYS E 265 22.67 -38.83 2.06
C CYS E 265 22.12 -40.04 2.77
N ARG E 266 21.52 -39.81 3.93
CA ARG E 266 20.93 -40.87 4.74
C ARG E 266 19.56 -41.17 4.15
N VAL E 267 19.49 -42.18 3.30
CA VAL E 267 18.28 -42.43 2.52
C VAL E 267 17.30 -43.19 3.39
N PRO E 268 16.02 -42.81 3.40
CA PRO E 268 15.06 -43.52 4.25
C PRO E 268 14.51 -44.75 3.54
N LEU E 269 14.84 -45.92 4.09
CA LEU E 269 14.27 -47.16 3.62
C LEU E 269 12.88 -47.36 4.24
N ALA E 270 11.96 -47.84 3.44
CA ALA E 270 10.57 -47.94 3.87
C ALA E 270 10.28 -49.34 4.38
N PRO E 271 9.06 -49.61 4.85
CA PRO E 271 8.64 -51.01 5.06
C PRO E 271 8.56 -51.73 3.72
N GLU E 272 8.78 -53.04 3.75
CA GLU E 272 9.11 -53.72 2.51
C GLU E 272 7.89 -54.02 1.67
N ALA E 273 7.07 -54.99 2.09
CA ALA E 273 6.03 -55.44 1.18
C ALA E 273 5.23 -56.61 1.73
N LEU E 274 4.19 -57.01 1.01
CA LEU E 274 3.50 -58.27 1.26
C LEU E 274 3.17 -58.92 -0.08
N VAL E 275 3.67 -60.13 -0.29
CA VAL E 275 3.54 -60.84 -1.56
C VAL E 275 2.28 -61.71 -1.50
N ARG E 276 1.51 -61.71 -2.59
CA ARG E 276 0.42 -62.66 -2.78
C ARG E 276 0.47 -63.09 -4.24
N SER E 277 0.89 -64.33 -4.48
CA SER E 277 1.18 -64.74 -5.85
C SER E 277 0.07 -65.60 -6.41
N GLY E 278 -0.49 -65.15 -7.53
CA GLY E 278 -1.61 -65.85 -8.11
C GLY E 278 -1.27 -66.62 -9.36
N LYS E 279 -2.26 -66.79 -10.23
CA LYS E 279 -2.05 -67.54 -11.46
C LYS E 279 -1.35 -66.65 -12.47
N ARG E 280 -0.02 -66.55 -12.35
CA ARG E 280 0.75 -65.76 -13.30
C ARG E 280 0.69 -64.27 -12.99
N GLU E 281 0.13 -63.89 -11.85
CA GLU E 281 0.04 -62.50 -11.45
C GLU E 281 0.42 -62.37 -9.99
N ALA E 282 0.99 -61.22 -9.64
CA ALA E 282 1.45 -60.97 -8.28
C ALA E 282 0.77 -59.74 -7.69
N THR E 283 0.53 -59.77 -6.39
CA THR E 283 -0.05 -58.65 -5.68
C THR E 283 0.82 -58.31 -4.49
N LEU E 284 1.53 -57.20 -4.60
CA LEU E 284 2.35 -56.67 -3.52
C LEU E 284 1.53 -55.61 -2.81
N SER E 285 1.16 -55.89 -1.57
CA SER E 285 0.52 -54.91 -0.71
C SER E 285 1.61 -54.09 -0.05
N LEU E 286 1.56 -52.78 -0.22
CA LEU E 286 2.50 -51.87 0.39
C LEU E 286 1.80 -51.13 1.52
N HIS E 287 2.35 -51.19 2.64
CA HIS E 287 1.95 -50.25 3.66
C HIS E 287 2.67 -48.94 3.41
N PRO E 288 2.13 -47.83 3.87
CA PRO E 288 2.69 -46.54 3.47
C PRO E 288 3.78 -46.01 4.38
N ILE E 289 4.72 -45.29 3.78
CA ILE E 289 5.78 -44.56 4.47
C ILE E 289 5.56 -43.13 4.00
N HIS E 290 6.49 -42.23 4.34
CA HIS E 290 6.58 -40.92 3.71
C HIS E 290 6.74 -41.12 2.21
N PRO E 291 6.08 -40.28 1.37
CA PRO E 291 5.73 -40.69 0.00
C PRO E 291 6.86 -40.90 -0.99
N THR E 292 6.78 -41.99 -1.75
CA THR E 292 7.86 -42.42 -2.64
C THR E 292 7.32 -42.84 -4.00
N LEU E 293 8.22 -43.25 -4.89
CA LEU E 293 7.83 -43.88 -6.14
C LEU E 293 8.10 -45.38 -6.03
N LEU E 294 7.21 -46.19 -6.59
CA LEU E 294 7.43 -47.61 -6.75
C LEU E 294 7.23 -47.98 -8.21
N SER E 295 8.18 -48.71 -8.79
CA SER E 295 8.19 -48.97 -10.22
C SER E 295 8.19 -50.47 -10.48
N TYR E 296 7.14 -50.94 -11.15
CA TYR E 296 7.04 -52.32 -11.55
C TYR E 296 7.49 -52.43 -12.99
N ARG E 297 8.46 -53.30 -13.23
CA ARG E 297 9.01 -53.47 -14.56
C ARG E 297 9.17 -54.96 -14.83
N THR E 298 8.79 -55.37 -16.03
CA THR E 298 8.68 -56.78 -16.38
C THR E 298 10.06 -57.37 -16.60
N PHE E 299 10.11 -58.69 -16.75
CA PHE E 299 11.37 -59.39 -16.99
C PHE E 299 11.32 -60.00 -18.39
N GLY E 300 11.98 -59.33 -19.33
CA GLY E 300 12.09 -59.85 -20.68
C GLY E 300 12.01 -58.79 -21.75
N ALA E 301 11.72 -59.21 -22.98
CA ALA E 301 11.47 -58.24 -24.04
C ALA E 301 10.15 -57.55 -23.77
N GLU E 302 10.17 -56.22 -23.96
CA GLU E 302 9.68 -55.23 -23.00
C GLU E 302 8.40 -55.61 -22.25
N ARG E 303 8.54 -55.73 -20.94
CA ARG E 303 7.42 -56.01 -20.05
C ARG E 303 6.86 -54.65 -19.68
N VAL E 304 5.71 -54.62 -19.00
CA VAL E 304 5.01 -53.38 -18.75
C VAL E 304 5.77 -52.61 -17.67
N PHE E 305 6.64 -51.72 -18.13
CA PHE E 305 7.45 -50.96 -17.20
C PHE E 305 6.60 -49.75 -16.87
N ASP E 306 6.03 -49.75 -15.67
CA ASP E 306 5.23 -48.64 -15.20
C ASP E 306 5.77 -48.22 -13.84
N GLU E 307 5.56 -46.95 -13.53
CA GLU E 307 5.91 -46.38 -12.23
C GLU E 307 4.60 -46.16 -11.50
N GLN E 308 4.68 -45.69 -10.26
CA GLN E 308 3.50 -45.37 -9.50
C GLN E 308 3.94 -44.53 -8.32
N TRP E 309 3.17 -43.50 -8.00
CA TRP E 309 3.41 -42.74 -6.78
C TRP E 309 2.95 -43.61 -5.63
N ILE E 310 3.87 -44.33 -5.01
CA ILE E 310 3.56 -45.11 -3.81
C ILE E 310 3.38 -44.10 -2.69
N THR E 311 2.12 -43.76 -2.40
CA THR E 311 1.86 -42.70 -1.43
C THR E 311 0.68 -43.01 -0.51
N ALA E 312 0.43 -44.28 -0.20
CA ALA E 312 -0.63 -44.60 0.74
C ALA E 312 -0.56 -46.08 1.06
N GLN E 313 -1.45 -46.52 1.96
CA GLN E 313 -1.55 -47.93 2.29
C GLN E 313 -2.45 -48.58 1.25
N THR E 314 -1.85 -49.41 0.39
CA THR E 314 -2.56 -49.92 -0.77
C THR E 314 -1.94 -51.23 -1.23
N GLU E 315 -2.35 -51.70 -2.41
CA GLU E 315 -1.80 -52.91 -3.00
C GLU E 315 -1.76 -52.75 -4.51
N VAL E 316 -0.72 -53.30 -5.13
CA VAL E 316 -0.55 -53.23 -6.58
C VAL E 316 -0.29 -54.65 -7.08
N THR E 317 -1.00 -55.04 -8.12
CA THR E 317 -0.79 -56.36 -8.71
C THR E 317 0.22 -56.26 -9.83
N ILE E 318 1.50 -56.39 -9.48
CA ILE E 318 2.56 -56.48 -10.47
C ILE E 318 2.40 -57.85 -11.11
N PRO E 319 2.01 -57.92 -12.37
CA PRO E 319 1.69 -59.22 -12.96
C PRO E 319 2.96 -59.97 -13.31
N VAL E 320 3.28 -60.97 -12.51
CA VAL E 320 4.57 -61.63 -12.63
C VAL E 320 4.45 -62.70 -13.71
N PRO E 321 4.87 -62.43 -14.94
CA PRO E 321 4.75 -63.42 -16.00
C PRO E 321 5.75 -64.56 -15.90
N VAL E 322 5.74 -65.44 -16.91
CA VAL E 322 6.71 -66.53 -16.96
C VAL E 322 8.11 -65.98 -17.20
N GLU E 323 8.22 -64.91 -17.98
CA GLU E 323 9.47 -64.18 -18.08
C GLU E 323 9.80 -63.43 -16.80
N GLY E 324 8.80 -63.07 -16.01
CA GLY E 324 9.04 -62.50 -14.71
C GLY E 324 8.91 -60.99 -14.69
N VAL E 325 9.26 -60.41 -13.55
CA VAL E 325 9.14 -58.97 -13.34
C VAL E 325 10.24 -58.53 -12.39
N GLU E 326 10.30 -57.22 -12.16
CA GLU E 326 11.18 -56.64 -11.16
C GLU E 326 10.34 -55.64 -10.37
N TYR E 327 10.21 -55.91 -9.07
CA TYR E 327 9.35 -55.11 -8.21
C TYR E 327 10.24 -54.15 -7.45
N GLN E 328 10.41 -52.95 -7.99
CA GLN E 328 11.14 -51.88 -7.33
C GLN E 328 10.11 -50.99 -6.67
N TRP E 329 10.03 -51.05 -5.34
CA TRP E 329 9.11 -50.23 -4.57
C TRP E 329 9.83 -49.79 -3.30
N GLY E 330 10.62 -48.73 -3.41
CA GLY E 330 11.32 -48.21 -2.24
C GLY E 330 12.81 -48.16 -2.44
N ASN E 331 13.55 -48.53 -1.38
CA ASN E 331 15.00 -48.48 -1.40
C ASN E 331 15.64 -49.86 -1.39
N HIS E 332 15.06 -50.83 -2.08
CA HIS E 332 15.70 -52.14 -2.13
C HIS E 332 16.22 -52.41 -3.53
N LYS E 333 16.98 -53.49 -3.65
CA LYS E 333 17.33 -53.98 -4.98
C LYS E 333 16.09 -54.66 -5.56
N PRO E 334 15.61 -54.21 -6.72
CA PRO E 334 14.18 -54.38 -7.06
C PRO E 334 13.78 -55.75 -7.61
N GLN E 335 14.58 -56.79 -7.40
CA GLN E 335 14.42 -58.10 -8.03
C GLN E 335 13.12 -58.79 -7.68
N ARG E 336 12.24 -58.91 -8.67
CA ARG E 336 10.97 -59.59 -8.51
C ARG E 336 11.15 -61.09 -8.74
N PHE E 337 10.03 -61.81 -8.68
CA PHE E 337 10.07 -63.26 -8.70
C PHE E 337 9.61 -63.75 -10.06
N VAL E 338 9.51 -65.07 -10.17
CA VAL E 338 9.05 -65.72 -11.40
C VAL E 338 7.78 -66.49 -11.03
N VAL E 339 7.21 -67.16 -12.04
CA VAL E 339 5.90 -67.77 -11.93
C VAL E 339 5.93 -68.98 -11.00
N ALA E 340 5.41 -68.77 -9.79
CA ALA E 340 5.42 -69.77 -8.73
C ALA E 340 5.03 -69.06 -7.45
N SER F 1 6.40 -39.93 39.25
CA SER F 1 5.09 -39.28 39.12
C SER F 1 5.25 -37.85 38.64
N THR F 2 4.51 -36.92 39.24
CA THR F 2 4.73 -35.52 38.90
C THR F 2 4.38 -34.55 40.04
N ALA F 3 4.08 -35.08 41.24
CA ALA F 3 3.58 -34.19 42.28
C ALA F 3 4.70 -33.45 43.00
N ASN F 4 5.52 -34.17 43.76
CA ASN F 4 6.72 -33.60 44.36
C ASN F 4 7.87 -34.05 43.47
N HIS F 5 8.03 -33.34 42.36
CA HIS F 5 8.79 -33.86 41.22
C HIS F 5 10.28 -33.78 41.43
N PHE F 6 10.71 -33.16 42.54
CA PHE F 6 12.11 -33.11 42.90
C PHE F 6 12.67 -34.50 43.20
N ASN F 7 11.85 -35.41 43.73
CA ASN F 7 12.34 -36.75 44.05
C ASN F 7 12.56 -37.56 42.77
N ALA F 8 11.63 -37.41 41.82
CA ALA F 8 11.79 -38.06 40.52
C ALA F 8 12.92 -37.44 39.71
N TYR F 9 13.17 -36.14 39.93
CA TYR F 9 14.33 -35.54 39.29
C TYR F 9 15.62 -35.95 40.00
N LYS F 10 15.54 -36.21 41.29
CA LYS F 10 16.73 -36.33 42.10
C LYS F 10 17.18 -37.77 42.27
N LEU F 11 16.39 -38.72 41.77
CA LEU F 11 16.84 -40.11 41.79
C LEU F 11 18.03 -40.32 40.86
N THR F 12 17.91 -39.89 39.62
CA THR F 12 19.01 -39.99 38.68
C THR F 12 19.38 -38.62 38.14
N ARG F 13 20.68 -38.41 37.96
CA ARG F 13 21.13 -37.22 37.24
C ARG F 13 20.79 -37.41 35.77
N PRO F 14 20.58 -36.32 35.03
CA PRO F 14 20.20 -36.46 33.62
C PRO F 14 21.37 -36.89 32.76
N TYR F 15 21.09 -37.44 31.58
CA TYR F 15 22.12 -38.01 30.72
C TYR F 15 21.87 -37.56 29.29
N VAL F 16 22.95 -37.34 28.56
CA VAL F 16 22.91 -36.82 27.20
C VAL F 16 23.03 -38.03 26.28
N ALA F 17 22.78 -37.82 24.98
CA ALA F 17 22.72 -38.95 24.08
C ALA F 17 23.16 -38.55 22.69
N TYR F 18 23.74 -39.51 21.97
CA TYR F 18 24.25 -39.29 20.63
C TYR F 18 23.08 -39.42 19.64
N CYS F 19 22.49 -38.29 19.32
CA CYS F 19 21.42 -38.22 18.32
C CYS F 19 22.06 -38.26 16.94
N ALA F 20 21.25 -38.56 15.93
CA ALA F 20 21.74 -38.72 14.58
C ALA F 20 21.57 -37.48 13.72
N ASP F 21 20.50 -36.72 13.92
CA ASP F 21 20.25 -35.50 13.16
C ASP F 21 20.12 -34.35 14.14
N CYS F 22 21.18 -33.54 14.27
CA CYS F 22 21.21 -32.58 15.36
C CYS F 22 21.72 -31.19 14.97
N GLY F 23 21.26 -30.60 13.87
CA GLY F 23 21.90 -29.36 13.48
C GLY F 23 22.45 -29.36 12.08
N MET F 24 21.74 -30.03 11.17
CA MET F 24 22.03 -29.95 9.75
C MET F 24 23.29 -30.72 9.36
N GLY F 25 23.37 -31.96 9.76
CA GLY F 25 24.38 -32.85 9.23
C GLY F 25 25.01 -33.67 10.31
N HIS F 26 24.78 -33.26 11.55
CA HIS F 26 25.52 -33.85 12.65
C HIS F 26 24.65 -34.80 13.46
N SER F 27 25.28 -35.87 13.91
CA SER F 27 24.83 -36.63 15.07
C SER F 27 25.86 -36.42 16.16
N CYS F 28 25.38 -36.11 17.35
CA CYS F 28 26.30 -35.74 18.41
C CYS F 28 25.61 -36.01 19.74
N HIS F 29 26.40 -36.01 20.80
CA HIS F 29 25.86 -36.23 22.13
C HIS F 29 25.19 -34.96 22.61
N SER F 30 23.97 -34.73 22.15
CA SER F 30 23.25 -33.54 22.55
C SER F 30 22.47 -33.87 23.80
N PRO F 31 22.05 -32.84 24.55
CA PRO F 31 20.98 -33.04 25.53
C PRO F 31 19.61 -32.81 24.93
N ALA F 32 19.54 -32.61 23.62
CA ALA F 32 18.27 -32.36 22.94
C ALA F 32 18.00 -33.48 21.93
N MET F 33 18.25 -34.71 22.33
CA MET F 33 17.75 -35.81 21.54
C MET F 33 16.28 -35.98 21.91
N ILE F 34 15.41 -36.10 20.92
CA ILE F 34 14.02 -36.45 21.16
C ILE F 34 14.02 -37.93 21.51
N GLU F 35 13.78 -38.24 22.77
CA GLU F 35 13.69 -39.62 23.22
C GLU F 35 12.48 -40.33 22.62
N ASN F 36 11.39 -39.60 22.42
CA ASN F 36 10.26 -40.10 21.66
C ASN F 36 9.28 -38.94 21.54
N ILE F 37 8.33 -39.09 20.63
CA ILE F 37 7.25 -38.12 20.49
C ILE F 37 5.98 -38.80 20.97
N GLN F 38 5.59 -38.48 22.20
CA GLN F 38 4.41 -39.11 22.78
C GLN F 38 3.25 -38.16 22.60
N ALA F 39 2.39 -38.45 21.65
CA ALA F 39 1.21 -37.60 21.44
C ALA F 39 0.00 -38.53 21.46
N ASP F 40 -0.47 -38.83 22.66
CA ASP F 40 -1.66 -39.64 22.84
C ASP F 40 -2.80 -38.73 23.26
N ALA F 41 -3.41 -38.06 22.28
CA ALA F 41 -4.47 -37.12 22.62
C ALA F 41 -5.28 -36.71 21.42
N THR F 42 -6.57 -36.49 21.61
CA THR F 42 -7.42 -35.93 20.57
C THR F 42 -7.23 -34.42 20.57
N ASP F 43 -6.81 -33.87 21.70
CA ASP F 43 -6.60 -32.44 21.83
C ASP F 43 -5.37 -31.95 21.10
N GLY F 44 -4.41 -32.83 20.82
CA GLY F 44 -3.27 -32.49 20.01
C GLY F 44 -2.22 -31.60 20.66
N THR F 45 -1.75 -31.99 21.82
CA THR F 45 -0.61 -31.34 22.48
C THR F 45 0.43 -32.42 22.68
N LEU F 46 1.55 -32.28 21.98
CA LEU F 46 2.58 -33.32 22.00
C LEU F 46 3.36 -33.28 23.30
N LYS F 47 3.51 -34.45 23.93
CA LYS F 47 4.36 -34.59 25.11
C LYS F 47 5.59 -35.38 24.67
N ILE F 48 6.59 -34.68 24.16
CA ILE F 48 7.76 -35.32 23.58
C ILE F 48 8.82 -35.46 24.65
N GLN F 49 9.53 -36.57 24.62
CA GLN F 49 10.55 -36.88 25.62
C GLN F 49 11.79 -36.06 25.31
N PHE F 50 12.18 -35.19 26.23
CA PHE F 50 13.36 -34.39 26.05
C PHE F 50 14.56 -35.25 26.44
N ALA F 51 15.71 -34.93 25.86
CA ALA F 51 16.91 -35.63 26.26
C ALA F 51 17.42 -35.17 27.61
N SER F 52 17.11 -33.93 27.99
CA SER F 52 17.51 -33.45 29.30
C SER F 52 16.42 -33.72 30.31
N GLN F 53 16.60 -33.14 31.51
CA GLN F 53 15.60 -33.20 32.56
C GLN F 53 14.51 -32.20 32.22
N ILE F 54 13.31 -32.71 31.95
CA ILE F 54 12.13 -31.90 31.69
C ILE F 54 11.78 -31.21 32.99
N GLY F 55 12.04 -29.92 33.05
CA GLY F 55 12.08 -29.21 34.31
C GLY F 55 13.17 -29.69 35.24
N LEU F 56 14.34 -30.04 34.70
CA LEU F 56 15.44 -30.58 35.48
C LEU F 56 16.04 -29.46 36.29
N THR F 57 16.30 -29.71 37.57
CA THR F 57 16.92 -28.69 38.42
C THR F 57 18.39 -29.03 38.61
N LYS F 58 19.23 -27.98 38.57
CA LYS F 58 20.67 -28.19 38.71
C LYS F 58 21.06 -28.51 40.14
N THR F 59 20.29 -28.03 41.11
CA THR F 59 20.31 -28.50 42.48
C THR F 59 19.08 -29.33 42.82
N ASP F 60 18.33 -29.73 41.80
CA ASP F 60 17.03 -30.38 41.98
C ASP F 60 15.98 -29.36 42.41
N THR F 61 16.18 -28.11 42.02
CA THR F 61 15.22 -27.05 42.27
C THR F 61 14.38 -26.87 41.01
N HIS F 62 13.11 -27.21 41.14
CA HIS F 62 12.20 -27.16 39.99
C HIS F 62 11.68 -25.74 39.81
N ASP F 63 12.56 -24.86 39.34
CA ASP F 63 12.21 -23.46 39.16
C ASP F 63 12.62 -23.13 37.73
N HIS F 64 11.91 -22.16 37.13
CA HIS F 64 12.03 -21.91 35.70
C HIS F 64 13.36 -21.32 35.28
N THR F 65 14.13 -20.78 36.21
CA THR F 65 15.52 -20.45 35.91
C THR F 65 16.38 -21.67 35.67
N LYS F 66 16.03 -22.81 36.26
CA LYS F 66 16.76 -24.04 36.05
C LYS F 66 15.95 -25.00 35.20
N ILE F 67 16.22 -24.99 33.90
CA ILE F 67 15.95 -26.12 33.03
C ILE F 67 17.27 -26.82 32.85
N ARG F 68 17.55 -27.79 33.72
CA ARG F 68 18.83 -28.47 33.77
C ARG F 68 18.72 -29.75 32.97
N TYR F 69 19.79 -30.10 32.28
CA TYR F 69 19.77 -31.25 31.40
C TYR F 69 21.12 -31.93 31.50
N ALA F 70 21.37 -32.83 30.56
CA ALA F 70 22.67 -33.48 30.47
C ALA F 70 23.65 -32.48 29.86
N GLU F 71 24.67 -32.12 30.63
CA GLU F 71 25.81 -31.38 30.11
C GLU F 71 27.02 -32.31 30.23
N GLY F 72 28.22 -31.79 29.99
CA GLY F 72 29.43 -32.53 30.28
C GLY F 72 29.58 -32.67 31.78
N HIS F 73 29.73 -31.54 32.46
CA HIS F 73 29.42 -31.49 33.89
C HIS F 73 27.91 -31.67 33.97
N ASP F 74 27.46 -32.47 34.95
CA ASP F 74 26.14 -33.09 35.07
C ASP F 74 24.91 -32.25 34.73
N ILE F 75 24.94 -30.96 35.04
CA ILE F 75 23.84 -30.07 34.69
C ILE F 75 24.10 -29.34 33.39
N ALA F 76 23.41 -29.73 32.32
CA ALA F 76 23.23 -28.84 31.20
C ALA F 76 22.11 -27.87 31.52
N GLU F 77 22.47 -26.79 32.20
CA GLU F 77 21.50 -25.88 32.78
C GLU F 77 21.21 -24.73 31.82
N ALA F 78 19.96 -24.27 31.84
CA ALA F 78 19.58 -23.17 30.98
C ALA F 78 18.30 -22.53 31.47
N ALA F 79 17.91 -21.46 30.79
CA ALA F 79 16.69 -20.71 31.09
C ALA F 79 15.52 -21.50 30.53
N ARG F 80 14.45 -21.61 31.32
CA ARG F 80 13.39 -22.56 31.01
C ARG F 80 12.48 -22.08 29.89
N SER F 81 12.63 -20.82 29.46
CA SER F 81 12.00 -20.38 28.23
C SER F 81 12.87 -20.69 27.01
N THR F 82 14.09 -21.20 27.21
CA THR F 82 15.07 -21.31 26.15
C THR F 82 14.78 -22.39 25.11
N LEU F 83 13.77 -23.23 25.32
CA LEU F 83 13.42 -24.25 24.35
C LEU F 83 12.72 -23.63 23.15
N LYS F 84 12.56 -24.42 22.10
CA LYS F 84 11.87 -24.00 20.90
C LYS F 84 11.38 -25.22 20.14
N VAL F 85 10.07 -25.40 20.11
CA VAL F 85 9.47 -26.45 19.29
C VAL F 85 9.24 -25.85 17.92
N HIS F 86 9.86 -26.41 16.91
CA HIS F 86 9.81 -25.87 15.55
C HIS F 86 9.08 -26.89 14.70
N SER F 87 7.75 -26.83 14.70
CA SER F 87 7.00 -27.72 13.83
C SER F 87 6.97 -27.18 12.41
N SER F 88 6.33 -26.03 12.24
CA SER F 88 6.60 -25.18 11.09
C SER F 88 7.10 -23.84 11.58
N SER F 89 6.79 -23.49 12.83
CA SER F 89 7.24 -22.27 13.47
C SER F 89 7.33 -22.60 14.95
N GLU F 90 7.43 -21.56 15.76
CA GLU F 90 7.61 -21.70 17.20
C GLU F 90 6.33 -22.21 17.84
N CYS F 91 6.26 -23.53 18.03
CA CYS F 91 5.17 -24.16 18.75
C CYS F 91 5.23 -23.79 20.23
N THR F 92 4.06 -23.64 20.83
CA THR F 92 3.95 -23.10 22.19
C THR F 92 4.34 -24.14 23.21
N VAL F 93 5.25 -23.76 24.11
CA VAL F 93 5.67 -24.69 25.15
C VAL F 93 4.62 -24.70 26.26
N THR F 94 4.17 -25.89 26.60
CA THR F 94 3.09 -26.01 27.56
C THR F 94 3.54 -26.46 28.93
N GLY F 95 4.72 -27.04 29.09
CA GLY F 95 5.20 -27.41 30.41
C GLY F 95 6.28 -28.44 30.28
N THR F 96 7.01 -28.63 31.38
CA THR F 96 8.12 -29.57 31.41
C THR F 96 7.99 -30.42 32.65
N MET F 97 8.01 -31.74 32.49
CA MET F 97 7.87 -32.65 33.61
C MET F 97 8.85 -33.80 33.46
N GLY F 98 9.77 -33.90 34.43
CA GLY F 98 10.60 -35.08 34.54
C GLY F 98 11.67 -35.11 33.49
N HIS F 99 11.41 -35.86 32.42
CA HIS F 99 12.28 -35.90 31.27
C HIS F 99 11.55 -35.56 29.98
N PHE F 100 10.26 -35.24 30.05
CA PHE F 100 9.45 -34.97 28.86
C PHE F 100 9.04 -33.50 28.91
N ILE F 101 8.85 -32.91 27.74
CA ILE F 101 8.27 -31.58 27.61
C ILE F 101 6.99 -31.67 26.78
N LEU F 102 5.91 -31.13 27.32
CA LEU F 102 4.61 -31.15 26.67
C LEU F 102 4.31 -29.76 26.16
N ALA F 103 3.66 -29.67 25.01
CA ALA F 103 3.33 -28.38 24.41
C ALA F 103 2.57 -28.58 23.10
N LYS F 104 1.91 -27.52 22.65
CA LYS F 104 1.23 -27.53 21.37
C LYS F 104 2.18 -26.98 20.30
N CYS F 105 2.26 -27.68 19.17
CA CYS F 105 3.12 -27.28 18.08
C CYS F 105 2.29 -27.03 16.84
N PRO F 106 2.88 -26.43 15.81
CA PRO F 106 2.12 -26.18 14.57
C PRO F 106 1.96 -27.44 13.76
N PRO F 107 1.17 -27.40 12.70
CA PRO F 107 0.87 -28.64 11.97
C PRO F 107 2.06 -29.07 11.13
N GLY F 108 2.18 -30.38 10.95
CA GLY F 108 3.33 -30.86 10.19
C GLY F 108 3.62 -32.35 10.23
N GLU F 109 4.68 -32.73 9.52
CA GLU F 109 5.20 -34.09 9.53
C GLU F 109 6.57 -34.19 10.18
N ARG F 110 7.25 -33.07 10.39
CA ARG F 110 8.57 -33.07 11.00
C ARG F 110 8.68 -31.95 12.02
N ILE F 111 8.98 -32.32 13.26
CA ILE F 111 9.05 -31.38 14.37
C ILE F 111 10.49 -31.32 14.86
N SER F 112 11.02 -30.12 15.01
CA SER F 112 12.32 -29.91 15.60
C SER F 112 12.12 -29.51 17.06
N VAL F 113 13.10 -29.82 17.88
CA VAL F 113 13.07 -29.48 19.29
C VAL F 113 14.42 -28.90 19.66
N SER F 114 14.42 -27.70 20.22
CA SER F 114 15.66 -27.00 20.49
C SER F 114 15.66 -26.51 21.92
N PHE F 115 16.86 -26.30 22.45
CA PHE F 115 17.06 -25.70 23.75
C PHE F 115 18.26 -24.79 23.61
N VAL F 116 18.06 -23.51 23.96
CA VAL F 116 19.14 -22.54 24.07
C VAL F 116 18.93 -21.74 25.33
N ASP F 117 19.51 -22.21 26.43
CA ASP F 117 19.60 -21.42 27.65
C ASP F 117 21.04 -21.49 28.11
N SER F 118 21.68 -22.62 27.84
CA SER F 118 23.12 -22.77 27.80
C SER F 118 23.38 -23.57 26.53
N LYS F 119 22.29 -23.82 25.81
CA LYS F 119 22.21 -24.71 24.66
C LYS F 119 23.04 -24.21 23.49
N ASN F 120 23.63 -25.15 22.74
CA ASN F 120 24.79 -24.92 21.87
C ASN F 120 24.34 -24.16 20.64
N GLU F 121 24.27 -22.84 20.80
CA GLU F 121 23.73 -21.93 19.80
C GLU F 121 22.27 -22.27 19.60
N HIS F 122 21.56 -22.52 20.69
CA HIS F 122 20.29 -23.22 20.61
C HIS F 122 20.52 -24.62 20.06
N ARG F 123 21.14 -25.48 20.87
CA ARG F 123 21.35 -26.88 20.51
C ARG F 123 20.01 -27.56 20.27
N THR F 124 19.82 -28.06 19.06
CA THR F 124 18.52 -28.57 18.63
C THR F 124 18.66 -29.85 17.81
N CYS F 125 17.59 -30.61 17.77
CA CYS F 125 17.45 -31.76 16.89
C CYS F 125 16.16 -31.59 16.08
N ARG F 126 15.94 -32.50 15.14
CA ARG F 126 14.77 -32.41 14.29
C ARG F 126 14.36 -33.81 13.88
N ILE F 127 13.21 -34.26 14.34
CA ILE F 127 12.71 -35.59 14.01
C ILE F 127 11.46 -35.46 13.15
N ALA F 128 11.00 -36.58 12.60
CA ALA F 128 9.74 -36.57 11.89
C ALA F 128 8.61 -36.92 12.85
N TYR F 129 7.50 -36.23 12.76
CA TYR F 129 6.36 -36.51 13.63
C TYR F 129 5.13 -35.94 12.95
N HIS F 130 4.22 -36.82 12.51
CA HIS F 130 3.11 -36.41 11.66
C HIS F 130 2.03 -35.73 12.50
N HIS F 131 2.30 -34.51 12.98
CA HIS F 131 1.33 -33.74 13.74
C HIS F 131 0.34 -33.14 12.75
N GLU F 132 -0.70 -33.91 12.43
CA GLU F 132 -1.81 -33.46 11.61
C GLU F 132 -3.08 -33.41 12.47
N GLN F 133 -3.83 -32.32 12.31
CA GLN F 133 -4.96 -32.06 13.21
C GLN F 133 -6.20 -32.84 12.82
N ARG F 134 -6.27 -34.12 13.20
CA ARG F 134 -7.43 -34.92 12.86
C ARG F 134 -8.57 -34.64 13.82
N LEU F 135 -9.24 -33.51 13.66
CA LEU F 135 -10.24 -33.10 14.63
C LEU F 135 -11.57 -33.77 14.31
N ILE F 136 -12.45 -33.79 15.28
CA ILE F 136 -13.74 -34.45 15.13
C ILE F 136 -14.67 -33.56 14.32
N GLY F 137 -15.79 -34.12 13.88
CA GLY F 137 -16.81 -33.35 13.20
C GLY F 137 -16.46 -33.13 11.74
N ARG F 138 -17.38 -32.47 11.05
CA ARG F 138 -17.13 -32.14 9.65
C ARG F 138 -16.11 -31.03 9.48
N GLU F 139 -16.03 -30.10 10.42
CA GLU F 139 -15.24 -28.89 10.26
C GLU F 139 -13.75 -29.18 10.37
N ARG F 140 -12.94 -28.22 9.90
CA ARG F 140 -11.50 -28.45 9.76
C ARG F 140 -10.65 -27.27 10.22
N PHE F 141 -10.85 -26.73 11.41
CA PHE F 141 -10.03 -25.59 11.81
C PHE F 141 -9.87 -25.55 13.32
N THR F 142 -8.90 -24.75 13.77
CA THR F 142 -8.66 -24.49 15.20
C THR F 142 -9.24 -23.12 15.56
N VAL F 143 -10.56 -23.06 15.69
CA VAL F 143 -11.23 -21.82 16.05
C VAL F 143 -12.43 -22.10 16.95
N ARG F 144 -12.29 -21.84 18.24
CA ARG F 144 -13.36 -22.10 19.18
C ARG F 144 -14.50 -21.09 19.06
N PRO F 145 -14.21 -19.84 18.65
CA PRO F 145 -14.86 -18.66 19.24
C PRO F 145 -16.36 -18.49 19.03
N HIS F 146 -16.87 -18.76 17.86
CA HIS F 146 -18.31 -18.85 17.69
C HIS F 146 -18.73 -20.17 18.31
N HIS F 147 -19.32 -20.08 19.50
CA HIS F 147 -19.54 -21.23 20.35
C HIS F 147 -20.68 -22.07 19.80
N GLY F 148 -20.32 -23.07 19.00
CA GLY F 148 -21.29 -24.03 18.53
C GLY F 148 -20.85 -25.46 18.80
N ILE F 149 -19.56 -25.64 19.03
CA ILE F 149 -18.98 -26.97 19.15
C ILE F 149 -19.01 -27.39 20.61
N GLU F 150 -19.72 -28.48 20.86
CA GLU F 150 -19.67 -29.19 22.14
C GLU F 150 -19.49 -30.67 21.83
N LEU F 151 -18.26 -31.10 21.68
CA LEU F 151 -18.01 -32.50 21.37
C LEU F 151 -17.06 -33.08 22.41
N PRO F 152 -16.90 -34.41 22.44
CA PRO F 152 -15.82 -34.98 23.26
C PRO F 152 -14.48 -34.70 22.59
N CYS F 153 -13.43 -34.62 23.41
CA CYS F 153 -12.09 -34.40 22.91
C CYS F 153 -11.11 -35.13 23.82
N THR F 154 -10.05 -35.67 23.22
CA THR F 154 -9.05 -36.34 24.03
C THR F 154 -7.99 -35.33 24.47
N THR F 155 -8.21 -34.71 25.62
CA THR F 155 -7.35 -33.60 26.02
C THR F 155 -6.12 -34.15 26.73
N TYR F 156 -4.97 -33.54 26.43
CA TYR F 156 -3.78 -33.80 27.21
C TYR F 156 -3.97 -33.15 28.56
N GLN F 157 -3.44 -33.79 29.60
CA GLN F 157 -3.52 -33.26 30.95
C GLN F 157 -2.66 -32.01 31.03
N LEU F 158 -3.19 -30.98 31.68
CA LEU F 158 -2.48 -29.70 31.76
C LEU F 158 -1.80 -29.50 33.09
N THR F 159 -2.16 -30.29 34.09
CA THR F 159 -1.51 -30.19 35.38
C THR F 159 -0.32 -31.14 35.41
N THR F 160 0.46 -31.02 36.48
CA THR F 160 1.53 -31.97 36.72
C THR F 160 0.91 -33.25 37.26
N ALA F 161 1.66 -34.33 37.24
CA ALA F 161 1.11 -35.64 37.56
C ALA F 161 1.07 -35.85 39.07
N GLU F 162 0.61 -37.03 39.46
CA GLU F 162 0.91 -37.57 40.78
C GLU F 162 1.64 -38.89 40.64
N THR F 163 1.09 -39.79 39.84
CA THR F 163 1.73 -40.97 39.29
C THR F 163 0.75 -41.55 38.28
N SER F 164 1.21 -41.80 37.05
CA SER F 164 0.32 -42.43 36.08
C SER F 164 0.96 -43.70 35.51
N GLU F 165 2.24 -43.64 35.24
CA GLU F 165 2.97 -44.78 34.71
C GLU F 165 4.42 -44.36 34.62
N GLU F 166 5.31 -45.25 35.04
CA GLU F 166 6.70 -44.91 35.21
C GLU F 166 7.51 -45.36 33.99
N ILE F 167 8.18 -44.40 33.39
CA ILE F 167 9.37 -44.63 32.57
C ILE F 167 10.51 -44.87 33.54
N ASP F 168 11.35 -45.84 33.23
CA ASP F 168 12.34 -46.32 34.19
C ASP F 168 13.71 -45.72 33.91
N MET F 169 14.18 -44.91 34.84
CA MET F 169 15.49 -44.30 34.75
C MET F 169 16.31 -44.79 35.93
N HIS F 170 17.44 -45.41 35.63
CA HIS F 170 18.34 -45.89 36.66
C HIS F 170 19.51 -46.58 35.96
N MET F 171 20.49 -47.03 36.77
CA MET F 171 21.60 -47.86 36.34
C MET F 171 22.48 -47.13 35.35
N PRO F 172 23.33 -46.21 35.81
CA PRO F 172 24.03 -45.29 34.90
C PRO F 172 25.08 -46.02 34.08
N PRO F 173 24.78 -46.27 32.83
CA PRO F 173 25.69 -47.04 32.00
C PRO F 173 26.61 -46.12 31.22
N ASP F 174 27.41 -46.73 30.37
CA ASP F 174 28.10 -46.01 29.32
C ASP F 174 27.70 -46.53 27.96
N ILE F 175 28.37 -46.03 26.93
CA ILE F 175 28.13 -46.39 25.53
C ILE F 175 29.43 -46.05 24.81
N PRO F 176 29.86 -46.85 23.79
CA PRO F 176 31.27 -47.01 23.44
C PRO F 176 31.94 -45.78 22.84
N ASP F 177 33.15 -45.48 23.31
CA ASP F 177 33.89 -44.31 22.89
C ASP F 177 35.36 -44.64 22.78
N ARG F 178 36.20 -43.59 22.69
CA ARG F 178 37.65 -43.75 22.72
C ARG F 178 38.41 -42.61 23.39
N THR F 179 37.74 -41.71 24.13
CA THR F 179 38.36 -40.41 24.39
C THR F 179 38.41 -40.05 25.87
N ILE F 180 38.51 -41.04 26.76
CA ILE F 180 38.35 -40.76 28.19
C ILE F 180 39.54 -40.05 28.82
N LEU F 181 40.72 -40.68 28.81
CA LEU F 181 41.82 -40.25 29.66
C LEU F 181 42.92 -39.66 28.80
N SER F 182 44.07 -39.41 29.42
CA SER F 182 45.23 -38.88 28.70
C SER F 182 46.45 -39.74 28.98
N GLN F 183 47.35 -39.86 28.02
CA GLN F 183 48.60 -40.56 28.28
C GLN F 183 49.54 -40.51 27.08
N GLN F 184 50.84 -40.46 27.37
CA GLN F 184 51.89 -40.76 26.39
C GLN F 184 52.46 -42.14 26.73
N SER F 185 51.63 -43.18 26.58
CA SER F 185 52.02 -44.58 26.30
C SER F 185 52.72 -45.29 27.45
N GLY F 186 53.27 -44.59 28.44
CA GLY F 186 53.65 -45.03 29.75
C GLY F 186 53.55 -43.87 30.71
N ASN F 187 53.01 -42.75 30.26
CA ASN F 187 52.77 -41.63 31.15
C ASN F 187 51.31 -41.23 31.05
N VAL F 188 50.48 -41.85 31.89
CA VAL F 188 49.05 -41.68 31.79
C VAL F 188 48.56 -40.78 32.91
N LYS F 189 47.75 -39.79 32.53
CA LYS F 189 47.06 -38.92 33.47
C LYS F 189 45.57 -39.25 33.40
N ILE F 190 45.01 -39.56 34.57
CA ILE F 190 43.57 -39.74 34.74
C ILE F 190 43.13 -38.79 35.85
N THR F 191 42.21 -37.89 35.52
CA THR F 191 41.75 -36.86 36.45
C THR F 191 40.29 -37.05 36.80
N VAL F 192 39.71 -36.03 37.44
CA VAL F 192 38.26 -35.97 37.60
C VAL F 192 37.62 -35.72 36.23
N ASN F 193 36.35 -36.13 36.09
CA ASN F 193 35.74 -36.17 34.75
C ASN F 193 34.25 -35.83 34.85
N GLY F 194 33.68 -35.40 33.72
CA GLY F 194 32.28 -35.01 33.66
C GLY F 194 31.35 -36.18 33.52
N ARG F 195 31.86 -37.28 32.95
CA ARG F 195 31.16 -38.55 32.95
C ARG F 195 31.93 -39.52 33.84
N THR F 196 31.26 -40.59 34.24
CA THR F 196 31.87 -41.62 35.08
C THR F 196 32.84 -42.46 34.25
N VAL F 197 34.11 -42.09 34.31
CA VAL F 197 35.12 -42.60 33.41
C VAL F 197 35.83 -43.78 34.04
N ARG F 198 35.65 -44.95 33.43
CA ARG F 198 36.41 -46.15 33.73
C ARG F 198 37.88 -45.92 33.38
N TYR F 199 38.78 -46.55 34.12
CA TYR F 199 40.22 -46.35 33.94
C TYR F 199 40.80 -47.56 33.24
N SER F 200 41.15 -47.39 31.97
CA SER F 200 41.63 -48.47 31.12
C SER F 200 43.05 -48.22 30.62
N SER F 201 43.86 -49.27 30.58
CA SER F 201 45.17 -49.27 29.96
C SER F 201 45.32 -50.49 29.05
N SER F 202 46.39 -50.53 28.27
CA SER F 202 46.67 -51.63 27.37
C SER F 202 47.34 -52.82 28.04
N CYS F 203 47.95 -52.62 29.20
CA CYS F 203 48.52 -53.71 29.97
C CYS F 203 48.46 -53.30 31.43
N GLY F 204 48.36 -54.30 32.31
CA GLY F 204 48.17 -54.00 33.71
C GLY F 204 46.69 -53.99 34.05
N SER F 205 46.38 -53.53 35.26
CA SER F 205 45.04 -53.59 35.82
C SER F 205 44.13 -52.47 35.33
N GLN F 206 44.65 -51.60 34.47
CA GLN F 206 43.80 -50.62 33.83
C GLN F 206 42.89 -51.30 32.81
N ALA F 207 41.65 -51.51 33.22
CA ALA F 207 40.56 -51.81 32.30
C ALA F 207 39.33 -50.97 32.60
N VAL F 208 39.15 -50.55 33.85
CA VAL F 208 37.86 -50.11 34.36
C VAL F 208 38.07 -49.27 35.61
N GLY F 209 37.01 -48.64 36.08
CA GLY F 209 36.99 -47.98 37.36
C GLY F 209 36.49 -46.56 37.26
N THR F 210 35.19 -46.41 37.48
CA THR F 210 34.48 -45.17 37.21
C THR F 210 34.64 -44.21 38.37
N THR F 211 35.85 -43.70 38.52
CA THR F 211 36.20 -42.78 39.59
C THR F 211 36.75 -41.54 38.95
N THR F 212 36.79 -40.45 39.71
CA THR F 212 37.32 -39.20 39.19
C THR F 212 38.64 -38.92 39.90
N THR F 213 39.47 -39.95 40.01
CA THR F 213 40.68 -39.91 40.83
C THR F 213 41.90 -39.78 39.95
N ASP F 214 42.84 -38.96 40.41
CA ASP F 214 44.03 -38.67 39.63
C ASP F 214 45.04 -39.81 39.78
N LYS F 215 45.61 -40.23 38.67
CA LYS F 215 46.58 -41.31 38.68
C LYS F 215 47.45 -41.23 37.44
N THR F 216 48.69 -41.66 37.62
CA THR F 216 49.65 -41.84 36.54
C THR F 216 49.68 -43.31 36.19
N ILE F 217 49.78 -43.60 34.90
CA ILE F 217 49.63 -44.95 34.38
C ILE F 217 50.84 -45.26 33.50
N ASN F 218 51.56 -46.31 33.84
CA ASN F 218 52.62 -46.79 32.95
C ASN F 218 52.35 -48.22 32.54
N SER F 219 53.12 -48.69 31.55
CA SER F 219 53.10 -50.09 31.12
C SER F 219 51.78 -50.48 30.46
N CYS F 220 51.30 -49.63 29.57
CA CYS F 220 49.97 -49.78 29.00
C CYS F 220 49.98 -49.24 27.58
N THR F 221 48.78 -48.93 27.09
CA THR F 221 48.61 -48.55 25.70
C THR F 221 48.40 -47.05 25.56
N VAL F 222 48.96 -46.49 24.49
CA VAL F 222 48.89 -45.06 24.25
C VAL F 222 47.50 -44.66 23.79
N ASP F 223 46.91 -45.47 22.91
CA ASP F 223 45.47 -45.38 22.67
C ASP F 223 44.72 -46.39 23.53
N LYS F 224 45.46 -47.18 24.31
CA LYS F 224 44.88 -48.30 25.04
C LYS F 224 44.19 -47.88 26.32
N CYS F 225 44.29 -46.61 26.70
CA CYS F 225 43.56 -46.07 27.83
C CYS F 225 42.07 -46.07 27.54
N GLN F 226 41.35 -46.95 28.24
CA GLN F 226 39.92 -47.09 28.04
C GLN F 226 39.26 -46.31 29.18
N ALA F 227 39.09 -45.01 28.97
CA ALA F 227 38.31 -44.18 29.85
C ALA F 227 36.85 -44.46 29.52
N TYR F 228 36.23 -45.27 30.37
CA TYR F 228 34.98 -45.89 30.05
C TYR F 228 33.86 -44.95 30.45
N VAL F 229 32.68 -45.22 29.95
CA VAL F 229 31.48 -44.53 30.37
C VAL F 229 30.82 -45.36 31.46
N THR F 230 30.19 -44.69 32.41
CA THR F 230 29.37 -45.32 33.43
C THR F 230 28.45 -44.27 34.03
N SER F 231 27.93 -44.55 35.22
CA SER F 231 27.22 -43.56 36.00
C SER F 231 27.28 -43.90 37.48
N HIS F 232 26.89 -42.94 38.29
CA HIS F 232 26.69 -43.12 39.73
C HIS F 232 25.62 -42.14 40.17
N THR F 233 24.48 -42.69 40.57
CA THR F 233 23.30 -41.89 40.89
C THR F 233 22.69 -41.24 39.65
N LYS F 234 22.61 -42.02 38.59
CA LYS F 234 22.12 -41.54 37.31
C LYS F 234 21.59 -42.73 36.53
N TRP F 235 20.89 -42.45 35.44
CA TRP F 235 20.55 -43.51 34.53
C TRP F 235 19.53 -42.99 33.55
N GLN F 236 19.71 -43.35 32.30
CA GLN F 236 18.80 -42.95 31.24
C GLN F 236 17.58 -43.84 31.24
N PHE F 237 16.64 -43.51 30.36
CA PHE F 237 15.40 -44.27 30.29
C PHE F 237 15.63 -45.63 29.68
N ASN F 238 16.01 -45.67 28.41
CA ASN F 238 16.10 -46.95 27.74
C ASN F 238 17.37 -47.00 26.93
N SER F 239 18.01 -45.85 26.76
CA SER F 239 19.16 -45.74 25.90
C SER F 239 18.80 -46.03 24.45
N PRO F 240 18.06 -45.17 23.78
CA PRO F 240 17.68 -45.43 22.39
C PRO F 240 18.85 -45.39 21.43
N PHE F 241 19.69 -44.35 21.54
CA PHE F 241 20.94 -44.37 20.79
C PHE F 241 22.01 -44.90 21.72
N VAL F 242 22.24 -44.15 22.80
CA VAL F 242 22.26 -44.62 24.19
C VAL F 242 22.78 -46.02 24.42
N PRO F 243 24.11 -46.24 24.40
CA PRO F 243 24.63 -47.59 24.66
C PRO F 243 24.30 -48.08 26.06
N ARG F 244 24.17 -49.40 26.19
CA ARG F 244 23.71 -49.99 27.44
C ARG F 244 24.92 -50.50 28.19
N ARG F 245 25.44 -49.67 29.09
CA ARG F 245 26.63 -50.03 29.83
C ARG F 245 26.25 -50.48 31.23
N MET F 246 25.13 -51.18 31.34
CA MET F 246 24.75 -51.79 32.61
C MET F 246 25.05 -53.28 32.56
N GLN F 247 25.32 -53.88 33.71
CA GLN F 247 25.31 -55.32 33.84
C GLN F 247 23.91 -55.87 34.01
N ALA F 248 23.08 -55.24 34.84
CA ALA F 248 21.74 -55.73 35.12
C ALA F 248 20.73 -54.67 34.74
N GLU F 249 19.60 -55.09 34.19
CA GLU F 249 18.58 -54.17 33.73
C GLU F 249 17.65 -53.80 34.88
N ARG F 250 17.55 -52.51 35.15
CA ARG F 250 16.77 -52.03 36.27
C ARG F 250 16.73 -50.52 36.23
N LYS F 251 15.70 -49.95 36.85
CA LYS F 251 15.60 -48.52 37.00
C LYS F 251 14.51 -48.21 38.02
N GLY F 252 14.33 -46.92 38.29
CA GLY F 252 13.20 -46.44 39.04
C GLY F 252 12.16 -45.83 38.11
N LYS F 253 11.03 -45.46 38.67
CA LYS F 253 9.89 -45.04 37.86
C LYS F 253 9.80 -43.52 37.83
N VAL F 254 9.12 -43.01 36.79
CA VAL F 254 8.80 -41.60 36.70
C VAL F 254 7.55 -41.44 35.85
N HIS F 255 6.70 -40.49 36.23
CA HIS F 255 5.45 -40.30 35.52
C HIS F 255 5.57 -39.17 34.52
N ILE F 256 5.23 -39.48 33.27
CA ILE F 256 5.14 -38.49 32.21
C ILE F 256 4.02 -37.53 32.57
N PRO F 257 4.29 -36.25 32.82
CA PRO F 257 3.33 -35.37 33.44
C PRO F 257 2.24 -34.95 32.46
N PHE F 258 1.10 -34.59 33.03
CA PHE F 258 -0.10 -34.37 32.24
C PHE F 258 -0.61 -35.66 31.63
N PRO F 259 -1.12 -36.59 32.43
CA PRO F 259 -1.89 -37.70 31.87
C PRO F 259 -3.20 -37.17 31.33
N LEU F 260 -3.53 -37.58 30.11
CA LEU F 260 -4.61 -36.98 29.34
C LEU F 260 -5.98 -37.35 29.90
N ILE F 261 -6.86 -36.36 29.97
CA ILE F 261 -8.20 -36.53 30.51
C ILE F 261 -9.20 -36.34 29.38
N ASN F 262 -10.41 -36.85 29.60
CA ASN F 262 -11.48 -36.67 28.63
C ASN F 262 -11.96 -35.22 28.73
N THR F 263 -11.58 -34.39 27.77
CA THR F 263 -11.96 -33.00 27.79
C THR F 263 -13.05 -32.74 26.76
N THR F 264 -13.40 -31.48 26.60
CA THR F 264 -14.41 -31.12 25.64
C THR F 264 -13.75 -30.75 24.31
N CYS F 265 -14.58 -30.27 23.38
CA CYS F 265 -14.10 -29.78 22.11
C CYS F 265 -15.07 -28.75 21.57
N ARG F 266 -14.52 -27.63 21.16
CA ARG F 266 -15.28 -26.56 20.52
C ARG F 266 -14.93 -26.59 19.04
N VAL F 267 -15.72 -27.33 18.27
CA VAL F 267 -15.56 -27.35 16.82
C VAL F 267 -16.63 -26.41 16.29
N PRO F 268 -16.36 -25.67 15.23
CA PRO F 268 -17.34 -24.70 14.76
C PRO F 268 -18.42 -25.39 13.95
N LEU F 269 -19.65 -24.93 14.11
CA LEU F 269 -20.74 -25.32 13.24
C LEU F 269 -20.57 -24.66 11.88
N ALA F 270 -21.18 -25.23 10.88
CA ALA F 270 -21.00 -24.72 9.52
C ALA F 270 -22.10 -23.74 9.17
N PRO F 271 -22.12 -23.22 7.94
CA PRO F 271 -23.30 -22.49 7.45
C PRO F 271 -24.48 -23.43 7.31
N GLU F 272 -25.68 -22.84 7.29
CA GLU F 272 -26.87 -23.60 7.63
C GLU F 272 -27.35 -24.50 6.50
N ALA F 273 -27.95 -23.94 5.46
CA ALA F 273 -28.49 -24.83 4.44
C ALA F 273 -29.25 -24.15 3.32
N LEU F 274 -29.50 -24.88 2.25
CA LEU F 274 -30.53 -24.53 1.26
C LEU F 274 -31.22 -25.81 0.83
N VAL F 275 -32.54 -25.83 0.90
CA VAL F 275 -33.32 -27.02 0.60
C VAL F 275 -34.32 -26.71 -0.50
N ARG F 276 -33.92 -26.92 -1.74
CA ARG F 276 -34.83 -26.83 -2.87
C ARG F 276 -35.62 -28.13 -2.89
N SER F 277 -36.94 -28.04 -2.81
CA SER F 277 -37.73 -29.25 -2.66
C SER F 277 -38.63 -29.48 -3.87
N GLY F 278 -38.12 -30.26 -4.82
CA GLY F 278 -38.87 -30.44 -6.05
C GLY F 278 -39.75 -31.66 -6.06
N LYS F 279 -39.47 -32.60 -6.96
CA LYS F 279 -40.26 -33.81 -7.03
C LYS F 279 -39.37 -35.02 -6.78
N ARG F 280 -39.55 -35.67 -5.64
CA ARG F 280 -38.85 -36.91 -5.34
C ARG F 280 -37.39 -36.73 -4.92
N GLU F 281 -36.91 -35.48 -4.88
CA GLU F 281 -35.52 -35.22 -4.59
C GLU F 281 -35.37 -33.78 -4.11
N ALA F 282 -34.45 -33.61 -3.18
CA ALA F 282 -34.11 -32.30 -2.63
C ALA F 282 -32.74 -31.89 -3.13
N THR F 283 -32.53 -30.60 -3.20
CA THR F 283 -31.24 -30.03 -3.55
C THR F 283 -30.75 -29.24 -2.35
N LEU F 284 -29.60 -29.64 -1.84
CA LEU F 284 -28.97 -28.98 -0.70
C LEU F 284 -27.92 -28.04 -1.27
N SER F 285 -28.22 -26.77 -1.24
CA SER F 285 -27.28 -25.74 -1.65
C SER F 285 -26.63 -25.16 -0.40
N LEU F 286 -25.34 -25.42 -0.24
CA LEU F 286 -24.59 -24.91 0.89
C LEU F 286 -23.51 -23.96 0.37
N HIS F 287 -23.30 -22.91 1.07
CA HIS F 287 -22.12 -22.11 0.79
C HIS F 287 -20.89 -22.75 1.44
N PRO F 288 -19.71 -22.32 1.08
CA PRO F 288 -18.49 -22.90 1.67
C PRO F 288 -18.25 -22.49 3.10
N ILE F 289 -17.38 -23.23 3.78
CA ILE F 289 -16.89 -22.92 5.12
C ILE F 289 -15.42 -23.28 5.10
N HIS F 290 -14.80 -23.35 6.26
CA HIS F 290 -13.67 -24.27 6.37
C HIS F 290 -14.25 -25.67 6.13
N PRO F 291 -13.56 -26.55 5.33
CA PRO F 291 -14.22 -27.66 4.63
C PRO F 291 -14.93 -28.74 5.46
N THR F 292 -16.05 -29.26 4.96
CA THR F 292 -16.99 -29.96 5.82
C THR F 292 -17.37 -31.33 5.25
N LEU F 293 -17.30 -32.35 6.08
CA LEU F 293 -17.65 -33.71 5.66
C LEU F 293 -19.15 -33.88 5.79
N LEU F 294 -19.86 -33.66 4.68
CA LEU F 294 -21.31 -33.66 4.67
C LEU F 294 -21.86 -35.01 4.23
N SER F 295 -22.86 -35.50 4.95
CA SER F 295 -23.38 -36.84 4.74
C SER F 295 -24.87 -36.79 4.48
N TYR F 296 -25.28 -37.32 3.33
CA TYR F 296 -26.68 -37.42 2.94
C TYR F 296 -27.06 -38.88 2.85
N ARG F 297 -27.57 -39.44 3.95
CA ARG F 297 -27.85 -40.86 4.00
C ARG F 297 -29.35 -41.07 4.02
N THR F 298 -29.84 -41.85 3.07
CA THR F 298 -31.27 -42.02 2.89
C THR F 298 -31.75 -43.06 3.87
N PHE F 299 -32.75 -42.69 4.66
CA PHE F 299 -33.24 -43.54 5.75
C PHE F 299 -34.48 -44.26 5.22
N GLY F 300 -34.59 -45.55 5.51
CA GLY F 300 -35.60 -46.34 4.84
C GLY F 300 -35.23 -47.78 4.55
N ALA F 301 -35.21 -48.12 3.26
CA ALA F 301 -34.94 -49.46 2.77
C ALA F 301 -33.44 -49.76 2.81
N GLU F 302 -33.02 -50.69 1.93
CA GLU F 302 -31.63 -50.83 1.56
C GLU F 302 -31.05 -49.48 1.17
N ARG F 303 -30.11 -49.01 1.98
CA ARG F 303 -29.86 -47.59 2.12
C ARG F 303 -29.05 -47.00 0.98
N VAL F 304 -29.74 -46.38 0.02
CA VAL F 304 -29.06 -45.47 -0.89
C VAL F 304 -28.68 -44.28 -0.04
N PHE F 305 -27.38 -44.07 0.16
CA PHE F 305 -26.94 -42.99 1.01
C PHE F 305 -25.46 -42.76 0.75
N ASP F 306 -25.08 -41.50 0.64
CA ASP F 306 -23.70 -41.14 0.35
C ASP F 306 -23.22 -40.13 1.38
N GLU F 307 -21.93 -39.83 1.32
CA GLU F 307 -21.33 -38.81 2.16
C GLU F 307 -20.01 -38.45 1.50
N GLN F 308 -19.63 -37.18 1.60
CA GLN F 308 -18.40 -36.72 0.98
C GLN F 308 -17.91 -35.50 1.73
N TRP F 309 -16.59 -35.33 1.79
CA TRP F 309 -16.05 -34.07 2.25
C TRP F 309 -16.32 -33.02 1.17
N ILE F 310 -17.34 -32.21 1.38
CA ILE F 310 -17.67 -31.14 0.44
C ILE F 310 -16.87 -29.92 0.87
N THR F 311 -16.33 -29.20 -0.13
CA THR F 311 -15.44 -28.09 0.16
C THR F 311 -15.63 -26.90 -0.78
N ALA F 312 -16.86 -26.50 -1.06
CA ALA F 312 -17.07 -25.30 -1.86
C ALA F 312 -18.47 -24.76 -1.59
N GLN F 313 -18.87 -23.76 -2.37
CA GLN F 313 -20.25 -23.32 -2.37
C GLN F 313 -20.95 -24.05 -3.50
N THR F 314 -21.65 -25.12 -3.16
CA THR F 314 -22.18 -26.02 -4.16
C THR F 314 -23.59 -26.44 -3.78
N GLU F 315 -24.12 -27.40 -4.54
CA GLU F 315 -25.45 -27.94 -4.33
C GLU F 315 -25.43 -29.41 -4.71
N VAL F 316 -26.07 -30.24 -3.90
CA VAL F 316 -26.11 -31.68 -4.10
C VAL F 316 -27.56 -32.14 -4.09
N THR F 317 -27.91 -33.04 -5.00
CA THR F 317 -29.25 -33.61 -5.01
C THR F 317 -29.32 -34.76 -4.02
N ILE F 318 -29.76 -34.46 -2.80
CA ILE F 318 -30.08 -35.49 -1.82
C ILE F 318 -31.37 -36.14 -2.29
N PRO F 319 -31.38 -37.44 -2.58
CA PRO F 319 -32.60 -38.08 -3.11
C PRO F 319 -33.68 -38.17 -2.05
N VAL F 320 -34.89 -37.76 -2.43
CA VAL F 320 -35.92 -37.53 -1.44
C VAL F 320 -36.95 -38.64 -1.57
N PRO F 321 -36.69 -39.81 -1.02
CA PRO F 321 -37.66 -40.90 -1.14
C PRO F 321 -38.82 -40.77 -0.17
N VAL F 322 -39.69 -41.76 -0.15
CA VAL F 322 -40.77 -41.78 0.83
C VAL F 322 -40.21 -42.08 2.21
N GLU F 323 -39.12 -42.82 2.27
CA GLU F 323 -38.39 -43.00 3.52
C GLU F 323 -37.68 -41.74 3.98
N GLY F 324 -37.02 -41.02 3.10
CA GLY F 324 -36.38 -39.79 3.54
C GLY F 324 -34.90 -39.94 3.75
N VAL F 325 -34.23 -38.80 3.91
CA VAL F 325 -32.78 -38.76 3.93
C VAL F 325 -32.32 -38.41 5.33
N GLU F 326 -31.01 -38.37 5.51
CA GLU F 326 -30.42 -37.84 6.72
C GLU F 326 -29.29 -36.96 6.26
N TYR F 327 -29.55 -35.66 6.18
CA TYR F 327 -28.65 -34.73 5.52
C TYR F 327 -27.79 -34.08 6.59
N GLN F 328 -26.78 -34.79 7.06
CA GLN F 328 -25.81 -34.26 8.01
C GLN F 328 -24.74 -33.55 7.19
N TRP F 329 -25.08 -32.37 6.66
CA TRP F 329 -24.19 -31.55 5.83
C TRP F 329 -23.45 -30.61 6.75
N GLY F 330 -22.66 -31.16 7.65
CA GLY F 330 -22.11 -30.37 8.72
C GLY F 330 -22.51 -30.93 10.07
N ASN F 331 -22.21 -30.18 11.13
CA ASN F 331 -22.20 -30.68 12.49
C ASN F 331 -23.51 -30.47 13.23
N HIS F 332 -24.64 -30.52 12.54
CA HIS F 332 -25.91 -30.48 13.25
C HIS F 332 -26.55 -31.88 13.24
N LYS F 333 -27.72 -31.97 13.86
CA LYS F 333 -28.52 -33.17 13.73
C LYS F 333 -29.02 -33.28 12.29
N PRO F 334 -28.88 -34.43 11.65
CA PRO F 334 -28.95 -34.48 10.18
C PRO F 334 -30.34 -34.59 9.57
N GLN F 335 -31.40 -34.26 10.33
CA GLN F 335 -32.79 -34.61 10.09
C GLN F 335 -33.40 -34.32 8.72
N ARG F 336 -33.87 -35.37 8.04
CA ARG F 336 -34.48 -35.23 6.73
C ARG F 336 -36.00 -35.16 6.86
N PHE F 337 -36.67 -35.26 5.72
CA PHE F 337 -38.11 -35.03 5.68
C PHE F 337 -38.79 -36.10 4.84
N VAL F 338 -40.03 -35.81 4.47
CA VAL F 338 -40.83 -36.65 3.59
C VAL F 338 -41.02 -35.88 2.29
N VAL F 339 -41.79 -36.47 1.37
CA VAL F 339 -41.91 -35.94 0.02
C VAL F 339 -42.80 -34.70 0.02
N ALA F 340 -42.16 -33.53 0.07
CA ALA F 340 -42.83 -32.25 0.17
C ALA F 340 -42.07 -31.38 1.16
N SER G 1 -10.95 11.10 12.09
CA SER G 1 -10.09 11.06 13.27
C SER G 1 -8.79 10.24 13.16
N THR G 2 -7.85 10.67 12.29
CA THR G 2 -6.53 10.04 12.25
C THR G 2 -5.39 11.05 12.30
N ALA G 3 -5.63 12.30 11.88
CA ALA G 3 -4.55 13.28 11.84
C ALA G 3 -4.27 13.86 13.22
N ASN G 4 -5.30 14.38 13.88
CA ASN G 4 -5.26 14.69 15.30
C ASN G 4 -5.74 13.44 16.02
N HIS G 5 -4.87 12.42 16.03
CA HIS G 5 -5.22 11.14 16.61
C HIS G 5 -5.12 11.19 18.13
N PHE G 6 -4.53 12.26 18.66
CA PHE G 6 -4.55 12.50 20.10
C PHE G 6 -5.95 12.79 20.60
N ASN G 7 -6.84 13.33 19.76
CA ASN G 7 -8.22 13.58 20.17
C ASN G 7 -8.98 12.27 20.35
N ALA G 8 -8.79 11.34 19.41
CA ALA G 8 -9.44 10.03 19.53
C ALA G 8 -8.76 9.19 20.60
N TYR G 9 -7.49 9.47 20.88
CA TYR G 9 -6.82 8.78 21.97
C TYR G 9 -7.27 9.30 23.32
N LYS G 10 -7.45 10.61 23.44
CA LYS G 10 -7.79 11.19 24.74
C LYS G 10 -9.26 11.00 25.05
N LEU G 11 -10.11 10.91 24.02
CA LEU G 11 -11.52 10.66 24.27
C LEU G 11 -11.76 9.21 24.64
N THR G 12 -10.87 8.32 24.23
CA THR G 12 -11.10 6.88 24.38
C THR G 12 -9.91 6.20 25.03
N ARG G 13 -10.08 5.84 26.29
CA ARG G 13 -9.10 4.98 26.96
C ARG G 13 -9.23 3.58 26.38
N PRO G 14 -8.14 2.79 26.36
CA PRO G 14 -8.22 1.43 25.81
C PRO G 14 -9.02 0.47 26.68
N TYR G 15 -9.71 -0.47 26.05
CA TYR G 15 -10.59 -1.38 26.75
C TYR G 15 -10.19 -2.79 26.36
N VAL G 16 -10.39 -3.74 27.29
CA VAL G 16 -9.94 -5.11 27.14
C VAL G 16 -11.16 -5.95 26.81
N ALA G 17 -10.93 -7.21 26.39
CA ALA G 17 -12.03 -7.99 25.84
C ALA G 17 -11.83 -9.47 26.12
N TYR G 18 -12.95 -10.19 26.18
CA TYR G 18 -12.98 -11.58 26.63
C TYR G 18 -12.98 -12.52 25.44
N CYS G 19 -11.83 -12.70 24.81
CA CYS G 19 -11.69 -13.59 23.67
C CYS G 19 -11.68 -15.02 24.18
N ALA G 20 -12.25 -15.93 23.40
CA ALA G 20 -12.27 -17.33 23.78
C ALA G 20 -10.97 -18.05 23.44
N ASP G 21 -10.17 -17.48 22.56
CA ASP G 21 -8.88 -18.03 22.20
C ASP G 21 -7.80 -17.06 22.66
N CYS G 22 -7.12 -17.42 23.74
CA CYS G 22 -6.06 -16.55 24.24
C CYS G 22 -4.83 -17.35 24.64
N GLY G 23 -4.37 -18.30 23.83
CA GLY G 23 -3.20 -19.04 24.23
C GLY G 23 -3.39 -20.54 24.29
N MET G 24 -4.28 -21.07 23.47
CA MET G 24 -4.47 -22.51 23.35
C MET G 24 -5.07 -23.13 24.60
N GLY G 25 -6.28 -22.70 24.96
CA GLY G 25 -7.02 -23.35 26.00
C GLY G 25 -7.54 -22.32 26.98
N HIS G 26 -6.70 -21.33 27.26
CA HIS G 26 -7.21 -20.14 27.91
C HIS G 26 -7.78 -19.21 26.85
N SER G 27 -8.77 -18.43 27.25
CA SER G 27 -9.25 -17.31 26.46
C SER G 27 -10.09 -16.42 27.36
N CYS G 28 -9.56 -15.24 27.66
CA CYS G 28 -10.16 -14.45 28.70
C CYS G 28 -10.15 -13.00 28.26
N HIS G 29 -10.36 -12.13 29.24
CA HIS G 29 -10.14 -10.71 29.03
C HIS G 29 -8.65 -10.49 28.87
N SER G 30 -8.23 -10.35 27.63
CA SER G 30 -6.90 -9.91 27.32
C SER G 30 -7.03 -8.59 26.56
N PRO G 31 -5.91 -7.94 26.25
CA PRO G 31 -5.97 -6.83 25.31
C PRO G 31 -5.92 -7.28 23.86
N ALA G 32 -5.69 -8.56 23.60
CA ALA G 32 -5.48 -9.05 22.25
C ALA G 32 -6.77 -9.63 21.69
N MET G 33 -7.91 -9.12 22.13
CA MET G 33 -9.17 -9.45 21.49
C MET G 33 -9.20 -8.75 20.14
N ILE G 34 -9.09 -9.52 19.06
CA ILE G 34 -9.15 -8.98 17.72
C ILE G 34 -10.61 -8.82 17.38
N GLU G 35 -11.07 -7.58 17.29
CA GLU G 35 -12.48 -7.34 17.05
C GLU G 35 -12.87 -7.56 15.60
N ASN G 36 -12.02 -7.18 14.66
CA ASN G 36 -12.36 -7.38 13.27
C ASN G 36 -11.13 -7.08 12.45
N ILE G 37 -10.97 -7.81 11.35
CA ILE G 37 -9.80 -7.65 10.50
C ILE G 37 -10.29 -7.34 9.11
N GLN G 38 -10.17 -6.07 8.72
CA GLN G 38 -10.68 -5.61 7.43
C GLN G 38 -9.49 -5.44 6.51
N ALA G 39 -9.55 -6.10 5.35
CA ALA G 39 -8.44 -6.03 4.41
C ALA G 39 -9.04 -5.62 3.06
N ASP G 40 -9.38 -4.35 2.96
CA ASP G 40 -9.79 -3.78 1.69
C ASP G 40 -8.54 -3.61 0.85
N ALA G 41 -8.21 -4.64 0.08
CA ALA G 41 -6.92 -4.64 -0.59
C ALA G 41 -7.00 -5.19 -2.00
N THR G 42 -6.43 -4.47 -2.95
CA THR G 42 -5.99 -5.07 -4.19
C THR G 42 -4.50 -5.36 -4.02
N ASP G 43 -3.96 -5.02 -2.85
CA ASP G 43 -2.57 -5.23 -2.54
C ASP G 43 -2.36 -6.09 -1.31
N GLY G 44 -3.37 -6.25 -0.46
CA GLY G 44 -3.29 -7.17 0.65
C GLY G 44 -2.52 -6.70 1.87
N THR G 45 -3.00 -5.67 2.53
CA THR G 45 -2.51 -5.26 3.84
C THR G 45 -3.70 -5.31 4.80
N LEU G 46 -3.67 -6.25 5.74
CA LEU G 46 -4.77 -6.43 6.68
C LEU G 46 -4.77 -5.31 7.72
N LYS G 47 -5.90 -4.65 7.88
CA LYS G 47 -6.12 -3.73 8.98
C LYS G 47 -6.97 -4.46 10.00
N ILE G 48 -6.39 -4.75 11.15
CA ILE G 48 -7.11 -5.41 12.24
C ILE G 48 -7.63 -4.33 13.17
N GLN G 49 -8.78 -4.60 13.80
CA GLN G 49 -9.30 -3.79 14.88
C GLN G 49 -8.81 -4.42 16.17
N PHE G 50 -7.97 -3.71 16.89
CA PHE G 50 -7.29 -4.28 18.05
C PHE G 50 -7.80 -3.55 19.29
N ALA G 51 -7.56 -4.18 20.43
CA ALA G 51 -8.15 -3.67 21.66
C ALA G 51 -7.33 -2.54 22.28
N SER G 52 -6.03 -2.52 22.02
CA SER G 52 -5.19 -1.53 22.68
C SER G 52 -5.21 -0.22 21.90
N GLN G 53 -4.49 0.76 22.44
CA GLN G 53 -4.25 2.03 21.75
C GLN G 53 -3.15 1.79 20.73
N ILE G 54 -3.47 1.93 19.45
CA ILE G 54 -2.49 1.76 18.38
C ILE G 54 -1.60 2.99 18.40
N GLY G 55 -0.45 2.85 19.04
CA GLY G 55 0.51 3.92 19.17
C GLY G 55 0.12 5.06 20.09
N LEU G 56 -0.91 4.88 20.92
CA LEU G 56 -1.42 5.95 21.77
C LEU G 56 -0.61 5.94 23.06
N THR G 57 -0.28 7.12 23.56
CA THR G 57 0.51 7.20 24.78
C THR G 57 -0.40 7.11 26.00
N LYS G 58 0.20 6.83 27.16
CA LYS G 58 -0.51 6.91 28.42
C LYS G 58 -0.92 8.33 28.76
N THR G 59 -0.11 9.31 28.34
CA THR G 59 -0.51 10.70 28.34
C THR G 59 -1.05 11.14 26.99
N ASP G 60 -1.34 10.19 26.10
CA ASP G 60 -1.79 10.50 24.74
C ASP G 60 -0.68 11.14 23.92
N THR G 61 0.45 10.47 23.86
CA THR G 61 1.56 10.87 23.00
C THR G 61 1.57 9.98 21.77
N HIS G 62 1.87 10.58 20.64
CA HIS G 62 2.00 9.82 19.41
C HIS G 62 3.41 9.26 19.31
N ASP G 63 3.66 8.20 20.07
CA ASP G 63 5.03 7.67 20.19
C ASP G 63 4.94 6.15 20.10
N HIS G 64 5.80 5.55 19.28
CA HIS G 64 5.84 4.10 19.14
C HIS G 64 6.42 3.42 20.37
N THR G 65 7.14 4.15 21.20
CA THR G 65 7.47 3.68 22.53
C THR G 65 6.24 3.51 23.41
N LYS G 66 5.17 4.26 23.17
CA LYS G 66 3.90 4.02 23.82
C LYS G 66 2.97 3.28 22.88
N ILE G 67 3.15 1.97 22.78
CA ILE G 67 2.13 1.09 22.25
C ILE G 67 1.11 0.93 23.38
N ARG G 68 -0.02 1.60 23.22
CA ARG G 68 -1.03 1.71 24.28
C ARG G 68 -1.75 0.38 24.43
N TYR G 69 -2.03 0.00 25.66
CA TYR G 69 -2.62 -1.29 25.93
C TYR G 69 -3.66 -1.09 27.01
N ALA G 70 -4.07 -2.19 27.62
CA ALA G 70 -5.05 -2.11 28.70
C ALA G 70 -4.48 -2.84 29.90
N GLU G 71 -5.16 -2.68 31.04
CA GLU G 71 -4.96 -3.51 32.21
C GLU G 71 -6.33 -3.62 32.88
N GLY G 72 -6.36 -4.09 34.13
CA GLY G 72 -7.54 -3.89 34.95
C GLY G 72 -7.66 -2.41 35.28
N HIS G 73 -6.50 -1.79 35.52
CA HIS G 73 -6.37 -0.34 35.60
C HIS G 73 -6.38 0.22 34.19
N ASP G 74 -6.74 1.49 34.05
CA ASP G 74 -6.93 2.12 32.75
C ASP G 74 -5.65 2.27 31.93
N ILE G 75 -4.55 2.64 32.58
CA ILE G 75 -3.32 2.92 31.83
C ILE G 75 -2.57 1.62 31.59
N ALA G 76 -2.87 0.96 30.47
CA ALA G 76 -2.07 -0.17 30.04
C ALA G 76 -1.05 0.30 29.02
N GLU G 77 0.20 -0.02 29.28
CA GLU G 77 1.29 0.46 28.44
C GLU G 77 2.07 -0.71 27.85
N ALA G 78 2.83 -0.41 26.78
CA ALA G 78 3.81 -1.32 26.25
C ALA G 78 4.60 -0.56 25.20
N ALA G 79 5.57 -1.24 24.60
CA ALA G 79 6.41 -0.67 23.56
C ALA G 79 5.97 -1.23 22.21
N ARG G 80 6.42 -0.59 21.13
CA ARG G 80 6.05 -1.04 19.79
C ARG G 80 6.77 -2.33 19.41
N SER G 81 7.90 -2.62 20.05
CA SER G 81 8.59 -3.87 19.79
C SER G 81 7.85 -5.07 20.39
N THR G 82 7.02 -4.85 21.41
CA THR G 82 6.26 -5.91 22.05
C THR G 82 5.15 -6.44 21.16
N LEU G 83 4.69 -5.66 20.19
CA LEU G 83 3.67 -6.10 19.27
C LEU G 83 4.24 -7.08 18.27
N LYS G 84 3.41 -8.04 17.88
CA LYS G 84 3.77 -9.05 16.90
C LYS G 84 2.51 -9.49 16.17
N VAL G 85 2.62 -9.64 14.86
CA VAL G 85 1.53 -10.17 14.06
C VAL G 85 2.11 -11.28 13.21
N HIS G 86 1.62 -12.50 13.40
CA HIS G 86 2.17 -13.68 12.75
C HIS G 86 1.01 -14.46 12.16
N SER G 87 0.94 -14.55 10.84
CA SER G 87 -0.15 -15.31 10.24
C SER G 87 0.25 -16.76 10.00
N SER G 88 1.24 -16.97 9.15
CA SER G 88 1.97 -18.22 9.10
C SER G 88 3.44 -17.89 9.23
N SER G 89 3.74 -16.60 9.37
CA SER G 89 5.05 -16.06 9.63
C SER G 89 4.80 -14.63 10.10
N GLU G 90 5.78 -14.05 10.77
CA GLU G 90 5.63 -12.74 11.38
C GLU G 90 5.63 -11.67 10.31
N CYS G 91 4.44 -11.33 9.83
CA CYS G 91 4.30 -10.32 8.78
C CYS G 91 4.52 -8.93 9.37
N THR G 92 5.14 -8.07 8.56
CA THR G 92 5.56 -6.75 9.00
C THR G 92 4.35 -5.83 9.16
N VAL G 93 4.32 -5.11 10.28
CA VAL G 93 3.23 -4.19 10.54
C VAL G 93 3.41 -2.93 9.72
N THR G 94 2.31 -2.20 9.56
CA THR G 94 2.35 -0.92 8.87
C THR G 94 2.14 0.25 9.82
N GLY G 95 1.18 0.19 10.72
CA GLY G 95 0.96 1.29 11.64
C GLY G 95 -0.16 0.99 12.61
N THR G 96 -0.31 1.91 13.56
CA THR G 96 -1.33 1.79 14.59
C THR G 96 -1.96 3.17 14.76
N MET G 97 -3.27 3.17 14.97
CA MET G 97 -4.00 4.41 15.20
C MET G 97 -5.30 4.00 15.89
N GLY G 98 -5.42 4.35 17.17
CA GLY G 98 -6.61 4.01 17.93
C GLY G 98 -6.69 2.52 18.17
N HIS G 99 -7.74 1.91 17.62
CA HIS G 99 -7.84 0.46 17.66
C HIS G 99 -7.41 -0.19 16.37
N PHE G 100 -7.01 0.58 15.37
CA PHE G 100 -6.70 0.04 14.05
C PHE G 100 -5.21 -0.24 13.98
N ILE G 101 -4.84 -1.47 13.62
CA ILE G 101 -3.45 -1.83 13.37
C ILE G 101 -3.34 -2.47 12.00
N LEU G 102 -2.63 -1.81 11.09
CA LEU G 102 -2.57 -2.21 9.69
C LEU G 102 -1.19 -2.74 9.39
N ALA G 103 -1.12 -3.80 8.59
CA ALA G 103 0.15 -4.44 8.25
C ALA G 103 -0.11 -5.57 7.27
N LYS G 104 0.95 -6.01 6.59
CA LYS G 104 0.81 -7.09 5.63
C LYS G 104 1.42 -8.35 6.23
N CYS G 105 0.80 -9.49 5.99
CA CYS G 105 1.29 -10.77 6.48
C CYS G 105 1.30 -11.77 5.32
N PRO G 106 1.80 -12.98 5.55
CA PRO G 106 1.81 -13.98 4.50
C PRO G 106 0.47 -14.69 4.40
N PRO G 107 0.36 -15.72 3.58
CA PRO G 107 -0.90 -16.46 3.50
C PRO G 107 -1.06 -17.36 4.71
N GLY G 108 -2.32 -17.67 5.03
CA GLY G 108 -2.60 -18.57 6.13
C GLY G 108 -4.07 -18.66 6.50
N GLU G 109 -4.40 -19.52 7.47
CA GLU G 109 -5.77 -19.67 7.91
C GLU G 109 -6.12 -18.81 9.13
N ARG G 110 -5.14 -18.42 9.93
CA ARG G 110 -5.39 -17.58 11.09
C ARG G 110 -4.21 -16.64 11.27
N ILE G 111 -4.44 -15.57 12.02
CA ILE G 111 -3.45 -14.54 12.27
C ILE G 111 -3.39 -14.33 13.77
N SER G 112 -2.18 -14.19 14.31
CA SER G 112 -1.96 -13.99 15.73
C SER G 112 -1.45 -12.58 15.97
N VAL G 113 -2.19 -11.83 16.77
CA VAL G 113 -1.75 -10.56 17.31
C VAL G 113 -1.23 -10.83 18.72
N SER G 114 -0.12 -10.20 19.06
CA SER G 114 0.54 -10.46 20.33
C SER G 114 1.14 -9.15 20.85
N PHE G 115 1.11 -9.00 22.16
CA PHE G 115 1.68 -7.83 22.80
C PHE G 115 2.35 -8.28 24.09
N VAL G 116 3.67 -8.16 24.12
CA VAL G 116 4.43 -8.37 25.34
C VAL G 116 5.15 -7.07 25.64
N ASP G 117 4.44 -6.15 26.30
CA ASP G 117 5.01 -4.87 26.72
C ASP G 117 4.68 -4.65 28.19
N SER G 118 3.54 -5.17 28.62
CA SER G 118 3.25 -5.34 30.03
C SER G 118 2.80 -6.78 30.16
N LYS G 119 2.18 -7.28 29.09
CA LYS G 119 1.59 -8.62 29.03
C LYS G 119 2.64 -9.71 28.97
N ASN G 120 2.33 -10.87 29.55
CA ASN G 120 3.32 -11.91 29.81
C ASN G 120 3.62 -12.65 28.52
N GLU G 121 4.77 -12.34 27.94
CA GLU G 121 5.39 -13.10 26.86
C GLU G 121 4.60 -13.06 25.56
N HIS G 122 4.23 -11.86 25.12
CA HIS G 122 3.26 -11.73 24.04
C HIS G 122 1.91 -12.27 24.47
N ARG G 123 1.26 -11.59 25.41
CA ARG G 123 -0.16 -11.79 25.64
C ARG G 123 -0.88 -11.51 24.33
N THR G 124 -1.45 -12.54 23.73
CA THR G 124 -1.88 -12.47 22.35
C THR G 124 -2.94 -13.51 22.04
N CYS G 125 -3.74 -13.19 21.04
CA CYS G 125 -4.78 -14.07 20.53
C CYS G 125 -4.53 -14.31 19.05
N ARG G 126 -5.26 -15.26 18.49
CA ARG G 126 -5.10 -15.58 17.08
C ARG G 126 -6.46 -15.90 16.52
N ILE G 127 -6.92 -15.07 15.60
CA ILE G 127 -8.25 -15.23 15.03
C ILE G 127 -8.14 -15.96 13.71
N ALA G 128 -9.20 -16.66 13.34
CA ALA G 128 -9.19 -17.41 12.10
C ALA G 128 -9.63 -16.51 10.95
N TYR G 129 -8.70 -16.22 10.04
CA TYR G 129 -9.03 -15.43 8.87
C TYR G 129 -8.22 -16.01 7.71
N HIS G 130 -8.90 -16.57 6.73
CA HIS G 130 -8.22 -17.23 5.61
C HIS G 130 -7.67 -16.15 4.70
N HIS G 131 -6.47 -15.68 5.03
CA HIS G 131 -5.79 -14.65 4.26
C HIS G 131 -5.27 -15.28 2.98
N GLU G 132 -5.87 -14.91 1.86
CA GLU G 132 -5.63 -15.54 0.57
C GLU G 132 -4.89 -14.58 -0.36
N GLN G 133 -4.06 -15.16 -1.22
CA GLN G 133 -3.26 -14.38 -2.16
C GLN G 133 -4.05 -14.07 -3.42
N ARG G 134 -5.05 -13.20 -3.31
CA ARG G 134 -5.90 -12.86 -4.45
C ARG G 134 -5.14 -11.95 -5.41
N LEU G 135 -4.40 -12.56 -6.33
CA LEU G 135 -3.54 -11.78 -7.20
C LEU G 135 -4.07 -11.75 -8.62
N ILE G 136 -4.37 -10.54 -9.10
CA ILE G 136 -4.80 -10.40 -10.48
C ILE G 136 -3.57 -10.36 -11.37
N GLY G 137 -3.74 -10.78 -12.61
CA GLY G 137 -2.66 -10.81 -13.56
C GLY G 137 -2.71 -12.02 -14.47
N ARG G 138 -1.97 -11.94 -15.58
CA ARG G 138 -1.89 -13.06 -16.50
C ARG G 138 -1.09 -14.22 -15.94
N GLU G 139 -0.14 -13.95 -15.04
CA GLU G 139 0.59 -14.97 -14.33
C GLU G 139 -0.11 -15.30 -13.01
N ARG G 140 0.55 -16.09 -12.17
CA ARG G 140 -0.04 -16.45 -10.88
C ARG G 140 0.95 -16.47 -9.72
N PHE G 141 1.83 -15.48 -9.58
CA PHE G 141 2.80 -15.51 -8.50
C PHE G 141 2.94 -14.13 -7.87
N THR G 142 3.28 -14.11 -6.58
CA THR G 142 3.42 -12.87 -5.83
C THR G 142 4.90 -12.54 -5.66
N VAL G 143 5.47 -11.88 -6.68
CA VAL G 143 6.86 -11.45 -6.63
C VAL G 143 7.02 -10.08 -7.28
N ARG G 144 7.51 -9.11 -6.52
CA ARG G 144 7.69 -7.74 -7.00
C ARG G 144 8.84 -7.60 -8.00
N PRO G 145 9.85 -8.45 -7.92
CA PRO G 145 11.23 -8.00 -8.20
C PRO G 145 11.63 -7.76 -9.66
N HIS G 146 10.90 -8.29 -10.63
CA HIS G 146 11.30 -8.18 -12.01
C HIS G 146 10.99 -6.79 -12.52
N HIS G 147 11.68 -6.40 -13.58
CA HIS G 147 11.34 -5.16 -14.26
C HIS G 147 10.38 -5.51 -15.39
N GLY G 148 9.18 -5.98 -15.04
CA GLY G 148 8.26 -6.38 -16.09
C GLY G 148 6.84 -5.85 -16.16
N ILE G 149 6.19 -5.52 -15.04
CA ILE G 149 4.75 -5.33 -15.07
C ILE G 149 4.35 -3.97 -14.51
N GLU G 150 3.09 -3.62 -14.76
CA GLU G 150 2.45 -2.43 -14.20
C GLU G 150 0.94 -2.61 -14.33
N LEU G 151 0.27 -2.80 -13.19
CA LEU G 151 -1.17 -3.05 -13.16
C LEU G 151 -1.82 -2.30 -12.00
N PRO G 152 -3.02 -1.78 -12.19
CA PRO G 152 -3.67 -1.01 -11.11
C PRO G 152 -4.25 -1.94 -10.06
N CYS G 153 -4.09 -1.55 -8.79
CA CYS G 153 -4.56 -2.38 -7.68
C CYS G 153 -4.99 -1.48 -6.53
N THR G 154 -6.01 -1.91 -5.80
CA THR G 154 -6.56 -1.08 -4.73
C THR G 154 -5.75 -1.25 -3.45
N THR G 155 -4.76 -0.39 -3.28
CA THR G 155 -3.81 -0.58 -2.20
C THR G 155 -4.33 0.07 -0.93
N TYR G 156 -3.72 -0.29 0.18
CA TYR G 156 -4.00 0.38 1.44
C TYR G 156 -3.18 1.66 1.50
N GLN G 157 -3.84 2.79 1.31
CA GLN G 157 -3.19 4.08 1.46
C GLN G 157 -2.97 4.30 2.95
N LEU G 158 -1.80 3.89 3.42
CA LEU G 158 -1.54 3.77 4.85
C LEU G 158 -0.98 5.04 5.46
N THR G 159 -1.14 6.18 4.81
CA THR G 159 -0.81 7.42 5.46
C THR G 159 -1.87 7.74 6.50
N THR G 160 -1.45 8.47 7.54
CA THR G 160 -2.38 8.89 8.58
C THR G 160 -3.22 10.03 8.03
N ALA G 161 -4.49 9.76 7.77
CA ALA G 161 -5.33 10.66 6.99
C ALA G 161 -6.33 11.32 7.93
N GLU G 162 -7.23 12.14 7.37
CA GLU G 162 -8.22 12.85 8.15
C GLU G 162 -9.22 11.93 8.82
N THR G 163 -10.06 11.25 8.04
CA THR G 163 -10.97 10.27 8.63
C THR G 163 -11.95 9.83 7.55
N SER G 164 -12.25 8.53 7.53
CA SER G 164 -13.24 8.03 6.60
C SER G 164 -14.32 7.27 7.34
N GLU G 165 -13.94 6.55 8.39
CA GLU G 165 -14.89 5.69 9.07
C GLU G 165 -14.67 5.79 10.56
N GLU G 166 -15.67 6.33 11.25
CA GLU G 166 -15.60 6.56 12.68
C GLU G 166 -16.13 5.35 13.42
N ILE G 167 -15.22 4.64 14.09
CA ILE G 167 -15.56 3.61 15.06
C ILE G 167 -16.18 4.31 16.25
N ASP G 168 -17.27 3.73 16.74
CA ASP G 168 -18.07 4.36 17.79
C ASP G 168 -17.39 4.18 19.15
N MET G 169 -17.76 5.05 20.08
CA MET G 169 -17.19 5.04 21.40
C MET G 169 -18.23 5.52 22.39
N HIS G 170 -18.60 4.64 23.31
CA HIS G 170 -19.51 4.98 24.39
C HIS G 170 -19.33 3.92 25.46
N MET G 171 -20.32 3.83 26.35
CA MET G 171 -20.51 2.67 27.21
C MET G 171 -19.45 2.38 28.26
N PRO G 172 -19.43 3.10 29.38
CA PRO G 172 -19.03 2.47 30.64
C PRO G 172 -19.79 1.18 30.81
N PRO G 173 -19.10 0.05 30.96
CA PRO G 173 -19.70 -1.24 30.64
C PRO G 173 -20.54 -1.82 31.77
N ASP G 174 -20.97 -3.08 31.56
CA ASP G 174 -21.77 -3.82 32.52
C ASP G 174 -21.76 -5.32 32.20
N ILE G 175 -21.58 -6.14 33.24
CA ILE G 175 -21.50 -7.59 33.15
C ILE G 175 -21.29 -8.18 34.53
N PRO G 176 -21.61 -9.47 34.78
CA PRO G 176 -21.47 -10.04 36.13
C PRO G 176 -20.03 -10.27 36.54
N ASP G 177 -19.52 -9.41 37.42
CA ASP G 177 -18.19 -9.54 38.02
C ASP G 177 -18.08 -8.55 39.17
N ARG G 178 -17.57 -9.01 40.32
CA ARG G 178 -17.61 -8.23 41.55
C ARG G 178 -16.39 -8.35 42.45
N THR G 179 -15.17 -8.23 41.93
CA THR G 179 -13.98 -8.58 42.72
C THR G 179 -13.59 -7.47 43.70
N ILE G 180 -14.23 -6.30 43.63
CA ILE G 180 -13.73 -5.14 44.34
C ILE G 180 -14.09 -5.15 45.83
N LEU G 181 -15.37 -5.25 46.13
CA LEU G 181 -15.83 -5.13 47.51
C LEU G 181 -15.62 -6.46 48.22
N SER G 182 -14.90 -6.38 49.34
CA SER G 182 -14.50 -7.58 50.05
C SER G 182 -15.25 -7.70 51.36
N GLN G 183 -15.76 -8.89 51.64
CA GLN G 183 -16.41 -9.14 52.91
C GLN G 183 -15.38 -9.76 53.85
N GLN G 184 -14.56 -8.92 54.47
CA GLN G 184 -13.56 -9.33 55.45
C GLN G 184 -14.33 -9.67 56.71
N SER G 185 -14.83 -10.92 56.75
CA SER G 185 -15.22 -11.71 57.93
C SER G 185 -16.44 -11.17 58.68
N GLY G 186 -16.75 -9.88 58.61
CA GLY G 186 -18.02 -9.31 58.97
C GLY G 186 -18.35 -8.05 58.22
N ASN G 187 -17.46 -7.57 57.35
CA ASN G 187 -17.64 -6.25 56.76
C ASN G 187 -17.25 -6.24 55.29
N VAL G 188 -18.19 -5.84 54.44
CA VAL G 188 -17.89 -5.63 53.03
C VAL G 188 -17.37 -4.23 52.83
N LYS G 189 -16.04 -4.09 52.88
CA LYS G 189 -15.36 -2.84 52.56
C LYS G 189 -14.90 -2.90 51.11
N ILE G 190 -15.22 -1.86 50.36
CA ILE G 190 -14.81 -1.73 48.97
C ILE G 190 -13.74 -0.65 48.94
N THR G 191 -12.57 -1.00 48.41
CA THR G 191 -11.42 -0.10 48.42
C THR G 191 -11.45 0.83 47.21
N VAL G 192 -10.32 1.50 46.99
CA VAL G 192 -10.14 2.29 45.79
C VAL G 192 -10.06 1.36 44.59
N ASN G 193 -10.49 1.84 43.42
CA ASN G 193 -10.63 0.93 42.29
C ASN G 193 -10.57 1.71 40.98
N GLY G 194 -10.20 1.01 39.91
CA GLY G 194 -10.12 1.52 38.56
C GLY G 194 -11.34 1.18 37.72
N ARG G 195 -12.50 1.17 38.37
CA ARG G 195 -13.79 1.09 37.70
C ARG G 195 -14.79 1.94 38.50
N THR G 196 -15.89 2.29 37.86
CA THR G 196 -16.98 3.00 38.51
C THR G 196 -17.76 1.99 39.35
N VAL G 197 -17.31 1.80 40.59
CA VAL G 197 -17.63 0.61 41.38
C VAL G 197 -18.87 0.84 42.22
N ARG G 198 -20.03 0.61 41.61
CA ARG G 198 -21.31 0.61 42.32
C ARG G 198 -21.40 -0.66 43.13
N TYR G 199 -21.12 -0.54 44.43
CA TYR G 199 -21.11 -1.70 45.31
C TYR G 199 -22.54 -2.11 45.57
N SER G 200 -22.91 -3.27 45.03
CA SER G 200 -24.29 -3.76 45.01
C SER G 200 -24.38 -4.93 45.99
N SER G 201 -24.73 -4.62 47.23
CA SER G 201 -24.88 -5.65 48.26
C SER G 201 -26.28 -6.25 48.18
N SER G 202 -26.38 -7.55 48.44
CA SER G 202 -27.63 -8.29 48.34
C SER G 202 -28.62 -7.99 49.45
N CYS G 203 -28.21 -7.35 50.53
CA CYS G 203 -29.12 -6.95 51.59
C CYS G 203 -28.79 -5.53 52.01
N GLY G 204 -29.71 -4.61 51.72
CA GLY G 204 -29.55 -3.25 52.19
C GLY G 204 -29.63 -2.28 51.04
N SER G 205 -29.17 -1.05 51.31
CA SER G 205 -29.14 0.01 50.31
C SER G 205 -27.78 0.06 49.64
N GLN G 206 -26.95 -0.93 49.91
CA GLN G 206 -25.70 -1.06 49.17
C GLN G 206 -26.02 -1.51 47.76
N ALA G 207 -26.18 -0.54 46.88
CA ALA G 207 -26.48 -0.79 45.49
C ALA G 207 -25.64 0.04 44.55
N VAL G 208 -25.31 1.27 44.92
CA VAL G 208 -24.87 2.26 43.96
C VAL G 208 -23.79 3.16 44.53
N GLY G 209 -23.33 4.10 43.70
CA GLY G 209 -22.24 4.98 44.03
C GLY G 209 -21.03 4.38 43.37
N THR G 210 -20.62 4.91 42.21
CA THR G 210 -19.55 4.29 41.42
C THR G 210 -18.20 4.59 42.06
N THR G 211 -17.90 3.84 43.10
CA THR G 211 -16.94 4.28 44.10
C THR G 211 -15.56 3.79 43.72
N THR G 212 -14.65 4.74 43.55
CA THR G 212 -13.23 4.43 43.41
C THR G 212 -12.55 4.72 44.74
N THR G 213 -13.23 4.39 45.84
CA THR G 213 -12.78 4.68 47.19
C THR G 213 -13.43 3.72 48.17
N ASP G 214 -13.05 3.84 49.44
CA ASP G 214 -13.38 2.81 50.44
C ASP G 214 -14.68 3.11 51.16
N LYS G 215 -15.62 2.16 51.10
CA LYS G 215 -16.86 2.23 51.86
C LYS G 215 -17.14 0.86 52.46
N THR G 216 -17.54 0.86 53.72
CA THR G 216 -17.74 -0.38 54.45
C THR G 216 -19.21 -0.59 54.74
N ILE G 217 -19.67 -1.83 54.55
CA ILE G 217 -21.03 -2.23 54.88
C ILE G 217 -20.89 -3.49 55.73
N ASN G 218 -21.04 -3.35 57.04
CA ASN G 218 -20.79 -4.46 57.94
C ASN G 218 -21.96 -5.43 57.94
N SER G 219 -21.73 -6.58 58.58
CA SER G 219 -22.76 -7.62 58.69
C SER G 219 -23.07 -8.25 57.35
N CYS G 220 -22.05 -8.39 56.51
CA CYS G 220 -22.25 -8.84 55.15
C CYS G 220 -21.43 -10.11 54.90
N THR G 221 -21.92 -10.94 54.00
CA THR G 221 -21.24 -12.15 53.57
C THR G 221 -20.94 -12.05 52.08
N VAL G 222 -20.17 -13.02 51.59
CA VAL G 222 -19.74 -12.99 50.19
C VAL G 222 -20.89 -13.38 49.27
N ASP G 223 -21.89 -14.10 49.80
CA ASP G 223 -23.05 -14.49 49.00
C ASP G 223 -24.01 -13.31 48.80
N LYS G 224 -23.84 -12.23 49.56
CA LYS G 224 -24.60 -11.02 49.32
C LYS G 224 -23.84 -10.01 48.47
N CYS G 225 -22.62 -10.34 48.04
CA CYS G 225 -21.75 -9.38 47.37
C CYS G 225 -22.19 -9.13 45.93
N GLN G 226 -21.88 -7.92 45.45
CA GLN G 226 -22.15 -7.53 44.07
C GLN G 226 -21.27 -6.32 43.75
N ALA G 227 -20.69 -6.29 42.57
CA ALA G 227 -19.81 -5.18 42.19
C ALA G 227 -20.21 -4.64 40.82
N TYR G 228 -20.29 -3.31 40.73
CA TYR G 228 -20.62 -2.65 39.49
C TYR G 228 -19.42 -1.83 39.05
N VAL G 229 -19.22 -1.72 37.74
CA VAL G 229 -18.01 -1.11 37.20
C VAL G 229 -18.37 -0.28 35.99
N THR G 230 -18.12 1.03 36.08
CA THR G 230 -18.24 1.99 34.99
C THR G 230 -16.91 2.71 34.81
N SER G 231 -16.91 3.74 33.98
CA SER G 231 -15.67 4.44 33.66
C SER G 231 -15.95 5.91 33.35
N HIS G 232 -14.98 6.54 32.69
CA HIS G 232 -15.09 7.91 32.24
C HIS G 232 -13.93 8.21 31.32
N THR G 233 -14.18 9.07 30.33
CA THR G 233 -13.16 9.53 29.40
C THR G 233 -12.71 8.43 28.46
N LYS G 234 -13.63 7.51 28.21
CA LYS G 234 -13.32 6.34 27.41
C LYS G 234 -14.59 5.91 26.70
N TRP G 235 -14.41 5.48 25.46
CA TRP G 235 -15.50 4.87 24.73
C TRP G 235 -15.06 3.47 24.34
N GLN G 236 -15.96 2.51 24.46
CA GLN G 236 -15.68 1.14 24.06
C GLN G 236 -15.72 1.04 22.55
N PHE G 237 -15.19 -0.07 22.03
CA PHE G 237 -15.00 -0.14 20.59
C PHE G 237 -16.29 -0.49 19.88
N ASN G 238 -16.81 -1.69 20.09
CA ASN G 238 -18.04 -2.06 19.40
C ASN G 238 -18.96 -2.82 20.33
N SER G 239 -18.42 -3.28 21.43
CA SER G 239 -19.10 -4.23 22.30
C SER G 239 -19.33 -5.52 21.54
N PRO G 240 -18.34 -5.99 20.78
CA PRO G 240 -18.52 -7.24 20.05
C PRO G 240 -18.42 -8.44 20.98
N PHE G 241 -17.41 -8.43 21.83
CA PHE G 241 -17.37 -9.42 22.89
C PHE G 241 -17.96 -8.72 24.09
N VAL G 242 -17.23 -7.70 24.56
CA VAL G 242 -17.69 -6.37 24.98
C VAL G 242 -19.03 -6.35 25.69
N PRO G 243 -19.08 -6.77 26.96
CA PRO G 243 -20.36 -7.03 27.65
C PRO G 243 -21.23 -5.79 27.76
N ARG G 244 -22.40 -5.89 27.13
CA ARG G 244 -23.14 -4.77 26.58
C ARG G 244 -23.74 -3.95 27.71
N ARG G 245 -22.90 -3.07 28.25
CA ARG G 245 -23.30 -2.12 29.28
C ARG G 245 -23.63 -0.79 28.61
N MET G 246 -24.14 -0.85 27.39
CA MET G 246 -24.76 0.29 26.77
C MET G 246 -26.15 0.41 27.39
N GLN G 247 -26.25 1.20 28.45
CA GLN G 247 -27.54 1.64 28.96
C GLN G 247 -28.14 2.70 28.05
N ALA G 248 -27.31 3.57 27.49
CA ALA G 248 -27.76 4.55 26.50
C ALA G 248 -26.72 4.58 25.39
N GLU G 249 -27.18 4.41 24.15
CA GLU G 249 -26.26 4.18 23.04
C GLU G 249 -25.99 5.47 22.28
N ARG G 250 -24.87 6.11 22.61
CA ARG G 250 -24.40 7.26 21.86
C ARG G 250 -23.00 7.62 22.34
N LYS G 251 -22.09 7.79 21.39
CA LYS G 251 -20.73 8.20 21.70
C LYS G 251 -20.08 8.69 20.42
N GLY G 252 -18.78 9.02 20.53
CA GLY G 252 -18.05 9.62 19.44
C GLY G 252 -17.56 8.59 18.43
N LYS G 253 -16.79 9.05 17.48
CA LYS G 253 -16.24 8.19 16.44
C LYS G 253 -14.82 8.60 16.09
N VAL G 254 -13.91 7.63 16.17
CA VAL G 254 -12.53 7.83 15.75
C VAL G 254 -12.39 7.33 14.31
N HIS G 255 -11.38 7.82 13.60
CA HIS G 255 -11.26 7.58 12.17
C HIS G 255 -10.62 6.22 11.90
N ILE G 256 -11.10 5.56 10.85
CA ILE G 256 -10.45 4.36 10.34
C ILE G 256 -9.10 4.78 9.77
N PRO G 257 -8.00 4.41 10.41
CA PRO G 257 -6.68 4.83 9.91
C PRO G 257 -6.27 4.00 8.70
N PHE G 258 -5.38 4.59 7.89
CA PHE G 258 -4.93 3.98 6.65
C PHE G 258 -6.06 3.84 5.64
N PRO G 259 -6.55 4.94 5.08
CA PRO G 259 -7.64 4.84 4.11
C PRO G 259 -7.14 4.38 2.75
N LEU G 260 -7.69 3.25 2.29
CA LEU G 260 -7.21 2.60 1.08
C LEU G 260 -7.62 3.36 -0.17
N ILE G 261 -6.74 3.37 -1.17
CA ILE G 261 -6.95 4.10 -2.42
C ILE G 261 -6.32 3.34 -3.57
N ASN G 262 -6.66 3.72 -4.80
CA ASN G 262 -6.20 2.98 -5.97
C ASN G 262 -4.75 3.35 -6.28
N THR G 263 -3.84 2.39 -6.15
CA THR G 263 -2.43 2.56 -6.44
C THR G 263 -2.01 1.61 -7.55
N THR G 264 -0.70 1.50 -7.76
CA THR G 264 -0.21 0.64 -8.83
C THR G 264 0.55 -0.55 -8.26
N CYS G 265 0.93 -1.48 -9.16
CA CYS G 265 1.74 -2.62 -8.81
C CYS G 265 2.47 -3.11 -10.06
N ARG G 266 3.33 -4.11 -9.87
CA ARG G 266 4.10 -4.67 -10.97
C ARG G 266 3.89 -6.19 -10.96
N VAL G 267 3.80 -6.78 -12.14
CA VAL G 267 3.56 -8.21 -12.25
C VAL G 267 4.68 -8.79 -13.09
N PRO G 268 4.75 -10.11 -13.26
CA PRO G 268 5.94 -10.74 -13.81
C PRO G 268 6.07 -10.60 -15.32
N LEU G 269 7.09 -11.23 -15.85
CA LEU G 269 7.49 -11.06 -17.23
C LEU G 269 6.73 -12.01 -18.14
N ALA G 270 7.28 -12.22 -19.32
CA ALA G 270 6.63 -13.08 -20.28
C ALA G 270 7.08 -14.53 -20.10
N PRO G 271 6.16 -15.44 -19.81
CA PRO G 271 6.37 -16.84 -20.20
C PRO G 271 5.79 -17.08 -21.59
N GLU G 272 6.44 -16.47 -22.57
CA GLU G 272 6.00 -16.63 -23.95
C GLU G 272 7.04 -17.40 -24.75
N ALA G 273 6.60 -18.11 -25.78
CA ALA G 273 7.47 -19.03 -26.48
C ALA G 273 7.07 -19.11 -27.95
N LEU G 274 7.56 -20.11 -28.65
CA LEU G 274 7.47 -20.15 -30.11
C LEU G 274 6.08 -20.61 -30.51
N VAL G 275 5.79 -20.48 -31.81
CA VAL G 275 4.58 -21.03 -32.40
C VAL G 275 4.97 -21.66 -33.73
N ARG G 276 4.76 -22.96 -33.84
CA ARG G 276 4.99 -23.68 -35.09
C ARG G 276 3.63 -23.83 -35.75
N SER G 277 3.43 -23.13 -36.86
CA SER G 277 2.13 -23.13 -37.51
C SER G 277 2.08 -24.22 -38.58
N GLY G 278 0.86 -24.68 -38.87
CA GLY G 278 0.68 -25.75 -39.82
C GLY G 278 -0.49 -25.57 -40.75
N LYS G 279 -1.39 -26.54 -40.76
CA LYS G 279 -2.54 -26.50 -41.66
C LYS G 279 -3.78 -26.06 -40.91
N ARG G 280 -3.88 -24.77 -40.62
CA ARG G 280 -5.02 -24.24 -39.89
C ARG G 280 -4.89 -24.43 -38.38
N GLU G 281 -3.74 -24.92 -37.93
CA GLU G 281 -3.47 -25.12 -36.52
C GLU G 281 -1.98 -25.04 -36.28
N ALA G 282 -1.62 -24.42 -35.15
CA ALA G 282 -0.24 -24.28 -34.74
C ALA G 282 -0.07 -24.64 -33.27
N THR G 283 1.16 -24.87 -32.87
CA THR G 283 1.50 -25.23 -31.50
C THR G 283 2.30 -24.09 -30.90
N LEU G 284 1.90 -23.65 -29.72
CA LEU G 284 2.51 -22.52 -29.05
C LEU G 284 3.29 -23.07 -27.87
N SER G 285 4.60 -23.23 -28.05
CA SER G 285 5.50 -23.64 -27.00
C SER G 285 5.65 -22.50 -26.02
N LEU G 286 5.15 -22.72 -24.80
CA LEU G 286 5.36 -21.84 -23.66
C LEU G 286 6.16 -22.62 -22.63
N HIS G 287 6.96 -21.95 -21.93
CA HIS G 287 7.80 -22.48 -20.88
C HIS G 287 7.16 -22.24 -19.53
N PRO G 288 7.80 -22.69 -18.47
CA PRO G 288 7.24 -22.48 -17.14
C PRO G 288 7.67 -21.16 -16.51
N ILE G 289 6.79 -20.61 -15.69
CA ILE G 289 7.04 -19.42 -14.89
C ILE G 289 6.53 -19.80 -13.51
N HIS G 290 6.36 -18.82 -12.63
CA HIS G 290 5.35 -19.00 -11.60
C HIS G 290 4.02 -19.23 -12.33
N PRO G 291 3.24 -20.26 -11.96
CA PRO G 291 2.25 -20.85 -12.88
C PRO G 291 1.06 -19.98 -13.22
N THR G 292 0.79 -19.79 -14.52
CA THR G 292 0.00 -18.67 -14.97
C THR G 292 -1.06 -19.10 -15.97
N LEU G 293 -2.11 -18.31 -16.09
CA LEU G 293 -3.18 -18.58 -17.02
C LEU G 293 -2.77 -18.14 -18.42
N LEU G 294 -2.79 -19.07 -19.36
CA LEU G 294 -2.67 -18.76 -20.77
C LEU G 294 -4.03 -18.96 -21.41
N SER G 295 -4.46 -17.99 -22.20
CA SER G 295 -5.79 -17.98 -22.78
C SER G 295 -5.71 -17.84 -24.29
N TYR G 296 -6.18 -18.86 -25.01
CA TYR G 296 -6.20 -18.86 -26.46
C TYR G 296 -7.63 -18.67 -26.90
N ARG G 297 -7.94 -17.47 -27.38
CA ARG G 297 -9.31 -17.14 -27.76
C ARG G 297 -9.42 -17.22 -29.27
N THR G 298 -10.36 -18.03 -29.73
CA THR G 298 -10.56 -18.25 -31.15
C THR G 298 -11.27 -17.05 -31.71
N PHE G 299 -10.48 -16.10 -32.23
CA PHE G 299 -10.87 -14.71 -32.43
C PHE G 299 -11.90 -14.60 -33.55
N GLY G 300 -12.76 -13.59 -33.45
CA GLY G 300 -13.71 -13.29 -34.50
C GLY G 300 -15.13 -13.44 -34.00
N ALA G 301 -16.06 -13.65 -34.93
CA ALA G 301 -17.43 -14.01 -34.60
C ALA G 301 -17.47 -15.41 -33.96
N GLU G 302 -18.61 -15.69 -33.30
CA GLU G 302 -18.68 -16.53 -32.10
C GLU G 302 -18.15 -17.94 -32.31
N ARG G 303 -17.00 -18.18 -31.70
CA ARG G 303 -16.18 -19.36 -31.96
C ARG G 303 -15.57 -19.85 -30.66
N VAL G 304 -15.06 -21.09 -30.68
CA VAL G 304 -14.48 -21.70 -29.49
C VAL G 304 -13.16 -21.03 -29.15
N PHE G 305 -12.99 -20.68 -27.88
CA PHE G 305 -11.73 -20.21 -27.37
C PHE G 305 -11.68 -20.73 -25.95
N ASP G 306 -10.50 -21.13 -25.50
CA ASP G 306 -10.37 -21.71 -24.18
C ASP G 306 -9.14 -21.15 -23.51
N GLU G 307 -9.13 -21.20 -22.18
CA GLU G 307 -8.01 -20.67 -21.40
C GLU G 307 -7.80 -21.61 -20.24
N GLN G 308 -6.54 -21.79 -19.84
CA GLN G 308 -6.23 -22.70 -18.76
C GLN G 308 -5.07 -22.13 -17.98
N TRP G 309 -5.05 -22.39 -16.68
CA TRP G 309 -3.86 -22.13 -15.89
C TRP G 309 -2.81 -23.16 -16.29
N ILE G 310 -1.85 -22.75 -17.08
CA ILE G 310 -0.72 -23.60 -17.44
C ILE G 310 0.25 -23.60 -16.27
N THR G 311 0.85 -24.77 -16.01
CA THR G 311 1.85 -24.92 -14.97
C THR G 311 2.97 -25.87 -15.36
N ALA G 312 3.47 -25.78 -16.60
CA ALA G 312 4.53 -26.66 -17.06
C ALA G 312 5.25 -26.01 -18.23
N GLN G 313 6.02 -26.80 -18.95
CA GLN G 313 6.65 -26.35 -20.19
C GLN G 313 6.13 -27.22 -21.33
N THR G 314 5.24 -26.64 -22.13
CA THR G 314 4.50 -27.42 -23.11
C THR G 314 4.19 -26.57 -24.33
N GLU G 315 3.24 -27.02 -25.13
CA GLU G 315 2.77 -26.28 -26.29
C GLU G 315 1.26 -26.41 -26.35
N VAL G 316 0.61 -25.31 -26.67
CA VAL G 316 -0.85 -25.26 -26.75
C VAL G 316 -1.25 -25.40 -28.21
N THR G 317 -2.26 -26.20 -28.47
CA THR G 317 -2.77 -26.33 -29.82
C THR G 317 -3.75 -25.19 -30.08
N ILE G 318 -3.31 -24.19 -30.82
CA ILE G 318 -4.21 -23.12 -31.21
C ILE G 318 -4.63 -23.49 -32.62
N PRO G 319 -5.89 -23.86 -32.86
CA PRO G 319 -6.33 -24.05 -34.23
C PRO G 319 -6.44 -22.70 -34.90
N VAL G 320 -5.49 -22.42 -35.78
CA VAL G 320 -5.35 -21.07 -36.31
C VAL G 320 -6.35 -20.93 -37.43
N PRO G 321 -7.51 -20.35 -37.16
CA PRO G 321 -8.51 -20.22 -38.22
C PRO G 321 -8.24 -18.98 -39.04
N VAL G 322 -9.05 -18.79 -40.09
CA VAL G 322 -9.07 -17.50 -40.77
C VAL G 322 -9.71 -16.44 -39.88
N GLU G 323 -10.60 -16.85 -38.99
CA GLU G 323 -11.17 -15.97 -37.98
C GLU G 323 -10.14 -15.50 -36.96
N GLY G 324 -9.23 -16.36 -36.54
CA GLY G 324 -8.12 -15.83 -35.77
C GLY G 324 -7.99 -16.46 -34.39
N VAL G 325 -6.80 -16.32 -33.84
CA VAL G 325 -6.52 -16.78 -32.50
C VAL G 325 -6.07 -15.59 -31.66
N GLU G 326 -6.42 -15.61 -30.38
CA GLU G 326 -5.96 -14.59 -29.46
C GLU G 326 -5.30 -15.31 -28.30
N TYR G 327 -4.00 -15.54 -28.41
CA TYR G 327 -3.28 -16.38 -27.47
C TYR G 327 -2.72 -15.48 -26.39
N GLN G 328 -3.57 -15.08 -25.45
CA GLN G 328 -3.17 -14.24 -24.34
C GLN G 328 -2.53 -15.17 -23.31
N TRP G 329 -1.21 -15.29 -23.37
CA TRP G 329 -0.45 -16.17 -22.50
C TRP G 329 0.30 -15.28 -21.54
N GLY G 330 -0.37 -14.91 -20.45
CA GLY G 330 0.27 -14.10 -19.44
C GLY G 330 0.08 -12.62 -19.69
N ASN G 331 1.18 -11.93 -19.94
CA ASN G 331 1.22 -10.48 -19.96
C ASN G 331 1.45 -9.90 -21.35
N HIS G 332 0.82 -10.44 -22.38
CA HIS G 332 0.99 -9.86 -23.71
C HIS G 332 -0.35 -9.50 -24.34
N LYS G 333 -0.29 -8.73 -25.41
CA LYS G 333 -1.44 -8.61 -26.28
C LYS G 333 -1.50 -9.86 -27.17
N PRO G 334 -2.53 -10.68 -27.05
CA PRO G 334 -2.41 -12.10 -27.44
C PRO G 334 -2.56 -12.42 -28.92
N GLN G 335 -2.40 -11.42 -29.81
CA GLN G 335 -2.78 -11.47 -31.22
C GLN G 335 -2.07 -12.54 -32.04
N ARG G 336 -2.85 -13.40 -32.69
CA ARG G 336 -2.30 -14.54 -33.40
C ARG G 336 -2.09 -14.20 -34.87
N PHE G 337 -1.82 -15.24 -35.64
CA PHE G 337 -1.56 -15.12 -37.07
C PHE G 337 -2.85 -15.33 -37.83
N VAL G 338 -2.72 -15.48 -39.14
CA VAL G 338 -3.85 -15.82 -39.99
C VAL G 338 -3.55 -17.15 -40.67
N VAL G 339 -4.61 -17.75 -41.24
CA VAL G 339 -4.45 -18.91 -42.10
C VAL G 339 -3.96 -18.43 -43.46
N ALA G 340 -3.41 -19.34 -44.26
CA ALA G 340 -2.92 -19.00 -45.59
C ALA G 340 -4.08 -18.79 -46.56
N SER H 1 -16.35 48.64 -10.95
CA SER H 1 -17.28 48.88 -9.85
C SER H 1 -18.62 48.22 -10.09
N THR H 2 -19.25 47.71 -9.03
CA THR H 2 -20.50 46.99 -9.22
C THR H 2 -21.59 47.49 -8.28
N ALA H 3 -21.24 47.72 -7.01
CA ALA H 3 -22.21 48.31 -6.07
C ALA H 3 -22.46 49.76 -6.43
N ASN H 4 -21.40 50.51 -6.62
CA ASN H 4 -21.42 51.64 -7.54
C ASN H 4 -21.02 51.05 -8.89
N HIS H 5 -22.05 50.67 -9.67
CA HIS H 5 -21.84 50.07 -10.99
C HIS H 5 -21.27 51.06 -12.00
N PHE H 6 -21.35 52.36 -11.70
CA PHE H 6 -20.73 53.41 -12.50
C PHE H 6 -19.20 53.32 -12.52
N ASN H 7 -18.57 52.61 -11.58
CA ASN H 7 -17.15 52.34 -11.70
C ASN H 7 -16.86 51.38 -12.85
N ALA H 8 -17.76 50.42 -13.05
CA ALA H 8 -17.70 49.56 -14.23
C ALA H 8 -18.06 50.35 -15.48
N TYR H 9 -18.87 51.39 -15.33
CA TYR H 9 -19.02 52.35 -16.41
C TYR H 9 -17.75 53.18 -16.61
N LYS H 10 -17.01 53.43 -15.52
CA LYS H 10 -15.98 54.44 -15.54
C LYS H 10 -14.65 53.87 -15.99
N LEU H 11 -14.56 52.54 -16.09
CA LEU H 11 -13.37 51.94 -16.67
C LEU H 11 -13.23 52.26 -18.16
N THR H 12 -14.35 52.47 -18.85
CA THR H 12 -14.33 52.87 -20.25
C THR H 12 -15.48 53.83 -20.53
N ARG H 13 -15.10 55.09 -20.76
CA ARG H 13 -16.01 56.21 -20.99
C ARG H 13 -16.86 55.98 -22.23
N PRO H 14 -18.14 55.70 -22.05
CA PRO H 14 -18.98 55.30 -23.18
C PRO H 14 -19.49 56.50 -23.94
N TYR H 15 -19.52 56.39 -25.26
CA TYR H 15 -19.83 57.53 -26.10
C TYR H 15 -21.03 57.18 -26.97
N VAL H 16 -21.31 58.05 -27.93
CA VAL H 16 -22.50 57.99 -28.76
C VAL H 16 -22.10 57.29 -30.05
N ALA H 17 -23.09 56.98 -30.88
CA ALA H 17 -22.82 56.18 -32.07
C ALA H 17 -23.45 56.82 -33.29
N TYR H 18 -22.71 56.74 -34.40
CA TYR H 18 -23.18 57.26 -35.69
C TYR H 18 -24.12 56.24 -36.31
N CYS H 19 -25.36 56.19 -35.84
CA CYS H 19 -26.34 55.28 -36.36
C CYS H 19 -26.84 55.83 -37.69
N ALA H 20 -26.99 54.93 -38.66
CA ALA H 20 -27.61 55.29 -39.94
C ALA H 20 -29.09 55.58 -39.79
N ASP H 21 -29.77 54.93 -38.86
CA ASP H 21 -31.10 55.35 -38.45
C ASP H 21 -30.86 56.57 -37.58
N CYS H 22 -31.58 57.66 -37.87
CA CYS H 22 -31.29 58.89 -37.14
C CYS H 22 -32.51 59.73 -36.75
N GLY H 23 -33.73 59.17 -36.70
CA GLY H 23 -34.80 59.99 -36.17
C GLY H 23 -35.83 60.52 -37.15
N MET H 24 -36.27 59.70 -38.10
CA MET H 24 -37.26 60.14 -39.07
C MET H 24 -36.68 61.02 -40.17
N GLY H 25 -35.59 60.57 -40.76
CA GLY H 25 -35.15 61.13 -42.03
C GLY H 25 -33.65 61.28 -42.14
N HIS H 26 -32.98 61.47 -41.02
CA HIS H 26 -31.54 61.67 -41.04
C HIS H 26 -30.80 60.39 -40.65
N SER H 27 -29.50 60.54 -40.43
CA SER H 27 -28.65 59.57 -39.76
C SER H 27 -27.73 60.34 -38.83
N CYS H 28 -27.64 59.90 -37.59
CA CYS H 28 -27.09 60.80 -36.59
C CYS H 28 -26.22 60.05 -35.60
N HIS H 29 -25.32 60.79 -34.97
CA HIS H 29 -24.47 60.27 -33.92
C HIS H 29 -25.19 60.39 -32.60
N SER H 30 -26.20 59.57 -32.41
CA SER H 30 -27.12 59.75 -31.30
C SER H 30 -26.51 59.18 -30.03
N PRO H 31 -27.10 59.52 -28.88
CA PRO H 31 -26.85 58.73 -27.67
C PRO H 31 -27.80 57.57 -27.52
N ALA H 32 -28.59 57.27 -28.54
CA ALA H 32 -29.55 56.19 -28.47
C ALA H 32 -29.44 55.30 -29.70
N MET H 33 -28.21 54.96 -30.08
CA MET H 33 -28.03 53.89 -31.04
C MET H 33 -28.37 52.59 -30.35
N ILE H 34 -29.38 51.88 -30.84
CA ILE H 34 -29.80 50.62 -30.25
C ILE H 34 -28.81 49.56 -30.74
N GLU H 35 -27.79 49.29 -29.93
CA GLU H 35 -26.77 48.34 -30.31
C GLU H 35 -27.29 46.91 -30.28
N ASN H 36 -28.31 46.65 -29.46
CA ASN H 36 -29.04 45.40 -29.49
C ASN H 36 -30.32 45.69 -28.73
N ILE H 37 -31.34 44.89 -29.01
CA ILE H 37 -32.55 44.86 -28.19
C ILE H 37 -32.85 43.41 -27.89
N GLN H 38 -32.33 42.92 -26.78
CA GLN H 38 -32.36 41.50 -26.47
C GLN H 38 -33.28 41.28 -25.29
N ALA H 39 -34.33 40.51 -25.51
CA ALA H 39 -35.24 40.18 -24.42
C ALA H 39 -35.75 38.76 -24.65
N ASP H 40 -35.06 37.79 -24.07
CA ASP H 40 -35.56 36.43 -24.00
C ASP H 40 -36.22 36.26 -22.63
N ALA H 41 -37.53 35.99 -22.63
CA ALA H 41 -38.20 35.78 -21.36
C ALA H 41 -39.66 35.38 -21.57
N THR H 42 -40.21 34.62 -20.64
CA THR H 42 -41.65 34.40 -20.64
C THR H 42 -42.30 35.56 -19.89
N ASP H 43 -41.49 36.31 -19.15
CA ASP H 43 -41.94 37.54 -18.53
C ASP H 43 -42.25 38.65 -19.52
N GLY H 44 -41.55 38.71 -20.65
CA GLY H 44 -41.91 39.69 -21.65
C GLY H 44 -41.44 41.10 -21.36
N THR H 45 -40.12 41.32 -21.37
CA THR H 45 -39.55 42.66 -21.30
C THR H 45 -38.42 42.72 -22.33
N LEU H 46 -38.12 43.91 -22.81
CA LEU H 46 -36.98 44.13 -23.69
C LEU H 46 -35.82 44.74 -22.89
N LYS H 47 -34.63 44.17 -23.07
CA LYS H 47 -33.39 44.80 -22.64
C LYS H 47 -32.75 45.37 -23.90
N ILE H 48 -32.59 46.69 -23.93
CA ILE H 48 -32.07 47.38 -25.10
C ILE H 48 -30.69 47.91 -24.78
N GLN H 49 -29.73 47.61 -25.66
CA GLN H 49 -28.38 48.16 -25.57
C GLN H 49 -28.45 49.61 -26.01
N PHE H 50 -28.71 50.51 -25.06
CA PHE H 50 -28.83 51.93 -25.34
C PHE H 50 -27.44 52.48 -25.57
N ALA H 51 -27.38 53.58 -26.34
CA ALA H 51 -26.10 54.11 -26.75
C ALA H 51 -25.36 54.81 -25.62
N SER H 52 -26.08 55.29 -24.61
CA SER H 52 -25.41 55.97 -23.51
C SER H 52 -25.04 54.97 -22.43
N GLN H 53 -24.19 55.42 -21.50
CA GLN H 53 -23.88 54.70 -20.28
C GLN H 53 -24.89 55.16 -19.25
N ILE H 54 -26.10 54.62 -19.31
CA ILE H 54 -27.27 55.14 -18.64
C ILE H 54 -27.15 54.87 -17.15
N GLY H 55 -27.37 55.90 -16.35
CA GLY H 55 -27.41 55.78 -14.91
C GLY H 55 -26.11 56.05 -14.19
N LEU H 56 -25.00 56.12 -14.89
CA LEU H 56 -23.72 56.44 -14.26
C LEU H 56 -23.46 57.89 -14.60
N THR H 57 -23.09 58.68 -13.59
CA THR H 57 -23.10 60.13 -13.72
C THR H 57 -21.92 60.60 -14.56
N LYS H 58 -21.93 61.90 -14.90
CA LYS H 58 -20.84 62.52 -15.65
C LYS H 58 -19.56 62.55 -14.85
N THR H 59 -19.66 62.58 -13.52
CA THR H 59 -18.53 62.30 -12.66
C THR H 59 -18.56 60.89 -12.10
N ASP H 60 -19.30 59.97 -12.71
CA ASP H 60 -19.39 58.60 -12.21
C ASP H 60 -20.23 58.51 -10.94
N THR H 61 -21.36 59.21 -10.93
CA THR H 61 -22.33 59.12 -9.86
C THR H 61 -23.34 58.01 -10.16
N HIS H 62 -23.50 57.13 -9.19
CA HIS H 62 -24.33 55.95 -9.39
C HIS H 62 -25.74 56.22 -8.89
N ASP H 63 -26.41 57.18 -9.51
CA ASP H 63 -27.71 57.63 -9.03
C ASP H 63 -28.60 57.83 -10.26
N HIS H 64 -29.89 57.54 -10.10
CA HIS H 64 -30.83 57.64 -11.22
C HIS H 64 -31.11 59.08 -11.63
N THR H 65 -30.76 60.07 -10.81
CA THR H 65 -30.73 61.46 -11.24
C THR H 65 -29.73 61.70 -12.36
N LYS H 66 -28.57 61.08 -12.30
CA LYS H 66 -27.58 61.23 -13.36
C LYS H 66 -27.75 60.10 -14.38
N ILE H 67 -28.55 60.36 -15.41
CA ILE H 67 -28.66 59.48 -16.57
C ILE H 67 -27.55 59.88 -17.52
N ARG H 68 -26.57 59.01 -17.68
CA ARG H 68 -25.36 59.31 -18.42
C ARG H 68 -25.57 58.94 -19.88
N TYR H 69 -25.04 59.75 -20.77
CA TYR H 69 -25.10 59.47 -22.19
C TYR H 69 -23.73 59.76 -22.76
N ALA H 70 -23.65 59.77 -24.09
CA ALA H 70 -22.42 60.15 -24.76
C ALA H 70 -22.79 61.05 -25.93
N GLU H 71 -22.32 62.28 -25.89
CA GLU H 71 -22.45 63.20 -27.02
C GLU H 71 -21.05 63.69 -27.36
N GLY H 72 -20.97 64.71 -28.21
CA GLY H 72 -19.70 65.37 -28.51
C GLY H 72 -19.20 66.06 -27.27
N HIS H 73 -20.13 66.64 -26.53
CA HIS H 73 -19.97 66.79 -25.09
C HIS H 73 -20.23 65.43 -24.48
N ASP H 74 -19.16 64.77 -24.02
CA ASP H 74 -19.15 63.37 -23.61
C ASP H 74 -20.06 63.08 -22.44
N ILE H 75 -20.24 64.05 -21.55
CA ILE H 75 -21.17 63.86 -20.45
C ILE H 75 -22.57 64.12 -21.00
N ALA H 76 -23.19 63.08 -21.57
CA ALA H 76 -24.58 63.19 -21.96
C ALA H 76 -25.46 63.14 -20.72
N GLU H 77 -25.64 64.30 -20.11
CA GLU H 77 -26.29 64.39 -18.81
C GLU H 77 -27.78 64.60 -18.98
N ALA H 78 -28.55 63.72 -18.35
CA ALA H 78 -29.99 63.87 -18.32
C ALA H 78 -30.49 63.31 -17.01
N ALA H 79 -31.79 63.39 -16.82
CA ALA H 79 -32.44 62.82 -15.64
C ALA H 79 -33.02 61.48 -16.05
N ARG H 80 -33.75 60.84 -15.13
CA ARG H 80 -34.52 59.67 -15.51
C ARG H 80 -35.70 60.03 -16.39
N SER H 81 -36.17 61.28 -16.28
CA SER H 81 -37.29 61.74 -17.10
C SER H 81 -36.92 61.98 -18.55
N THR H 82 -35.64 61.97 -18.90
CA THR H 82 -35.22 62.07 -20.28
C THR H 82 -35.59 60.85 -21.10
N LEU H 83 -35.44 59.64 -20.56
CA LEU H 83 -35.52 58.43 -21.36
C LEU H 83 -36.97 57.99 -21.55
N LYS H 84 -37.35 57.79 -22.80
CA LYS H 84 -38.67 57.25 -23.14
C LYS H 84 -38.53 56.26 -24.29
N VAL H 85 -39.19 55.12 -24.15
CA VAL H 85 -39.16 54.07 -25.16
C VAL H 85 -40.54 53.98 -25.78
N HIS H 86 -40.71 54.58 -26.94
CA HIS H 86 -41.97 54.55 -27.68
C HIS H 86 -41.96 53.30 -28.54
N SER H 87 -42.61 52.24 -28.08
CA SER H 87 -42.83 51.09 -28.97
C SER H 87 -44.08 51.31 -29.80
N SER H 88 -45.23 51.34 -29.15
CA SER H 88 -46.42 51.98 -29.71
C SER H 88 -46.85 53.08 -28.75
N SER H 89 -46.09 53.28 -27.68
CA SER H 89 -46.31 54.28 -26.66
C SER H 89 -45.14 54.15 -25.71
N GLU H 90 -45.06 55.09 -24.77
CA GLU H 90 -43.98 55.13 -23.80
C GLU H 90 -44.17 53.98 -22.81
N CYS H 91 -43.51 52.86 -23.10
CA CYS H 91 -43.64 51.64 -22.31
C CYS H 91 -42.97 51.80 -20.95
N THR H 92 -43.34 50.89 -20.05
CA THR H 92 -42.85 50.92 -18.67
C THR H 92 -41.39 50.52 -18.63
N VAL H 93 -40.52 51.53 -18.54
CA VAL H 93 -39.10 51.28 -18.48
C VAL H 93 -38.75 50.71 -17.12
N THR H 94 -37.61 50.03 -17.07
CA THR H 94 -37.16 49.46 -15.81
C THR H 94 -35.92 50.12 -15.28
N GLY H 95 -34.84 50.17 -16.03
CA GLY H 95 -33.62 50.74 -15.49
C GLY H 95 -32.56 50.90 -16.56
N THR H 96 -31.67 51.86 -16.30
CA THR H 96 -30.53 52.12 -17.16
C THR H 96 -29.29 51.78 -16.36
N MET H 97 -28.52 50.82 -16.86
CA MET H 97 -27.27 50.42 -16.25
C MET H 97 -26.31 50.24 -17.40
N GLY H 98 -25.44 51.25 -17.59
CA GLY H 98 -24.55 51.29 -18.73
C GLY H 98 -25.34 51.43 -20.01
N HIS H 99 -25.02 50.57 -20.97
CA HIS H 99 -25.84 50.48 -22.17
C HIS H 99 -27.14 49.74 -21.94
N PHE H 100 -27.24 48.92 -20.89
CA PHE H 100 -28.38 48.03 -20.71
C PHE H 100 -29.55 48.80 -20.11
N ILE H 101 -30.56 49.07 -20.94
CA ILE H 101 -31.79 49.68 -20.45
C ILE H 101 -32.93 48.68 -20.60
N LEU H 102 -33.46 48.23 -19.48
CA LEU H 102 -34.45 47.16 -19.46
C LEU H 102 -35.81 47.78 -19.16
N ALA H 103 -36.85 47.27 -19.80
CA ALA H 103 -38.21 47.75 -19.58
C ALA H 103 -39.20 46.96 -20.42
N LYS H 104 -40.49 47.20 -20.20
CA LYS H 104 -41.55 46.54 -20.96
C LYS H 104 -42.37 47.59 -21.70
N CYS H 105 -42.74 47.29 -22.93
CA CYS H 105 -43.39 48.22 -23.84
C CYS H 105 -44.72 47.65 -24.29
N PRO H 106 -45.47 48.38 -25.11
CA PRO H 106 -46.74 47.84 -25.62
C PRO H 106 -46.50 46.88 -26.76
N PRO H 107 -47.57 46.31 -27.33
CA PRO H 107 -47.40 45.42 -28.48
C PRO H 107 -47.04 46.22 -29.73
N GLY H 108 -46.12 45.68 -30.52
CA GLY H 108 -45.63 46.43 -31.67
C GLY H 108 -44.51 45.82 -32.48
N GLU H 109 -44.13 46.49 -33.57
CA GLU H 109 -43.14 45.99 -34.49
C GLU H 109 -41.84 46.79 -34.52
N ARG H 110 -41.84 48.00 -33.93
CA ARG H 110 -40.65 48.84 -33.93
C ARG H 110 -40.58 49.61 -32.62
N ILE H 111 -39.37 49.72 -32.09
CA ILE H 111 -39.13 50.41 -30.82
C ILE H 111 -38.30 51.65 -31.13
N SER H 112 -38.64 52.76 -30.49
CA SER H 112 -37.88 53.99 -30.61
C SER H 112 -37.45 54.42 -29.22
N VAL H 113 -36.24 54.97 -29.12
CA VAL H 113 -35.69 55.46 -27.87
C VAL H 113 -35.47 56.95 -28.02
N SER H 114 -35.90 57.73 -27.03
CA SER H 114 -35.78 59.17 -27.07
C SER H 114 -35.31 59.66 -25.72
N PHE H 115 -34.15 60.30 -25.71
CA PHE H 115 -33.62 60.89 -24.50
C PHE H 115 -33.68 62.40 -24.66
N VAL H 116 -34.05 63.10 -23.62
CA VAL H 116 -34.00 64.56 -23.58
C VAL H 116 -33.09 64.95 -22.44
N ASP H 117 -31.80 65.04 -22.73
CA ASP H 117 -30.84 65.45 -21.72
C ASP H 117 -29.86 66.47 -22.28
N SER H 118 -29.51 66.31 -23.56
CA SER H 118 -28.85 67.34 -24.31
C SER H 118 -29.63 67.47 -25.62
N LYS H 119 -30.34 66.39 -25.97
CA LYS H 119 -31.19 66.33 -27.14
C LYS H 119 -32.38 67.27 -26.96
N ASN H 120 -32.35 68.38 -27.70
CA ASN H 120 -33.37 69.43 -27.65
C ASN H 120 -34.64 68.86 -28.26
N GLU H 121 -35.61 68.60 -27.40
CA GLU H 121 -36.82 67.91 -27.80
C GLU H 121 -36.51 66.43 -28.05
N HIS H 122 -35.75 65.83 -27.13
CA HIS H 122 -35.61 64.39 -26.99
C HIS H 122 -35.03 63.69 -28.20
N ARG H 123 -33.73 63.92 -28.45
CA ARG H 123 -32.99 63.24 -29.51
C ARG H 123 -33.12 61.73 -29.34
N THR H 124 -33.53 61.06 -30.41
CA THR H 124 -33.93 59.66 -30.32
C THR H 124 -33.82 58.95 -31.66
N CYS H 125 -33.53 57.66 -31.59
CA CYS H 125 -33.47 56.78 -32.74
C CYS H 125 -34.63 55.80 -32.68
N ARG H 126 -34.70 54.92 -33.67
CA ARG H 126 -35.82 53.98 -33.73
C ARG H 126 -35.46 52.86 -34.69
N ILE H 127 -35.60 51.62 -34.22
CA ILE H 127 -35.36 50.46 -35.04
C ILE H 127 -36.62 49.61 -35.07
N ALA H 128 -36.61 48.59 -35.91
CA ALA H 128 -37.72 47.66 -35.96
C ALA H 128 -37.39 46.41 -35.15
N TYR H 129 -38.16 46.17 -34.08
CA TYR H 129 -38.00 44.96 -33.29
C TYR H 129 -39.41 44.49 -32.98
N HIS H 130 -39.79 43.33 -33.53
CA HIS H 130 -41.18 42.89 -33.52
C HIS H 130 -41.55 42.42 -32.12
N HIS H 131 -41.86 43.37 -31.24
CA HIS H 131 -42.19 43.07 -29.86
C HIS H 131 -43.64 42.59 -29.82
N GLU H 132 -43.85 41.31 -30.11
CA GLU H 132 -45.16 40.71 -30.09
C GLU H 132 -45.29 39.87 -28.83
N GLN H 133 -46.36 40.08 -28.10
CA GLN H 133 -46.53 39.46 -26.79
C GLN H 133 -46.96 38.01 -26.93
N ARG H 134 -46.02 37.13 -27.25
CA ARG H 134 -46.35 35.72 -27.46
C ARG H 134 -46.57 35.00 -26.14
N LEU H 135 -47.68 35.27 -25.48
CA LEU H 135 -47.90 34.75 -24.14
C LEU H 135 -48.40 33.31 -24.22
N ILE H 136 -47.70 32.44 -23.51
CA ILE H 136 -48.12 31.05 -23.46
C ILE H 136 -49.19 30.91 -22.41
N GLY H 137 -49.96 29.84 -22.49
CA GLY H 137 -51.04 29.59 -21.57
C GLY H 137 -52.27 29.06 -22.28
N ARG H 138 -53.22 28.60 -21.47
CA ARG H 138 -54.53 28.25 -21.99
C ARG H 138 -55.27 29.47 -22.50
N GLU H 139 -55.18 30.59 -21.81
CA GLU H 139 -55.77 31.83 -22.27
C GLU H 139 -54.74 32.66 -23.03
N ARG H 140 -55.21 33.76 -23.64
CA ARG H 140 -54.34 34.60 -24.45
C ARG H 140 -54.58 36.09 -24.21
N PHE H 141 -54.74 36.53 -22.97
CA PHE H 141 -55.04 37.93 -22.71
C PHE H 141 -53.92 38.55 -21.89
N THR H 142 -53.71 39.86 -22.08
CA THR H 142 -52.69 40.60 -21.36
C THR H 142 -53.36 41.28 -20.17
N VAL H 143 -53.71 40.48 -19.17
CA VAL H 143 -54.43 40.99 -18.00
C VAL H 143 -53.95 40.31 -16.73
N ARG H 144 -53.26 41.04 -15.88
CA ARG H 144 -52.69 40.46 -14.69
C ARG H 144 -53.70 40.22 -13.58
N PRO H 145 -54.68 41.11 -13.40
CA PRO H 145 -55.38 41.18 -12.10
C PRO H 145 -56.51 40.19 -11.89
N HIS H 146 -56.65 39.17 -12.72
CA HIS H 146 -57.71 38.19 -12.54
C HIS H 146 -57.33 37.27 -11.39
N HIS H 147 -58.35 36.69 -10.76
CA HIS H 147 -58.13 35.63 -9.79
C HIS H 147 -58.41 34.32 -10.48
N GLY H 148 -57.66 34.01 -11.54
CA GLY H 148 -57.98 32.84 -12.32
C GLY H 148 -56.97 31.73 -12.56
N ILE H 149 -55.66 32.05 -12.61
CA ILE H 149 -54.67 31.03 -12.93
C ILE H 149 -53.28 31.58 -12.62
N GLU H 150 -52.41 30.70 -12.16
CA GLU H 150 -51.01 31.03 -11.90
C GLU H 150 -50.15 29.99 -12.59
N LEU H 151 -49.30 30.43 -13.52
CA LEU H 151 -48.46 29.53 -14.28
C LEU H 151 -46.99 29.86 -14.07
N PRO H 152 -46.08 28.98 -14.48
CA PRO H 152 -44.66 29.35 -14.46
C PRO H 152 -44.31 30.18 -15.68
N CYS H 153 -43.34 31.09 -15.53
CA CYS H 153 -42.87 31.90 -16.65
C CYS H 153 -41.55 32.55 -16.25
N THR H 154 -40.50 32.27 -17.00
CA THR H 154 -39.19 32.81 -16.66
C THR H 154 -39.06 34.24 -17.18
N THR H 155 -38.67 35.15 -16.31
CA THR H 155 -38.53 36.55 -16.68
C THR H 155 -37.17 37.05 -16.24
N TYR H 156 -36.64 38.02 -16.98
CA TYR H 156 -35.40 38.71 -16.62
C TYR H 156 -35.64 39.47 -15.32
N GLN H 157 -34.82 39.16 -14.31
CA GLN H 157 -35.07 39.49 -12.92
C GLN H 157 -35.02 40.99 -12.69
N LEU H 158 -35.92 41.47 -11.84
CA LEU H 158 -36.30 42.88 -11.77
C LEU H 158 -35.23 43.77 -11.14
N THR H 159 -34.23 43.18 -10.49
CA THR H 159 -33.15 43.97 -9.96
C THR H 159 -31.96 43.94 -10.90
N THR H 160 -31.05 44.87 -10.68
CA THR H 160 -29.72 44.79 -11.28
C THR H 160 -28.83 44.02 -10.32
N ALA H 161 -27.68 43.58 -10.79
CA ALA H 161 -26.78 42.75 -9.99
C ALA H 161 -25.36 43.06 -10.45
N GLU H 162 -24.45 42.15 -10.17
CA GLU H 162 -23.08 42.29 -10.66
C GLU H 162 -22.99 42.00 -12.15
N THR H 163 -23.24 40.75 -12.55
CA THR H 163 -23.29 40.44 -13.96
C THR H 163 -23.37 38.94 -14.11
N SER H 164 -23.83 38.49 -15.26
CA SER H 164 -23.65 37.09 -15.66
C SER H 164 -23.02 37.08 -17.04
N GLU H 165 -23.41 38.03 -17.87
CA GLU H 165 -22.93 38.16 -19.23
C GLU H 165 -22.42 39.57 -19.40
N GLU H 166 -21.13 39.68 -19.66
CA GLU H 166 -20.48 40.97 -19.74
C GLU H 166 -20.28 41.34 -21.19
N ILE H 167 -20.71 42.54 -21.54
CA ILE H 167 -20.42 43.15 -22.82
C ILE H 167 -18.99 43.65 -22.77
N ASP H 168 -18.37 43.77 -23.94
CA ASP H 168 -16.97 44.16 -24.00
C ASP H 168 -16.83 45.67 -24.04
N MET H 169 -15.70 46.16 -23.55
CA MET H 169 -15.45 47.59 -23.50
C MET H 169 -13.95 47.82 -23.61
N HIS H 170 -13.56 48.44 -24.72
CA HIS H 170 -12.18 48.89 -24.91
C HIS H 170 -12.19 49.70 -26.19
N MET H 171 -10.98 50.10 -26.62
CA MET H 171 -10.74 50.65 -27.94
C MET H 171 -11.43 51.98 -28.21
N PRO H 172 -10.91 53.09 -27.72
CA PRO H 172 -11.22 54.38 -28.34
C PRO H 172 -10.89 54.31 -29.82
N PRO H 173 -11.90 54.30 -30.68
CA PRO H 173 -11.77 53.57 -31.93
C PRO H 173 -11.22 54.43 -33.05
N ASP H 174 -11.19 53.85 -34.23
CA ASP H 174 -10.95 54.56 -35.47
C ASP H 174 -12.00 54.14 -36.49
N ILE H 175 -12.91 55.07 -36.79
CA ILE H 175 -13.93 54.86 -37.81
C ILE H 175 -13.87 56.05 -38.77
N PRO H 176 -13.90 55.81 -40.11
CA PRO H 176 -13.36 56.73 -41.13
C PRO H 176 -13.99 58.11 -41.20
N ASP H 177 -13.14 59.12 -41.20
CA ASP H 177 -13.53 60.52 -41.25
C ASP H 177 -12.26 61.35 -41.34
N ARG H 178 -12.40 62.67 -41.23
CA ARG H 178 -11.26 63.57 -41.09
C ARG H 178 -11.49 64.70 -40.08
N THR H 179 -12.52 64.59 -39.24
CA THR H 179 -13.16 65.80 -38.70
C THR H 179 -12.57 66.24 -37.36
N ILE H 180 -11.28 66.00 -37.12
CA ILE H 180 -10.65 66.51 -35.91
C ILE H 180 -9.80 67.74 -36.22
N LEU H 181 -10.04 68.38 -37.36
CA LEU H 181 -9.07 69.33 -37.91
C LEU H 181 -9.32 70.74 -37.40
N SER H 182 -8.26 71.57 -37.54
CA SER H 182 -8.34 73.01 -37.33
C SER H 182 -7.64 73.69 -38.50
N GLN H 183 -8.17 74.85 -38.93
CA GLN H 183 -7.69 75.48 -40.16
C GLN H 183 -7.31 76.94 -39.91
N GLN H 184 -6.03 77.25 -40.07
CA GLN H 184 -5.54 78.61 -40.16
C GLN H 184 -5.20 78.83 -41.63
N SER H 185 -6.02 78.25 -42.51
CA SER H 185 -6.24 78.63 -43.91
C SER H 185 -5.05 78.34 -44.84
N GLY H 186 -3.85 78.18 -44.32
CA GLY H 186 -2.73 77.45 -44.87
C GLY H 186 -1.94 76.83 -43.75
N ASN H 187 -2.46 76.91 -42.52
CA ASN H 187 -1.83 76.29 -41.37
C ASN H 187 -2.75 75.25 -40.75
N VAL H 188 -2.14 74.16 -40.30
CA VAL H 188 -2.85 73.22 -39.45
C VAL H 188 -3.00 73.84 -38.06
N LYS H 189 -4.24 74.17 -37.71
CA LYS H 189 -4.58 74.73 -36.40
C LYS H 189 -5.58 73.80 -35.72
N ILE H 190 -5.12 73.13 -34.68
CA ILE H 190 -5.94 72.18 -33.92
C ILE H 190 -6.28 72.83 -32.58
N THR H 191 -7.51 72.63 -32.12
CA THR H 191 -7.91 72.94 -30.75
C THR H 191 -8.15 71.66 -29.95
N VAL H 192 -8.65 71.82 -28.72
CA VAL H 192 -8.96 70.65 -27.90
C VAL H 192 -10.46 70.58 -27.59
N ASN H 193 -11.04 69.38 -27.70
CA ASN H 193 -12.49 69.19 -27.62
C ASN H 193 -12.83 67.74 -27.25
N GLY H 194 -14.13 67.41 -27.31
CA GLY H 194 -14.65 66.16 -26.79
C GLY H 194 -14.97 65.07 -27.79
N ARG H 195 -14.34 65.13 -28.97
CA ARG H 195 -14.29 64.00 -29.89
C ARG H 195 -12.88 63.93 -30.46
N THR H 196 -12.35 62.71 -30.53
CA THR H 196 -10.91 62.49 -30.69
C THR H 196 -10.48 62.51 -32.15
N VAL H 197 -9.58 63.46 -32.49
CA VAL H 197 -9.12 63.69 -33.86
C VAL H 197 -7.60 63.68 -33.90
N ARG H 198 -7.05 62.69 -34.61
CA ARG H 198 -5.62 62.51 -34.80
C ARG H 198 -5.11 63.54 -35.79
N TYR H 199 -3.85 63.95 -35.65
CA TYR H 199 -3.27 64.91 -36.58
C TYR H 199 -2.93 64.22 -37.89
N SER H 200 -3.11 64.95 -39.00
CA SER H 200 -2.63 64.51 -40.32
C SER H 200 -2.49 65.71 -41.23
N SER H 201 -1.26 66.15 -41.49
CA SER H 201 -1.03 67.25 -42.40
C SER H 201 -1.14 66.77 -43.85
N SER H 202 -1.29 67.71 -44.79
CA SER H 202 -1.33 67.39 -46.20
C SER H 202 0.02 66.97 -46.75
N CYS H 203 1.11 67.55 -46.27
CA CYS H 203 2.45 67.09 -46.61
C CYS H 203 3.39 67.64 -45.55
N GLY H 204 3.99 66.71 -44.79
CA GLY H 204 4.92 67.12 -43.76
C GLY H 204 4.68 66.37 -42.46
N SER H 205 5.15 66.98 -41.37
CA SER H 205 5.32 66.30 -40.09
C SER H 205 4.15 66.50 -39.11
N GLN H 206 3.21 67.38 -39.45
CA GLN H 206 2.08 67.63 -38.58
C GLN H 206 1.03 66.51 -38.70
N ALA H 207 1.39 65.35 -38.18
CA ALA H 207 0.62 64.14 -38.39
C ALA H 207 0.50 63.28 -37.15
N VAL H 208 0.73 63.84 -35.97
CA VAL H 208 0.73 63.00 -34.77
C VAL H 208 -0.06 63.65 -33.65
N GLY H 209 -0.99 62.88 -33.08
CA GLY H 209 -1.72 63.27 -31.90
C GLY H 209 -3.22 63.35 -32.03
N THR H 210 -3.91 62.38 -31.43
CA THR H 210 -5.30 62.56 -31.07
C THR H 210 -5.39 62.98 -29.62
N THR H 211 -4.91 64.19 -29.35
CA THR H 211 -4.81 64.73 -28.00
C THR H 211 -5.51 66.08 -27.98
N THR H 212 -6.06 66.44 -26.83
CA THR H 212 -6.99 67.57 -26.74
C THR H 212 -6.23 68.87 -26.50
N THR H 213 -5.65 69.43 -27.56
CA THR H 213 -4.89 70.66 -27.42
C THR H 213 -4.72 71.34 -28.76
N ASP H 214 -4.06 72.50 -28.73
CA ASP H 214 -3.96 73.36 -29.90
C ASP H 214 -2.59 73.26 -30.54
N LYS H 215 -2.54 73.51 -31.85
CA LYS H 215 -1.28 73.47 -32.60
C LYS H 215 -1.45 74.26 -33.90
N THR H 216 -0.34 74.74 -34.43
CA THR H 216 -0.35 75.51 -35.66
C THR H 216 0.92 75.27 -36.46
N ILE H 217 0.74 74.92 -37.72
CA ILE H 217 1.85 74.59 -38.61
C ILE H 217 1.51 75.08 -40.01
N ASN H 218 2.22 76.10 -40.48
CA ASN H 218 1.93 76.68 -41.78
C ASN H 218 2.50 75.81 -42.90
N SER H 219 2.33 76.31 -44.13
CA SER H 219 2.78 75.60 -45.33
C SER H 219 1.93 74.36 -45.58
N CYS H 220 0.64 74.48 -45.30
CA CYS H 220 -0.29 73.37 -45.45
C CYS H 220 -1.57 73.90 -46.08
N THR H 221 -2.65 73.14 -45.91
CA THR H 221 -3.95 73.54 -46.43
C THR H 221 -5.04 73.27 -45.40
N VAL H 222 -6.22 73.83 -45.68
CA VAL H 222 -7.40 73.48 -44.90
C VAL H 222 -7.88 72.08 -45.25
N ASP H 223 -7.82 71.74 -46.54
CA ASP H 223 -8.19 70.39 -46.94
C ASP H 223 -7.04 69.42 -46.72
N LYS H 224 -5.83 69.95 -46.56
CA LYS H 224 -4.69 69.12 -46.22
C LYS H 224 -4.76 68.59 -44.79
N CYS H 225 -5.41 69.31 -43.89
CA CYS H 225 -5.58 68.87 -42.53
C CYS H 225 -6.61 67.74 -42.48
N GLN H 226 -6.32 66.75 -41.64
CA GLN H 226 -7.16 65.57 -41.48
C GLN H 226 -6.99 65.07 -40.04
N ALA H 227 -8.06 65.14 -39.28
CA ALA H 227 -8.05 64.71 -37.89
C ALA H 227 -8.75 63.37 -37.74
N TYR H 228 -7.95 62.32 -37.54
CA TYR H 228 -8.40 60.93 -37.49
C TYR H 228 -9.11 60.62 -36.17
N VAL H 229 -9.33 59.34 -35.91
CA VAL H 229 -10.02 58.91 -34.70
C VAL H 229 -8.99 58.65 -33.62
N THR H 230 -8.81 59.63 -32.73
CA THR H 230 -7.92 59.51 -31.59
C THR H 230 -8.76 59.24 -30.34
N SER H 231 -8.09 59.00 -29.22
CA SER H 231 -8.80 58.67 -27.99
C SER H 231 -7.87 58.57 -26.80
N HIS H 232 -8.48 58.48 -25.63
CA HIS H 232 -7.79 58.20 -24.38
C HIS H 232 -8.82 57.74 -23.35
N THR H 233 -8.65 56.49 -22.90
CA THR H 233 -9.39 55.91 -21.77
C THR H 233 -10.91 55.82 -22.02
N LYS H 234 -11.29 54.96 -22.95
CA LYS H 234 -12.71 54.78 -23.26
C LYS H 234 -12.97 53.32 -23.57
N TRP H 235 -14.26 52.99 -23.74
CA TRP H 235 -14.63 51.63 -24.06
C TRP H 235 -15.85 51.64 -24.96
N GLN H 236 -15.71 51.05 -26.15
CA GLN H 236 -16.81 50.96 -27.08
C GLN H 236 -17.70 49.78 -26.68
N PHE H 237 -18.93 49.79 -27.15
CA PHE H 237 -19.83 48.73 -26.76
C PHE H 237 -19.58 47.50 -27.60
N ASN H 238 -19.83 47.60 -28.91
CA ASN H 238 -19.64 46.45 -29.78
C ASN H 238 -19.04 46.85 -31.12
N SER H 239 -18.97 48.16 -31.36
CA SER H 239 -18.59 48.70 -32.65
C SER H 239 -19.64 48.34 -33.69
N PRO H 240 -20.88 48.73 -33.46
CA PRO H 240 -21.93 48.41 -34.44
C PRO H 240 -21.84 49.31 -35.65
N PHE H 241 -21.60 50.59 -35.42
CA PHE H 241 -21.34 51.49 -36.54
C PHE H 241 -19.86 51.83 -36.47
N VAL H 242 -19.46 52.40 -35.33
CA VAL H 242 -18.35 51.99 -34.48
C VAL H 242 -17.18 51.37 -35.21
N PRO H 243 -16.38 52.13 -35.96
CA PRO H 243 -15.27 51.52 -36.71
C PRO H 243 -14.19 51.04 -35.77
N ARG H 244 -13.92 49.73 -35.83
CA ARG H 244 -12.99 49.09 -34.91
C ARG H 244 -11.58 49.38 -35.38
N ARG H 245 -11.09 50.57 -35.05
CA ARG H 245 -9.74 50.96 -35.43
C ARG H 245 -8.84 50.86 -34.21
N MET H 246 -9.15 49.90 -33.34
CA MET H 246 -8.29 49.60 -32.21
C MET H 246 -7.05 48.90 -32.74
N GLN H 247 -5.93 49.06 -32.02
CA GLN H 247 -4.70 48.37 -32.36
C GLN H 247 -4.80 46.87 -32.12
N ALA H 248 -5.65 46.44 -31.19
CA ALA H 248 -5.84 45.02 -30.90
C ALA H 248 -7.23 44.84 -30.32
N GLU H 249 -7.85 43.70 -30.59
CA GLU H 249 -9.19 43.44 -30.09
C GLU H 249 -9.15 42.95 -28.66
N ARG H 250 -9.58 43.80 -27.73
CA ARG H 250 -9.62 43.42 -26.33
C ARG H 250 -10.31 44.53 -25.55
N LYS H 251 -10.95 44.15 -24.45
CA LYS H 251 -11.51 45.10 -23.52
C LYS H 251 -11.98 44.36 -22.28
N GLY H 252 -12.28 45.12 -21.22
CA GLY H 252 -12.86 44.58 -20.02
C GLY H 252 -14.37 44.36 -20.19
N LYS H 253 -14.92 43.54 -19.32
CA LYS H 253 -16.31 43.15 -19.42
C LYS H 253 -17.15 43.88 -18.39
N VAL H 254 -18.35 44.30 -18.80
CA VAL H 254 -19.31 44.90 -17.90
C VAL H 254 -20.58 44.06 -17.95
N HIS H 255 -21.05 43.64 -16.79
CA HIS H 255 -22.12 42.65 -16.74
C HIS H 255 -23.47 43.28 -17.01
N ILE H 256 -24.17 42.75 -18.00
CA ILE H 256 -25.48 43.22 -18.41
C ILE H 256 -26.47 42.83 -17.32
N PRO H 257 -27.22 43.76 -16.75
CA PRO H 257 -28.01 43.48 -15.55
C PRO H 257 -29.31 42.76 -15.88
N PHE H 258 -29.95 42.27 -14.82
CA PHE H 258 -31.26 41.64 -14.86
C PHE H 258 -31.28 40.32 -15.62
N PRO H 259 -30.62 39.29 -15.11
CA PRO H 259 -30.67 37.98 -15.79
C PRO H 259 -31.99 37.29 -15.53
N LEU H 260 -32.21 36.18 -16.23
CA LEU H 260 -33.48 35.46 -16.16
C LEU H 260 -33.61 34.72 -14.83
N ILE H 261 -34.85 34.58 -14.37
CA ILE H 261 -35.19 33.79 -13.20
C ILE H 261 -36.59 33.25 -13.44
N ASN H 262 -36.84 32.01 -13.03
CA ASN H 262 -38.07 31.32 -13.37
C ASN H 262 -39.22 31.87 -12.54
N THR H 263 -39.81 32.98 -12.98
CA THR H 263 -40.86 33.66 -12.24
C THR H 263 -42.22 33.01 -12.49
N THR H 264 -43.27 33.75 -12.15
CA THR H 264 -44.62 33.23 -12.29
C THR H 264 -45.52 34.27 -12.96
N CYS H 265 -46.67 33.79 -13.43
CA CYS H 265 -47.62 34.66 -14.12
C CYS H 265 -49.01 34.44 -13.55
N ARG H 266 -49.72 35.54 -13.36
CA ARG H 266 -51.14 35.51 -12.98
C ARG H 266 -51.90 35.37 -14.28
N VAL H 267 -52.14 34.13 -14.71
CA VAL H 267 -52.74 33.89 -16.02
C VAL H 267 -54.22 33.63 -15.82
N PRO H 268 -55.09 34.49 -16.34
CA PRO H 268 -56.52 34.38 -16.01
C PRO H 268 -57.18 33.27 -16.79
N LEU H 269 -57.90 32.42 -16.07
CA LEU H 269 -58.68 31.35 -16.68
C LEU H 269 -60.12 31.78 -16.80
N ALA H 270 -60.69 31.55 -17.97
CA ALA H 270 -62.00 32.10 -18.28
C ALA H 270 -63.09 31.12 -17.84
N PRO H 271 -64.35 31.43 -18.11
CA PRO H 271 -65.42 30.44 -17.87
C PRO H 271 -65.28 29.28 -18.82
N GLU H 272 -65.48 28.07 -18.29
CA GLU H 272 -65.04 26.88 -19.00
C GLU H 272 -65.99 26.51 -20.12
N ALA H 273 -67.22 26.13 -19.78
CA ALA H 273 -68.17 25.73 -20.81
C ALA H 273 -69.49 25.23 -20.24
N LEU H 274 -70.42 24.89 -21.10
CA LEU H 274 -71.60 24.13 -20.73
C LEU H 274 -71.54 22.78 -21.43
N VAL H 275 -71.87 21.71 -20.70
CA VAL H 275 -71.68 20.35 -21.20
C VAL H 275 -73.04 19.75 -21.52
N ARG H 276 -73.48 19.92 -22.76
CA ARG H 276 -74.75 19.36 -23.23
C ARG H 276 -74.47 17.92 -23.66
N SER H 277 -75.24 16.99 -23.10
CA SER H 277 -75.01 15.58 -23.38
C SER H 277 -75.83 15.12 -24.58
N GLY H 278 -75.39 14.03 -25.19
CA GLY H 278 -76.11 13.43 -26.29
C GLY H 278 -75.82 11.95 -26.42
N LYS H 279 -76.39 11.31 -27.42
CA LYS H 279 -76.17 9.88 -27.62
C LYS H 279 -74.86 9.65 -28.37
N ARG H 280 -73.75 9.64 -27.64
CA ARG H 280 -72.44 9.45 -28.25
C ARG H 280 -71.88 10.75 -28.79
N GLU H 281 -72.51 11.87 -28.47
CA GLU H 281 -72.02 13.17 -28.90
C GLU H 281 -72.02 14.15 -27.74
N ALA H 282 -71.04 15.03 -27.73
CA ALA H 282 -70.92 16.02 -26.67
C ALA H 282 -71.01 17.43 -27.24
N THR H 283 -71.93 18.22 -26.70
CA THR H 283 -72.06 19.61 -27.06
C THR H 283 -71.35 20.42 -25.99
N LEU H 284 -70.50 21.34 -26.41
CA LEU H 284 -69.71 22.16 -25.50
C LEU H 284 -70.03 23.61 -25.81
N SER H 285 -70.44 24.34 -24.79
CA SER H 285 -70.70 25.76 -24.92
C SER H 285 -69.47 26.51 -24.45
N LEU H 286 -68.86 27.25 -25.36
CA LEU H 286 -67.68 28.06 -25.07
C LEU H 286 -68.12 29.52 -25.06
N HIS H 287 -67.73 30.22 -24.05
CA HIS H 287 -68.04 31.62 -23.82
C HIS H 287 -66.82 32.48 -24.13
N PRO H 288 -67.05 33.73 -24.47
CA PRO H 288 -65.94 34.57 -24.95
C PRO H 288 -65.08 35.18 -23.84
N ILE H 289 -63.79 34.91 -23.93
CA ILE H 289 -62.76 35.54 -23.12
C ILE H 289 -61.76 36.01 -24.15
N HIS H 290 -60.57 36.41 -23.72
CA HIS H 290 -59.43 36.39 -24.63
C HIS H 290 -59.26 34.96 -25.14
N PRO H 291 -59.01 34.77 -26.46
CA PRO H 291 -59.22 33.45 -27.09
C PRO H 291 -58.28 32.33 -26.65
N THR H 292 -58.78 31.10 -26.63
CA THR H 292 -58.05 29.99 -26.03
C THR H 292 -58.08 28.78 -26.95
N LEU H 293 -57.01 28.00 -26.94
CA LEU H 293 -56.94 26.76 -27.72
C LEU H 293 -57.76 25.69 -27.01
N LEU H 294 -58.97 25.46 -27.50
CA LEU H 294 -59.80 24.37 -27.00
C LEU H 294 -59.43 23.09 -27.73
N SER H 295 -59.00 22.09 -26.98
CA SER H 295 -58.46 20.87 -27.56
C SER H 295 -59.20 19.67 -27.00
N TYR H 296 -59.93 18.99 -27.87
CA TYR H 296 -60.59 17.74 -27.54
C TYR H 296 -59.80 16.62 -28.19
N ARG H 297 -59.30 15.70 -27.37
CA ARG H 297 -58.60 14.55 -27.88
C ARG H 297 -59.28 13.34 -27.27
N THR H 298 -59.41 12.27 -28.06
CA THR H 298 -60.21 11.12 -27.67
C THR H 298 -59.46 10.32 -26.62
N PHE H 299 -60.20 9.75 -25.68
CA PHE H 299 -59.61 8.97 -24.60
C PHE H 299 -59.57 7.51 -25.05
N GLY H 300 -58.37 7.04 -25.40
CA GLY H 300 -58.22 5.66 -25.86
C GLY H 300 -57.02 5.44 -26.75
N ALA H 301 -57.25 4.84 -27.93
CA ALA H 301 -56.22 4.55 -28.92
C ALA H 301 -55.89 5.80 -29.72
N GLU H 302 -55.27 5.59 -30.89
CA GLU H 302 -54.93 6.71 -31.76
C GLU H 302 -56.21 7.32 -32.31
N ARG H 303 -56.69 8.35 -31.62
CA ARG H 303 -58.07 8.80 -31.72
C ARG H 303 -58.15 10.15 -32.39
N VAL H 304 -59.37 10.68 -32.49
CA VAL H 304 -59.56 12.04 -32.96
C VAL H 304 -58.96 12.99 -31.93
N PHE H 305 -58.24 13.99 -32.41
CA PHE H 305 -57.72 15.01 -31.53
C PHE H 305 -57.68 16.30 -32.33
N ASP H 306 -58.54 17.24 -31.96
CA ASP H 306 -58.66 18.50 -32.67
C ASP H 306 -58.61 19.63 -31.67
N GLU H 307 -57.87 20.67 -32.02
CA GLU H 307 -57.66 21.80 -31.14
C GLU H 307 -57.83 23.05 -31.97
N GLN H 308 -58.89 23.81 -31.68
CA GLN H 308 -59.14 25.04 -32.40
C GLN H 308 -58.90 26.17 -31.42
N TRP H 309 -58.19 27.20 -31.87
CA TRP H 309 -58.03 28.41 -31.07
C TRP H 309 -59.35 29.16 -31.11
N ILE H 310 -60.25 28.81 -30.19
CA ILE H 310 -61.61 29.33 -30.18
C ILE H 310 -61.56 30.78 -29.73
N THR H 311 -62.23 31.65 -30.49
CA THR H 311 -62.26 33.07 -30.21
C THR H 311 -63.66 33.65 -30.39
N ALA H 312 -64.70 32.94 -29.97
CA ALA H 312 -66.07 33.43 -30.05
C ALA H 312 -66.88 32.83 -28.91
N GLN H 313 -68.19 33.01 -28.98
CA GLN H 313 -69.11 32.30 -28.09
C GLN H 313 -69.88 31.31 -28.94
N THR H 314 -69.52 30.03 -28.85
CA THR H 314 -69.99 29.06 -29.82
C THR H 314 -70.22 27.71 -29.16
N GLU H 315 -70.52 26.73 -29.99
CA GLU H 315 -70.82 25.38 -29.52
C GLU H 315 -70.00 24.41 -30.36
N VAL H 316 -69.39 23.45 -29.69
CA VAL H 316 -68.52 22.49 -30.33
C VAL H 316 -69.13 21.11 -30.10
N THR H 317 -69.32 20.38 -31.19
CA THR H 317 -69.72 18.99 -31.07
C THR H 317 -68.47 18.14 -30.95
N ILE H 318 -67.90 18.09 -29.75
CA ILE H 318 -66.77 17.21 -29.48
C ILE H 318 -67.35 15.80 -29.46
N PRO H 319 -66.66 14.81 -30.01
CA PRO H 319 -67.26 13.49 -30.13
C PRO H 319 -67.30 12.78 -28.79
N VAL H 320 -68.49 12.34 -28.40
CA VAL H 320 -68.65 11.70 -27.10
C VAL H 320 -68.20 10.26 -27.30
N PRO H 321 -66.98 9.91 -26.90
CA PRO H 321 -66.43 8.63 -27.36
C PRO H 321 -66.94 7.44 -26.58
N VAL H 322 -66.67 6.24 -27.11
CA VAL H 322 -67.00 5.03 -26.38
C VAL H 322 -66.09 4.88 -25.18
N GLU H 323 -64.79 4.99 -25.39
CA GLU H 323 -63.89 5.21 -24.28
C GLU H 323 -64.00 6.62 -23.73
N GLY H 324 -64.26 7.59 -24.57
CA GLY H 324 -64.40 8.97 -24.13
C GLY H 324 -63.42 9.90 -24.80
N VAL H 325 -63.42 11.15 -24.34
CA VAL H 325 -62.52 12.16 -24.86
C VAL H 325 -61.88 12.90 -23.70
N GLU H 326 -60.78 13.59 -24.01
CA GLU H 326 -60.17 14.50 -23.07
C GLU H 326 -60.31 15.86 -23.72
N TYR H 327 -61.20 16.67 -23.16
CA TYR H 327 -61.54 17.96 -23.73
C TYR H 327 -60.91 19.01 -22.85
N GLN H 328 -59.85 19.63 -23.33
CA GLN H 328 -59.21 20.72 -22.63
C GLN H 328 -59.58 21.99 -23.38
N TRP H 329 -60.37 22.84 -22.74
CA TRP H 329 -60.82 24.09 -23.35
C TRP H 329 -60.21 25.23 -22.56
N GLY H 330 -58.99 25.58 -22.90
CA GLY H 330 -58.40 26.79 -22.35
C GLY H 330 -57.61 26.55 -21.09
N ASN H 331 -58.00 27.24 -20.02
CA ASN H 331 -57.17 27.38 -18.83
C ASN H 331 -57.60 26.51 -17.67
N HIS H 332 -58.67 25.72 -17.84
CA HIS H 332 -59.02 24.77 -16.80
C HIS H 332 -58.10 23.56 -16.84
N LYS H 333 -58.18 22.74 -15.81
CA LYS H 333 -57.47 21.47 -15.82
C LYS H 333 -58.10 20.56 -16.86
N PRO H 334 -57.35 20.13 -17.89
CA PRO H 334 -57.95 19.84 -19.20
C PRO H 334 -58.68 18.51 -19.34
N GLN H 335 -59.00 17.84 -18.22
CA GLN H 335 -59.56 16.50 -18.25
C GLN H 335 -60.99 16.45 -18.79
N ARG H 336 -61.22 15.53 -19.71
CA ARG H 336 -62.57 15.24 -20.14
C ARG H 336 -63.07 13.98 -19.45
N PHE H 337 -64.34 13.67 -19.66
CA PHE H 337 -64.98 12.54 -19.02
C PHE H 337 -65.20 11.46 -20.06
N VAL H 338 -66.00 10.47 -19.69
CA VAL H 338 -66.33 9.35 -20.55
C VAL H 338 -67.77 9.55 -21.00
N VAL H 339 -68.25 8.63 -21.83
CA VAL H 339 -69.57 8.78 -22.47
C VAL H 339 -70.69 8.55 -21.47
N ALA H 340 -71.23 9.64 -20.92
CA ALA H 340 -72.31 9.58 -19.95
C ALA H 340 -73.33 10.68 -20.22
N GLN I 1 62.12 -48.59 28.65
CA GLN I 1 61.18 -48.12 27.64
C GLN I 1 61.66 -48.44 26.24
N ILE I 2 61.56 -47.47 25.35
CA ILE I 2 61.94 -47.64 23.95
C ILE I 2 63.43 -47.42 23.78
N GLN I 3 64.19 -48.49 23.56
CA GLN I 3 65.61 -48.38 23.30
C GLN I 3 65.78 -48.14 21.81
N LEU I 4 65.93 -46.89 21.42
CA LEU I 4 65.88 -46.50 20.02
C LEU I 4 67.30 -46.31 19.50
N VAL I 5 67.65 -47.05 18.45
CA VAL I 5 68.78 -46.75 17.60
C VAL I 5 68.26 -45.93 16.43
N GLN I 6 68.98 -44.88 16.08
CA GLN I 6 68.55 -43.97 15.03
C GLN I 6 69.11 -44.40 13.69
N SER I 7 68.64 -43.72 12.65
CA SER I 7 69.07 -44.03 11.30
C SER I 7 70.39 -43.35 11.00
N GLY I 8 70.90 -43.57 9.79
CA GLY I 8 72.16 -42.99 9.43
C GLY I 8 72.03 -41.54 8.99
N ARG I 9 73.16 -40.99 8.54
CA ARG I 9 73.12 -39.72 7.85
C ARG I 9 72.57 -39.95 6.45
N GLU I 10 71.35 -39.52 6.22
CA GLU I 10 70.67 -39.83 4.97
C GLU I 10 71.14 -38.88 3.89
N VAL I 11 71.02 -39.33 2.65
CA VAL I 11 71.31 -38.51 1.48
C VAL I 11 70.07 -38.54 0.60
N LYS I 12 69.40 -37.39 0.47
CA LYS I 12 68.07 -37.38 -0.09
C LYS I 12 67.96 -36.41 -1.24
N ASN I 13 67.45 -36.89 -2.39
CA ASN I 13 67.17 -36.08 -3.55
C ASN I 13 65.84 -35.33 -3.38
N PRO I 14 65.52 -34.42 -4.30
CA PRO I 14 64.36 -33.54 -4.09
C PRO I 14 63.03 -34.21 -4.45
N GLY I 15 62.06 -34.05 -3.55
CA GLY I 15 60.71 -34.55 -3.75
C GLY I 15 60.44 -35.92 -3.16
N GLU I 16 61.48 -36.63 -2.72
CA GLU I 16 61.34 -37.99 -2.21
C GLU I 16 60.93 -38.01 -0.74
N THR I 17 60.97 -39.19 -0.12
CA THR I 17 60.71 -39.34 1.30
C THR I 17 61.94 -39.96 1.94
N VAL I 18 62.37 -39.38 3.07
CA VAL I 18 63.59 -39.81 3.74
C VAL I 18 63.22 -40.33 5.12
N LYS I 19 63.12 -41.66 5.23
CA LYS I 19 62.71 -42.32 6.46
C LYS I 19 63.91 -42.33 7.41
N ILE I 20 63.86 -41.49 8.44
CA ILE I 20 64.75 -41.59 9.58
C ILE I 20 64.45 -42.91 10.24
N SER I 21 65.38 -43.85 10.09
CA SER I 21 65.20 -45.23 10.50
C SER I 21 65.33 -45.33 12.01
N CYS I 22 64.71 -46.37 12.56
CA CYS I 22 64.66 -46.58 13.99
C CYS I 22 64.68 -48.08 14.25
N LYS I 23 65.63 -48.53 15.05
CA LYS I 23 65.55 -49.82 15.74
C LYS I 23 65.13 -49.52 17.18
N ALA I 24 63.82 -49.42 17.40
CA ALA I 24 63.29 -49.02 18.70
C ALA I 24 62.96 -50.26 19.52
N SER I 25 64.00 -51.02 19.85
CA SER I 25 63.85 -52.35 20.43
C SER I 25 64.23 -52.30 21.89
N GLY I 26 64.28 -53.47 22.51
CA GLY I 26 64.53 -53.62 23.92
C GLY I 26 63.27 -53.56 24.78
N TYR I 27 62.24 -52.89 24.30
CA TYR I 27 60.93 -52.84 24.91
C TYR I 27 59.90 -53.11 23.83
N THR I 28 58.63 -52.86 24.17
CA THR I 28 57.53 -52.89 23.22
C THR I 28 57.76 -51.78 22.19
N PHE I 29 57.69 -52.14 20.91
CA PHE I 29 57.77 -51.16 19.84
C PHE I 29 56.46 -50.38 19.73
N THR I 30 55.39 -50.95 20.28
CA THR I 30 54.22 -50.14 20.61
C THR I 30 54.37 -49.51 21.99
N GLU I 31 55.01 -50.19 22.93
CA GLU I 31 55.35 -49.63 24.24
C GLU I 31 56.31 -48.46 24.13
N TYR I 32 57.18 -48.46 23.12
CA TYR I 32 57.89 -47.27 22.72
C TYR I 32 57.46 -46.99 21.30
N PRO I 33 56.36 -46.26 21.10
CA PRO I 33 55.75 -46.12 19.78
C PRO I 33 56.50 -45.08 18.95
N MET I 34 55.93 -44.72 17.81
CA MET I 34 56.61 -43.87 16.86
C MET I 34 56.59 -42.43 17.36
N LEU I 35 57.64 -42.02 18.06
CA LEU I 35 57.83 -40.63 18.40
C LEU I 35 58.84 -40.07 17.41
N TRP I 36 58.34 -39.35 16.42
CA TRP I 36 59.15 -38.90 15.30
C TRP I 36 59.95 -37.70 15.78
N VAL I 37 61.16 -37.58 15.28
CA VAL I 37 61.93 -36.36 15.42
C VAL I 37 62.11 -35.80 14.01
N LYS I 38 61.82 -34.53 13.83
CA LYS I 38 62.32 -33.77 12.70
C LYS I 38 63.00 -32.55 13.30
N GLN I 39 64.23 -32.73 13.76
CA GLN I 39 64.94 -31.73 14.56
C GLN I 39 66.08 -31.16 13.72
N ALA I 40 66.01 -29.88 13.48
CA ALA I 40 67.17 -29.16 12.98
C ALA I 40 67.93 -28.59 14.16
N PRO I 41 69.09 -27.99 13.96
CA PRO I 41 69.79 -27.37 15.08
C PRO I 41 69.16 -26.04 15.48
N GLY I 42 68.61 -25.33 14.50
CA GLY I 42 67.86 -24.11 14.76
C GLY I 42 66.51 -24.41 15.36
N LYS I 43 66.00 -25.61 15.11
CA LYS I 43 64.74 -26.03 15.71
C LYS I 43 64.94 -26.44 17.16
N GLY I 44 66.06 -27.06 17.48
CA GLY I 44 66.25 -27.64 18.79
C GLY I 44 65.34 -28.84 18.98
N PHE I 45 64.30 -28.64 19.80
CA PHE I 45 63.21 -29.59 19.91
C PHE I 45 62.33 -29.45 18.67
N ARG I 46 62.53 -30.33 17.71
CA ARG I 46 62.01 -30.15 16.37
C ARG I 46 60.86 -31.11 16.15
N TRP I 47 59.90 -30.68 15.33
CA TRP I 47 58.65 -31.41 15.17
C TRP I 47 58.84 -32.65 14.31
N MET I 48 58.54 -33.81 14.87
CA MET I 48 58.35 -35.02 14.08
C MET I 48 57.14 -35.82 14.52
N GLY I 49 56.64 -35.59 15.73
CA GLY I 49 55.44 -36.24 16.22
C GLY I 49 55.73 -37.07 17.44
N LEU I 50 54.65 -37.55 18.04
CA LEU I 50 54.80 -38.42 19.19
C LEU I 50 53.84 -39.59 19.06
N ILE I 51 54.29 -40.77 19.46
CA ILE I 51 53.40 -41.90 19.64
C ILE I 51 53.98 -42.93 20.60
N TYR I 52 53.23 -43.19 21.67
CA TYR I 52 53.28 -44.49 22.31
C TYR I 52 52.18 -45.30 21.63
N THR I 53 52.56 -46.40 20.98
CA THR I 53 51.65 -47.08 20.06
C THR I 53 51.14 -48.39 20.66
N ASN I 54 51.12 -48.49 21.98
CA ASN I 54 50.59 -49.66 22.68
C ASN I 54 49.08 -49.80 22.44
N THR I 55 48.38 -48.68 22.31
CA THR I 55 47.04 -48.71 21.76
C THR I 55 47.04 -48.39 20.29
N GLY I 56 48.04 -47.64 19.82
CA GLY I 56 48.21 -47.41 18.40
C GLY I 56 48.18 -45.98 17.94
N GLU I 57 48.46 -45.01 18.81
CA GLU I 57 48.28 -43.62 18.38
C GLU I 57 49.65 -42.97 18.13
N PRO I 58 50.25 -43.20 16.97
CA PRO I 58 51.44 -42.44 16.56
C PRO I 58 51.08 -41.31 15.62
N THR I 59 51.60 -40.12 15.92
CA THR I 59 51.27 -38.95 15.15
C THR I 59 52.53 -38.25 14.67
N TYR I 60 52.51 -37.82 13.42
CA TYR I 60 53.40 -36.78 12.94
C TYR I 60 52.95 -35.47 13.57
N ALA I 61 53.91 -34.58 13.76
CA ALA I 61 53.67 -33.33 14.46
C ALA I 61 53.30 -32.25 13.45
N GLU I 62 53.39 -30.99 13.90
CA GLU I 62 53.38 -29.89 12.95
C GLU I 62 54.61 -29.94 12.05
N GLU I 63 55.77 -30.27 12.62
CA GLU I 63 56.97 -30.50 11.83
C GLU I 63 56.95 -31.86 11.17
N PHE I 64 56.26 -32.83 11.76
CA PHE I 64 56.04 -34.13 11.15
C PHE I 64 54.75 -34.18 10.34
N LYS I 65 54.16 -33.04 10.01
CA LYS I 65 53.08 -32.98 9.05
C LYS I 65 53.51 -32.07 7.90
N GLY I 66 53.00 -32.34 6.70
CA GLY I 66 53.46 -31.59 5.56
C GLY I 66 54.64 -32.30 4.95
N ARG I 67 55.84 -31.89 5.36
CA ARG I 67 57.07 -32.59 5.00
C ARG I 67 57.22 -33.93 5.70
N PHE I 68 56.68 -34.11 6.90
CA PHE I 68 56.86 -35.33 7.66
C PHE I 68 55.72 -36.31 7.43
N VAL I 69 56.03 -37.60 7.55
CA VAL I 69 55.04 -38.68 7.61
C VAL I 69 55.67 -39.81 8.41
N PHE I 70 55.03 -40.19 9.52
CA PHE I 70 55.60 -41.21 10.40
C PHE I 70 55.13 -42.59 9.98
N SER I 71 56.07 -43.47 9.65
CA SER I 71 55.76 -44.85 9.33
C SER I 71 56.71 -45.73 10.10
N LEU I 72 56.42 -47.02 10.15
CA LEU I 72 57.36 -47.94 10.75
C LEU I 72 56.90 -49.38 10.57
N GLU I 73 57.87 -50.28 10.48
CA GLU I 73 57.68 -51.68 10.85
C GLU I 73 58.06 -51.76 12.33
N ILE I 74 57.13 -51.31 13.16
CA ILE I 74 57.35 -50.97 14.57
C ILE I 74 57.27 -52.19 15.49
N SER I 75 57.26 -53.40 14.92
CA SER I 75 57.23 -54.62 15.72
C SER I 75 58.51 -54.81 16.54
N ALA I 76 59.67 -54.49 15.99
CA ALA I 76 60.88 -54.35 16.77
C ALA I 76 61.18 -52.88 17.03
N SER I 77 60.17 -52.03 16.90
CA SER I 77 60.35 -50.58 16.88
C SER I 77 61.12 -50.13 15.64
N THR I 78 60.95 -50.84 14.54
CA THR I 78 61.53 -50.47 13.25
C THR I 78 60.73 -49.28 12.71
N ALA I 79 61.41 -48.18 12.44
CA ALA I 79 60.73 -46.92 12.21
C ALA I 79 61.34 -46.17 11.05
N TYR I 80 60.53 -45.30 10.45
CA TYR I 80 60.95 -44.37 9.43
C TYR I 80 60.11 -43.11 9.57
N LEU I 81 60.69 -42.10 10.21
CA LEU I 81 60.11 -40.77 10.21
C LEU I 81 60.47 -40.17 8.87
N GLN I 82 59.54 -40.23 7.92
CA GLN I 82 59.84 -39.97 6.53
C GLN I 82 59.71 -38.48 6.26
N ILE I 83 60.75 -37.90 5.69
CA ILE I 83 60.69 -36.59 5.08
C ILE I 83 59.99 -36.79 3.75
N ASN I 84 58.66 -36.68 3.75
CA ASN I 84 57.84 -36.98 2.59
C ASN I 84 57.66 -35.71 1.75
N ASN I 85 57.94 -35.83 0.47
CA ASN I 85 58.11 -34.68 -0.40
C ASN I 85 59.35 -33.89 0.02
N LEU I 86 60.39 -34.64 0.36
CA LEU I 86 61.59 -34.04 0.91
C LEU I 86 62.44 -33.43 -0.21
N THR I 87 62.55 -32.12 -0.20
CA THR I 87 63.28 -31.34 -1.18
C THR I 87 64.72 -31.15 -0.72
N ASN I 88 65.35 -30.10 -1.25
CA ASN I 88 66.66 -29.65 -0.76
C ASN I 88 66.61 -29.13 0.68
N GLU I 89 65.42 -28.81 1.23
CA GLU I 89 65.25 -28.48 2.62
C GLU I 89 64.96 -29.71 3.51
N ASP I 90 65.43 -30.89 3.12
CA ASP I 90 65.22 -32.12 3.86
C ASP I 90 66.36 -32.47 4.80
N THR I 91 67.31 -31.56 5.00
CA THR I 91 68.40 -31.82 5.94
C THR I 91 67.93 -31.57 7.37
N ALA I 92 67.63 -32.65 8.10
CA ALA I 92 67.21 -32.56 9.49
C ALA I 92 67.30 -33.95 10.10
N THR I 93 67.23 -34.05 11.42
CA THR I 93 67.30 -35.34 12.08
C THR I 93 65.89 -35.89 12.20
N TYR I 94 65.61 -36.91 11.40
CA TYR I 94 64.44 -37.77 11.57
C TYR I 94 64.81 -38.78 12.64
N PHE I 95 64.33 -38.54 13.84
CA PHE I 95 64.90 -39.07 15.05
C PHE I 95 63.93 -40.03 15.72
N CYS I 96 64.48 -40.96 16.49
CA CYS I 96 63.63 -41.90 17.20
C CYS I 96 63.22 -41.32 18.54
N VAL I 97 62.05 -41.76 18.99
CA VAL I 97 61.60 -41.58 20.36
C VAL I 97 60.45 -42.55 20.55
N ARG I 98 60.13 -42.85 21.80
CA ARG I 98 59.00 -43.69 22.16
C ARG I 98 58.17 -42.96 23.21
N ASP I 99 56.84 -43.10 23.11
CA ASP I 99 55.94 -42.53 24.10
C ASP I 99 55.86 -43.45 25.31
N TYR I 100 56.52 -43.05 26.40
CA TYR I 100 56.49 -43.75 27.67
C TYR I 100 57.11 -42.83 28.70
N PHE I 101 56.40 -42.60 29.81
CA PHE I 101 56.73 -41.45 30.65
C PHE I 101 56.49 -40.17 29.88
N ILE I 102 55.23 -39.74 29.81
CA ILE I 102 54.45 -39.26 28.66
C ILE I 102 55.07 -38.41 27.56
N SER I 103 56.29 -37.91 27.75
CA SER I 103 57.03 -37.31 26.66
C SER I 103 57.91 -38.42 26.09
N LEU I 104 58.85 -38.08 25.23
CA LEU I 104 59.74 -39.08 24.64
C LEU I 104 60.75 -39.52 25.70
N ASP I 105 60.30 -40.40 26.59
CA ASP I 105 61.16 -40.95 27.64
C ASP I 105 62.17 -41.94 27.10
N TYR I 106 61.72 -43.06 26.53
CA TYR I 106 62.57 -43.84 25.66
C TYR I 106 62.81 -42.98 24.43
N TRP I 107 64.06 -42.85 24.05
CA TRP I 107 64.40 -41.99 22.92
C TRP I 107 65.30 -42.74 21.95
N GLY I 108 65.48 -42.16 20.77
CA GLY I 108 66.22 -42.80 19.71
C GLY I 108 67.63 -42.25 19.57
N GLN I 109 68.31 -42.74 18.53
CA GLN I 109 69.65 -42.26 18.25
C GLN I 109 69.66 -41.10 17.27
N GLY I 110 68.58 -40.91 16.53
CA GLY I 110 68.51 -39.86 15.53
C GLY I 110 69.03 -40.32 14.19
N THR I 111 68.37 -39.84 13.13
CA THR I 111 68.80 -40.08 11.76
C THR I 111 68.92 -38.74 11.06
N THR I 112 70.12 -38.16 11.08
CA THR I 112 70.36 -36.87 10.48
C THR I 112 70.52 -37.06 8.97
N LEU I 113 69.63 -36.42 8.21
CA LEU I 113 69.66 -36.52 6.76
C LEU I 113 70.06 -35.19 6.16
N THR I 114 70.81 -35.24 5.07
CA THR I 114 71.11 -34.10 4.23
C THR I 114 70.20 -34.28 3.02
N VAL I 115 69.20 -33.42 2.90
CA VAL I 115 68.32 -33.41 1.74
C VAL I 115 68.92 -32.45 0.72
N SER I 116 69.01 -32.88 -0.54
CA SER I 116 69.47 -32.00 -1.59
C SER I 116 69.17 -32.59 -2.97
N SER I 117 68.49 -31.83 -3.81
CA SER I 117 68.23 -32.29 -5.17
C SER I 117 69.41 -31.92 -6.06
N ALA I 118 70.51 -32.68 -5.94
CA ALA I 118 71.73 -32.40 -6.69
C ALA I 118 72.68 -33.59 -6.60
N LYS I 119 73.78 -33.54 -7.36
CA LYS I 119 74.74 -34.65 -7.44
C LYS I 119 75.77 -34.63 -6.32
N THR I 120 76.78 -35.49 -6.42
CA THR I 120 77.83 -35.63 -5.41
C THR I 120 78.91 -36.56 -5.95
N THR I 121 80.17 -36.18 -5.78
CA THR I 121 81.32 -36.99 -6.18
C THR I 121 81.60 -38.00 -5.08
N ALA I 122 82.30 -39.09 -5.44
CA ALA I 122 82.62 -40.14 -4.45
C ALA I 122 83.91 -39.80 -3.70
N PRO I 123 83.97 -40.14 -2.41
CA PRO I 123 85.14 -39.79 -1.60
C PRO I 123 86.29 -40.77 -1.71
N SER I 124 87.38 -40.28 -2.31
CA SER I 124 88.59 -41.07 -2.52
C SER I 124 89.45 -40.98 -1.25
N VAL I 125 89.90 -42.13 -0.76
CA VAL I 125 90.72 -42.20 0.45
C VAL I 125 92.17 -42.43 0.01
N TYR I 126 92.99 -41.41 0.17
CA TYR I 126 94.40 -41.47 -0.18
C TYR I 126 95.23 -41.77 1.07
N PRO I 127 96.35 -42.48 0.95
CA PRO I 127 97.15 -42.75 2.15
C PRO I 127 97.95 -41.53 2.57
N LEU I 128 97.47 -40.88 3.62
CA LEU I 128 98.09 -39.68 4.17
C LEU I 128 98.64 -40.05 5.55
N ALA I 129 99.92 -40.28 5.62
CA ALA I 129 100.53 -40.51 6.91
C ALA I 129 101.14 -39.22 7.43
N PRO I 130 101.70 -39.25 8.64
CA PRO I 130 102.62 -38.19 9.05
C PRO I 130 103.91 -38.31 8.25
N VAL I 131 104.65 -37.22 8.19
CA VAL I 131 105.82 -37.12 7.34
C VAL I 131 107.02 -37.92 7.88
N CYS I 132 108.11 -37.93 7.11
CA CYS I 132 109.33 -38.59 7.56
C CYS I 132 110.00 -37.86 8.72
N GLY I 133 109.75 -36.56 8.86
CA GLY I 133 110.20 -35.82 10.03
C GLY I 133 109.25 -36.05 11.19
N GLY I 134 109.76 -36.69 12.24
CA GLY I 134 108.91 -37.26 13.25
C GLY I 134 108.15 -38.43 12.67
N THR I 135 106.87 -38.59 13.05
CA THR I 135 105.94 -39.52 12.41
C THR I 135 106.06 -40.96 12.96
N THR I 136 107.14 -41.20 13.70
CA THR I 136 107.27 -42.35 14.60
C THR I 136 108.21 -41.86 15.70
N GLY I 137 107.63 -41.19 16.69
CA GLY I 137 108.35 -40.72 17.85
C GLY I 137 107.62 -41.17 19.09
N SER I 138 106.90 -40.21 19.69
CA SER I 138 105.84 -40.59 20.62
C SER I 138 104.73 -41.35 19.92
N SER I 139 104.35 -40.94 18.71
CA SER I 139 103.31 -41.64 17.99
C SER I 139 103.32 -41.38 16.48
N VAL I 140 102.25 -41.82 15.81
CA VAL I 140 101.99 -41.48 14.42
C VAL I 140 100.48 -41.50 14.21
N THR I 141 99.96 -40.45 13.59
CA THR I 141 98.56 -40.34 13.25
C THR I 141 98.45 -40.40 11.73
N LEU I 142 98.37 -41.61 11.19
CA LEU I 142 98.35 -41.80 9.75
C LEU I 142 97.03 -42.43 9.34
N GLY I 143 96.67 -42.27 8.07
CA GLY I 143 95.31 -42.63 7.71
C GLY I 143 94.92 -42.48 6.26
N CYS I 144 93.61 -42.38 6.06
CA CYS I 144 93.00 -42.25 4.74
C CYS I 144 92.38 -40.86 4.67
N LEU I 145 92.94 -40.01 3.81
CA LEU I 145 92.41 -38.67 3.58
C LEU I 145 91.29 -38.82 2.57
N VAL I 146 90.07 -38.49 2.99
CA VAL I 146 88.86 -38.72 2.20
C VAL I 146 88.53 -37.40 1.52
N LYS I 147 88.73 -37.34 0.20
CA LYS I 147 88.48 -36.15 -0.58
C LYS I 147 87.25 -36.32 -1.46
N GLY I 148 86.39 -35.30 -1.44
CA GLY I 148 85.32 -35.13 -2.40
C GLY I 148 84.16 -36.10 -2.30
N TYR I 149 83.58 -36.28 -1.12
CA TYR I 149 82.51 -37.24 -0.90
C TYR I 149 81.15 -36.56 -0.86
N PHE I 150 80.22 -37.10 -1.65
CA PHE I 150 78.82 -36.66 -1.65
C PHE I 150 78.00 -37.77 -2.27
N PRO I 151 76.86 -38.16 -1.67
CA PRO I 151 76.16 -37.78 -0.45
C PRO I 151 76.67 -38.50 0.79
N GLU I 152 75.85 -38.53 1.84
CA GLU I 152 76.24 -39.12 3.11
C GLU I 152 76.31 -40.64 3.03
N PRO I 153 77.32 -41.26 3.69
CA PRO I 153 78.39 -40.64 4.48
C PRO I 153 79.77 -40.68 3.82
N VAL I 154 80.55 -39.62 3.97
CA VAL I 154 81.90 -39.56 3.43
C VAL I 154 82.84 -39.05 4.50
N THR I 155 83.51 -39.98 5.17
CA THR I 155 84.38 -39.68 6.31
C THR I 155 85.66 -40.49 6.24
N LEU I 156 86.42 -40.46 7.34
CA LEU I 156 87.65 -41.23 7.49
C LEU I 156 87.69 -41.86 8.87
N THR I 157 88.23 -43.07 8.95
CA THR I 157 88.37 -43.81 10.19
C THR I 157 89.77 -44.42 10.25
N TRP I 158 90.17 -44.85 11.44
CA TRP I 158 91.56 -45.22 11.73
C TRP I 158 91.66 -46.68 12.15
N ASN I 159 92.86 -47.25 11.99
CA ASN I 159 93.21 -48.56 12.54
C ASN I 159 92.66 -49.72 11.73
N SER I 160 92.32 -49.44 10.47
CA SER I 160 91.64 -50.39 9.58
C SER I 160 90.20 -50.62 10.01
N GLY I 161 89.64 -49.67 10.75
CA GLY I 161 88.40 -49.86 11.46
C GLY I 161 88.55 -50.20 12.94
N SER I 162 89.78 -50.32 13.45
CA SER I 162 89.94 -50.82 14.82
C SER I 162 90.53 -49.80 15.78
N LEU I 163 91.74 -49.31 15.52
CA LEU I 163 92.44 -48.42 16.45
C LEU I 163 92.53 -47.03 15.85
N SER I 164 91.48 -46.24 16.03
CA SER I 164 91.45 -44.88 15.53
C SER I 164 90.81 -43.88 16.47
N SER I 165 90.29 -44.33 17.63
CA SER I 165 89.73 -43.40 18.60
C SER I 165 90.85 -42.72 19.36
N GLY I 166 90.86 -41.39 19.34
CA GLY I 166 92.02 -40.65 19.80
C GLY I 166 92.92 -40.19 18.66
N VAL I 167 92.63 -40.66 17.45
CA VAL I 167 93.34 -40.23 16.25
C VAL I 167 92.62 -39.01 15.69
N HIS I 168 93.28 -38.32 14.76
CA HIS I 168 92.77 -37.07 14.21
C HIS I 168 91.91 -37.39 12.99
N THR I 169 90.60 -37.17 13.13
CA THR I 169 89.66 -37.39 12.04
C THR I 169 88.86 -36.11 11.83
N PHE I 170 88.94 -35.57 10.64
CA PHE I 170 88.19 -34.33 10.39
C PHE I 170 86.92 -34.65 9.61
N PRO I 171 85.80 -34.03 9.95
CA PRO I 171 84.57 -34.25 9.18
C PRO I 171 84.63 -33.54 7.83
N ALA I 172 83.95 -34.11 6.84
CA ALA I 172 84.11 -33.67 5.46
C ALA I 172 83.42 -32.33 5.24
N LEU I 173 84.19 -31.35 4.75
CA LEU I 173 83.69 -30.00 4.52
C LEU I 173 83.25 -29.88 3.08
N LEU I 174 82.31 -28.98 2.82
CA LEU I 174 81.68 -28.85 1.52
C LEU I 174 82.63 -28.18 0.53
N GLN I 175 82.79 -28.80 -0.63
CA GLN I 175 83.54 -28.22 -1.74
C GLN I 175 83.04 -28.89 -3.01
N SER I 176 82.27 -28.15 -3.81
CA SER I 176 81.77 -28.62 -5.10
C SER I 176 80.78 -29.77 -4.96
N GLY I 177 80.03 -29.79 -3.86
CA GLY I 177 79.20 -30.93 -3.53
C GLY I 177 79.95 -32.13 -2.99
N LEU I 178 81.20 -31.94 -2.55
CA LEU I 178 82.00 -33.01 -1.99
C LEU I 178 82.31 -32.70 -0.52
N TYR I 179 82.64 -33.74 0.23
CA TYR I 179 83.13 -33.62 1.60
C TYR I 179 84.62 -33.89 1.63
N THR I 180 85.37 -32.97 2.23
CA THR I 180 86.82 -33.03 2.28
C THR I 180 87.24 -33.14 3.73
N LEU I 181 87.91 -34.24 4.07
CA LEU I 181 88.37 -34.50 5.43
C LEU I 181 89.42 -35.61 5.39
N SER I 182 89.69 -36.18 6.56
CA SER I 182 90.58 -37.31 6.64
C SER I 182 90.26 -38.13 7.88
N SER I 183 90.87 -39.30 7.97
CA SER I 183 90.83 -40.10 9.18
C SER I 183 92.20 -40.72 9.39
N SER I 184 92.97 -40.15 10.32
CA SER I 184 94.25 -40.67 10.71
C SER I 184 94.14 -41.28 12.11
N VAL I 185 94.40 -42.58 12.17
CA VAL I 185 94.45 -43.31 13.43
C VAL I 185 95.79 -42.98 14.07
N THR I 186 95.77 -42.77 15.39
CA THR I 186 96.92 -42.28 16.14
C THR I 186 97.39 -43.37 17.08
N VAL I 187 98.54 -43.96 16.75
CA VAL I 187 99.15 -45.03 17.53
C VAL I 187 100.53 -44.58 17.98
N THR I 188 101.25 -45.50 18.61
CA THR I 188 102.62 -45.22 19.05
C THR I 188 103.59 -45.21 17.87
N SER I 189 104.87 -44.97 18.17
CA SER I 189 105.94 -44.93 17.17
C SER I 189 106.16 -46.27 16.48
N ASN I 190 105.84 -47.38 17.13
CA ASN I 190 105.82 -48.67 16.44
C ASN I 190 104.51 -48.91 15.72
N THR I 191 103.43 -48.29 16.18
CA THR I 191 102.14 -48.46 15.51
C THR I 191 101.98 -47.47 14.37
N TRP I 192 102.08 -46.18 14.66
CA TRP I 192 101.93 -45.20 13.61
C TRP I 192 103.31 -44.72 13.16
N PRO I 193 103.69 -44.96 11.90
CA PRO I 193 102.96 -45.72 10.87
C PRO I 193 103.58 -47.08 10.57
N SER I 194 104.25 -47.66 11.56
CA SER I 194 104.89 -48.95 11.37
C SER I 194 103.87 -50.08 11.46
N GLN I 195 103.14 -50.15 12.56
CA GLN I 195 102.17 -51.20 12.80
C GLN I 195 100.88 -50.92 12.04
N THR I 196 99.93 -51.84 12.17
CA THR I 196 98.72 -51.79 11.34
C THR I 196 97.72 -50.78 11.89
N ILE I 197 97.97 -49.50 11.62
CA ILE I 197 97.00 -48.43 11.86
C ILE I 197 96.53 -47.96 10.49
N THR I 198 95.48 -48.57 9.98
CA THR I 198 95.02 -48.35 8.62
C THR I 198 93.92 -47.31 8.62
N CYS I 199 94.00 -46.35 7.71
CA CYS I 199 92.93 -45.41 7.54
C CYS I 199 92.02 -45.89 6.41
N ASN I 200 90.72 -45.82 6.66
CA ASN I 200 89.72 -46.00 5.63
C ASN I 200 89.13 -44.63 5.35
N VAL I 201 89.36 -44.13 4.14
CA VAL I 201 88.68 -42.96 3.62
C VAL I 201 87.52 -43.48 2.78
N ALA I 202 86.30 -43.29 3.26
CA ALA I 202 85.12 -43.88 2.66
C ALA I 202 84.10 -42.82 2.32
N HIS I 203 83.80 -42.68 1.03
CA HIS I 203 82.66 -41.92 0.52
C HIS I 203 81.65 -42.94 0.00
N PRO I 204 80.64 -43.28 0.80
CA PRO I 204 79.58 -44.18 0.30
C PRO I 204 78.59 -43.52 -0.66
N ALA I 205 78.65 -42.18 -0.81
CA ALA I 205 77.79 -41.50 -1.79
C ALA I 205 78.24 -41.79 -3.22
N SER I 206 79.50 -42.16 -3.42
CA SER I 206 79.95 -42.80 -4.64
C SER I 206 80.30 -44.26 -4.42
N SER I 207 80.33 -44.71 -3.17
CA SER I 207 80.56 -46.12 -2.84
C SER I 207 82.01 -46.53 -3.02
N THR I 208 82.93 -45.63 -2.68
CA THR I 208 84.36 -45.91 -2.71
C THR I 208 84.89 -45.83 -1.29
N LYS I 209 85.86 -46.67 -0.95
CA LYS I 209 86.40 -46.73 0.39
C LYS I 209 87.77 -47.37 0.34
N VAL I 210 88.81 -46.60 0.66
CA VAL I 210 90.19 -47.06 0.58
C VAL I 210 90.69 -47.26 2.01
N ASP I 211 91.01 -48.50 2.35
CA ASP I 211 91.48 -48.87 3.69
C ASP I 211 92.92 -49.33 3.59
N LYS I 212 93.86 -48.41 3.75
CA LYS I 212 95.28 -48.65 3.56
C LYS I 212 96.01 -48.25 4.83
N LYS I 213 97.17 -48.87 5.08
CA LYS I 213 97.96 -48.61 6.28
C LYS I 213 98.53 -47.20 6.24
N ILE I 214 98.18 -46.40 7.24
CA ILE I 214 98.61 -45.01 7.30
C ILE I 214 100.05 -45.02 7.81
N GLU I 215 101.01 -45.04 6.87
CA GLU I 215 102.39 -45.38 7.15
C GLU I 215 103.26 -44.13 7.24
N SER I 216 104.54 -44.34 7.49
CA SER I 216 105.48 -43.24 7.69
C SER I 216 105.81 -42.57 6.35
N ARG I 217 106.54 -41.45 6.43
CA ARG I 217 106.98 -40.74 5.24
C ARG I 217 108.02 -41.53 4.44
N ARG I 218 108.79 -42.38 5.10
CA ARG I 218 109.74 -43.26 4.42
C ARG I 218 109.90 -44.57 5.19
N GLN J 1 50.62 -26.62 22.69
CA GLN J 1 51.44 -26.53 21.49
C GLN J 1 52.27 -25.24 21.48
N ALA J 2 53.42 -25.27 22.15
CA ALA J 2 54.24 -24.09 22.28
C ALA J 2 55.71 -24.43 22.02
N VAL J 3 56.35 -23.59 21.22
CA VAL J 3 57.78 -23.66 20.97
C VAL J 3 58.43 -23.19 22.26
N VAL J 4 59.28 -24.03 22.83
CA VAL J 4 59.82 -23.80 24.16
C VAL J 4 60.93 -22.77 24.08
N THR J 5 60.57 -21.51 24.32
CA THR J 5 61.53 -20.43 24.46
C THR J 5 61.66 -20.11 25.93
N GLN J 6 62.88 -19.96 26.42
CA GLN J 6 63.11 -19.89 27.86
C GLN J 6 64.34 -19.06 28.18
N GLU J 7 64.87 -19.31 29.37
CA GLU J 7 66.22 -18.87 29.71
C GLU J 7 67.21 -19.52 28.75
N SER J 8 68.05 -18.67 28.14
CA SER J 8 68.91 -19.08 27.03
C SER J 8 70.04 -19.99 27.50
N ALA J 9 70.41 -19.88 28.77
CA ALA J 9 71.22 -20.91 29.41
C ALA J 9 70.53 -21.31 30.71
N LEU J 10 69.80 -22.43 30.65
CA LEU J 10 69.26 -23.05 31.85
C LEU J 10 70.27 -24.11 32.29
N THR J 11 71.44 -23.64 32.73
CA THR J 11 72.56 -24.50 33.10
C THR J 11 73.26 -23.94 34.33
N THR J 12 74.10 -24.76 34.96
CA THR J 12 74.82 -24.36 36.17
C THR J 12 76.32 -24.47 35.95
N SER J 13 77.07 -24.41 37.06
CA SER J 13 78.52 -24.40 37.12
C SER J 13 79.07 -25.80 37.38
N PRO J 14 80.39 -25.96 37.48
CA PRO J 14 80.94 -27.26 37.90
C PRO J 14 80.70 -27.48 39.38
N GLY J 15 79.71 -28.32 39.67
CA GLY J 15 79.12 -28.38 40.99
C GLY J 15 77.98 -27.40 41.19
N GLU J 16 77.59 -26.68 40.15
CA GLU J 16 76.54 -25.68 40.22
C GLU J 16 75.35 -26.08 39.33
N THR J 17 74.19 -25.52 39.66
CA THR J 17 72.92 -25.92 39.04
C THR J 17 72.15 -24.69 38.58
N VAL J 18 71.44 -24.82 37.47
CA VAL J 18 70.64 -23.75 36.88
C VAL J 18 69.20 -24.23 36.76
N THR J 19 68.29 -23.51 37.43
CA THR J 19 66.88 -23.86 37.45
C THR J 19 66.11 -22.84 36.62
N LEU J 20 66.07 -23.04 35.31
CA LEU J 20 65.31 -22.18 34.42
C LEU J 20 63.96 -22.83 34.12
N THR J 21 63.10 -22.09 33.45
CA THR J 21 61.79 -22.59 33.07
C THR J 21 61.50 -22.23 31.62
N CYS J 22 61.62 -23.21 30.73
CA CYS J 22 61.50 -22.97 29.29
C CYS J 22 60.03 -23.01 28.96
N ARG J 23 59.50 -21.91 28.43
CA ARG J 23 58.08 -21.79 28.14
C ARG J 23 57.72 -22.61 26.92
N SER J 24 57.10 -23.75 27.18
CA SER J 24 56.08 -24.31 26.31
C SER J 24 54.81 -23.52 26.63
N ASN J 25 54.11 -23.08 25.57
CA ASN J 25 53.37 -21.82 25.59
C ASN J 25 52.13 -21.81 26.47
N ILE J 26 51.65 -22.97 26.90
CA ILE J 26 50.46 -22.99 27.74
C ILE J 26 50.79 -22.88 29.22
N GLY J 27 51.87 -23.51 29.67
CA GLY J 27 52.24 -23.39 31.05
C GLY J 27 53.39 -24.33 31.37
N ALA J 28 53.24 -25.02 32.48
CA ALA J 28 54.26 -25.94 32.93
C ALA J 28 54.26 -27.18 32.04
N VAL J 29 55.38 -27.85 32.01
CA VAL J 29 55.37 -29.14 31.36
C VAL J 29 54.72 -30.13 32.32
N THR J 30 54.06 -31.12 31.75
CA THR J 30 53.14 -31.98 32.50
C THR J 30 53.69 -33.39 32.53
N SER J 31 52.92 -34.30 33.13
CA SER J 31 53.32 -35.69 33.29
C SER J 31 52.40 -36.61 32.51
N SER J 32 51.11 -36.38 32.57
CA SER J 32 50.22 -36.89 31.54
C SER J 32 50.39 -36.14 30.24
N ASN J 33 50.82 -34.88 30.31
CA ASN J 33 51.22 -34.09 29.15
C ASN J 33 52.61 -34.45 28.63
N CYS J 34 53.54 -34.75 29.52
CA CYS J 34 54.86 -35.25 29.17
C CYS J 34 55.83 -34.14 28.77
N ALA J 35 55.47 -32.90 29.10
CA ALA J 35 56.37 -31.77 28.87
C ALA J 35 57.37 -31.64 30.00
N ASN J 36 58.54 -31.08 29.69
CA ASN J 36 59.66 -31.16 30.61
C ASN J 36 60.66 -30.05 30.38
N TRP J 37 61.78 -30.16 31.08
CA TRP J 37 62.91 -29.26 30.91
C TRP J 37 64.15 -30.04 31.32
N VAL J 38 65.03 -30.35 30.38
CA VAL J 38 66.25 -31.02 30.75
C VAL J 38 67.30 -31.00 29.67
N GLN J 39 68.54 -31.19 30.09
CA GLN J 39 69.68 -31.27 29.19
C GLN J 39 69.68 -32.63 28.51
N GLU J 40 69.26 -32.65 27.25
CA GLU J 40 69.46 -33.78 26.37
C GLU J 40 70.71 -33.42 25.56
N LYS J 41 71.25 -34.36 24.85
CA LYS J 41 72.44 -34.07 24.10
C LYS J 41 72.10 -33.61 22.68
N PRO J 42 73.11 -33.25 21.91
CA PRO J 42 72.90 -32.99 20.47
C PRO J 42 73.06 -34.25 19.64
N ASP J 43 73.10 -34.08 18.33
CA ASP J 43 73.26 -35.17 17.36
C ASP J 43 72.01 -36.02 17.14
N HIS J 44 70.83 -35.38 17.08
CA HIS J 44 69.56 -36.07 16.94
C HIS J 44 69.18 -36.79 18.23
N PHE J 45 69.31 -36.07 19.34
CA PHE J 45 69.29 -36.65 20.68
C PHE J 45 67.85 -37.00 21.05
N PHE J 46 67.49 -38.25 20.84
CA PHE J 46 66.33 -38.85 21.48
C PHE J 46 66.79 -39.28 22.87
N THR J 47 66.74 -38.34 23.81
CA THR J 47 66.95 -38.62 25.22
C THR J 47 66.55 -37.38 26.00
N GLY J 48 65.57 -37.55 26.89
CA GLY J 48 65.11 -36.47 27.75
C GLY J 48 65.88 -36.46 29.06
N LEU J 49 66.67 -35.39 29.25
CA LEU J 49 67.37 -35.15 30.50
C LEU J 49 66.35 -34.88 31.60
N ILE J 50 65.29 -34.17 31.25
CA ILE J 50 64.20 -33.86 32.17
C ILE J 50 62.91 -33.79 31.38
N GLY J 51 62.13 -34.83 31.48
CA GLY J 51 60.76 -34.79 31.00
C GLY J 51 59.82 -35.24 32.10
N ASP J 52 58.53 -35.08 31.83
CA ASP J 52 57.47 -35.56 32.74
C ASP J 52 57.15 -34.57 33.87
N THR J 53 57.80 -33.39 33.83
CA THR J 53 57.33 -32.20 34.54
C THR J 53 57.38 -32.24 36.07
N ASN J 54 58.04 -33.24 36.65
CA ASN J 54 58.29 -33.25 38.09
C ASN J 54 59.68 -33.75 38.43
N ASN J 55 60.45 -34.19 37.45
CA ASN J 55 61.78 -34.74 37.68
C ASN J 55 62.39 -35.05 36.32
N ARG J 56 63.51 -35.77 36.33
CA ARG J 56 64.15 -36.19 35.09
C ARG J 56 63.31 -37.25 34.41
N ARG J 57 63.24 -37.20 33.09
CA ARG J 57 62.43 -38.14 32.32
C ARG J 57 63.18 -39.45 32.10
N SER J 58 62.67 -40.24 31.17
CA SER J 58 63.41 -41.41 30.70
C SER J 58 64.60 -40.95 29.87
N GLY J 59 65.70 -41.70 29.96
CA GLY J 59 66.80 -41.53 29.03
C GLY J 59 67.81 -40.44 29.34
N VAL J 60 67.65 -39.72 30.44
CA VAL J 60 68.62 -38.72 30.88
C VAL J 60 68.95 -38.97 32.34
N PRO J 61 69.97 -38.32 32.89
CA PRO J 61 70.13 -38.33 34.35
C PRO J 61 69.02 -37.48 34.96
N ALA J 62 68.52 -37.92 36.10
CA ALA J 62 67.38 -37.28 36.74
C ALA J 62 67.69 -35.90 37.31
N ARG J 63 68.96 -35.58 37.53
CA ARG J 63 69.36 -34.32 38.16
C ARG J 63 69.13 -33.09 37.29
N PHE J 64 69.08 -33.24 35.98
CA PHE J 64 68.70 -32.15 35.09
C PHE J 64 67.22 -32.29 34.81
N SER J 65 66.40 -32.03 35.82
CA SER J 65 65.07 -32.61 35.90
C SER J 65 64.02 -31.65 35.38
N GLY J 66 62.94 -32.22 34.86
CA GLY J 66 61.81 -31.47 34.38
C GLY J 66 60.99 -31.00 35.55
N SER J 67 60.26 -29.92 35.34
CA SER J 67 59.40 -29.36 36.38
C SER J 67 58.24 -28.71 35.66
N LEU J 68 57.24 -28.30 36.44
CA LEU J 68 56.33 -27.24 36.03
C LEU J 68 56.87 -26.00 36.71
N ILE J 69 57.84 -25.34 36.05
CA ILE J 69 58.72 -24.37 36.69
C ILE J 69 58.58 -23.03 35.99
N GLY J 70 58.24 -22.00 36.76
CA GLY J 70 58.08 -20.67 36.19
C GLY J 70 56.83 -20.62 35.35
N ASP J 71 57.00 -20.16 34.11
CA ASP J 71 55.99 -20.30 33.08
C ASP J 71 56.37 -21.34 32.04
N LYS J 72 57.01 -22.44 32.45
CA LYS J 72 57.52 -23.38 31.46
C LYS J 72 57.70 -24.79 32.02
N ALA J 73 58.03 -25.70 31.12
CA ALA J 73 58.68 -26.95 31.49
C ALA J 73 60.03 -26.57 32.05
N ALA J 74 60.24 -26.90 33.32
CA ALA J 74 61.35 -26.36 34.07
C ALA J 74 62.55 -27.27 33.92
N LEU J 75 63.67 -26.67 33.55
CA LEU J 75 64.96 -27.34 33.52
C LEU J 75 65.68 -26.96 34.80
N THR J 76 65.47 -27.75 35.85
CA THR J 76 66.18 -27.58 37.10
C THR J 76 67.38 -28.51 37.05
N ILE J 77 68.49 -28.01 36.56
CA ILE J 77 69.71 -28.78 36.41
C ILE J 77 70.47 -28.62 37.71
N THR J 78 70.23 -29.53 38.65
CA THR J 78 70.96 -29.58 39.90
C THR J 78 71.82 -30.83 39.82
N GLY J 79 73.13 -30.65 39.98
CA GLY J 79 74.04 -31.71 39.65
C GLY J 79 74.66 -31.46 38.28
N ALA J 80 75.11 -30.22 38.08
CA ALA J 80 75.88 -29.89 36.90
C ALA J 80 77.31 -30.40 37.06
N GLN J 81 77.56 -31.59 36.53
CA GLN J 81 78.85 -32.24 36.60
C GLN J 81 79.70 -31.81 35.42
N THR J 82 80.78 -32.56 35.16
CA THR J 82 81.72 -32.18 34.11
C THR J 82 81.13 -32.33 32.70
N GLU J 83 80.12 -33.19 32.53
CA GLU J 83 79.53 -33.42 31.22
C GLU J 83 78.15 -32.81 31.06
N ASP J 84 77.91 -31.60 31.56
CA ASP J 84 76.56 -31.06 31.69
C ASP J 84 76.11 -30.17 30.52
N GLU J 85 76.83 -30.13 29.40
CA GLU J 85 76.51 -29.23 28.30
C GLU J 85 75.64 -29.96 27.29
N ALA J 86 74.48 -29.37 26.96
CA ALA J 86 73.53 -29.98 26.02
C ALA J 86 72.39 -28.99 25.74
N ILE J 87 71.38 -29.46 25.04
CA ILE J 87 70.14 -28.72 24.80
C ILE J 87 69.21 -28.97 25.97
N TYR J 88 69.10 -28.00 26.87
CA TYR J 88 68.16 -28.03 27.97
C TYR J 88 66.80 -27.65 27.42
N PHE J 89 66.08 -28.63 26.91
CA PHE J 89 64.77 -28.44 26.32
C PHE J 89 63.74 -28.23 27.42
N CYS J 90 63.25 -26.99 27.50
CA CYS J 90 62.15 -26.63 28.38
C CYS J 90 60.94 -26.32 27.52
N ALA J 91 59.99 -27.25 27.51
CA ALA J 91 58.82 -27.18 26.67
C ALA J 91 57.66 -27.82 27.41
N LEU J 92 56.48 -27.73 26.81
CA LEU J 92 55.21 -28.05 27.46
C LEU J 92 54.59 -29.28 26.83
N TRP J 93 53.69 -29.92 27.56
CA TRP J 93 53.09 -31.17 27.10
C TRP J 93 51.74 -30.94 26.45
N TYR J 94 51.25 -31.96 25.74
CA TYR J 94 49.93 -31.94 25.12
C TYR J 94 49.31 -33.33 25.26
N ASN J 95 50.01 -34.20 25.99
CA ASN J 95 49.62 -35.61 26.11
C ASN J 95 50.13 -36.47 24.97
N ASN J 96 50.86 -35.88 24.03
CA ASN J 96 51.41 -36.65 22.92
C ASN J 96 52.86 -36.28 22.66
N LEU J 97 53.32 -35.16 23.22
CA LEU J 97 54.67 -34.71 22.98
C LEU J 97 55.01 -33.61 23.98
N TRP J 98 56.18 -33.76 24.58
CA TRP J 98 56.79 -32.67 25.31
C TRP J 98 57.49 -31.76 24.31
N VAL J 99 56.79 -30.74 23.85
CA VAL J 99 57.23 -29.88 22.77
C VAL J 99 58.22 -28.89 23.35
N PHE J 100 59.47 -28.99 22.90
CA PHE J 100 60.53 -28.07 23.25
C PHE J 100 60.77 -27.12 22.08
N GLY J 101 61.57 -26.11 22.33
CA GLY J 101 62.04 -25.23 21.28
C GLY J 101 63.50 -25.42 21.01
N GLY J 102 64.19 -24.28 20.86
CA GLY J 102 65.61 -24.27 20.50
C GLY J 102 66.58 -24.66 21.58
N GLY J 103 66.11 -24.98 22.78
CA GLY J 103 66.99 -25.45 23.84
C GLY J 103 67.65 -24.30 24.59
N THR J 104 67.56 -24.37 25.90
CA THR J 104 68.40 -23.57 26.79
C THR J 104 69.81 -24.15 26.68
N LYS J 105 70.81 -23.28 26.76
CA LYS J 105 72.20 -23.74 26.70
C LYS J 105 72.55 -24.39 28.03
N LEU J 106 72.30 -25.71 28.14
CA LEU J 106 72.49 -26.44 29.38
C LEU J 106 73.97 -26.63 29.63
N THR J 107 74.41 -26.27 30.83
CA THR J 107 75.81 -26.26 31.19
C THR J 107 76.00 -26.88 32.56
N VAL J 108 76.96 -27.79 32.67
CA VAL J 108 77.64 -28.11 33.91
C VAL J 108 79.12 -27.88 33.63
N LEU J 109 79.78 -27.10 34.48
CA LEU J 109 81.16 -26.71 34.21
C LEU J 109 82.12 -27.87 34.51
N GLY J 110 83.37 -27.68 34.11
CA GLY J 110 84.33 -28.77 34.14
C GLY J 110 84.97 -28.89 32.77
N GLN J 111 86.01 -29.71 32.70
CA GLN J 111 86.88 -29.70 31.53
C GLN J 111 87.56 -28.35 31.39
N PRO J 112 88.53 -28.04 32.26
CA PRO J 112 89.28 -26.79 32.12
C PRO J 112 90.25 -26.82 30.93
N LYS J 113 90.91 -25.68 30.71
CA LYS J 113 91.62 -25.45 29.46
C LYS J 113 92.95 -26.19 29.31
N SER J 114 93.08 -26.93 28.20
CA SER J 114 94.34 -27.57 27.83
C SER J 114 94.33 -27.74 26.32
N SER J 115 95.07 -26.88 25.62
CA SER J 115 94.87 -26.63 24.20
C SER J 115 95.40 -27.76 23.32
N PRO J 116 95.01 -27.77 22.06
CA PRO J 116 95.42 -28.87 21.18
C PRO J 116 96.81 -28.67 20.61
N SER J 117 97.40 -29.77 20.19
CA SER J 117 98.66 -29.77 19.44
C SER J 117 98.30 -30.09 18.00
N VAL J 118 98.90 -29.37 17.06
CA VAL J 118 98.71 -29.62 15.64
C VAL J 118 99.80 -30.56 15.18
N THR J 119 99.48 -31.85 15.11
CA THR J 119 100.45 -32.88 14.77
C THR J 119 100.37 -33.11 13.27
N LEU J 120 101.46 -32.88 12.57
CA LEU J 120 101.44 -32.62 11.14
C LEU J 120 101.89 -33.84 10.35
N PHE J 121 101.46 -33.89 9.10
CA PHE J 121 101.99 -34.64 7.97
C PHE J 121 102.15 -33.68 6.80
N PRO J 122 103.20 -33.82 6.01
CA PRO J 122 103.48 -32.82 4.97
C PRO J 122 102.60 -33.02 3.75
N PRO J 123 102.71 -32.16 2.73
CA PRO J 123 101.94 -32.37 1.51
C PRO J 123 102.57 -33.48 0.67
N SER J 124 102.27 -34.72 1.05
CA SER J 124 103.02 -35.88 0.61
C SER J 124 102.64 -36.28 -0.81
N SER J 125 103.49 -37.10 -1.42
CA SER J 125 103.39 -37.42 -2.84
C SER J 125 102.44 -38.57 -3.13
N GLU J 126 101.85 -39.19 -2.11
CA GLU J 126 100.86 -40.24 -2.34
C GLU J 126 99.60 -39.69 -2.97
N GLU J 127 99.23 -38.44 -2.63
CA GLU J 127 98.24 -37.71 -3.42
C GLU J 127 98.89 -36.59 -4.23
N LEU J 128 100.02 -36.06 -3.76
CA LEU J 128 100.71 -34.96 -4.42
C LEU J 128 101.38 -35.37 -5.72
N GLU J 129 101.63 -36.66 -5.93
CA GLU J 129 102.02 -37.17 -7.23
C GLU J 129 100.88 -37.12 -8.24
N THR J 130 99.63 -37.04 -7.78
CA THR J 130 98.51 -36.64 -8.60
C THR J 130 98.09 -35.20 -8.35
N ASN J 131 98.89 -34.44 -7.59
CA ASN J 131 98.61 -33.04 -7.29
C ASN J 131 97.56 -32.83 -6.20
N LYS J 132 97.38 -33.81 -5.31
CA LYS J 132 96.55 -33.61 -4.12
C LYS J 132 97.45 -33.59 -2.89
N ALA J 133 98.03 -32.43 -2.62
CA ALA J 133 99.10 -32.31 -1.63
C ALA J 133 98.61 -31.43 -0.50
N THR J 134 98.03 -32.04 0.52
CA THR J 134 97.53 -31.33 1.70
C THR J 134 98.43 -31.70 2.87
N LEU J 135 99.12 -30.71 3.42
CA LEU J 135 99.81 -30.88 4.69
C LEU J 135 98.75 -30.98 5.78
N VAL J 136 98.53 -32.20 6.27
CA VAL J 136 97.39 -32.52 7.13
C VAL J 136 97.87 -32.59 8.57
N CYS J 137 97.44 -31.65 9.38
CA CYS J 137 97.80 -31.58 10.79
C CYS J 137 96.56 -31.83 11.62
N THR J 138 96.56 -32.91 12.38
CA THR J 138 95.52 -33.17 13.36
C THR J 138 95.75 -32.24 14.54
N ILE J 139 94.91 -31.21 14.63
CA ILE J 139 94.87 -30.30 15.76
C ILE J 139 93.99 -30.96 16.81
N THR J 140 94.60 -31.66 17.75
CA THR J 140 93.89 -32.57 18.63
C THR J 140 94.07 -32.18 20.08
N ASP J 141 93.14 -32.69 20.90
CA ASP J 141 93.18 -32.57 22.37
C ASP J 141 93.07 -31.13 22.85
N PHE J 142 92.03 -30.43 22.39
CA PHE J 142 91.87 -29.02 22.63
C PHE J 142 91.13 -28.76 23.93
N TYR J 143 91.47 -27.64 24.57
CA TYR J 143 90.71 -27.13 25.70
C TYR J 143 91.09 -25.67 25.92
N PRO J 144 90.12 -24.74 25.88
CA PRO J 144 88.71 -24.85 25.47
C PRO J 144 88.61 -24.81 23.96
N GLY J 145 87.49 -24.35 23.41
CA GLY J 145 87.35 -24.30 21.97
C GLY J 145 88.05 -23.14 21.27
N VAL J 146 89.36 -22.99 21.49
CA VAL J 146 90.13 -21.90 20.92
C VAL J 146 91.45 -22.48 20.41
N VAL J 147 91.50 -22.80 19.12
CA VAL J 147 92.72 -23.22 18.45
C VAL J 147 92.73 -22.57 17.08
N THR J 148 93.47 -21.48 16.96
CA THR J 148 93.67 -20.78 15.69
C THR J 148 94.71 -21.56 14.90
N VAL J 149 94.24 -22.48 14.07
CA VAL J 149 95.11 -23.35 13.26
C VAL J 149 95.22 -22.75 11.87
N ASP J 150 96.26 -21.95 11.65
CA ASP J 150 96.48 -21.25 10.39
C ASP J 150 97.59 -21.94 9.61
N TRP J 151 97.71 -21.58 8.34
CA TRP J 151 98.65 -22.24 7.44
C TRP J 151 100.05 -21.68 7.64
N LYS J 152 101.02 -22.58 7.83
CA LYS J 152 102.43 -22.22 7.70
C LYS J 152 103.06 -23.27 6.78
N VAL J 153 102.91 -23.07 5.47
CA VAL J 153 103.32 -24.07 4.49
C VAL J 153 104.81 -23.86 4.21
N ASP J 154 105.65 -24.34 5.13
CA ASP J 154 107.10 -24.15 5.04
C ASP J 154 107.48 -22.69 5.23
N GLY J 155 106.94 -22.06 6.27
CA GLY J 155 107.12 -20.65 6.51
C GLY J 155 106.11 -19.76 5.82
N THR J 156 105.85 -19.97 4.53
CA THR J 156 104.90 -19.16 3.79
C THR J 156 103.49 -19.54 4.20
N PRO J 157 102.55 -18.60 4.29
CA PRO J 157 101.20 -18.95 4.74
C PRO J 157 100.38 -19.61 3.63
N VAL J 158 100.13 -20.92 3.76
CA VAL J 158 99.33 -21.61 2.76
C VAL J 158 97.87 -21.22 2.90
N THR J 159 97.38 -20.45 1.92
CA THR J 159 96.06 -19.87 2.01
C THR J 159 95.22 -20.19 0.78
N GLN J 160 95.76 -21.04 -0.10
CA GLN J 160 94.99 -21.58 -1.21
C GLN J 160 94.86 -23.08 -0.99
N GLY J 161 93.74 -23.50 -0.41
CA GLY J 161 93.47 -24.88 -0.10
C GLY J 161 93.69 -25.24 1.36
N MET J 162 94.08 -24.27 2.18
CA MET J 162 94.26 -24.49 3.60
C MET J 162 92.90 -24.54 4.29
N GLU J 163 92.68 -25.64 5.00
CA GLU J 163 91.44 -25.85 5.75
C GLU J 163 91.80 -26.42 7.11
N THR J 164 91.46 -25.69 8.17
CA THR J 164 91.93 -25.99 9.51
C THR J 164 90.94 -26.92 10.21
N THR J 165 91.46 -27.81 11.04
CA THR J 165 90.61 -28.69 11.83
C THR J 165 90.08 -27.96 13.05
N GLN J 166 88.86 -28.28 13.42
CA GLN J 166 88.15 -27.68 14.55
C GLN J 166 88.08 -28.65 15.71
N PRO J 167 87.63 -28.19 16.88
CA PRO J 167 87.32 -29.11 17.98
C PRO J 167 85.90 -29.64 17.88
N SER J 168 85.62 -30.72 18.60
CA SER J 168 84.31 -31.35 18.61
C SER J 168 83.53 -30.89 19.85
N LYS J 169 82.23 -30.66 19.68
CA LYS J 169 81.39 -30.12 20.76
C LYS J 169 80.90 -31.26 21.65
N GLN J 170 81.80 -31.79 22.47
CA GLN J 170 81.50 -32.91 23.35
C GLN J 170 81.25 -32.42 24.77
N SER J 171 80.79 -33.33 25.63
CA SER J 171 80.47 -32.98 27.00
C SER J 171 81.71 -33.01 27.89
N ASN J 172 82.70 -33.81 27.49
CA ASN J 172 83.88 -34.01 28.34
C ASN J 172 84.91 -32.90 28.19
N ASN J 173 84.71 -31.95 27.28
CA ASN J 173 85.66 -30.85 27.04
C ASN J 173 86.85 -31.21 26.18
N LYS J 174 86.75 -32.25 25.35
CA LYS J 174 87.81 -32.63 24.42
C LYS J 174 87.41 -32.30 22.97
N TYR J 175 88.43 -32.13 22.12
CA TYR J 175 88.26 -31.90 20.70
C TYR J 175 89.39 -32.55 19.92
N MET J 176 89.25 -32.55 18.59
CA MET J 176 90.27 -33.07 17.68
C MET J 176 89.82 -32.77 16.25
N ALA J 177 90.78 -32.47 15.38
CA ALA J 177 90.43 -32.07 14.02
C ALA J 177 91.61 -32.31 13.10
N SER J 178 91.36 -32.13 11.80
CA SER J 178 92.39 -32.31 10.78
C SER J 178 92.36 -31.13 9.83
N SER J 179 93.52 -30.48 9.68
CA SER J 179 93.65 -29.30 8.85
C SER J 179 94.72 -29.53 7.79
N TYR J 180 94.29 -29.55 6.54
CA TYR J 180 95.17 -29.75 5.40
C TYR J 180 95.42 -28.43 4.71
N LEU J 181 96.68 -28.00 4.70
CA LEU J 181 97.16 -26.92 3.85
C LEU J 181 97.30 -27.53 2.46
N THR J 182 96.30 -27.30 1.62
CA THR J 182 96.09 -28.10 0.42
C THR J 182 96.59 -27.37 -0.82
N LEU J 183 97.89 -27.50 -1.10
CA LEU J 183 98.43 -27.04 -2.36
C LEU J 183 98.35 -28.19 -3.36
N THR J 184 99.03 -28.02 -4.50
CA THR J 184 99.24 -29.12 -5.43
C THR J 184 100.53 -29.83 -5.07
N ALA J 185 100.98 -30.70 -5.97
CA ALA J 185 102.32 -31.26 -5.87
C ALA J 185 103.36 -30.18 -6.12
N ARG J 186 103.05 -29.25 -7.02
CA ARG J 186 103.89 -28.06 -7.20
C ARG J 186 103.75 -27.09 -6.04
N ALA J 187 102.61 -27.13 -5.34
CA ALA J 187 102.47 -26.35 -4.12
C ALA J 187 103.17 -27.04 -2.95
N TRP J 188 103.26 -28.38 -3.01
CA TRP J 188 103.98 -29.13 -1.99
C TRP J 188 105.48 -29.02 -2.18
N GLU J 189 105.91 -28.77 -3.42
CA GLU J 189 107.31 -28.42 -3.66
C GLU J 189 107.57 -26.94 -3.46
N ARG J 190 106.54 -26.09 -3.66
CA ARG J 190 106.72 -24.64 -3.63
C ARG J 190 106.75 -24.14 -2.20
N HIS J 191 105.72 -24.44 -1.42
CA HIS J 191 105.83 -24.33 0.02
C HIS J 191 106.73 -25.47 0.52
N SER J 192 107.37 -25.24 1.67
CA SER J 192 108.45 -26.12 2.11
C SER J 192 107.99 -27.40 2.79
N SER J 193 107.06 -27.32 3.74
CA SER J 193 106.60 -28.48 4.49
C SER J 193 105.16 -28.21 4.90
N TYR J 194 104.38 -29.28 5.06
CA TYR J 194 103.02 -29.15 5.54
C TYR J 194 103.03 -28.84 7.03
N SER J 195 102.73 -27.58 7.36
CA SER J 195 102.84 -27.12 8.73
C SER J 195 101.64 -26.24 9.06
N CYS J 196 101.08 -26.43 10.24
CA CYS J 196 100.02 -25.57 10.74
C CYS J 196 100.54 -24.86 11.98
N GLN J 197 100.41 -23.54 12.00
CA GLN J 197 100.62 -22.76 13.21
C GLN J 197 99.34 -22.80 14.02
N VAL J 198 99.34 -23.59 15.10
CA VAL J 198 98.15 -23.82 15.91
C VAL J 198 98.29 -22.99 17.18
N THR J 199 97.33 -22.11 17.41
CA THR J 199 97.21 -21.37 18.66
C THR J 199 96.12 -22.04 19.47
N HIS J 200 96.49 -23.08 20.20
CA HIS J 200 95.53 -23.87 20.96
C HIS J 200 95.67 -23.54 22.44
N GLU J 201 94.54 -23.14 23.04
CA GLU J 201 94.42 -22.85 24.47
C GLU J 201 95.28 -21.68 24.93
N GLY J 202 95.64 -20.79 24.02
CA GLY J 202 96.57 -19.72 24.33
C GLY J 202 97.97 -19.91 23.78
N HIS J 203 98.36 -21.15 23.45
CA HIS J 203 99.72 -21.39 23.01
C HIS J 203 99.81 -21.53 21.49
N THR J 204 100.67 -20.71 20.89
CA THR J 204 100.81 -20.66 19.43
C THR J 204 102.12 -21.30 19.00
N VAL J 205 102.02 -22.50 18.44
CA VAL J 205 103.19 -23.30 18.04
C VAL J 205 102.94 -23.89 16.66
N GLU J 206 103.98 -23.92 15.83
CA GLU J 206 103.89 -24.37 14.45
C GLU J 206 104.32 -25.82 14.36
N LYS J 207 103.35 -26.72 14.19
CA LYS J 207 103.58 -28.15 14.14
C LYS J 207 103.52 -28.58 12.68
N SER J 208 104.56 -29.27 12.23
CA SER J 208 104.71 -29.60 10.83
C SER J 208 105.05 -31.07 10.67
N LEU J 209 104.72 -31.61 9.51
CA LEU J 209 105.13 -32.95 9.12
C LEU J 209 106.32 -32.85 8.19
N SER J 210 106.95 -33.98 7.93
CA SER J 210 108.17 -34.01 7.12
C SER J 210 107.76 -34.15 5.67
N ARG J 211 107.62 -33.01 4.98
CA ARG J 211 107.26 -33.01 3.58
C ARG J 211 108.43 -33.46 2.71
N GLN K 1 -27.38 -12.96 71.72
CA GLN K 1 -26.34 -12.63 70.76
C GLN K 1 -26.61 -13.29 69.41
N ILE K 2 -25.58 -13.34 68.57
CA ILE K 2 -25.64 -14.07 67.31
C ILE K 2 -25.69 -15.56 67.65
N GLN K 3 -26.84 -16.18 67.41
CA GLN K 3 -27.15 -17.52 67.87
C GLN K 3 -26.34 -18.54 67.09
N LEU K 4 -25.21 -18.93 67.64
CA LEU K 4 -24.41 -20.01 67.11
C LEU K 4 -24.53 -21.18 68.08
N VAL K 5 -25.37 -22.13 67.75
CA VAL K 5 -25.55 -23.32 68.57
C VAL K 5 -24.81 -24.45 67.87
N GLN K 6 -23.57 -24.67 68.26
CA GLN K 6 -22.78 -25.78 67.77
C GLN K 6 -23.37 -27.07 68.33
N SER K 7 -23.38 -28.10 67.49
CA SER K 7 -23.96 -29.39 67.86
C SER K 7 -23.08 -30.10 68.88
N GLY K 8 -23.64 -31.16 69.47
CA GLY K 8 -22.96 -31.90 70.51
C GLY K 8 -21.77 -32.68 70.00
N ARG K 9 -20.92 -33.07 70.95
CA ARG K 9 -19.74 -33.85 70.64
C ARG K 9 -20.17 -35.26 70.29
N GLU K 10 -20.31 -35.51 69.00
CA GLU K 10 -20.68 -36.82 68.48
C GLU K 10 -19.43 -37.66 68.29
N VAL K 11 -19.44 -38.83 68.91
CA VAL K 11 -18.36 -39.80 68.79
C VAL K 11 -18.76 -40.80 67.72
N LYS K 12 -17.86 -41.00 66.76
CA LYS K 12 -18.05 -42.02 65.73
C LYS K 12 -16.72 -42.71 65.53
N ASN K 13 -16.77 -43.94 65.01
CA ASN K 13 -15.62 -44.79 64.75
C ASN K 13 -14.86 -44.32 63.50
N PRO K 14 -13.82 -45.06 63.09
CA PRO K 14 -13.06 -44.66 61.91
C PRO K 14 -13.88 -44.86 60.63
N GLY K 15 -14.34 -43.74 60.08
CA GLY K 15 -15.30 -43.69 59.00
C GLY K 15 -16.64 -43.07 59.37
N GLU K 16 -17.01 -43.13 60.65
CA GLU K 16 -18.31 -42.64 61.10
C GLU K 16 -18.31 -41.13 61.33
N THR K 17 -19.19 -40.43 60.63
CA THR K 17 -19.31 -38.98 60.76
C THR K 17 -20.74 -38.56 60.41
N VAL K 18 -21.12 -37.37 60.88
CA VAL K 18 -22.47 -36.86 60.71
C VAL K 18 -22.39 -35.36 60.49
N LYS K 19 -23.53 -34.74 60.26
CA LYS K 19 -23.61 -33.29 60.06
C LYS K 19 -23.43 -32.63 61.41
N ILE K 20 -22.18 -32.37 61.80
CA ILE K 20 -21.87 -31.65 63.03
C ILE K 20 -22.31 -30.21 62.80
N SER K 21 -23.44 -29.86 63.37
CA SER K 21 -24.14 -28.64 63.01
C SER K 21 -23.80 -27.48 63.93
N CYS K 22 -24.10 -26.29 63.44
CA CYS K 22 -24.10 -25.05 64.20
C CYS K 22 -25.32 -24.31 63.68
N LYS K 23 -26.41 -24.36 64.44
CA LYS K 23 -27.65 -23.69 64.09
C LYS K 23 -27.46 -22.20 64.26
N ALA K 24 -27.89 -21.43 63.25
CA ALA K 24 -27.81 -19.98 63.27
C ALA K 24 -29.14 -19.42 63.74
N SER K 25 -29.37 -19.51 65.04
CA SER K 25 -30.59 -19.05 65.68
C SER K 25 -30.23 -17.94 66.65
N GLY K 26 -31.14 -16.99 66.79
CA GLY K 26 -30.85 -15.72 67.40
C GLY K 26 -30.29 -14.70 66.42
N TYR K 27 -29.27 -15.08 65.64
CA TYR K 27 -28.82 -14.32 64.50
C TYR K 27 -29.01 -15.18 63.26
N THR K 28 -29.67 -14.59 62.26
CA THR K 28 -30.05 -15.29 61.04
C THR K 28 -28.77 -15.53 60.23
N PHE K 29 -28.71 -16.66 59.53
CA PHE K 29 -27.59 -16.94 58.66
C PHE K 29 -27.57 -16.02 57.44
N THR K 30 -28.76 -15.58 57.01
CA THR K 30 -28.88 -14.68 55.86
C THR K 30 -28.25 -13.31 56.09
N GLU K 31 -28.17 -12.85 57.34
CA GLU K 31 -27.51 -11.60 57.67
C GLU K 31 -26.24 -11.79 58.49
N TYR K 32 -26.03 -12.97 59.07
CA TYR K 32 -24.82 -13.25 59.84
C TYR K 32 -24.04 -14.33 59.12
N PRO K 33 -22.82 -14.05 58.67
CA PRO K 33 -22.06 -15.01 57.87
C PRO K 33 -21.49 -16.12 58.75
N MET K 34 -22.12 -17.28 58.66
CA MET K 34 -21.90 -18.42 59.54
C MET K 34 -20.55 -19.06 59.25
N LEU K 35 -19.63 -18.89 60.19
CA LEU K 35 -18.40 -19.67 60.16
C LEU K 35 -18.61 -20.93 60.97
N TRP K 36 -18.76 -22.06 60.28
CA TRP K 36 -18.71 -23.36 60.92
C TRP K 36 -17.27 -23.86 60.81
N VAL K 37 -16.35 -23.15 61.47
CA VAL K 37 -14.93 -23.36 61.32
C VAL K 37 -14.57 -24.63 62.06
N LYS K 38 -14.43 -25.71 61.32
CA LYS K 38 -13.94 -26.98 61.84
C LYS K 38 -12.46 -26.78 62.11
N GLN K 39 -12.13 -26.55 63.37
CA GLN K 39 -10.75 -26.43 63.83
C GLN K 39 -10.60 -27.40 64.98
N ALA K 40 -9.40 -27.88 65.20
CA ALA K 40 -9.17 -28.84 66.27
C ALA K 40 -9.02 -28.12 67.60
N PRO K 41 -8.69 -28.83 68.68
CA PRO K 41 -8.58 -28.18 70.00
C PRO K 41 -7.37 -27.25 70.17
N GLY K 42 -6.41 -27.29 69.25
CA GLY K 42 -5.24 -26.46 69.37
C GLY K 42 -5.23 -25.19 68.54
N LYS K 43 -5.80 -25.26 67.34
CA LYS K 43 -5.64 -24.18 66.35
C LYS K 43 -6.52 -22.98 66.64
N GLY K 44 -7.72 -23.21 67.18
CA GLY K 44 -8.67 -22.14 67.39
C GLY K 44 -9.55 -21.92 66.18
N PHE K 45 -9.37 -20.76 65.57
CA PHE K 45 -10.04 -20.42 64.33
C PHE K 45 -9.37 -21.20 63.20
N ARG K 46 -9.90 -22.39 62.93
CA ARG K 46 -9.31 -23.33 62.00
C ARG K 46 -10.38 -23.70 60.98
N TRP K 47 -9.96 -23.84 59.73
CA TRP K 47 -10.92 -23.87 58.64
C TRP K 47 -11.43 -25.28 58.40
N MET K 48 -12.68 -25.52 58.78
CA MET K 48 -13.51 -26.51 58.12
C MET K 48 -14.59 -25.84 57.30
N GLY K 49 -14.94 -24.61 57.65
CA GLY K 49 -15.68 -23.74 56.75
C GLY K 49 -16.03 -22.43 57.43
N LEU K 50 -15.78 -21.34 56.71
CA LEU K 50 -16.37 -20.06 57.02
C LEU K 50 -17.20 -19.64 55.81
N ILE K 51 -18.44 -19.21 56.03
CA ILE K 51 -19.36 -18.98 54.94
C ILE K 51 -20.29 -17.83 55.28
N TYR K 52 -21.01 -17.34 54.26
CA TYR K 52 -22.28 -16.66 54.48
C TYR K 52 -23.27 -17.73 54.91
N THR K 53 -23.78 -17.63 56.14
CA THR K 53 -24.55 -18.71 56.75
C THR K 53 -25.96 -18.90 56.22
N ASN K 54 -26.39 -18.04 55.28
CA ASN K 54 -27.70 -18.14 54.63
C ASN K 54 -27.80 -19.38 53.76
N THR K 55 -26.70 -19.74 53.09
CA THR K 55 -26.61 -21.04 52.46
C THR K 55 -26.25 -22.13 53.46
N GLY K 56 -25.73 -21.74 54.62
CA GLY K 56 -25.36 -22.65 55.68
C GLY K 56 -23.98 -23.23 55.56
N GLU K 57 -23.51 -23.56 54.37
CA GLU K 57 -22.24 -24.23 54.23
C GLU K 57 -21.11 -23.23 54.34
N PRO K 58 -20.05 -23.54 55.07
CA PRO K 58 -18.85 -22.70 55.05
C PRO K 58 -17.88 -23.19 54.01
N THR K 59 -17.24 -22.23 53.33
CA THR K 59 -16.11 -22.51 52.45
C THR K 59 -14.95 -22.98 53.31
N TYR K 60 -14.42 -24.15 52.96
CA TYR K 60 -13.57 -24.93 53.84
C TYR K 60 -12.17 -24.34 53.96
N ALA K 61 -11.37 -24.97 54.82
CA ALA K 61 -9.97 -24.60 55.00
C ALA K 61 -9.09 -25.29 53.96
N GLU K 62 -7.78 -25.28 54.21
CA GLU K 62 -6.84 -25.96 53.33
C GLU K 62 -7.00 -27.48 53.39
N GLU K 63 -7.07 -28.04 54.59
CA GLU K 63 -7.49 -29.42 54.73
C GLU K 63 -8.96 -29.52 55.12
N PHE K 64 -9.74 -28.45 54.92
CA PHE K 64 -11.11 -28.33 55.41
C PHE K 64 -12.12 -29.19 54.69
N LYS K 65 -11.76 -29.77 53.55
CA LYS K 65 -12.58 -30.79 52.92
C LYS K 65 -12.17 -32.16 53.45
N GLY K 66 -12.63 -33.22 52.79
CA GLY K 66 -12.23 -34.55 53.20
C GLY K 66 -13.36 -35.25 53.93
N ARG K 67 -13.26 -35.30 55.25
CA ARG K 67 -14.37 -35.81 56.04
C ARG K 67 -15.53 -34.82 56.09
N PHE K 68 -15.32 -33.64 56.69
CA PHE K 68 -16.37 -32.68 56.92
C PHE K 68 -16.54 -31.79 55.70
N VAL K 69 -17.71 -31.87 55.07
CA VAL K 69 -18.07 -31.02 53.95
C VAL K 69 -18.92 -29.90 54.51
N PHE K 70 -18.99 -28.77 53.80
CA PHE K 70 -19.76 -27.63 54.27
C PHE K 70 -21.23 -27.87 53.97
N SER K 71 -21.97 -28.34 54.97
CA SER K 71 -23.37 -28.64 54.79
C SER K 71 -24.17 -27.56 55.50
N LEU K 72 -25.42 -27.39 55.08
CA LEU K 72 -26.23 -26.32 55.65
C LEU K 72 -27.70 -26.64 55.48
N GLU K 73 -28.39 -26.80 56.61
CA GLU K 73 -29.83 -26.68 56.69
C GLU K 73 -30.08 -25.24 57.09
N ILE K 74 -30.06 -24.37 56.07
CA ILE K 74 -30.00 -22.92 56.25
C ILE K 74 -31.33 -22.29 56.68
N SER K 75 -32.39 -23.10 56.74
CA SER K 75 -33.69 -22.61 57.22
C SER K 75 -33.68 -22.28 58.70
N ALA K 76 -32.84 -22.95 59.49
CA ALA K 76 -32.56 -22.51 60.84
C ALA K 76 -31.28 -21.70 60.90
N SER K 77 -30.74 -21.29 59.75
CA SER K 77 -29.42 -20.70 59.64
C SER K 77 -28.32 -21.72 59.94
N THR K 78 -28.64 -22.99 59.73
CA THR K 78 -27.88 -24.10 60.30
C THR K 78 -26.81 -24.55 59.33
N ALA K 79 -25.58 -24.67 59.84
CA ALA K 79 -24.46 -25.18 59.07
C ALA K 79 -23.94 -26.43 59.74
N TYR K 80 -22.89 -27.00 59.15
CA TYR K 80 -22.26 -28.18 59.74
C TYR K 80 -21.03 -28.59 58.96
N LEU K 81 -20.08 -29.14 59.70
CA LEU K 81 -19.08 -30.04 59.14
C LEU K 81 -19.76 -31.40 59.00
N GLN K 82 -20.23 -31.70 57.80
CA GLN K 82 -20.87 -32.98 57.52
C GLN K 82 -19.75 -33.98 57.32
N ILE K 83 -19.42 -34.72 58.37
CA ILE K 83 -18.28 -35.61 58.39
C ILE K 83 -18.70 -36.97 57.85
N ASN K 84 -18.10 -37.37 56.74
CA ASN K 84 -18.22 -38.72 56.22
C ASN K 84 -16.83 -39.27 55.92
N ASN K 85 -16.59 -40.51 56.33
CA ASN K 85 -15.28 -41.15 56.18
C ASN K 85 -14.23 -40.49 57.09
N LEU K 86 -14.58 -40.41 58.38
CA LEU K 86 -13.70 -39.79 59.35
C LEU K 86 -12.51 -40.67 59.68
N THR K 87 -11.34 -40.06 59.77
CA THR K 87 -10.11 -40.73 60.18
C THR K 87 -10.02 -40.77 61.70
N ASN K 88 -8.82 -41.06 62.20
CA ASN K 88 -8.62 -41.10 63.64
C ASN K 88 -8.59 -39.70 64.25
N GLU K 89 -8.24 -38.68 63.47
CA GLU K 89 -8.01 -37.33 63.97
C GLU K 89 -9.20 -36.40 63.81
N ASP K 90 -10.43 -36.90 63.86
CA ASP K 90 -11.62 -36.08 63.62
C ASP K 90 -12.10 -35.34 64.86
N THR K 91 -11.38 -35.42 65.98
CA THR K 91 -11.78 -34.75 67.20
C THR K 91 -11.52 -33.25 67.09
N ALA K 92 -12.51 -32.52 66.57
CA ALA K 92 -12.38 -31.09 66.38
C ALA K 92 -13.76 -30.44 66.40
N THR K 93 -13.81 -29.17 66.74
CA THR K 93 -15.07 -28.44 66.89
C THR K 93 -15.30 -27.58 65.67
N TYR K 94 -16.51 -27.64 65.13
CA TYR K 94 -16.99 -26.66 64.17
C TYR K 94 -17.43 -25.45 64.98
N PHE K 95 -16.48 -24.57 65.29
CA PHE K 95 -16.72 -23.39 66.10
C PHE K 95 -17.31 -22.32 65.21
N CYS K 96 -18.41 -21.73 65.64
CA CYS K 96 -19.14 -20.80 64.81
C CYS K 96 -18.58 -19.39 64.93
N VAL K 97 -18.83 -18.61 63.88
CA VAL K 97 -18.36 -17.24 63.80
C VAL K 97 -19.45 -16.40 63.13
N ARG K 98 -19.67 -15.20 63.66
CA ARG K 98 -20.71 -14.31 63.20
C ARG K 98 -20.12 -13.01 62.68
N ASP K 99 -20.93 -12.24 61.94
CA ASP K 99 -20.48 -11.01 61.31
C ASP K 99 -20.56 -9.85 62.29
N TYR K 100 -19.72 -9.89 63.31
CA TYR K 100 -19.56 -8.84 64.32
C TYR K 100 -18.37 -9.28 65.12
N PHE K 101 -17.56 -8.33 65.58
CA PHE K 101 -16.19 -8.67 65.94
C PHE K 101 -15.43 -9.11 64.70
N ILE K 102 -15.01 -8.11 63.89
CA ILE K 102 -14.98 -8.04 62.43
C ILE K 102 -14.55 -9.23 61.56
N SER K 103 -13.99 -10.27 62.15
CA SER K 103 -13.88 -11.56 61.48
C SER K 103 -15.15 -12.37 61.75
N LEU K 104 -15.12 -13.68 61.53
CA LEU K 104 -16.20 -14.54 62.01
C LEU K 104 -16.10 -14.57 63.52
N ASP K 105 -16.89 -13.72 64.19
CA ASP K 105 -16.62 -13.38 65.58
C ASP K 105 -17.75 -13.70 66.55
N TYR K 106 -19.01 -13.50 66.16
CA TYR K 106 -20.18 -13.77 67.00
C TYR K 106 -20.27 -15.27 67.23
N TRP K 107 -20.24 -15.67 68.50
CA TRP K 107 -19.78 -17.00 68.92
C TRP K 107 -20.73 -18.12 68.58
N GLY K 108 -20.16 -19.22 68.12
CA GLY K 108 -20.83 -20.51 68.06
C GLY K 108 -20.12 -21.55 68.90
N GLN K 109 -20.91 -22.53 69.35
CA GLN K 109 -20.47 -23.43 70.41
C GLN K 109 -19.45 -24.47 69.95
N GLY K 110 -19.58 -24.96 68.74
CA GLY K 110 -18.61 -25.93 68.28
C GLY K 110 -19.21 -27.32 68.13
N THR K 111 -19.45 -27.72 66.89
CA THR K 111 -19.89 -29.06 66.57
C THR K 111 -18.70 -29.99 66.76
N THR K 112 -18.62 -30.62 67.94
CA THR K 112 -17.43 -31.34 68.35
C THR K 112 -17.49 -32.78 67.87
N LEU K 113 -16.73 -33.08 66.82
CA LEU K 113 -16.59 -34.43 66.30
C LEU K 113 -15.49 -35.15 67.05
N THR K 114 -15.69 -36.45 67.29
CA THR K 114 -14.69 -37.33 67.88
C THR K 114 -14.60 -38.56 66.97
N VAL K 115 -13.64 -38.56 66.05
CA VAL K 115 -13.53 -39.63 65.05
C VAL K 115 -12.69 -40.76 65.65
N SER K 116 -13.32 -41.59 66.47
CA SER K 116 -12.63 -42.71 67.10
C SER K 116 -13.63 -43.59 67.87
N SER K 117 -13.34 -44.89 67.96
CA SER K 117 -14.23 -45.81 68.65
C SER K 117 -13.96 -45.81 70.15
N ALA K 118 -15.01 -45.92 70.95
CA ALA K 118 -14.88 -45.88 72.40
C ALA K 118 -15.72 -46.96 73.07
N LYS K 119 -15.43 -47.23 74.35
CA LYS K 119 -16.16 -48.24 75.10
C LYS K 119 -17.49 -47.67 75.57
N THR K 120 -18.47 -48.55 75.80
CA THR K 120 -19.83 -48.14 76.12
C THR K 120 -20.26 -48.85 77.39
N THR K 121 -20.11 -48.17 78.52
CA THR K 121 -20.54 -48.68 79.82
C THR K 121 -21.65 -47.79 80.35
N ALA K 122 -22.55 -48.38 81.14
CA ALA K 122 -23.67 -47.62 81.68
C ALA K 122 -23.21 -46.76 82.87
N PRO K 123 -23.73 -45.55 82.99
CA PRO K 123 -23.30 -44.66 84.08
C PRO K 123 -23.89 -45.06 85.41
N SER K 124 -23.01 -45.52 86.29
CA SER K 124 -23.39 -45.92 87.64
C SER K 124 -23.35 -44.67 88.51
N VAL K 125 -24.50 -44.05 88.70
CA VAL K 125 -24.62 -42.80 89.45
C VAL K 125 -25.00 -43.15 90.89
N TYR K 126 -24.07 -42.93 91.81
CA TYR K 126 -24.33 -43.11 93.22
C TYR K 126 -24.48 -41.74 93.86
N PRO K 127 -25.70 -41.22 93.97
CA PRO K 127 -25.91 -39.97 94.72
C PRO K 127 -26.24 -40.30 96.16
N LEU K 128 -25.99 -39.35 97.05
CA LEU K 128 -26.29 -39.52 98.46
C LEU K 128 -26.05 -38.20 99.17
N ALA K 129 -26.67 -38.06 100.34
CA ALA K 129 -26.51 -36.97 101.28
C ALA K 129 -25.24 -37.15 102.09
N PRO K 130 -24.99 -36.27 103.06
CA PRO K 130 -23.64 -36.16 103.65
C PRO K 130 -23.26 -37.31 104.57
N VAL K 131 -22.11 -37.14 105.22
CA VAL K 131 -21.38 -38.19 105.94
C VAL K 131 -22.18 -38.75 107.11
N CYS K 132 -21.78 -39.95 107.58
CA CYS K 132 -22.58 -40.75 108.51
C CYS K 132 -22.73 -40.12 109.89
N GLY K 133 -21.81 -39.26 110.28
CA GLY K 133 -21.97 -38.42 111.46
C GLY K 133 -22.36 -37.02 111.03
N GLY K 134 -23.60 -36.65 111.33
CA GLY K 134 -24.10 -35.35 110.88
C GLY K 134 -24.49 -35.39 109.42
N THR K 135 -23.64 -34.82 108.57
CA THR K 135 -23.87 -34.77 107.13
C THR K 135 -24.94 -33.73 106.79
N THR K 136 -24.99 -32.72 107.66
CA THR K 136 -25.84 -31.54 107.51
C THR K 136 -25.13 -30.42 108.26
N GLY K 137 -25.13 -29.22 107.68
CA GLY K 137 -24.51 -28.06 108.30
C GLY K 137 -25.30 -26.81 107.95
N SER K 138 -24.55 -25.81 107.49
CA SER K 138 -25.15 -24.75 106.67
C SER K 138 -25.66 -25.30 105.35
N SER K 139 -25.03 -26.35 104.84
CA SER K 139 -25.68 -27.27 103.91
C SER K 139 -25.32 -28.70 104.30
N VAL K 140 -26.08 -29.65 103.78
CA VAL K 140 -25.66 -31.05 103.79
C VAL K 140 -24.93 -31.31 102.50
N THR K 141 -23.62 -31.53 102.61
CA THR K 141 -22.75 -31.73 101.47
C THR K 141 -22.52 -33.22 101.30
N LEU K 142 -23.19 -33.80 100.31
CA LEU K 142 -23.12 -35.22 100.02
C LEU K 142 -22.36 -35.47 98.74
N GLY K 143 -22.40 -36.73 98.29
CA GLY K 143 -21.64 -37.12 97.13
C GLY K 143 -22.55 -37.54 96.01
N CYS K 144 -21.98 -37.62 94.82
CA CYS K 144 -22.68 -38.23 93.68
C CYS K 144 -21.62 -38.69 92.70
N LEU K 145 -21.27 -39.95 92.74
CA LEU K 145 -20.19 -40.51 91.91
C LEU K 145 -20.80 -41.31 90.77
N VAL K 146 -20.72 -40.79 89.56
CA VAL K 146 -21.24 -41.45 88.37
C VAL K 146 -20.05 -42.09 87.67
N LYS K 147 -19.79 -43.35 87.98
CA LYS K 147 -18.63 -44.05 87.46
C LYS K 147 -19.01 -44.80 86.19
N GLY K 148 -18.13 -44.73 85.20
CA GLY K 148 -18.20 -45.60 84.05
C GLY K 148 -19.28 -45.33 83.02
N TYR K 149 -19.52 -44.07 82.68
CA TYR K 149 -20.50 -43.72 81.66
C TYR K 149 -19.82 -43.65 80.31
N PHE K 150 -20.11 -44.62 79.45
CA PHE K 150 -19.32 -44.83 78.25
C PHE K 150 -20.13 -44.58 76.99
N PRO K 151 -19.62 -43.74 76.06
CA PRO K 151 -18.40 -42.93 76.15
C PRO K 151 -18.69 -41.61 76.86
N GLU K 152 -17.79 -40.64 76.76
CA GLU K 152 -18.07 -39.33 77.29
C GLU K 152 -19.08 -38.62 76.39
N PRO K 153 -19.86 -37.68 76.95
CA PRO K 153 -20.01 -37.25 78.34
C PRO K 153 -21.38 -37.64 78.91
N VAL K 154 -21.55 -37.42 80.21
CA VAL K 154 -22.82 -37.63 80.90
C VAL K 154 -23.20 -36.35 81.63
N THR K 155 -24.44 -36.30 82.12
CA THR K 155 -24.96 -35.19 82.90
C THR K 155 -25.35 -35.68 84.28
N LEU K 156 -25.77 -34.77 85.15
CA LEU K 156 -26.12 -35.13 86.52
C LEU K 156 -27.16 -34.16 87.05
N THR K 157 -28.42 -34.60 87.07
CA THR K 157 -29.55 -33.76 87.45
C THR K 157 -29.80 -33.91 88.95
N TRP K 158 -30.47 -32.91 89.52
CA TRP K 158 -30.73 -32.89 90.95
C TRP K 158 -32.23 -32.99 91.18
N ASN K 159 -32.68 -34.17 91.62
CA ASN K 159 -34.10 -34.44 91.88
C ASN K 159 -34.91 -34.44 90.59
N SER K 160 -34.30 -34.97 89.54
CA SER K 160 -34.84 -34.90 88.18
C SER K 160 -34.65 -33.52 87.55
N GLY K 161 -33.77 -32.70 88.12
CA GLY K 161 -33.58 -31.35 87.67
C GLY K 161 -34.10 -30.28 88.60
N SER K 162 -34.77 -30.66 89.69
CA SER K 162 -35.30 -29.67 90.61
C SER K 162 -34.25 -29.08 91.54
N LEU K 163 -33.54 -29.90 92.31
CA LEU K 163 -32.49 -29.45 93.21
C LEU K 163 -31.14 -29.72 92.56
N SER K 164 -30.92 -29.16 91.38
CA SER K 164 -29.68 -29.32 90.64
C SER K 164 -28.64 -28.26 90.95
N SER K 165 -29.07 -27.05 91.29
CA SER K 165 -28.16 -26.07 91.87
C SER K 165 -27.87 -26.48 93.30
N GLY K 166 -26.60 -26.55 93.65
CA GLY K 166 -26.23 -27.20 94.89
C GLY K 166 -25.96 -28.68 94.75
N VAL K 167 -26.12 -29.22 93.55
CA VAL K 167 -25.55 -30.51 93.20
C VAL K 167 -24.53 -30.24 92.10
N HIS K 168 -23.30 -29.93 92.52
CA HIS K 168 -22.27 -29.40 91.63
C HIS K 168 -21.39 -30.56 91.19
N THR K 169 -21.50 -30.92 89.91
CA THR K 169 -20.69 -31.96 89.32
C THR K 169 -19.27 -31.45 89.15
N PHE K 170 -18.34 -32.03 89.94
CA PHE K 170 -16.90 -31.82 89.82
C PHE K 170 -16.41 -32.46 88.53
N PRO K 171 -15.25 -32.06 88.03
CA PRO K 171 -14.88 -32.41 86.65
C PRO K 171 -14.46 -33.87 86.52
N ALA K 172 -15.26 -34.62 85.76
CA ALA K 172 -15.02 -36.05 85.57
C ALA K 172 -13.99 -36.26 84.47
N LEU K 173 -13.45 -37.48 84.41
CA LEU K 173 -12.41 -37.83 83.45
C LEU K 173 -12.72 -39.20 82.84
N LEU K 174 -11.71 -39.78 82.20
CA LEU K 174 -11.81 -41.12 81.63
C LEU K 174 -11.75 -42.13 82.77
N GLN K 175 -12.52 -43.20 82.64
CA GLN K 175 -12.53 -44.29 83.61
C GLN K 175 -12.96 -45.55 82.90
N SER K 176 -11.99 -46.34 82.44
CA SER K 176 -12.23 -47.65 81.82
C SER K 176 -12.93 -47.54 80.47
N GLY K 177 -12.65 -46.45 79.76
CA GLY K 177 -13.40 -46.11 78.56
C GLY K 177 -14.73 -45.44 78.82
N LEU K 178 -15.03 -45.15 80.08
CA LEU K 178 -16.29 -44.53 80.48
C LEU K 178 -16.00 -43.15 81.06
N TYR K 179 -17.05 -42.47 81.46
CA TYR K 179 -16.92 -41.21 82.17
C TYR K 179 -16.97 -41.47 83.68
N THR K 180 -15.91 -41.07 84.38
CA THR K 180 -15.91 -41.06 85.83
C THR K 180 -16.20 -39.64 86.27
N LEU K 181 -17.44 -39.40 86.69
CA LEU K 181 -17.89 -38.08 87.11
C LEU K 181 -18.24 -38.14 88.59
N SER K 182 -18.36 -36.97 89.19
CA SER K 182 -18.66 -36.88 90.60
C SER K 182 -19.33 -35.55 90.85
N SER K 183 -19.89 -35.39 92.04
CA SER K 183 -20.57 -34.16 92.37
C SER K 183 -20.62 -34.00 93.88
N SER K 184 -20.27 -32.81 94.33
CA SER K 184 -20.55 -32.38 95.68
C SER K 184 -22.00 -31.88 95.70
N VAL K 185 -22.86 -32.66 96.32
CA VAL K 185 -24.29 -32.35 96.39
C VAL K 185 -24.54 -31.62 97.70
N THR K 186 -24.34 -30.31 97.68
CA THR K 186 -24.46 -29.47 98.87
C THR K 186 -25.82 -28.79 98.84
N VAL K 187 -26.78 -29.34 99.58
CA VAL K 187 -28.11 -28.79 99.70
C VAL K 187 -28.12 -28.03 101.02
N THR K 188 -29.22 -27.34 101.30
CA THR K 188 -29.28 -26.51 102.50
C THR K 188 -29.40 -27.34 103.77
N SER K 189 -29.28 -26.66 104.92
CA SER K 189 -29.58 -27.29 106.20
C SER K 189 -31.06 -27.63 106.33
N ASN K 190 -31.94 -26.76 105.84
CA ASN K 190 -33.34 -27.13 105.65
C ASN K 190 -33.60 -27.63 104.23
N THR K 191 -32.53 -27.92 103.48
CA THR K 191 -32.68 -28.47 102.13
C THR K 191 -32.21 -29.92 102.07
N TRP K 192 -30.97 -30.19 102.49
CA TRP K 192 -30.37 -31.50 102.30
C TRP K 192 -29.95 -32.08 103.66
N PRO K 193 -30.36 -33.31 103.97
CA PRO K 193 -31.14 -34.25 103.15
C PRO K 193 -32.64 -34.22 103.48
N SER K 194 -33.18 -33.03 103.73
CA SER K 194 -34.61 -32.93 103.98
C SER K 194 -35.41 -33.04 102.67
N GLN K 195 -35.19 -32.10 101.77
CA GLN K 195 -35.83 -32.13 100.46
C GLN K 195 -35.09 -33.12 99.58
N THR K 196 -35.81 -33.69 98.61
CA THR K 196 -35.22 -34.67 97.71
C THR K 196 -34.30 -33.97 96.71
N ILE K 197 -33.04 -33.80 97.10
CA ILE K 197 -32.00 -33.32 96.19
C ILE K 197 -31.36 -34.55 95.59
N THR K 198 -31.96 -35.07 94.53
CA THR K 198 -31.66 -36.41 94.03
C THR K 198 -30.65 -36.31 92.91
N CYS K 199 -29.38 -36.54 93.25
CA CYS K 199 -28.30 -36.59 92.28
C CYS K 199 -28.47 -37.84 91.44
N ASN K 200 -29.08 -37.65 90.27
CA ASN K 200 -29.15 -38.67 89.24
C ASN K 200 -28.00 -38.41 88.29
N VAL K 201 -26.98 -39.25 88.35
CA VAL K 201 -25.95 -39.30 87.33
C VAL K 201 -26.56 -40.01 86.13
N ALA K 202 -26.74 -39.28 85.04
CA ALA K 202 -27.34 -39.81 83.83
C ALA K 202 -26.27 -39.89 82.75
N HIS K 203 -26.16 -41.06 82.13
CA HIS K 203 -25.22 -41.32 81.05
C HIS K 203 -25.92 -40.93 79.75
N PRO K 204 -25.54 -39.81 79.15
CA PRO K 204 -26.19 -39.40 77.89
C PRO K 204 -25.59 -40.08 76.69
N ALA K 205 -24.32 -40.49 76.78
CA ALA K 205 -23.71 -41.26 75.70
C ALA K 205 -24.23 -42.69 75.68
N SER K 206 -24.65 -43.22 76.83
CA SER K 206 -25.16 -44.57 76.92
C SER K 206 -26.62 -44.64 77.34
N SER K 207 -27.19 -43.54 77.83
CA SER K 207 -28.55 -43.51 78.38
C SER K 207 -28.67 -44.34 79.66
N THR K 208 -27.85 -44.02 80.65
CA THR K 208 -27.90 -44.66 81.96
C THR K 208 -28.51 -43.68 82.96
N LYS K 209 -29.01 -44.20 84.08
CA LYS K 209 -29.63 -43.37 85.10
C LYS K 209 -29.41 -43.99 86.47
N VAL K 210 -28.66 -43.30 87.33
CA VAL K 210 -28.43 -43.74 88.70
C VAL K 210 -28.79 -42.58 89.62
N ASP K 211 -29.89 -42.73 90.35
CA ASP K 211 -30.48 -41.64 91.11
C ASP K 211 -30.34 -41.91 92.59
N LYS K 212 -29.65 -41.03 93.30
CA LYS K 212 -29.54 -41.08 94.75
C LYS K 212 -30.23 -39.85 95.32
N LYS K 213 -31.20 -40.07 96.20
CA LYS K 213 -31.99 -38.97 96.77
C LYS K 213 -31.16 -38.18 97.78
N ILE K 214 -31.74 -37.12 98.31
CA ILE K 214 -31.06 -36.33 99.34
C ILE K 214 -31.22 -37.11 100.63
N GLU K 215 -30.28 -38.01 100.89
CA GLU K 215 -30.33 -38.93 102.02
C GLU K 215 -28.92 -39.39 102.35
N SER K 216 -28.53 -39.21 103.60
CA SER K 216 -27.17 -39.52 104.01
C SER K 216 -27.01 -41.02 104.26
N ARG K 217 -25.83 -41.39 104.76
CA ARG K 217 -25.57 -42.77 105.15
C ARG K 217 -26.36 -43.20 106.38
N ARG K 218 -26.82 -42.25 107.20
CA ARG K 218 -27.66 -42.57 108.34
C ARG K 218 -28.84 -41.61 108.42
N GLN L 1 -3.96 -15.02 58.10
CA GLN L 1 -4.41 -13.67 58.42
C GLN L 1 -3.78 -13.25 59.72
N ALA L 2 -3.96 -14.08 60.74
CA ALA L 2 -3.38 -13.83 62.05
C ALA L 2 -2.72 -15.13 62.52
N VAL L 3 -1.40 -15.06 62.70
CA VAL L 3 -0.60 -16.18 63.19
C VAL L 3 0.40 -15.63 64.19
N VAL L 4 0.14 -15.82 65.48
CA VAL L 4 0.81 -15.10 66.55
C VAL L 4 2.13 -15.76 66.91
N THR L 5 3.25 -15.17 66.47
CA THR L 5 4.56 -15.38 67.06
C THR L 5 4.92 -14.10 67.82
N GLN L 6 4.70 -14.10 69.13
CA GLN L 6 4.81 -12.91 69.94
C GLN L 6 4.73 -13.26 71.41
N GLU L 7 4.52 -12.25 72.24
CA GLU L 7 4.28 -12.48 73.66
C GLU L 7 2.96 -13.20 73.86
N SER L 8 3.06 -14.50 74.13
CA SER L 8 1.90 -15.39 74.08
C SER L 8 0.97 -15.18 75.27
N ALA L 9 1.47 -14.60 76.34
CA ALA L 9 0.62 -14.13 77.43
C ALA L 9 0.86 -12.65 77.60
N LEU L 10 -0.22 -11.90 77.74
CA LEU L 10 -0.15 -10.50 78.12
C LEU L 10 -0.82 -10.36 79.46
N THR L 11 -0.04 -10.44 80.52
CA THR L 11 -0.55 -10.52 81.88
C THR L 11 -0.93 -9.13 82.35
N THR L 12 -2.23 -8.89 82.53
CA THR L 12 -2.75 -7.60 82.94
C THR L 12 -3.55 -7.79 84.23
N SER L 13 -3.72 -6.69 84.96
CA SER L 13 -4.36 -6.69 86.27
C SER L 13 -5.86 -6.49 86.15
N PRO L 14 -6.57 -6.48 87.28
CA PRO L 14 -7.97 -6.05 87.27
C PRO L 14 -8.05 -4.56 86.97
N GLY L 15 -8.53 -4.23 85.77
CA GLY L 15 -8.37 -2.91 85.20
C GLY L 15 -7.06 -2.71 84.47
N GLU L 16 -6.13 -3.65 84.56
CA GLU L 16 -4.86 -3.57 83.87
C GLU L 16 -4.98 -4.17 82.48
N THR L 17 -4.32 -3.53 81.53
CA THR L 17 -4.45 -3.82 80.12
C THR L 17 -3.35 -4.79 79.70
N VAL L 18 -3.76 -6.00 79.34
CA VAL L 18 -2.87 -6.98 78.73
C VAL L 18 -3.07 -6.86 77.22
N THR L 19 -2.18 -6.13 76.57
CA THR L 19 -2.19 -5.97 75.11
C THR L 19 -1.29 -7.04 74.52
N LEU L 20 -1.70 -8.31 74.69
CA LEU L 20 -0.89 -9.47 74.36
C LEU L 20 -0.70 -9.59 72.86
N THR L 21 0.55 -9.50 72.45
CA THR L 21 0.92 -9.34 71.06
C THR L 21 1.34 -10.68 70.45
N CYS L 22 1.10 -10.79 69.15
CA CYS L 22 1.62 -11.89 68.34
C CYS L 22 1.92 -11.31 66.98
N ARG L 23 3.22 -11.12 66.68
CA ARG L 23 3.68 -10.69 65.38
C ARG L 23 3.27 -11.72 64.34
N SER L 24 2.71 -11.25 63.24
CA SER L 24 2.09 -12.12 62.25
C SER L 24 3.16 -12.90 61.48
N ASN L 25 2.84 -14.15 61.18
CA ASN L 25 3.63 -14.94 60.24
C ASN L 25 3.38 -14.52 58.80
N ILE L 26 2.30 -13.76 58.55
CA ILE L 26 2.06 -13.19 57.23
C ILE L 26 2.33 -11.68 57.20
N GLY L 27 1.72 -10.91 58.08
CA GLY L 27 1.87 -9.47 58.02
C GLY L 27 1.38 -8.81 59.28
N ALA L 28 0.97 -7.55 59.12
CA ALA L 28 0.43 -6.80 60.24
C ALA L 28 -0.99 -7.26 60.55
N VAL L 29 -1.30 -7.31 61.84
CA VAL L 29 -2.67 -7.57 62.29
C VAL L 29 -3.27 -6.27 62.80
N THR L 30 -4.16 -5.69 62.00
CA THR L 30 -4.68 -4.35 62.20
C THR L 30 -6.11 -4.33 61.69
N SER L 31 -6.61 -3.11 61.42
CA SER L 31 -7.90 -2.90 60.78
C SER L 31 -8.02 -3.57 59.42
N SER L 32 -6.94 -3.63 58.63
CA SER L 32 -6.91 -4.35 57.37
C SER L 32 -6.36 -5.77 57.48
N ASN L 33 -5.52 -6.04 58.48
CA ASN L 33 -5.06 -7.39 58.72
C ASN L 33 -6.07 -8.23 59.49
N CYS L 34 -7.08 -7.59 60.08
CA CYS L 34 -8.17 -8.25 60.79
C CYS L 34 -7.71 -8.83 62.13
N ALA L 35 -6.56 -8.36 62.60
CA ALA L 35 -5.85 -9.03 63.68
C ALA L 35 -6.46 -8.65 65.01
N ASN L 36 -7.51 -9.38 65.40
CA ASN L 36 -8.12 -9.23 66.70
C ASN L 36 -7.58 -10.32 67.61
N TRP L 37 -8.09 -10.35 68.84
CA TRP L 37 -7.73 -11.35 69.81
C TRP L 37 -8.99 -12.10 70.17
N VAL L 38 -9.19 -13.26 69.55
CA VAL L 38 -10.31 -14.13 69.86
C VAL L 38 -10.02 -14.74 71.21
N GLN L 39 -10.60 -14.13 72.24
CA GLN L 39 -10.30 -14.44 73.63
C GLN L 39 -10.98 -15.75 73.99
N GLU L 40 -10.19 -16.83 73.96
CA GLU L 40 -10.60 -18.12 74.49
C GLU L 40 -10.80 -17.96 75.99
N LYS L 41 -12.03 -18.17 76.42
CA LYS L 41 -12.47 -18.26 77.79
C LYS L 41 -12.69 -19.72 78.16
N PRO L 42 -13.04 -19.99 79.42
CA PRO L 42 -13.31 -21.37 79.83
C PRO L 42 -14.63 -21.86 79.27
N ASP L 43 -14.85 -23.17 79.35
CA ASP L 43 -16.05 -23.78 78.81
C ASP L 43 -15.93 -23.99 77.30
N HIS L 44 -14.70 -23.98 76.79
CA HIS L 44 -14.40 -24.34 75.40
C HIS L 44 -14.95 -23.32 74.41
N PHE L 45 -14.84 -22.05 74.76
CA PHE L 45 -15.39 -20.96 73.95
C PHE L 45 -14.25 -20.04 73.53
N PHE L 46 -13.75 -20.25 72.32
CA PHE L 46 -12.85 -19.30 71.69
C PHE L 46 -13.69 -18.11 71.28
N THR L 47 -13.79 -17.13 72.17
CA THR L 47 -14.87 -16.15 72.10
C THR L 47 -14.29 -14.77 71.88
N GLY L 48 -15.17 -13.77 71.89
CA GLY L 48 -14.79 -12.41 71.54
C GLY L 48 -14.07 -11.73 72.69
N LEU L 49 -12.75 -11.65 72.55
CA LEU L 49 -11.95 -10.78 73.41
C LEU L 49 -11.74 -9.52 72.59
N ILE L 50 -11.30 -9.68 71.35
CA ILE L 50 -11.12 -8.54 70.46
C ILE L 50 -11.35 -8.97 69.02
N GLY L 51 -11.93 -8.08 68.24
CA GLY L 51 -12.25 -8.39 66.85
C GLY L 51 -11.74 -7.31 65.92
N ASP L 52 -11.10 -7.77 64.84
CA ASP L 52 -10.90 -6.98 63.61
C ASP L 52 -9.93 -5.81 63.78
N THR L 53 -8.98 -5.95 64.70
CA THR L 53 -7.82 -5.06 64.74
C THR L 53 -8.06 -3.65 65.27
N ASN L 54 -9.28 -3.33 65.66
CA ASN L 54 -9.54 -2.08 66.37
C ASN L 54 -10.65 -2.24 67.39
N ASN L 55 -11.24 -3.42 67.50
CA ASN L 55 -12.53 -3.56 68.16
C ASN L 55 -12.39 -4.46 69.39
N ARG L 56 -13.14 -4.11 70.44
CA ARG L 56 -13.51 -5.05 71.47
C ARG L 56 -14.35 -6.17 70.87
N ARG L 57 -14.22 -7.37 71.43
CA ARG L 57 -14.82 -8.54 70.81
C ARG L 57 -16.33 -8.55 71.04
N SER L 58 -17.01 -9.34 70.21
CA SER L 58 -18.46 -9.44 70.27
C SER L 58 -18.85 -10.29 71.48
N GLY L 59 -19.61 -9.68 72.39
CA GLY L 59 -19.84 -10.29 73.68
C GLY L 59 -18.75 -10.07 74.69
N VAL L 60 -17.67 -9.40 74.30
CA VAL L 60 -16.59 -9.02 75.21
C VAL L 60 -16.94 -7.66 75.76
N PRO L 61 -16.60 -7.35 77.01
CA PRO L 61 -16.96 -6.06 77.60
C PRO L 61 -16.05 -4.94 77.12
N ALA L 62 -16.16 -3.77 77.78
CA ALA L 62 -15.22 -2.67 77.61
C ALA L 62 -13.78 -3.03 78.01
N ARG L 63 -13.60 -4.04 78.87
CA ARG L 63 -12.32 -4.68 79.08
C ARG L 63 -11.69 -5.25 77.81
N PHE L 64 -12.47 -5.83 76.92
CA PHE L 64 -11.93 -6.52 75.76
C PHE L 64 -11.56 -5.54 74.65
N SER L 65 -10.47 -5.84 73.94
CA SER L 65 -10.02 -5.09 72.78
C SER L 65 -9.15 -6.00 71.91
N GLY L 66 -9.13 -5.71 70.62
CA GLY L 66 -8.23 -6.38 69.70
C GLY L 66 -7.60 -5.34 68.80
N SER L 67 -6.30 -5.40 68.61
CA SER L 67 -5.60 -4.30 67.95
C SER L 67 -4.29 -4.85 67.42
N LEU L 68 -3.34 -3.95 67.22
CA LEU L 68 -2.01 -4.29 66.74
C LEU L 68 -1.11 -4.59 67.92
N ILE L 69 -0.66 -5.84 68.01
CA ILE L 69 0.34 -6.26 68.98
C ILE L 69 1.63 -6.48 68.21
N GLY L 70 2.62 -5.64 68.47
CA GLY L 70 3.86 -5.66 67.70
C GLY L 70 3.62 -5.28 66.26
N ASP L 71 3.90 -6.22 65.36
CA ASP L 71 3.53 -6.14 63.95
C ASP L 71 2.56 -7.27 63.57
N LYS L 72 1.59 -7.53 64.44
CA LYS L 72 0.69 -8.67 64.26
C LYS L 72 -0.57 -8.41 65.07
N ALA L 73 -1.33 -9.49 65.27
CA ALA L 73 -2.59 -9.42 66.01
C ALA L 73 -2.31 -9.19 67.49
N ALA L 74 -3.29 -8.60 68.18
CA ALA L 74 -3.13 -8.31 69.60
C ALA L 74 -4.47 -8.45 70.30
N LEU L 75 -4.45 -9.20 71.40
CA LEU L 75 -5.62 -9.40 72.25
C LEU L 75 -5.37 -8.64 73.54
N THR L 76 -6.12 -7.57 73.76
CA THR L 76 -5.88 -6.64 74.85
C THR L 76 -7.08 -6.63 75.80
N ILE L 77 -6.89 -7.24 76.96
CA ILE L 77 -7.82 -7.06 78.07
C ILE L 77 -7.48 -5.69 78.66
N THR L 78 -8.17 -4.65 78.17
CA THR L 78 -7.84 -3.26 78.47
C THR L 78 -9.04 -2.61 79.17
N GLY L 79 -8.92 -2.43 80.48
CA GLY L 79 -10.04 -2.10 81.32
C GLY L 79 -10.56 -3.42 81.86
N ALA L 80 -9.71 -4.43 81.75
CA ALA L 80 -10.12 -5.81 81.95
C ALA L 80 -10.22 -6.13 83.42
N GLN L 81 -11.38 -6.62 83.82
CA GLN L 81 -11.70 -6.99 85.19
C GLN L 81 -11.30 -8.44 85.41
N THR L 82 -11.86 -9.03 86.47
CA THR L 82 -11.58 -10.42 86.84
C THR L 82 -12.03 -11.42 85.77
N GLU L 83 -12.98 -11.05 84.90
CA GLU L 83 -13.26 -11.82 83.71
C GLU L 83 -12.75 -11.14 82.44
N ASP L 84 -11.98 -10.06 82.57
CA ASP L 84 -11.59 -9.24 81.43
C ASP L 84 -10.36 -9.76 80.67
N GLU L 85 -9.77 -10.89 81.07
CA GLU L 85 -8.55 -11.37 80.41
C GLU L 85 -8.72 -12.82 79.95
N ALA L 86 -8.58 -13.05 78.64
CA ALA L 86 -8.73 -14.37 78.06
C ALA L 86 -7.61 -14.57 77.04
N ILE L 87 -7.48 -15.79 76.52
CA ILE L 87 -6.37 -16.14 75.63
C ILE L 87 -6.75 -15.73 74.21
N TYR L 88 -6.38 -14.51 73.83
CA TYR L 88 -6.69 -13.97 72.51
C TYR L 88 -5.84 -14.68 71.47
N PHE L 89 -6.46 -15.65 70.80
CA PHE L 89 -5.93 -16.23 69.58
C PHE L 89 -5.88 -15.14 68.53
N CYS L 90 -4.78 -15.10 67.78
CA CYS L 90 -4.53 -14.04 66.81
C CYS L 90 -5.43 -14.21 65.62
N ALA L 91 -6.60 -13.58 65.69
CA ALA L 91 -7.56 -13.61 64.61
C ALA L 91 -7.06 -12.67 63.54
N LEU L 92 -7.21 -13.08 62.28
CA LEU L 92 -6.89 -12.22 61.15
C LEU L 92 -7.90 -12.48 60.04
N TRP L 93 -8.49 -11.42 59.54
CA TRP L 93 -9.33 -11.49 58.34
C TRP L 93 -8.83 -10.50 57.32
N TYR L 94 -8.80 -10.92 56.06
CA TYR L 94 -8.37 -10.10 54.93
C TYR L 94 -9.32 -10.39 53.77
N ASN L 95 -10.39 -11.11 54.08
CA ASN L 95 -11.27 -11.61 53.03
C ASN L 95 -10.65 -12.84 52.40
N ASN L 96 -9.73 -13.50 53.11
CA ASN L 96 -9.19 -14.78 52.67
C ASN L 96 -9.72 -15.86 53.59
N LEU L 97 -9.79 -15.55 54.88
CA LEU L 97 -10.32 -16.46 55.89
C LEU L 97 -10.25 -15.73 57.23
N TRP L 98 -11.03 -16.21 58.19
CA TRP L 98 -10.94 -15.74 59.57
C TRP L 98 -9.98 -16.64 60.32
N VAL L 99 -8.69 -16.45 60.08
CA VAL L 99 -7.66 -17.38 60.52
C VAL L 99 -7.21 -16.98 61.92
N PHE L 100 -7.49 -17.84 62.89
CA PHE L 100 -7.14 -17.59 64.28
C PHE L 100 -5.80 -18.23 64.61
N GLY L 101 -4.91 -17.42 65.16
CA GLY L 101 -3.61 -17.92 65.58
C GLY L 101 -3.61 -18.31 67.04
N GLY L 102 -2.41 -18.32 67.62
CA GLY L 102 -2.28 -18.55 69.04
C GLY L 102 -2.53 -17.34 69.91
N GLY L 103 -2.02 -16.20 69.51
CA GLY L 103 -2.35 -14.90 70.09
C GLY L 103 -1.73 -14.67 71.45
N THR L 104 -1.94 -13.47 71.96
CA THR L 104 -1.49 -13.07 73.28
C THR L 104 -2.58 -13.45 74.27
N LYS L 105 -2.19 -14.02 75.41
CA LYS L 105 -3.14 -14.30 76.47
C LYS L 105 -3.32 -13.03 77.31
N LEU L 106 -4.33 -12.22 76.95
CA LEU L 106 -4.64 -10.98 77.64
C LEU L 106 -5.15 -11.31 79.05
N THR L 107 -4.75 -10.51 80.04
CA THR L 107 -4.84 -10.90 81.43
C THR L 107 -5.75 -9.97 82.20
N VAL L 108 -6.57 -10.54 83.09
CA VAL L 108 -7.30 -9.80 84.11
C VAL L 108 -6.89 -10.38 85.46
N LEU L 109 -6.02 -9.66 86.16
CA LEU L 109 -5.37 -10.19 87.36
C LEU L 109 -6.32 -10.19 88.55
N GLY L 110 -6.11 -11.14 89.45
CA GLY L 110 -7.04 -11.37 90.52
C GLY L 110 -7.61 -12.78 90.39
N GLN L 111 -8.77 -12.96 91.01
CA GLN L 111 -9.34 -14.29 91.22
C GLN L 111 -8.39 -14.99 92.17
N PRO L 112 -8.08 -14.35 93.30
CA PRO L 112 -6.94 -14.80 94.12
C PRO L 112 -7.30 -15.98 95.00
N LYS L 113 -6.33 -16.36 95.85
CA LYS L 113 -6.45 -17.53 96.70
C LYS L 113 -7.50 -17.39 97.80
N SER L 114 -8.44 -18.34 97.85
CA SER L 114 -9.48 -18.37 98.86
C SER L 114 -9.49 -19.76 99.47
N SER L 115 -10.20 -19.93 100.58
CA SER L 115 -10.20 -21.16 101.35
C SER L 115 -10.99 -22.26 100.64
N PRO L 116 -10.44 -23.46 100.59
CA PRO L 116 -11.13 -24.58 99.93
C PRO L 116 -11.97 -25.36 100.91
N SER L 117 -12.79 -26.26 100.36
CA SER L 117 -13.68 -27.11 101.14
C SER L 117 -13.54 -28.55 100.69
N VAL L 118 -13.26 -29.46 101.63
CA VAL L 118 -13.25 -30.88 101.37
C VAL L 118 -14.59 -31.45 101.82
N THR L 119 -15.28 -32.12 100.90
CA THR L 119 -16.54 -32.78 101.21
C THR L 119 -16.32 -34.28 101.09
N LEU L 120 -16.49 -35.00 102.20
CA LEU L 120 -16.08 -36.39 102.30
C LEU L 120 -17.31 -37.31 102.30
N PHE L 121 -17.58 -37.90 101.15
CA PHE L 121 -18.54 -38.97 101.06
C PHE L 121 -17.86 -40.28 101.47
N PRO L 122 -18.53 -41.12 102.27
CA PRO L 122 -17.89 -42.35 102.76
C PRO L 122 -17.97 -43.44 101.70
N PRO L 123 -17.58 -44.67 102.04
CA PRO L 123 -17.83 -45.78 101.11
C PRO L 123 -19.32 -46.08 101.11
N SER L 124 -19.99 -45.56 100.08
CA SER L 124 -21.44 -45.48 100.06
C SER L 124 -22.03 -46.70 99.37
N SER L 125 -23.34 -46.62 99.13
CA SER L 125 -23.98 -47.62 98.28
C SER L 125 -23.53 -47.47 96.84
N GLU L 126 -23.28 -46.24 96.39
CA GLU L 126 -22.71 -46.03 95.06
C GLU L 126 -21.19 -45.92 95.10
N GLU L 127 -20.60 -45.80 96.30
CA GLU L 127 -19.17 -45.57 96.39
C GLU L 127 -18.40 -46.80 96.83
N LEU L 128 -18.86 -47.48 97.87
CA LEU L 128 -18.27 -48.73 98.36
C LEU L 128 -18.94 -49.98 97.82
N GLU L 129 -20.05 -49.84 97.12
CA GLU L 129 -20.69 -51.00 96.48
C GLU L 129 -20.26 -51.15 95.03
N THR L 130 -19.35 -50.30 94.55
CA THR L 130 -18.86 -50.33 93.19
C THR L 130 -17.56 -51.11 93.03
N ASN L 131 -17.35 -52.17 93.82
CA ASN L 131 -16.12 -52.95 93.77
C ASN L 131 -14.98 -52.17 94.40
N LYS L 132 -15.33 -51.30 95.35
CA LYS L 132 -14.41 -50.37 95.95
C LYS L 132 -14.78 -50.14 97.41
N ALA L 133 -14.14 -49.13 97.99
CA ALA L 133 -14.60 -48.48 99.22
C ALA L 133 -13.90 -47.14 99.28
N THR L 134 -14.65 -46.05 99.26
CA THR L 134 -14.10 -44.74 98.94
C THR L 134 -14.44 -43.72 100.01
N LEU L 135 -13.59 -43.61 101.03
CA LEU L 135 -13.62 -42.46 101.92
C LEU L 135 -13.02 -41.28 101.15
N VAL L 136 -13.88 -40.53 100.45
CA VAL L 136 -13.47 -39.64 99.38
C VAL L 136 -13.84 -38.21 99.72
N CYS L 137 -12.84 -37.35 99.83
CA CYS L 137 -13.04 -35.93 100.02
C CYS L 137 -12.83 -35.23 98.68
N THR L 138 -13.92 -34.83 98.05
CA THR L 138 -13.89 -33.88 96.94
C THR L 138 -13.47 -32.53 97.49
N ILE L 139 -12.24 -32.13 97.19
CA ILE L 139 -11.68 -30.86 97.63
C ILE L 139 -11.94 -29.86 96.53
N THR L 140 -12.91 -28.98 96.73
CA THR L 140 -13.26 -27.93 95.79
C THR L 140 -12.92 -26.58 96.38
N ASP L 141 -13.22 -25.53 95.61
CA ASP L 141 -13.11 -24.13 96.06
C ASP L 141 -11.66 -23.71 96.26
N PHE L 142 -10.75 -24.39 95.56
CA PHE L 142 -9.32 -24.28 95.78
C PHE L 142 -8.80 -22.96 95.24
N TYR L 143 -8.03 -22.27 96.06
CA TYR L 143 -7.40 -21.03 95.68
C TYR L 143 -5.93 -21.10 96.08
N PRO L 144 -5.03 -21.61 95.21
CA PRO L 144 -5.16 -22.16 93.86
C PRO L 144 -5.76 -23.58 93.86
N GLY L 145 -6.50 -23.90 92.81
CA GLY L 145 -7.21 -25.16 92.74
C GLY L 145 -6.42 -26.31 92.15
N VAL L 146 -5.12 -26.31 92.37
CA VAL L 146 -4.24 -27.39 91.95
C VAL L 146 -3.47 -27.80 93.20
N VAL L 147 -3.80 -28.98 93.71
CA VAL L 147 -3.28 -29.44 94.99
C VAL L 147 -3.17 -30.96 94.96
N THR L 148 -2.38 -31.48 95.89
CA THR L 148 -2.21 -32.90 96.11
C THR L 148 -3.40 -33.38 96.95
N VAL L 149 -4.42 -33.91 96.29
CA VAL L 149 -5.56 -34.48 96.97
C VAL L 149 -5.15 -35.84 97.48
N ASP L 150 -4.65 -35.89 98.72
CA ASP L 150 -4.15 -37.11 99.31
C ASP L 150 -5.24 -37.68 100.20
N TRP L 151 -5.79 -38.82 99.79
CA TRP L 151 -6.77 -39.54 100.58
C TRP L 151 -6.07 -40.54 101.48
N LYS L 152 -6.77 -40.98 102.52
CA LYS L 152 -6.23 -41.96 103.47
C LYS L 152 -6.26 -43.34 102.78
N VAL L 153 -5.25 -43.60 101.96
CA VAL L 153 -5.19 -44.82 101.17
C VAL L 153 -4.58 -45.93 102.03
N ASP L 154 -5.44 -46.63 102.75
CA ASP L 154 -5.01 -47.59 103.77
C ASP L 154 -4.57 -46.90 105.06
N GLY L 155 -4.91 -45.61 105.20
CA GLY L 155 -4.56 -44.85 106.38
C GLY L 155 -3.33 -43.99 106.25
N THR L 156 -2.76 -43.88 105.05
CA THR L 156 -1.58 -43.06 104.82
C THR L 156 -1.89 -42.07 103.71
N PRO L 157 -1.04 -41.06 103.48
CA PRO L 157 -1.20 -40.25 102.25
C PRO L 157 -0.85 -41.14 101.08
N VAL L 158 -1.88 -41.52 100.31
CA VAL L 158 -1.86 -42.81 99.65
C VAL L 158 -1.02 -42.79 98.38
N THR L 159 -0.17 -43.80 98.26
CA THR L 159 0.45 -44.18 97.00
C THR L 159 -0.19 -45.49 96.59
N GLN L 160 -0.90 -46.12 97.53
CA GLN L 160 -1.65 -47.35 97.30
C GLN L 160 -3.02 -47.21 97.93
N GLY L 161 -4.05 -47.17 97.09
CA GLY L 161 -5.42 -46.97 97.51
C GLY L 161 -5.99 -45.61 97.17
N MET L 162 -5.13 -44.63 96.92
CA MET L 162 -5.57 -43.26 96.71
C MET L 162 -6.23 -43.08 95.35
N GLU L 163 -7.42 -42.49 95.36
CA GLU L 163 -8.18 -42.24 94.14
C GLU L 163 -8.83 -40.87 94.25
N THR L 164 -8.57 -40.01 93.28
CA THR L 164 -9.17 -38.68 93.21
C THR L 164 -9.17 -38.22 91.77
N THR L 165 -10.14 -37.38 91.41
CA THR L 165 -10.05 -36.65 90.16
C THR L 165 -9.06 -35.49 90.33
N GLN L 166 -8.68 -34.88 89.21
CA GLN L 166 -7.66 -33.83 89.28
C GLN L 166 -8.29 -32.49 89.65
N PRO L 167 -7.51 -31.57 90.22
CA PRO L 167 -8.08 -30.29 90.65
C PRO L 167 -8.34 -29.35 89.47
N SER L 168 -9.60 -29.22 89.10
CA SER L 168 -10.02 -28.46 87.92
C SER L 168 -10.66 -27.16 88.38
N LYS L 169 -10.73 -26.20 87.47
CA LYS L 169 -11.13 -24.84 87.81
C LYS L 169 -12.60 -24.61 87.52
N GLN L 170 -13.21 -23.69 88.26
CA GLN L 170 -14.55 -23.18 87.99
C GLN L 170 -14.46 -21.95 87.09
N SER L 171 -15.56 -21.21 87.00
CA SER L 171 -15.63 -20.07 86.09
C SER L 171 -14.83 -18.88 86.59
N ASN L 172 -14.91 -18.59 87.90
CA ASN L 172 -14.29 -17.40 88.45
C ASN L 172 -12.89 -17.66 89.01
N ASN L 173 -12.19 -18.68 88.52
CA ASN L 173 -10.86 -19.06 89.01
C ASN L 173 -10.87 -19.78 90.35
N LYS L 174 -11.91 -20.54 90.65
CA LYS L 174 -11.97 -21.40 91.83
C LYS L 174 -11.30 -22.74 91.51
N TYR L 175 -11.53 -23.72 92.39
CA TYR L 175 -10.94 -25.05 92.22
C TYR L 175 -11.99 -26.11 92.48
N MET L 176 -11.75 -27.29 91.91
CA MET L 176 -12.62 -28.45 92.13
C MET L 176 -11.86 -29.71 91.74
N ALA L 177 -11.67 -30.59 92.71
CA ALA L 177 -10.94 -31.84 92.50
C ALA L 177 -11.26 -32.76 93.66
N SER L 178 -10.46 -33.81 93.83
CA SER L 178 -10.75 -34.78 94.88
C SER L 178 -9.50 -35.57 95.26
N SER L 179 -9.54 -36.10 96.49
CA SER L 179 -8.62 -37.12 96.95
C SER L 179 -9.42 -38.05 97.85
N TYR L 180 -9.14 -39.34 97.79
CA TYR L 180 -9.90 -40.29 98.59
C TYR L 180 -9.13 -41.55 98.86
N LEU L 181 -9.32 -42.09 100.07
CA LEU L 181 -8.92 -43.46 100.36
C LEU L 181 -9.94 -44.35 99.67
N THR L 182 -9.66 -44.70 98.43
CA THR L 182 -10.59 -45.48 97.62
C THR L 182 -9.97 -46.84 97.40
N LEU L 183 -10.03 -47.67 98.43
CA LEU L 183 -9.50 -49.02 98.41
C LEU L 183 -10.67 -49.94 98.11
N THR L 184 -10.46 -51.23 98.33
CA THR L 184 -11.46 -52.27 98.10
C THR L 184 -12.47 -52.32 99.24
N ALA L 185 -13.22 -53.43 99.27
CA ALA L 185 -14.17 -53.69 100.36
C ALA L 185 -13.46 -53.84 101.70
N ARG L 186 -12.29 -54.48 101.68
CA ARG L 186 -11.47 -54.55 102.90
C ARG L 186 -10.86 -53.20 103.22
N ALA L 187 -10.28 -52.53 102.22
CA ALA L 187 -9.53 -51.29 102.48
C ALA L 187 -10.46 -50.11 102.70
N TRP L 188 -11.73 -50.24 102.30
CA TRP L 188 -12.71 -49.21 102.58
C TRP L 188 -13.47 -49.52 103.87
N GLU L 189 -14.14 -50.69 103.92
CA GLU L 189 -15.02 -50.98 105.03
C GLU L 189 -14.28 -51.46 106.27
N ARG L 190 -13.25 -52.30 106.10
CA ARG L 190 -12.43 -52.71 107.23
C ARG L 190 -11.28 -51.74 107.43
N HIS L 191 -10.80 -51.14 106.35
CA HIS L 191 -9.68 -50.21 106.40
C HIS L 191 -10.10 -48.90 107.06
N SER L 192 -9.26 -48.43 107.97
CA SER L 192 -9.57 -47.26 108.77
C SER L 192 -9.09 -45.96 108.16
N SER L 193 -8.74 -45.95 106.88
CA SER L 193 -8.32 -44.74 106.18
C SER L 193 -9.47 -44.27 105.31
N TYR L 194 -10.13 -43.21 105.73
CA TYR L 194 -11.04 -42.47 104.88
C TYR L 194 -11.02 -41.00 105.28
N SER L 195 -10.10 -40.26 104.67
CA SER L 195 -10.00 -38.83 104.89
C SER L 195 -9.21 -38.24 103.74
N CYS L 196 -9.92 -37.64 102.80
CA CYS L 196 -9.31 -36.94 101.68
C CYS L 196 -8.88 -35.56 102.15
N GLN L 197 -7.59 -35.40 102.43
CA GLN L 197 -7.02 -34.09 102.68
C GLN L 197 -6.47 -33.58 101.36
N VAL L 198 -7.14 -32.57 100.80
CA VAL L 198 -6.70 -31.96 99.55
C VAL L 198 -5.75 -30.83 99.93
N THR L 199 -4.46 -31.04 99.70
CA THR L 199 -3.46 -30.00 99.85
C THR L 199 -3.57 -29.08 98.65
N HIS L 200 -4.50 -28.13 98.72
CA HIS L 200 -4.75 -27.15 97.68
C HIS L 200 -4.50 -25.76 98.26
N GLU L 201 -4.05 -24.85 97.40
CA GLU L 201 -3.70 -23.48 97.78
C GLU L 201 -2.49 -23.42 98.71
N GLY L 202 -1.65 -24.46 98.68
CA GLY L 202 -0.64 -24.68 99.69
C GLY L 202 -1.14 -25.46 100.90
N HIS L 203 -2.36 -25.19 101.35
CA HIS L 203 -2.87 -25.69 102.62
C HIS L 203 -3.63 -27.00 102.41
N THR L 204 -4.32 -27.44 103.45
CA THR L 204 -5.09 -28.68 103.41
C THR L 204 -6.54 -28.42 103.74
N VAL L 205 -7.43 -29.12 103.01
CA VAL L 205 -8.87 -29.08 103.25
C VAL L 205 -9.34 -30.52 103.37
N GLU L 206 -9.99 -30.86 104.48
CA GLU L 206 -10.26 -32.24 104.85
C GLU L 206 -11.70 -32.59 104.53
N LYS L 207 -11.90 -33.79 103.97
CA LYS L 207 -13.21 -34.38 103.76
C LYS L 207 -13.13 -35.82 104.24
N SER L 208 -13.69 -36.10 105.41
CA SER L 208 -13.59 -37.41 106.04
C SER L 208 -14.72 -38.29 105.56
N LEU L 209 -14.44 -39.58 105.38
CA LEU L 209 -15.46 -40.54 104.99
C LEU L 209 -16.22 -40.99 106.24
N SER L 210 -17.49 -41.32 106.04
CA SER L 210 -18.36 -41.73 107.13
C SER L 210 -18.45 -43.24 107.11
N ARG L 211 -17.46 -43.90 107.71
CA ARG L 211 -17.41 -45.36 107.71
C ARG L 211 -15.97 -45.86 107.47
N GLN M 1 22.85 42.95 -6.79
CA GLN M 1 22.57 41.52 -6.63
C GLN M 1 21.18 41.20 -7.14
N ILE M 2 20.48 40.32 -6.44
CA ILE M 2 19.15 39.88 -6.84
C ILE M 2 18.17 41.00 -6.52
N GLN M 3 17.88 41.83 -7.51
CA GLN M 3 16.89 42.88 -7.37
C GLN M 3 15.56 42.27 -7.76
N LEU M 4 14.93 41.58 -6.81
CA LEU M 4 13.56 41.09 -6.95
C LEU M 4 12.64 42.26 -6.66
N VAL M 5 12.53 43.18 -7.61
CA VAL M 5 11.87 44.46 -7.42
C VAL M 5 10.37 44.23 -7.45
N GLN M 6 9.77 44.23 -6.27
CA GLN M 6 8.33 44.15 -6.14
C GLN M 6 7.72 45.45 -6.62
N SER M 7 6.49 45.35 -7.11
CA SER M 7 5.71 46.50 -7.51
C SER M 7 4.98 47.08 -6.30
N GLY M 8 3.95 47.85 -6.58
CA GLY M 8 3.04 48.27 -5.53
C GLY M 8 2.23 47.10 -4.96
N ARG M 9 1.51 47.39 -3.89
CA ARG M 9 0.97 46.37 -3.01
C ARG M 9 -0.22 45.65 -3.65
N GLU M 10 -0.29 44.35 -3.41
CA GLU M 10 -1.32 43.52 -4.02
C GLU M 10 -2.57 43.52 -3.15
N VAL M 11 -3.58 44.25 -3.58
CA VAL M 11 -4.76 44.52 -2.78
C VAL M 11 -5.94 43.80 -3.39
N LYS M 12 -6.85 43.33 -2.54
CA LYS M 12 -8.05 42.64 -2.98
C LYS M 12 -9.02 42.59 -1.82
N ASN M 13 -10.13 41.86 -1.99
CA ASN M 13 -11.17 41.81 -0.98
C ASN M 13 -10.81 40.76 0.07
N PRO M 14 -11.64 40.57 1.08
CA PRO M 14 -11.37 39.50 2.07
C PRO M 14 -11.65 38.14 1.45
N GLY M 15 -10.57 37.47 1.03
CA GLY M 15 -10.62 36.38 0.08
C GLY M 15 -9.97 36.71 -1.25
N GLU M 16 -9.77 38.00 -1.55
CA GLU M 16 -9.16 38.42 -2.81
C GLU M 16 -7.64 38.34 -2.70
N THR M 17 -6.97 38.22 -3.85
CA THR M 17 -5.52 38.05 -3.90
C THR M 17 -4.94 38.79 -5.09
N VAL M 18 -3.68 38.50 -5.38
CA VAL M 18 -2.95 39.13 -6.47
C VAL M 18 -1.72 38.30 -6.82
N LYS M 19 -1.23 38.46 -8.04
CA LYS M 19 0.02 37.84 -8.48
C LYS M 19 1.14 38.82 -8.12
N ILE M 20 1.62 38.76 -6.87
CA ILE M 20 2.60 39.69 -6.34
C ILE M 20 3.94 39.39 -7.00
N SER M 21 4.28 40.19 -7.99
CA SER M 21 5.48 39.98 -8.78
C SER M 21 6.62 40.87 -8.31
N CYS M 22 7.76 40.23 -8.06
CA CYS M 22 9.05 40.92 -8.02
C CYS M 22 9.66 40.63 -9.38
N LYS M 23 9.85 41.66 -10.19
CA LYS M 23 10.57 41.55 -11.44
C LYS M 23 12.03 41.27 -11.08
N ALA M 24 12.58 40.19 -11.62
CA ALA M 24 13.94 39.79 -11.31
C ALA M 24 14.92 40.55 -12.19
N SER M 25 15.45 41.65 -11.66
CA SER M 25 16.41 42.47 -12.37
C SER M 25 17.71 42.54 -11.56
N GLY M 26 18.82 42.49 -12.28
CA GLY M 26 20.14 42.59 -11.70
C GLY M 26 20.75 41.28 -11.27
N TYR M 27 19.95 40.31 -10.85
CA TYR M 27 20.43 39.08 -10.28
C TYR M 27 20.66 38.06 -11.38
N THR M 28 20.79 36.79 -10.97
CA THR M 28 20.82 35.67 -11.88
C THR M 28 19.40 35.54 -12.41
N PHE M 29 19.14 36.18 -13.54
CA PHE M 29 17.82 36.30 -14.15
C PHE M 29 17.33 34.95 -14.63
N THR M 30 18.18 34.21 -15.32
CA THR M 30 17.91 32.80 -15.59
C THR M 30 18.96 31.89 -14.97
N GLU M 31 19.75 32.37 -14.00
CA GLU M 31 20.88 31.62 -13.50
C GLU M 31 21.13 31.75 -11.99
N TYR M 32 20.22 32.37 -11.24
CA TYR M 32 20.49 32.50 -9.83
C TYR M 32 19.24 32.22 -9.01
N PRO M 33 19.36 31.56 -7.87
CA PRO M 33 18.22 31.34 -6.99
C PRO M 33 17.83 32.63 -6.29
N MET M 34 16.69 32.56 -5.60
CA MET M 34 16.05 33.73 -5.01
C MET M 34 15.53 33.32 -3.63
N LEU M 35 15.77 34.17 -2.64
CA LEU M 35 15.02 34.09 -1.39
C LEU M 35 13.94 35.16 -1.42
N TRP M 36 12.72 34.76 -1.78
CA TRP M 36 11.65 35.72 -1.96
C TRP M 36 10.68 35.53 -0.81
N VAL M 37 11.03 36.11 0.32
CA VAL M 37 10.37 35.85 1.59
C VAL M 37 9.10 36.70 1.68
N LYS M 38 8.29 36.41 2.67
CA LYS M 38 7.06 37.15 2.93
C LYS M 38 7.29 38.03 4.14
N GLN M 39 7.21 39.34 3.95
CA GLN M 39 7.48 40.33 4.98
C GLN M 39 6.32 40.32 5.97
N ALA M 40 6.43 39.49 6.99
CA ALA M 40 5.49 39.49 8.11
C ALA M 40 5.76 40.71 8.98
N PRO M 41 4.78 41.13 9.81
CA PRO M 41 5.05 42.22 10.74
C PRO M 41 6.03 41.84 11.84
N GLY M 42 5.78 40.71 12.51
CA GLY M 42 6.62 40.29 13.61
C GLY M 42 7.68 39.28 13.21
N LYS M 43 7.44 38.54 12.13
CA LYS M 43 8.38 37.53 11.67
C LYS M 43 9.39 38.13 10.71
N GLY M 44 9.16 39.36 10.28
CA GLY M 44 10.00 40.00 9.28
C GLY M 44 9.79 39.37 7.92
N PHE M 45 10.81 39.44 7.08
CA PHE M 45 10.82 38.72 5.81
C PHE M 45 11.00 37.24 6.11
N ARG M 46 9.89 36.55 6.34
CA ARG M 46 9.88 35.21 6.89
C ARG M 46 9.66 34.23 5.76
N TRP M 47 9.08 33.08 6.08
CA TRP M 47 8.79 32.10 5.05
C TRP M 47 7.62 32.56 4.20
N MET M 48 7.93 33.28 3.12
CA MET M 48 7.04 33.36 1.98
C MET M 48 7.63 32.57 0.82
N GLY M 49 8.89 32.24 0.90
CA GLY M 49 9.49 31.27 0.01
C GLY M 49 10.84 31.75 -0.49
N LEU M 50 11.35 30.97 -1.42
CA LEU M 50 12.61 31.27 -2.08
C LEU M 50 12.28 31.47 -3.56
N ILE M 51 12.26 32.72 -3.97
CA ILE M 51 11.95 33.09 -5.34
C ILE M 51 13.19 32.78 -6.15
N TYR M 52 13.22 31.59 -6.73
CA TYR M 52 14.32 31.18 -7.58
C TYR M 52 14.20 31.89 -8.91
N THR M 53 15.11 32.82 -9.17
CA THR M 53 15.09 33.51 -10.46
C THR M 53 15.63 32.56 -11.52
N ASN M 54 16.61 31.73 -11.14
CA ASN M 54 17.31 30.82 -12.04
C ASN M 54 16.42 29.75 -12.64
N THR M 55 15.49 29.22 -11.86
CA THR M 55 14.69 28.11 -12.36
C THR M 55 13.32 28.57 -12.87
N GLY M 56 12.70 29.55 -12.23
CA GLY M 56 11.36 29.95 -12.57
C GLY M 56 10.30 29.61 -11.55
N GLU M 57 10.62 28.75 -10.60
CA GLU M 57 9.68 28.45 -9.52
C GLU M 57 10.30 28.86 -8.19
N PRO M 58 9.59 29.63 -7.36
CA PRO M 58 10.04 29.84 -6.00
C PRO M 58 9.45 28.77 -5.08
N THR M 59 10.28 28.36 -4.13
CA THR M 59 9.86 27.48 -3.05
C THR M 59 8.90 28.27 -2.16
N TYR M 60 7.94 27.57 -1.57
CA TYR M 60 6.89 28.23 -0.82
C TYR M 60 7.30 28.33 0.64
N ALA M 61 6.72 29.31 1.32
CA ALA M 61 6.93 29.41 2.75
C ALA M 61 5.92 28.52 3.47
N GLU M 62 6.18 28.31 4.77
CA GLU M 62 5.27 27.49 5.57
C GLU M 62 3.96 28.22 5.82
N GLU M 63 4.04 29.47 6.26
CA GLU M 63 2.85 30.32 6.25
C GLU M 63 2.61 30.91 4.87
N PHE M 64 3.65 30.96 4.02
CA PHE M 64 3.54 31.51 2.68
C PHE M 64 2.70 30.67 1.74
N LYS M 65 2.57 29.37 2.00
CA LYS M 65 1.75 28.49 1.16
C LYS M 65 0.28 28.74 1.46
N GLY M 66 -0.59 28.27 0.58
CA GLY M 66 -2.00 28.57 0.68
C GLY M 66 -2.42 29.31 -0.56
N ARG M 67 -2.71 30.60 -0.41
CA ARG M 67 -2.82 31.47 -1.56
C ARG M 67 -1.50 31.62 -2.31
N PHE M 68 -0.44 32.03 -1.61
CA PHE M 68 0.85 32.39 -2.20
C PHE M 68 1.57 31.16 -2.73
N VAL M 69 1.70 31.09 -4.05
CA VAL M 69 2.46 30.07 -4.75
C VAL M 69 3.44 30.83 -5.64
N PHE M 70 4.72 30.70 -5.35
CA PHE M 70 5.74 31.45 -6.07
C PHE M 70 6.09 30.71 -7.36
N SER M 71 5.85 31.39 -8.48
CA SER M 71 6.31 30.93 -9.78
C SER M 71 7.02 32.11 -10.44
N LEU M 72 7.33 31.98 -11.73
CA LEU M 72 7.88 33.13 -12.42
C LEU M 72 8.25 32.81 -13.86
N GLU M 73 8.33 33.87 -14.66
CA GLU M 73 9.02 33.85 -15.95
C GLU M 73 10.50 33.69 -15.64
N ILE M 74 10.99 32.47 -15.87
CA ILE M 74 12.34 32.07 -15.49
C ILE M 74 13.38 32.64 -16.46
N SER M 75 12.94 33.00 -17.66
CA SER M 75 13.86 33.60 -18.62
C SER M 75 14.28 35.02 -18.23
N ALA M 76 13.31 35.86 -17.84
CA ALA M 76 13.61 37.18 -17.29
C ALA M 76 13.63 37.15 -15.77
N SER M 77 13.13 36.07 -15.17
CA SER M 77 13.17 35.89 -13.71
C SER M 77 12.11 36.71 -12.99
N THR M 78 11.10 37.16 -13.73
CA THR M 78 9.99 37.91 -13.15
C THR M 78 9.14 36.93 -12.36
N ALA M 79 9.17 37.03 -11.04
CA ALA M 79 8.61 36.02 -10.17
C ALA M 79 7.35 36.55 -9.52
N TYR M 80 6.29 35.75 -9.62
CA TYR M 80 5.01 36.13 -9.05
C TYR M 80 4.64 35.10 -7.99
N LEU M 81 4.64 35.56 -6.74
CA LEU M 81 3.92 34.87 -5.68
C LEU M 81 2.45 35.13 -5.95
N GLN M 82 1.82 34.23 -6.69
CA GLN M 82 0.40 34.35 -7.02
C GLN M 82 -0.35 34.04 -5.74
N ILE M 83 -1.47 34.73 -5.52
CA ILE M 83 -2.22 34.63 -4.27
C ILE M 83 -3.71 34.64 -4.59
N ASN M 84 -4.35 33.51 -4.40
CA ASN M 84 -5.80 33.40 -4.53
C ASN M 84 -6.39 32.75 -3.27
N ASN M 85 -7.46 33.35 -2.76
CA ASN M 85 -8.10 32.90 -1.54
C ASN M 85 -7.30 33.30 -0.29
N LEU M 86 -6.60 34.43 -0.42
CA LEU M 86 -5.91 35.00 0.73
C LEU M 86 -6.90 35.83 1.53
N THR M 87 -7.06 35.50 2.80
CA THR M 87 -8.04 36.11 3.68
C THR M 87 -7.54 37.43 4.25
N ASN M 88 -8.18 37.86 5.34
CA ASN M 88 -7.80 39.11 6.02
C ASN M 88 -6.46 39.02 6.75
N GLU M 89 -5.92 37.80 6.91
CA GLU M 89 -4.63 37.58 7.54
C GLU M 89 -3.45 37.65 6.56
N ASP M 90 -3.56 38.39 5.46
CA ASP M 90 -2.50 38.48 4.47
C ASP M 90 -1.97 39.89 4.26
N THR M 91 -2.37 40.86 5.09
CA THR M 91 -1.93 42.23 4.91
C THR M 91 -0.54 42.43 5.52
N ALA M 92 0.47 42.45 4.66
CA ALA M 92 1.86 42.62 5.08
C ALA M 92 2.73 42.69 3.83
N THR M 93 4.03 42.88 3.98
CA THR M 93 4.93 42.98 2.84
C THR M 93 5.25 41.59 2.31
N TYR M 94 5.93 41.54 1.17
CA TYR M 94 6.55 40.33 0.66
C TYR M 94 7.84 40.76 -0.01
N PHE M 95 8.97 40.46 0.62
CA PHE M 95 10.25 41.04 0.27
C PHE M 95 11.09 40.06 -0.53
N CYS M 96 11.56 40.50 -1.68
CA CYS M 96 12.44 39.68 -2.49
C CYS M 96 13.85 39.74 -1.92
N VAL M 97 14.69 38.82 -2.39
CA VAL M 97 16.11 38.84 -2.08
C VAL M 97 16.81 37.87 -3.01
N ARG M 98 18.09 38.12 -3.25
CA ARG M 98 18.92 37.29 -4.11
C ARG M 98 19.42 36.09 -3.32
N ASP M 99 18.93 34.92 -3.68
CA ASP M 99 19.37 33.67 -3.06
C ASP M 99 20.68 33.28 -3.72
N TYR M 100 21.77 33.91 -3.30
CA TYR M 100 23.12 33.66 -3.76
C TYR M 100 24.02 34.06 -2.60
N PHE M 101 24.83 33.11 -2.13
CA PHE M 101 25.30 33.18 -0.76
C PHE M 101 24.09 33.10 0.17
N ILE M 102 23.54 31.88 0.31
CA ILE M 102 22.13 31.53 0.37
C ILE M 102 21.13 32.37 1.17
N SER M 103 21.60 33.25 2.06
CA SER M 103 20.75 34.33 2.56
C SER M 103 20.55 35.44 1.51
N LEU M 104 19.94 36.55 1.91
CA LEU M 104 19.51 37.60 0.99
C LEU M 104 20.73 38.35 0.47
N ASP M 105 21.36 37.77 -0.57
CA ASP M 105 22.61 38.26 -1.12
C ASP M 105 22.43 39.46 -2.04
N TYR M 106 21.20 39.76 -2.41
CA TYR M 106 20.85 41.01 -3.07
C TYR M 106 19.50 41.48 -2.52
N TRP M 107 19.33 42.78 -2.40
CA TRP M 107 18.08 43.34 -1.92
C TRP M 107 17.02 43.29 -3.03
N GLY M 108 15.91 42.65 -2.74
CA GLY M 108 14.74 42.70 -3.60
C GLY M 108 13.68 43.62 -3.04
N GLN M 109 12.77 44.05 -3.94
CA GLN M 109 11.88 45.15 -3.61
C GLN M 109 10.75 44.74 -2.67
N GLY M 110 9.87 43.87 -3.09
CA GLY M 110 8.81 43.46 -2.21
C GLY M 110 7.57 44.32 -2.35
N THR M 111 6.41 43.66 -2.30
CA THR M 111 5.12 44.34 -2.46
C THR M 111 4.26 44.02 -1.25
N THR M 112 3.47 45.00 -0.80
CA THR M 112 2.62 44.84 0.37
C THR M 112 1.23 44.40 -0.07
N LEU M 113 0.86 43.18 0.31
CA LEU M 113 -0.42 42.61 -0.04
C LEU M 113 -1.43 42.84 1.08
N THR M 114 -2.67 43.11 0.71
CA THR M 114 -3.78 43.25 1.65
C THR M 114 -5.01 42.59 1.03
N VAL M 115 -5.37 41.41 1.53
CA VAL M 115 -6.60 40.76 1.12
C VAL M 115 -7.70 41.21 2.08
N SER M 116 -8.26 42.39 1.84
CA SER M 116 -9.31 42.94 2.69
C SER M 116 -10.09 44.01 1.95
N SER M 117 -11.43 43.89 1.93
CA SER M 117 -12.26 44.79 1.13
C SER M 117 -12.52 46.10 1.87
N ALA M 118 -13.13 47.05 1.16
CA ALA M 118 -13.43 48.36 1.72
C ALA M 118 -14.45 49.08 0.84
N LYS M 119 -14.68 50.37 1.10
CA LYS M 119 -15.46 51.17 0.18
C LYS M 119 -14.62 51.45 -1.06
N THR M 120 -15.13 51.08 -2.23
CA THR M 120 -14.39 51.18 -3.49
C THR M 120 -14.58 52.58 -4.04
N THR M 121 -13.64 53.47 -3.73
CA THR M 121 -13.71 54.86 -4.16
C THR M 121 -12.29 55.33 -4.48
N ALA M 122 -12.16 56.13 -5.53
CA ALA M 122 -10.85 56.59 -5.94
C ALA M 122 -10.39 57.76 -5.07
N PRO M 123 -9.12 58.13 -5.13
CA PRO M 123 -8.63 59.28 -4.37
C PRO M 123 -8.95 60.59 -5.07
N SER M 124 -8.95 61.66 -4.27
CA SER M 124 -9.02 63.02 -4.78
C SER M 124 -7.62 63.63 -4.70
N VAL M 125 -7.07 64.00 -5.85
CA VAL M 125 -5.70 64.50 -5.94
C VAL M 125 -5.74 66.01 -6.12
N TYR M 126 -5.34 66.74 -5.07
CA TYR M 126 -5.41 68.18 -5.05
C TYR M 126 -4.04 68.80 -4.81
N PRO M 127 -3.61 69.72 -5.66
CA PRO M 127 -2.54 70.64 -5.25
C PRO M 127 -3.16 71.84 -4.56
N LEU M 128 -2.47 72.33 -3.55
CA LEU M 128 -3.01 73.38 -2.69
C LEU M 128 -2.12 74.61 -2.81
N ALA M 129 -2.75 75.78 -2.80
CA ALA M 129 -2.06 77.05 -2.75
C ALA M 129 -1.66 77.39 -1.32
N PRO M 130 -1.06 78.55 -1.11
CA PRO M 130 -0.46 78.87 0.19
C PRO M 130 -1.47 79.24 1.28
N VAL M 131 -0.93 79.77 2.36
CA VAL M 131 -1.66 80.26 3.53
C VAL M 131 -2.67 81.33 3.16
N CYS M 132 -3.90 81.23 3.71
CA CYS M 132 -4.98 82.16 3.42
C CYS M 132 -4.69 83.58 3.88
N GLY M 133 -3.86 83.76 4.90
CA GLY M 133 -3.17 85.02 5.13
C GLY M 133 -1.73 84.92 4.69
N GLY M 134 -1.43 85.53 3.55
CA GLY M 134 -0.08 85.48 3.02
C GLY M 134 0.25 84.21 2.25
N THR M 135 1.02 83.31 2.88
CA THR M 135 1.54 82.11 2.21
C THR M 135 2.75 82.45 1.34
N THR M 136 3.57 83.35 1.87
CA THR M 136 4.76 83.86 1.20
C THR M 136 5.86 83.96 2.25
N GLY M 137 7.01 83.34 1.95
CA GLY M 137 8.19 83.44 2.79
C GLY M 137 9.40 83.66 1.92
N SER M 138 10.43 82.83 2.15
CA SER M 138 11.49 82.72 1.17
C SER M 138 11.00 82.08 -0.12
N SER M 139 10.01 81.20 -0.03
CA SER M 139 9.29 80.69 -1.19
C SER M 139 7.80 80.70 -0.87
N VAL M 140 7.01 79.92 -1.61
CA VAL M 140 5.59 79.82 -1.36
C VAL M 140 5.31 78.46 -0.76
N THR M 141 4.52 78.44 0.31
CA THR M 141 4.23 77.23 1.06
C THR M 141 2.85 76.71 0.68
N LEU M 142 2.77 76.04 -0.47
CA LEU M 142 1.58 75.35 -0.95
C LEU M 142 1.54 73.94 -0.39
N GLY M 143 0.75 73.08 -1.02
CA GLY M 143 0.68 71.70 -0.59
C GLY M 143 0.38 70.74 -1.73
N CYS M 144 0.48 69.45 -1.41
CA CYS M 144 0.12 68.41 -2.36
C CYS M 144 -0.52 67.26 -1.59
N LEU M 145 -1.71 66.82 -2.01
CA LEU M 145 -2.44 65.78 -1.27
C LEU M 145 -3.18 64.84 -2.22
N VAL M 146 -3.21 63.57 -1.86
CA VAL M 146 -4.12 62.57 -2.45
C VAL M 146 -4.95 62.03 -1.30
N LYS M 147 -6.20 62.48 -1.18
CA LYS M 147 -7.03 62.24 -0.01
C LYS M 147 -8.35 61.58 -0.39
N GLY M 148 -8.71 60.55 0.38
CA GLY M 148 -10.00 59.89 0.28
C GLY M 148 -10.06 58.73 -0.69
N TYR M 149 -9.07 57.84 -0.65
CA TYR M 149 -8.96 56.74 -1.60
C TYR M 149 -9.20 55.41 -0.89
N PHE M 150 -10.14 54.64 -1.41
CA PHE M 150 -10.47 53.36 -0.79
C PHE M 150 -10.41 52.24 -1.81
N PRO M 151 -9.47 51.28 -1.68
CA PRO M 151 -8.41 51.01 -0.71
C PRO M 151 -7.21 51.94 -0.90
N GLU M 152 -6.19 51.80 -0.07
CA GLU M 152 -5.05 52.69 -0.16
C GLU M 152 -4.16 52.32 -1.34
N PRO M 153 -3.22 53.22 -1.71
CA PRO M 153 -3.04 54.58 -1.22
C PRO M 153 -3.33 55.64 -2.27
N VAL M 154 -3.29 56.92 -1.87
CA VAL M 154 -3.23 58.04 -2.78
C VAL M 154 -2.06 58.92 -2.36
N THR M 155 -1.09 59.06 -3.26
CA THR M 155 0.12 59.84 -3.01
C THR M 155 0.05 61.15 -3.80
N LEU M 156 0.52 62.23 -3.18
CA LEU M 156 0.48 63.56 -3.77
C LEU M 156 1.89 64.11 -3.89
N THR M 157 2.46 64.02 -5.08
CA THR M 157 3.82 64.47 -5.33
C THR M 157 3.78 65.84 -6.01
N TRP M 158 4.71 66.71 -5.61
CA TRP M 158 4.70 68.10 -6.02
C TRP M 158 5.21 68.24 -7.45
N ASN M 159 4.85 69.34 -8.10
CA ASN M 159 5.32 69.67 -9.45
C ASN M 159 4.65 68.78 -10.50
N SER M 160 3.45 68.31 -10.18
CA SER M 160 2.78 67.29 -10.96
C SER M 160 3.48 65.95 -10.87
N GLY M 161 4.13 65.68 -9.74
CA GLY M 161 4.93 64.50 -9.56
C GLY M 161 6.41 64.69 -9.84
N SER M 162 6.80 65.76 -10.54
CA SER M 162 8.19 65.95 -10.89
C SER M 162 8.93 66.85 -9.92
N LEU M 163 8.28 67.89 -9.40
CA LEU M 163 8.92 68.90 -8.56
C LEU M 163 8.68 68.49 -7.10
N SER M 164 9.24 67.35 -6.72
CA SER M 164 9.22 66.89 -5.35
C SER M 164 10.27 67.55 -4.48
N SER M 165 11.17 68.35 -5.07
CA SER M 165 12.04 69.21 -4.28
C SER M 165 11.21 70.32 -3.66
N GLY M 166 11.08 70.28 -2.34
CA GLY M 166 10.23 71.20 -1.62
C GLY M 166 8.89 70.62 -1.24
N VAL M 167 8.40 69.63 -1.99
CA VAL M 167 7.14 68.98 -1.69
C VAL M 167 7.43 67.81 -0.75
N HIS M 168 7.34 68.08 0.55
CA HIS M 168 7.56 67.08 1.59
C HIS M 168 6.20 66.43 1.85
N THR M 169 6.07 65.19 1.38
CA THR M 169 4.86 64.41 1.52
C THR M 169 5.01 63.49 2.73
N PHE M 170 3.94 63.35 3.47
CA PHE M 170 3.78 62.33 4.49
C PHE M 170 3.16 61.10 3.85
N PRO M 171 3.35 59.93 4.43
CA PRO M 171 2.84 58.70 3.79
C PRO M 171 1.34 58.59 3.93
N ALA M 172 0.74 57.71 3.13
CA ALA M 172 -0.70 57.55 3.12
C ALA M 172 -1.17 56.82 4.37
N LEU M 173 -2.39 57.10 4.79
CA LEU M 173 -3.02 56.40 5.90
C LEU M 173 -4.43 56.00 5.49
N LEU M 174 -4.96 54.97 6.11
CA LEU M 174 -6.38 54.67 6.02
C LEU M 174 -7.09 55.47 7.11
N GLN M 175 -7.47 56.70 6.77
CA GLN M 175 -8.25 57.54 7.68
C GLN M 175 -9.70 57.38 7.26
N SER M 176 -10.48 56.72 8.12
CA SER M 176 -11.86 56.32 7.81
C SER M 176 -11.92 55.27 6.69
N GLY M 177 -10.84 54.49 6.55
CA GLY M 177 -10.66 53.63 5.40
C GLY M 177 -10.34 54.33 4.11
N LEU M 178 -10.09 55.64 4.13
CA LEU M 178 -9.79 56.40 2.93
C LEU M 178 -8.32 56.79 2.96
N TYR M 179 -7.65 56.60 1.81
CA TYR M 179 -6.22 56.87 1.68
C TYR M 179 -5.99 58.38 1.72
N THR M 180 -5.49 58.85 2.84
CA THR M 180 -5.15 60.24 3.06
C THR M 180 -3.64 60.37 3.11
N LEU M 181 -3.07 60.99 2.08
CA LEU M 181 -1.67 61.37 2.06
C LEU M 181 -1.58 62.82 1.64
N SER M 182 -0.67 63.56 2.26
CA SER M 182 -0.58 64.97 1.99
C SER M 182 0.88 65.39 2.07
N SER M 183 1.11 66.69 2.00
CA SER M 183 2.46 67.19 2.17
C SER M 183 2.49 68.70 2.00
N SER M 184 3.44 69.31 2.70
CA SER M 184 3.73 70.71 2.52
C SER M 184 4.57 70.84 1.26
N VAL M 185 4.46 71.98 0.61
CA VAL M 185 5.22 72.25 -0.59
C VAL M 185 5.80 73.63 -0.43
N THR M 186 6.94 73.71 0.24
CA THR M 186 7.65 74.96 0.39
C THR M 186 8.53 75.08 -0.84
N VAL M 187 7.92 75.50 -1.95
CA VAL M 187 8.65 75.69 -3.19
C VAL M 187 9.35 77.03 -3.06
N THR M 188 10.35 77.24 -3.91
CA THR M 188 11.12 78.49 -3.85
C THR M 188 10.35 79.62 -4.51
N SER M 189 11.04 80.76 -4.65
CA SER M 189 10.46 81.92 -5.33
C SER M 189 10.22 81.65 -6.80
N ASN M 190 11.12 80.91 -7.44
CA ASN M 190 10.83 80.37 -8.76
C ASN M 190 10.27 78.96 -8.68
N THR M 191 10.19 78.37 -7.48
CA THR M 191 9.47 77.11 -7.32
C THR M 191 7.98 77.35 -7.15
N TRP M 192 7.59 78.06 -6.08
CA TRP M 192 6.19 78.19 -5.70
C TRP M 192 5.81 79.64 -5.39
N PRO M 193 4.81 80.20 -6.09
CA PRO M 193 4.09 79.63 -7.24
C PRO M 193 4.74 80.13 -8.53
N SER M 194 6.07 80.23 -8.52
CA SER M 194 6.79 80.76 -9.67
C SER M 194 6.80 79.75 -10.82
N GLN M 195 7.32 78.56 -10.58
CA GLN M 195 7.25 77.49 -11.55
C GLN M 195 6.03 76.63 -11.25
N THR M 196 5.77 75.67 -12.13
CA THR M 196 4.69 74.73 -11.89
C THR M 196 5.11 73.72 -10.82
N ILE M 197 4.98 74.13 -9.56
CA ILE M 197 5.16 73.26 -8.41
C ILE M 197 3.77 73.08 -7.82
N THR M 198 3.08 72.05 -8.26
CA THR M 198 1.72 71.76 -7.84
C THR M 198 1.61 70.30 -7.46
N CYS M 199 0.70 69.99 -6.57
CA CYS M 199 0.54 68.62 -6.08
C CYS M 199 -0.30 67.83 -7.07
N ASN M 200 0.34 66.85 -7.71
CA ASN M 200 -0.34 65.84 -8.50
C ASN M 200 -0.55 64.63 -7.60
N VAL M 201 -1.82 64.29 -7.36
CA VAL M 201 -2.20 63.21 -6.45
C VAL M 201 -2.82 62.10 -7.28
N ALA M 202 -2.34 60.87 -7.05
CA ALA M 202 -2.82 59.67 -7.71
C ALA M 202 -3.26 58.66 -6.67
N HIS M 203 -4.32 57.92 -6.97
CA HIS M 203 -4.92 56.97 -6.04
C HIS M 203 -5.10 55.62 -6.73
N PRO M 204 -4.61 54.53 -6.13
CA PRO M 204 -4.78 53.22 -6.77
C PRO M 204 -6.03 52.46 -6.34
N ALA M 205 -6.79 52.99 -5.37
CA ALA M 205 -8.03 52.35 -4.96
C ALA M 205 -9.10 52.46 -6.04
N SER M 206 -9.04 53.52 -6.84
CA SER M 206 -9.80 53.63 -8.08
C SER M 206 -8.93 53.99 -9.27
N SER M 207 -7.64 54.29 -9.04
CA SER M 207 -6.71 54.66 -10.11
C SER M 207 -6.98 56.06 -10.65
N THR M 208 -7.29 57.00 -9.75
CA THR M 208 -7.65 58.36 -10.13
C THR M 208 -6.47 59.29 -9.83
N LYS M 209 -5.97 59.95 -10.87
CA LYS M 209 -4.82 60.85 -10.74
C LYS M 209 -5.18 62.19 -11.35
N VAL M 210 -4.85 63.27 -10.63
CA VAL M 210 -5.13 64.64 -11.08
C VAL M 210 -4.06 65.56 -10.47
N ASP M 211 -3.80 66.69 -11.15
CA ASP M 211 -2.77 67.64 -10.73
C ASP M 211 -3.40 69.01 -10.44
N LYS M 212 -3.07 69.59 -9.29
CA LYS M 212 -3.50 70.93 -8.90
C LYS M 212 -2.28 71.80 -8.67
N LYS M 213 -2.40 73.10 -8.94
CA LYS M 213 -1.26 74.02 -8.88
C LYS M 213 -1.06 74.56 -7.47
N ILE M 214 0.19 74.79 -7.11
CA ILE M 214 0.56 75.34 -5.79
C ILE M 214 1.07 76.76 -5.97
N GLU M 215 0.18 77.74 -5.79
CA GLU M 215 0.55 79.15 -5.88
C GLU M 215 0.68 79.76 -4.49
N SER M 216 0.77 81.08 -4.44
CA SER M 216 0.62 81.79 -3.18
C SER M 216 -0.84 81.78 -2.75
N ARG M 217 -1.07 81.96 -1.45
CA ARG M 217 -2.42 81.91 -0.92
C ARG M 217 -3.24 83.16 -1.22
N ARG M 218 -2.61 84.23 -1.66
CA ARG M 218 -3.33 85.41 -2.13
C ARG M 218 -3.73 85.28 -3.60
N GLN N 1 10.84 32.15 12.31
CA GLN N 1 11.39 30.88 12.74
C GLN N 1 12.91 30.83 12.54
N ALA N 2 13.41 31.64 11.61
CA ALA N 2 14.84 31.66 11.37
C ALA N 2 15.37 33.03 11.74
N VAL N 3 15.26 33.35 13.02
CA VAL N 3 15.74 34.60 13.58
C VAL N 3 16.48 34.20 14.85
N VAL N 4 17.80 34.36 14.85
CA VAL N 4 18.66 33.86 15.92
C VAL N 4 18.57 34.79 17.13
N THR N 5 19.03 34.29 18.28
CA THR N 5 19.21 35.09 19.48
C THR N 5 20.66 35.56 19.55
N GLN N 6 20.85 36.86 19.68
CA GLN N 6 22.17 37.46 19.55
C GLN N 6 22.23 38.69 20.42
N GLU N 7 23.16 39.58 20.13
CA GLU N 7 22.97 40.95 20.57
C GLU N 7 21.77 41.52 19.83
N SER N 8 20.61 41.47 20.50
CA SER N 8 19.33 41.76 19.86
C SER N 8 19.13 43.26 19.73
N ALA N 9 19.79 44.03 20.58
CA ALA N 9 19.87 45.47 20.39
C ALA N 9 21.33 45.81 20.20
N LEU N 10 21.69 46.18 18.97
CA LEU N 10 23.04 46.59 18.66
C LEU N 10 23.02 48.08 18.35
N THR N 11 23.13 48.88 19.41
CA THR N 11 23.17 50.34 19.27
C THR N 11 24.60 50.73 18.95
N THR N 12 24.80 51.24 17.74
CA THR N 12 26.11 51.72 17.33
C THR N 12 26.15 53.22 17.54
N SER N 13 27.29 53.82 17.22
CA SER N 13 27.54 55.26 17.21
C SER N 13 27.53 55.76 15.77
N PRO N 14 27.76 57.05 15.55
CA PRO N 14 27.99 57.53 14.19
C PRO N 14 29.34 57.03 13.70
N GLY N 15 29.31 56.09 12.77
CA GLY N 15 30.48 55.30 12.43
C GLY N 15 30.71 54.13 13.34
N GLU N 16 29.73 53.77 14.15
CA GLU N 16 29.90 52.84 15.26
C GLU N 16 29.51 51.42 14.90
N THR N 17 29.57 50.55 15.90
CA THR N 17 29.44 49.11 15.73
C THR N 17 28.25 48.57 16.52
N VAL N 18 27.41 47.80 15.83
CA VAL N 18 26.51 46.84 16.46
C VAL N 18 27.07 45.45 16.20
N THR N 19 27.84 44.93 17.15
CA THR N 19 28.46 43.62 17.01
C THR N 19 27.52 42.56 17.51
N LEU N 20 26.47 42.27 16.73
CA LEU N 20 25.51 41.25 17.09
C LEU N 20 26.10 39.88 16.80
N THR N 21 26.43 39.14 17.87
CA THR N 21 26.92 37.78 17.75
C THR N 21 25.73 36.82 17.79
N CYS N 22 25.17 36.57 16.61
CA CYS N 22 23.82 36.01 16.46
C CYS N 22 23.87 34.49 16.51
N ARG N 23 23.77 33.92 17.70
CA ARG N 23 23.63 32.48 17.88
C ARG N 23 22.19 32.09 17.56
N SER N 24 21.89 30.81 17.67
CA SER N 24 20.53 30.33 17.49
C SER N 24 19.69 30.74 18.69
N ASN N 25 18.37 30.74 18.51
CA ASN N 25 17.45 30.89 19.64
C ASN N 25 17.50 29.69 20.58
N ILE N 26 17.96 28.54 20.10
CA ILE N 26 18.34 27.44 21.00
C ILE N 26 19.85 27.30 21.18
N GLY N 27 20.63 27.20 20.11
CA GLY N 27 22.01 26.77 20.24
C GLY N 27 22.82 27.03 19.00
N ALA N 28 23.51 25.99 18.54
CA ALA N 28 24.53 26.14 17.51
C ALA N 28 23.90 26.32 16.12
N VAL N 29 24.53 27.19 15.33
CA VAL N 29 24.15 27.39 13.93
C VAL N 29 25.42 27.64 13.12
N THR N 30 25.28 27.73 11.80
CA THR N 30 26.42 27.98 10.93
C THR N 30 26.19 29.27 10.17
N SER N 31 27.28 29.95 9.81
CA SER N 31 27.16 31.12 8.95
C SER N 31 26.82 30.74 7.53
N SER N 32 27.52 29.74 6.97
CA SER N 32 27.16 29.10 5.72
C SER N 32 26.02 28.10 5.88
N ASN N 33 25.59 27.84 7.12
CA ASN N 33 24.40 27.04 7.38
C ASN N 33 23.12 27.88 7.40
N CYS N 34 23.13 29.04 6.74
CA CYS N 34 21.96 29.86 6.51
C CYS N 34 21.68 30.81 7.66
N ALA N 35 22.53 30.76 8.68
CA ALA N 35 22.50 31.78 9.73
C ALA N 35 23.21 33.02 9.22
N ASN N 36 22.45 33.97 8.68
CA ASN N 36 23.00 35.20 8.17
C ASN N 36 23.20 36.17 9.33
N TRP N 37 24.01 37.20 9.13
CA TRP N 37 24.07 38.29 10.09
C TRP N 37 23.90 39.59 9.34
N VAL N 38 22.65 39.91 9.01
CA VAL N 38 22.36 40.95 8.04
C VAL N 38 21.57 42.05 8.71
N GLN N 39 21.79 43.27 8.27
CA GLN N 39 21.13 44.45 8.82
C GLN N 39 20.21 45.08 7.79
N GLU N 40 18.93 44.75 7.86
CA GLU N 40 17.92 45.26 6.92
C GLU N 40 17.56 46.68 7.34
N LYS N 41 17.72 47.63 6.44
CA LYS N 41 17.70 49.04 6.80
C LYS N 41 16.28 49.58 6.91
N PRO N 42 16.15 50.85 7.28
CA PRO N 42 14.81 51.45 7.38
C PRO N 42 14.27 51.81 6.01
N ASP N 43 12.98 52.15 5.98
CA ASP N 43 12.28 52.43 4.73
C ASP N 43 11.89 51.16 3.98
N HIS N 44 11.89 50.01 4.68
CA HIS N 44 11.54 48.72 4.08
C HIS N 44 12.58 48.27 3.06
N PHE N 45 13.83 48.18 3.51
CA PHE N 45 14.97 47.95 2.62
C PHE N 45 15.68 46.67 3.03
N PHE N 46 15.92 45.79 2.06
CA PHE N 46 16.83 44.68 2.24
C PHE N 46 18.25 45.26 2.32
N THR N 47 18.88 45.09 3.47
CA THR N 47 20.18 45.69 3.71
C THR N 47 21.16 44.61 4.16
N GLY N 48 22.36 44.67 3.61
CA GLY N 48 23.36 43.63 3.82
C GLY N 48 24.31 43.94 4.96
N LEU N 49 24.20 43.16 6.02
CA LEU N 49 25.29 43.10 6.98
C LEU N 49 26.16 41.90 6.66
N ILE N 50 25.61 40.69 6.76
CA ILE N 50 26.32 39.49 6.38
C ILE N 50 25.33 38.57 5.68
N GLY N 51 25.40 38.57 4.36
CA GLY N 51 24.58 37.68 3.56
C GLY N 51 25.41 36.50 3.13
N ASP N 52 24.89 35.31 3.42
CA ASP N 52 25.66 34.08 3.42
C ASP N 52 26.41 33.88 4.74
N THR N 53 26.14 34.77 5.69
CA THR N 53 26.57 34.64 7.07
C THR N 53 28.05 34.91 7.34
N ASN N 54 28.86 35.16 6.31
CA ASN N 54 30.29 35.26 6.54
C ASN N 54 30.92 36.46 5.84
N ASN N 55 30.18 37.17 5.01
CA ASN N 55 30.75 38.19 4.14
C ASN N 55 30.46 39.57 4.69
N ARG N 56 31.27 40.55 4.28
CA ARG N 56 30.90 41.96 4.40
C ARG N 56 29.73 42.21 3.46
N ARG N 57 28.87 43.16 3.83
CA ARG N 57 27.62 43.42 3.14
C ARG N 57 27.87 43.94 1.72
N SER N 58 27.01 43.54 0.79
CA SER N 58 27.31 43.67 -0.62
C SER N 58 26.94 45.05 -1.13
N GLY N 59 27.95 45.88 -1.34
CA GLY N 59 27.70 47.27 -1.70
C GLY N 59 27.30 48.16 -0.56
N VAL N 60 27.19 47.63 0.65
CA VAL N 60 26.56 48.30 1.78
C VAL N 60 27.62 49.18 2.45
N PRO N 61 27.30 49.83 3.57
CA PRO N 61 28.24 50.80 4.15
C PRO N 61 29.38 50.11 4.89
N ALA N 62 30.17 50.92 5.59
CA ALA N 62 31.40 50.40 6.21
C ALA N 62 31.15 49.59 7.48
N ARG N 63 29.90 49.43 7.92
CA ARG N 63 29.58 48.64 9.09
C ARG N 63 29.57 47.15 8.86
N PHE N 64 28.66 46.64 8.04
CA PHE N 64 28.13 45.29 8.19
C PHE N 64 29.08 44.23 7.66
N SER N 65 29.41 43.27 8.52
CA SER N 65 30.18 42.11 8.10
C SER N 65 29.70 40.88 8.84
N GLY N 66 29.56 39.79 8.10
CA GLY N 66 29.19 38.53 8.72
C GLY N 66 30.41 37.70 9.09
N SER N 67 30.18 36.66 9.85
CA SER N 67 31.24 35.72 10.23
C SER N 67 30.59 34.58 11.01
N LEU N 68 31.42 33.63 11.44
CA LEU N 68 30.99 32.64 12.41
C LEU N 68 30.84 33.35 13.74
N ILE N 69 29.60 33.60 14.16
CA ILE N 69 29.31 34.43 15.32
C ILE N 69 28.78 33.53 16.42
N GLY N 70 29.67 33.07 17.30
CA GLY N 70 29.29 32.27 18.44
C GLY N 70 28.79 30.90 18.02
N ASP N 71 27.49 30.69 18.21
CA ASP N 71 26.80 29.51 17.72
C ASP N 71 25.84 29.86 16.60
N LYS N 72 26.23 30.77 15.72
CA LYS N 72 25.30 31.30 14.74
C LYS N 72 26.05 32.12 13.71
N ALA N 73 25.27 32.96 13.01
CA ALA N 73 25.85 33.98 12.16
C ALA N 73 26.40 35.11 13.02
N ALA N 74 27.21 35.95 12.43
CA ALA N 74 27.71 37.09 13.15
C ALA N 74 27.61 38.30 12.26
N LEU N 75 26.98 39.36 12.78
CA LEU N 75 26.83 40.62 12.09
C LEU N 75 27.50 41.68 12.96
N THR N 76 28.79 41.89 12.72
CA THR N 76 29.50 43.02 13.28
C THR N 76 29.28 44.18 12.34
N ILE N 77 28.38 45.08 12.71
CA ILE N 77 28.16 46.31 11.96
C ILE N 77 29.14 47.32 12.54
N THR N 78 30.40 47.25 12.12
CA THR N 78 31.49 48.02 12.72
C THR N 78 31.92 49.09 11.74
N GLY N 79 31.35 50.29 11.88
CA GLY N 79 31.52 51.35 10.90
C GLY N 79 30.16 51.85 10.46
N ALA N 80 29.12 51.35 11.12
CA ALA N 80 27.76 51.71 10.78
C ALA N 80 27.42 53.07 11.37
N GLN N 81 26.74 53.89 10.58
CA GLN N 81 26.54 55.30 10.90
C GLN N 81 25.07 55.59 11.18
N THR N 82 24.77 56.89 11.29
CA THR N 82 23.41 57.34 11.58
C THR N 82 22.44 57.07 10.43
N GLU N 83 22.95 56.96 9.20
CA GLU N 83 22.12 56.47 8.11
C GLU N 83 22.30 54.97 7.88
N ASP N 84 23.33 54.37 8.46
CA ASP N 84 23.59 52.94 8.33
C ASP N 84 22.97 52.09 9.43
N GLU N 85 21.79 52.44 9.93
CA GLU N 85 21.11 51.67 10.97
C GLU N 85 20.09 50.75 10.33
N ALA N 86 19.78 49.64 10.98
CA ALA N 86 18.82 48.67 10.44
C ALA N 86 18.64 47.55 11.47
N ILE N 87 17.83 46.57 11.12
CA ILE N 87 17.67 45.34 11.90
C ILE N 87 18.85 44.43 11.60
N TYR N 88 19.86 44.46 12.46
CA TYR N 88 20.98 43.54 12.44
C TYR N 88 20.55 42.26 13.14
N PHE N 89 20.01 41.32 12.37
CA PHE N 89 19.52 40.05 12.87
C PHE N 89 20.21 38.91 12.14
N CYS N 90 20.19 37.74 12.77
CA CYS N 90 20.69 36.51 12.19
C CYS N 90 19.57 35.79 11.47
N ALA N 91 19.80 35.55 10.19
CA ALA N 91 18.88 34.77 9.37
C ALA N 91 19.11 33.31 9.69
N LEU N 92 18.12 32.46 9.38
CA LEU N 92 18.18 31.04 9.69
C LEU N 92 17.93 30.23 8.43
N TRP N 93 18.73 29.19 8.20
CA TRP N 93 18.59 28.35 7.02
C TRP N 93 19.07 26.92 7.29
N TYR N 94 19.49 26.23 6.23
CA TYR N 94 19.84 24.80 6.30
C TYR N 94 21.11 24.54 5.49
N ASN N 95 21.80 25.63 5.13
CA ASN N 95 22.98 25.53 4.25
C ASN N 95 22.58 25.27 2.81
N ASN N 96 21.35 25.60 2.46
CA ASN N 96 20.89 25.58 1.08
C ASN N 96 20.56 27.02 0.73
N LEU N 97 20.19 27.76 1.76
CA LEU N 97 19.59 29.07 1.64
C LEU N 97 19.47 29.64 3.04
N TRP N 98 18.97 30.87 3.12
CA TRP N 98 18.75 31.54 4.40
C TRP N 98 17.45 32.32 4.32
N VAL N 99 16.58 32.13 5.31
CA VAL N 99 15.35 32.87 5.47
C VAL N 99 15.62 33.95 6.50
N PHE N 100 14.97 35.11 6.32
CA PHE N 100 15.31 36.35 6.99
C PHE N 100 14.98 36.33 8.47
N GLY N 101 15.84 36.98 9.25
CA GLY N 101 15.69 37.02 10.68
C GLY N 101 14.66 38.03 11.15
N GLY N 102 14.54 38.11 12.47
CA GLY N 102 13.74 39.12 13.11
C GLY N 102 14.34 40.51 13.08
N GLY N 103 15.64 40.61 12.87
CA GLY N 103 16.26 41.92 12.80
C GLY N 103 16.60 42.45 14.18
N THR N 104 17.85 42.89 14.33
CA THR N 104 18.29 43.50 15.57
C THR N 104 18.23 45.01 15.39
N LYS N 105 17.09 45.60 15.77
CA LYS N 105 16.69 46.92 15.27
C LYS N 105 17.53 48.02 15.90
N LEU N 106 18.76 48.17 15.41
CA LEU N 106 19.73 49.10 15.97
C LEU N 106 19.82 50.33 15.07
N THR N 107 19.91 51.50 15.69
CA THR N 107 20.15 52.74 14.99
C THR N 107 21.59 53.16 15.26
N VAL N 108 22.11 54.05 14.43
CA VAL N 108 23.45 54.59 14.60
C VAL N 108 23.32 55.84 15.47
N LEU N 109 24.40 56.20 16.15
CA LEU N 109 24.45 57.43 16.93
C LEU N 109 24.40 58.63 16.00
N GLY N 110 23.88 59.73 16.53
CA GLY N 110 23.53 60.85 15.68
C GLY N 110 22.06 61.16 15.84
N GLN N 111 21.38 61.25 14.69
CA GLN N 111 20.05 61.83 14.63
C GLN N 111 20.16 63.29 15.03
N PRO N 112 20.85 64.11 14.21
CA PRO N 112 21.14 65.49 14.59
C PRO N 112 19.91 66.38 14.48
N LYS N 113 20.02 67.57 15.08
CA LYS N 113 18.88 68.45 15.29
C LYS N 113 18.34 69.09 14.02
N SER N 114 17.05 69.39 14.01
CA SER N 114 16.39 70.11 12.93
C SER N 114 15.03 70.54 13.44
N SER N 115 14.71 71.82 13.27
CA SER N 115 13.44 72.36 13.72
C SER N 115 12.30 71.83 12.86
N PRO N 116 11.18 71.47 13.48
CA PRO N 116 10.04 70.97 12.70
C PRO N 116 9.33 72.10 11.98
N SER N 117 9.73 72.29 10.73
CA SER N 117 9.24 73.38 9.88
C SER N 117 7.82 73.02 9.47
N VAL N 118 6.85 73.51 10.23
CA VAL N 118 5.44 73.30 9.94
C VAL N 118 4.97 74.48 9.12
N THR N 119 4.38 74.19 7.96
CA THR N 119 3.87 75.21 7.08
C THR N 119 2.36 75.23 7.27
N LEU N 120 1.88 76.36 7.80
CA LEU N 120 0.45 76.60 7.99
C LEU N 120 -0.11 77.09 6.67
N PHE N 121 -0.51 76.17 5.83
CA PHE N 121 -1.23 76.55 4.65
C PHE N 121 -2.69 76.76 5.02
N PRO N 122 -3.44 77.51 4.22
CA PRO N 122 -4.83 77.76 4.55
C PRO N 122 -5.70 76.65 3.99
N PRO N 123 -7.00 76.67 4.27
CA PRO N 123 -7.90 75.73 3.61
C PRO N 123 -8.10 76.11 2.16
N SER N 124 -8.67 75.18 1.39
CA SER N 124 -9.02 75.49 0.02
C SER N 124 -10.19 76.47 -0.01
N SER N 125 -10.06 77.49 -0.86
CA SER N 125 -11.04 78.57 -0.90
C SER N 125 -12.35 78.13 -1.54
N GLU N 126 -12.28 77.17 -2.46
CA GLU N 126 -13.51 76.56 -2.96
C GLU N 126 -13.91 75.34 -2.14
N GLU N 127 -12.94 74.73 -1.45
CA GLU N 127 -13.23 73.54 -0.67
C GLU N 127 -13.77 73.87 0.72
N LEU N 128 -13.69 75.13 1.14
CA LEU N 128 -13.92 75.53 2.52
C LEU N 128 -15.38 75.50 2.96
N GLU N 129 -16.33 75.45 2.04
CA GLU N 129 -17.74 75.54 2.38
C GLU N 129 -18.53 74.26 2.15
N THR N 130 -17.86 73.14 1.90
CA THR N 130 -18.53 71.91 1.46
C THR N 130 -18.34 70.70 2.38
N ASN N 131 -18.14 70.91 3.67
CA ASN N 131 -17.78 69.83 4.58
C ASN N 131 -16.29 69.48 4.45
N LYS N 132 -15.50 70.42 3.93
CA LYS N 132 -14.06 70.36 3.96
C LYS N 132 -13.57 71.65 4.58
N ALA N 133 -12.63 71.53 5.51
CA ALA N 133 -11.99 72.70 6.08
C ALA N 133 -10.77 72.21 6.83
N THR N 134 -9.58 72.63 6.38
CA THR N 134 -8.33 72.18 6.95
C THR N 134 -7.27 73.25 6.76
N LEU N 135 -7.01 74.02 7.81
CA LEU N 135 -5.79 74.81 7.88
C LEU N 135 -4.66 73.81 7.97
N VAL N 136 -3.96 73.63 6.87
CA VAL N 136 -3.10 72.47 6.63
C VAL N 136 -1.80 72.67 7.38
N CYS N 137 -1.40 71.66 8.12
CA CYS N 137 -0.07 71.53 8.67
C CYS N 137 0.72 70.65 7.71
N THR N 138 1.53 71.27 6.87
CA THR N 138 2.52 70.56 6.07
C THR N 138 3.87 70.69 6.76
N ILE N 139 4.23 69.67 7.52
CA ILE N 139 5.32 69.77 8.48
C ILE N 139 6.46 68.86 8.05
N THR N 140 7.64 69.44 7.84
CA THR N 140 8.84 68.68 7.51
C THR N 140 9.93 69.02 8.52
N ASP N 141 11.14 68.55 8.21
CA ASP N 141 12.34 68.90 8.97
C ASP N 141 12.34 68.27 10.36
N PHE N 142 11.81 67.06 10.45
CA PHE N 142 11.63 66.37 11.72
C PHE N 142 12.96 65.78 12.17
N TYR N 143 13.57 66.44 13.16
CA TYR N 143 14.80 65.96 13.77
C TYR N 143 14.90 66.55 15.17
N PRO N 144 14.22 65.99 16.17
CA PRO N 144 13.39 64.78 16.21
C PRO N 144 11.98 64.96 15.68
N GLY N 145 11.49 63.94 14.96
CA GLY N 145 10.20 64.03 14.30
C GLY N 145 9.05 63.53 15.13
N VAL N 146 9.04 63.80 16.43
CA VAL N 146 7.90 63.48 17.28
C VAL N 146 6.97 64.67 17.27
N VAL N 147 6.21 64.83 16.18
CA VAL N 147 5.53 66.07 15.85
C VAL N 147 4.03 65.90 16.07
N THR N 148 3.53 66.67 17.02
CA THR N 148 2.10 66.72 17.32
C THR N 148 1.55 68.00 16.70
N VAL N 149 0.57 67.85 15.81
CA VAL N 149 -0.01 68.95 15.05
C VAL N 149 -1.39 69.25 15.62
N ASP N 150 -1.58 70.47 16.10
CA ASP N 150 -2.81 70.90 16.76
C ASP N 150 -3.45 71.99 15.91
N TRP N 151 -4.74 71.82 15.65
CA TRP N 151 -5.55 72.80 14.95
C TRP N 151 -6.80 73.09 15.77
N LYS N 152 -7.23 74.35 15.74
CA LYS N 152 -8.40 74.80 16.48
C LYS N 152 -8.99 75.96 15.67
N VAL N 153 -10.17 75.73 15.09
CA VAL N 153 -10.76 76.68 14.16
C VAL N 153 -11.41 77.82 14.92
N ASP N 154 -11.12 79.06 14.50
CA ASP N 154 -11.80 80.25 14.99
C ASP N 154 -11.40 80.62 16.41
N GLY N 155 -10.13 80.41 16.76
CA GLY N 155 -9.58 80.83 18.02
C GLY N 155 -9.85 79.90 19.20
N THR N 156 -10.73 78.91 19.02
CA THR N 156 -11.12 78.01 20.09
C THR N 156 -10.58 76.62 19.79
N PRO N 157 -10.11 75.87 20.80
CA PRO N 157 -9.55 74.54 20.54
C PRO N 157 -10.61 73.51 20.23
N VAL N 158 -10.64 73.05 18.98
CA VAL N 158 -11.66 72.08 18.56
C VAL N 158 -11.34 70.69 19.12
N THR N 159 -12.32 69.80 19.01
CA THR N 159 -12.16 68.43 19.49
C THR N 159 -12.62 67.42 18.45
N GLN N 160 -13.26 67.89 17.38
CA GLN N 160 -13.69 67.03 16.30
C GLN N 160 -13.75 67.84 15.03
N GLY N 161 -13.27 67.24 13.93
CA GLY N 161 -13.24 67.88 12.62
C GLY N 161 -11.86 67.95 12.00
N MET N 162 -10.81 67.66 12.76
CA MET N 162 -9.45 67.83 12.28
C MET N 162 -8.77 66.49 12.06
N GLU N 163 -7.83 66.46 11.13
CA GLU N 163 -6.99 65.29 10.90
C GLU N 163 -5.57 65.80 10.71
N THR N 164 -4.83 65.92 11.80
CA THR N 164 -3.53 66.57 11.80
C THR N 164 -2.48 65.54 11.45
N THR N 165 -1.63 65.86 10.47
CA THR N 165 -0.53 64.98 10.12
C THR N 165 0.59 65.13 11.15
N GLN N 166 1.17 64.00 11.52
CA GLN N 166 2.17 63.95 12.57
C GLN N 166 3.55 64.16 11.98
N PRO N 167 4.57 64.10 12.83
CA PRO N 167 5.96 64.11 12.34
C PRO N 167 6.27 62.85 11.55
N SER N 168 6.73 63.04 10.32
CA SER N 168 7.19 61.97 9.44
C SER N 168 8.69 61.84 9.56
N LYS N 169 9.23 60.71 9.08
CA LYS N 169 10.64 60.40 9.27
C LYS N 169 11.32 60.18 7.92
N GLN N 170 12.57 60.64 7.80
CA GLN N 170 13.38 60.40 6.62
C GLN N 170 14.57 59.49 6.96
N SER N 171 15.32 59.10 5.93
CA SER N 171 16.47 58.23 6.15
C SER N 171 17.66 59.00 6.70
N ASN N 172 17.82 60.24 6.24
CA ASN N 172 18.86 61.14 6.74
C ASN N 172 18.36 62.11 7.80
N ASN N 173 17.32 61.74 8.55
CA ASN N 173 16.79 62.55 9.65
C ASN N 173 15.94 63.73 9.21
N LYS N 174 15.29 63.66 8.05
CA LYS N 174 14.40 64.70 7.58
C LYS N 174 12.97 64.45 8.08
N TYR N 175 12.04 65.23 7.55
CA TYR N 175 10.62 65.05 7.87
C TYR N 175 9.77 65.30 6.62
N MET N 176 8.54 64.80 6.69
CA MET N 176 7.53 65.07 5.67
C MET N 176 6.19 64.66 6.23
N ALA N 177 5.24 65.59 6.20
CA ALA N 177 3.91 65.36 6.76
C ALA N 177 2.94 66.35 6.14
N SER N 178 1.70 65.90 5.98
CA SER N 178 0.63 66.75 5.46
C SER N 178 -0.69 66.34 6.06
N SER N 179 -1.27 67.24 6.85
CA SER N 179 -2.60 67.06 7.43
C SER N 179 -3.28 68.42 7.51
N TYR N 180 -4.44 68.47 8.16
CA TYR N 180 -5.19 69.71 8.29
C TYR N 180 -5.85 69.80 9.66
N LEU N 181 -5.52 70.86 10.41
CA LEU N 181 -6.29 71.26 11.57
C LEU N 181 -7.61 71.76 11.00
N THR N 182 -8.65 70.96 11.14
CA THR N 182 -9.82 71.07 10.27
C THR N 182 -11.08 71.38 11.06
N LEU N 183 -12.01 72.03 10.39
CA LEU N 183 -13.41 72.15 10.78
C LEU N 183 -14.25 71.63 9.62
N THR N 184 -15.57 71.69 9.79
CA THR N 184 -16.55 71.25 8.82
C THR N 184 -16.82 72.35 7.81
N ALA N 185 -17.95 72.22 7.10
CA ALA N 185 -18.47 73.33 6.31
C ALA N 185 -18.88 74.48 7.21
N ARG N 186 -19.50 74.16 8.34
CA ARG N 186 -19.76 75.17 9.38
C ARG N 186 -18.47 75.54 10.10
N ALA N 187 -17.48 74.64 10.11
CA ALA N 187 -16.17 74.98 10.65
C ALA N 187 -15.27 75.59 9.58
N TRP N 188 -15.79 75.74 8.36
CA TRP N 188 -15.09 76.47 7.30
C TRP N 188 -15.66 77.87 7.12
N GLU N 189 -16.97 78.01 7.40
CA GLU N 189 -17.58 79.33 7.39
C GLU N 189 -17.47 80.03 8.75
N ARG N 190 -17.80 79.35 9.84
CA ARG N 190 -17.66 79.89 11.18
C ARG N 190 -16.21 79.82 11.64
N HIS N 191 -15.64 78.62 11.65
CA HIS N 191 -14.21 78.50 11.89
C HIS N 191 -13.45 78.97 10.65
N SER N 192 -12.39 79.73 10.89
CA SER N 192 -11.60 80.28 9.79
C SER N 192 -10.10 80.21 9.99
N SER N 193 -9.62 79.93 11.20
CA SER N 193 -8.21 80.06 11.53
C SER N 193 -7.65 78.67 11.80
N TYR N 194 -6.89 78.16 10.85
CA TYR N 194 -6.12 76.93 11.02
C TYR N 194 -4.71 77.29 11.48
N SER N 195 -4.51 77.29 12.80
CA SER N 195 -3.21 77.58 13.35
C SER N 195 -2.54 76.25 13.62
N CYS N 196 -1.98 75.66 12.56
CA CYS N 196 -1.38 74.34 12.58
C CYS N 196 -0.09 74.42 13.38
N GLN N 197 -0.13 73.96 14.63
CA GLN N 197 1.03 73.99 15.52
C GLN N 197 1.58 72.58 15.64
N VAL N 198 2.72 72.35 14.99
CA VAL N 198 3.40 71.05 15.02
C VAL N 198 4.60 71.20 15.96
N THR N 199 4.52 70.54 17.10
CA THR N 199 5.63 70.50 18.05
C THR N 199 6.39 69.19 17.82
N HIS N 200 7.65 69.30 17.42
CA HIS N 200 8.50 68.15 17.15
C HIS N 200 9.92 68.44 17.60
N GLU N 201 10.48 67.53 18.39
CA GLU N 201 11.88 67.56 18.82
C GLU N 201 12.20 68.71 19.77
N GLY N 202 11.17 69.21 20.46
CA GLY N 202 11.33 70.39 21.29
C GLY N 202 11.02 71.68 20.55
N HIS N 203 10.81 71.60 19.24
CA HIS N 203 10.56 72.79 18.44
C HIS N 203 9.11 72.85 17.97
N THR N 204 8.43 73.91 18.37
CA THR N 204 7.01 74.08 18.06
C THR N 204 6.85 75.13 16.97
N VAL N 205 6.44 74.67 15.80
CA VAL N 205 6.22 75.55 14.65
C VAL N 205 4.72 75.73 14.48
N GLU N 206 4.25 76.94 14.71
CA GLU N 206 2.84 77.28 14.54
C GLU N 206 2.70 78.13 13.29
N LYS N 207 1.94 77.64 12.31
CA LYS N 207 1.65 78.38 11.10
C LYS N 207 0.14 78.64 11.08
N SER N 208 -0.25 79.91 11.12
CA SER N 208 -1.65 80.30 11.22
C SER N 208 -2.18 80.73 9.87
N LEU N 209 -2.71 79.77 9.11
CA LEU N 209 -3.36 80.06 7.84
C LEU N 209 -4.84 80.34 8.11
N SER N 210 -5.32 81.47 7.59
CA SER N 210 -6.61 82.01 8.00
C SER N 210 -7.48 82.25 6.78
N ARG N 211 -8.67 81.64 6.79
CA ARG N 211 -9.61 81.73 5.67
C ARG N 211 -10.49 82.96 5.81
N GLN O 1 9.09 82.89 -54.88
CA GLN O 1 8.27 83.98 -55.39
C GLN O 1 6.79 83.58 -55.44
N ILE O 2 6.29 83.08 -54.31
CA ILE O 2 4.93 82.57 -54.22
C ILE O 2 3.97 83.76 -54.17
N GLN O 3 3.32 84.01 -55.30
CA GLN O 3 2.36 85.10 -55.41
C GLN O 3 1.43 84.77 -56.57
N LEU O 4 0.15 85.04 -56.39
CA LEU O 4 -0.84 84.85 -57.44
C LEU O 4 -0.73 86.03 -58.40
N VAL O 5 0.20 85.94 -59.35
CA VAL O 5 0.41 86.97 -60.35
C VAL O 5 -0.78 86.91 -61.31
N GLN O 6 -1.59 87.95 -61.31
CA GLN O 6 -2.92 87.91 -61.90
C GLN O 6 -2.90 88.35 -63.36
N SER O 7 -4.10 88.60 -63.87
CA SER O 7 -4.31 89.10 -65.22
C SER O 7 -4.31 90.63 -65.24
N GLY O 8 -4.78 91.18 -66.36
CA GLY O 8 -4.80 92.62 -66.53
C GLY O 8 -6.11 93.24 -66.11
N ARG O 9 -6.46 94.33 -66.80
CA ARG O 9 -7.73 94.99 -66.56
C ARG O 9 -8.55 95.05 -67.85
N GLU O 10 -9.37 94.04 -68.08
CA GLU O 10 -10.18 93.94 -69.28
C GLU O 10 -11.66 94.15 -68.92
N VAL O 11 -12.38 94.75 -69.85
CA VAL O 11 -13.80 95.08 -69.66
C VAL O 11 -14.60 94.48 -70.81
N LYS O 12 -15.78 93.98 -70.49
CA LYS O 12 -16.67 93.38 -71.46
C LYS O 12 -18.07 93.93 -71.23
N ASN O 13 -19.04 93.41 -71.96
CA ASN O 13 -20.41 93.79 -71.70
C ASN O 13 -20.92 93.12 -70.42
N PRO O 14 -21.99 93.65 -69.83
CA PRO O 14 -22.57 93.02 -68.64
C PRO O 14 -23.33 91.76 -69.03
N GLY O 15 -23.26 90.75 -68.16
CA GLY O 15 -23.78 89.43 -68.46
C GLY O 15 -22.73 88.48 -69.01
N GLU O 16 -21.58 89.02 -69.46
CA GLU O 16 -20.48 88.22 -69.95
C GLU O 16 -19.69 87.65 -68.79
N THR O 17 -18.78 86.72 -69.07
CA THR O 17 -18.06 86.01 -68.03
C THR O 17 -16.57 85.96 -68.31
N VAL O 18 -15.78 86.06 -67.25
CA VAL O 18 -14.34 85.90 -67.32
C VAL O 18 -13.85 85.36 -65.99
N LYS O 19 -13.30 84.15 -66.01
CA LYS O 19 -12.56 83.58 -64.89
C LYS O 19 -11.19 84.26 -64.93
N ILE O 20 -11.02 85.30 -64.11
CA ILE O 20 -9.85 86.16 -64.14
C ILE O 20 -8.65 85.33 -63.69
N SER O 21 -7.65 85.27 -64.55
CA SER O 21 -6.53 84.37 -64.38
C SER O 21 -5.57 84.88 -63.32
N CYS O 22 -4.89 83.95 -62.68
CA CYS O 22 -3.82 84.25 -61.73
C CYS O 22 -2.93 83.02 -61.68
N LYS O 23 -1.70 83.16 -62.14
CA LYS O 23 -0.68 82.13 -62.03
C LYS O 23 -0.02 82.28 -60.67
N ALA O 24 -0.28 81.32 -59.78
CA ALA O 24 0.28 81.33 -58.44
C ALA O 24 1.71 80.81 -58.51
N SER O 25 2.63 81.72 -58.81
CA SER O 25 4.01 81.34 -59.06
C SER O 25 4.71 81.14 -57.72
N GLY O 26 5.83 80.42 -57.76
CA GLY O 26 6.65 80.18 -56.61
C GLY O 26 6.29 78.95 -55.80
N TYR O 27 5.00 78.67 -55.62
CA TYR O 27 4.53 77.53 -54.86
C TYR O 27 3.23 77.02 -55.48
N THR O 28 2.53 76.18 -54.74
CA THR O 28 1.25 75.66 -55.21
C THR O 28 0.15 76.59 -54.74
N PHE O 29 -0.95 76.61 -55.48
CA PHE O 29 -2.23 76.86 -54.84
C PHE O 29 -2.56 75.55 -54.12
N THR O 30 -2.15 74.43 -54.73
CA THR O 30 -2.27 73.12 -54.10
C THR O 30 -1.33 72.95 -52.90
N GLU O 31 -0.33 73.82 -52.75
CA GLU O 31 0.38 73.98 -51.48
C GLU O 31 -0.11 75.17 -50.67
N TYR O 32 -0.57 76.25 -51.31
CA TYR O 32 -0.94 77.48 -50.61
C TYR O 32 -2.06 78.20 -51.37
N PRO O 33 -3.30 78.02 -50.96
CA PRO O 33 -4.45 78.30 -51.82
C PRO O 33 -4.79 79.78 -51.84
N MET O 34 -5.45 80.18 -52.92
CA MET O 34 -5.70 81.58 -53.20
C MET O 34 -7.05 81.97 -52.64
N LEU O 35 -7.03 82.59 -51.46
CA LEU O 35 -8.16 83.39 -51.01
C LEU O 35 -8.29 84.53 -52.00
N TRP O 36 -9.29 84.43 -52.85
CA TRP O 36 -9.46 85.35 -53.97
C TRP O 36 -10.23 86.57 -53.45
N VAL O 37 -9.50 87.62 -53.10
CA VAL O 37 -10.10 88.89 -52.77
C VAL O 37 -10.56 89.51 -54.08
N LYS O 38 -11.83 89.27 -54.41
CA LYS O 38 -12.40 89.65 -55.69
C LYS O 38 -13.44 90.73 -55.45
N GLN O 39 -13.00 91.98 -55.42
CA GLN O 39 -13.89 93.11 -55.17
C GLN O 39 -13.30 94.33 -55.86
N ALA O 40 -14.07 95.38 -55.94
CA ALA O 40 -13.65 96.63 -56.57
C ALA O 40 -12.84 97.47 -55.58
N PRO O 41 -12.39 98.66 -55.98
CA PRO O 41 -11.68 99.57 -55.05
C PRO O 41 -12.54 100.04 -53.88
N GLY O 42 -13.84 100.18 -54.11
CA GLY O 42 -14.77 100.42 -53.03
C GLY O 42 -15.27 99.15 -52.40
N LYS O 43 -14.79 98.00 -52.89
CA LYS O 43 -15.26 96.69 -52.45
C LYS O 43 -14.81 96.34 -51.04
N GLY O 44 -13.63 96.81 -50.63
CA GLY O 44 -13.11 96.50 -49.32
C GLY O 44 -12.66 95.06 -49.22
N PHE O 45 -13.23 94.36 -48.25
CA PHE O 45 -13.18 92.91 -48.22
C PHE O 45 -14.17 92.40 -49.28
N ARG O 46 -13.65 92.19 -50.49
CA ARG O 46 -14.50 91.87 -51.64
C ARG O 46 -14.26 90.42 -52.02
N TRP O 47 -15.32 89.70 -52.35
CA TRP O 47 -15.23 88.26 -52.39
C TRP O 47 -15.27 87.75 -53.83
N MET O 48 -14.17 87.13 -54.24
CA MET O 48 -14.15 86.18 -55.33
C MET O 48 -13.92 84.77 -54.81
N GLY O 49 -13.81 84.63 -53.50
CA GLY O 49 -13.87 83.34 -52.85
C GLY O 49 -12.67 83.11 -51.96
N LEU O 50 -12.53 81.86 -51.54
CA LEU O 50 -11.45 81.47 -50.64
C LEU O 50 -10.78 80.21 -51.18
N ILE O 51 -9.46 80.24 -51.25
CA ILE O 51 -8.67 79.10 -51.68
C ILE O 51 -7.77 78.66 -50.55
N TYR O 52 -8.25 77.69 -49.77
CA TYR O 52 -7.40 76.95 -48.86
C TYR O 52 -6.48 76.05 -49.68
N THR O 53 -5.31 75.70 -49.13
CA THR O 53 -4.29 74.98 -49.89
C THR O 53 -4.45 73.47 -49.93
N ASN O 54 -5.67 72.96 -49.68
CA ASN O 54 -5.96 71.55 -49.77
C ASN O 54 -5.94 71.05 -51.22
N THR O 55 -6.52 71.81 -52.14
CA THR O 55 -6.64 71.37 -53.53
C THR O 55 -6.03 72.35 -54.53
N GLY O 56 -6.30 73.65 -54.39
CA GLY O 56 -5.67 74.64 -55.23
C GLY O 56 -6.53 75.75 -55.81
N GLU O 57 -7.84 75.65 -55.72
CA GLU O 57 -8.69 76.64 -56.36
C GLU O 57 -9.44 77.45 -55.30
N PRO O 58 -9.95 78.62 -55.64
CA PRO O 58 -10.86 79.30 -54.72
C PRO O 58 -12.30 78.92 -54.98
N THR O 59 -13.02 78.69 -53.90
CA THR O 59 -14.47 78.58 -53.93
C THR O 59 -15.00 79.99 -54.08
N TYR O 60 -16.14 80.13 -54.75
CA TYR O 60 -16.70 81.40 -55.20
C TYR O 60 -17.13 82.26 -54.03
N ALA O 61 -17.28 83.56 -54.30
CA ALA O 61 -17.50 84.54 -53.24
C ALA O 61 -18.94 84.52 -52.77
N GLU O 62 -19.22 85.33 -51.74
CA GLU O 62 -20.58 85.41 -51.23
C GLU O 62 -21.47 86.25 -52.15
N GLU O 63 -20.97 87.40 -52.58
CA GLU O 63 -21.66 88.19 -53.59
C GLU O 63 -21.44 87.65 -54.99
N PHE O 64 -20.47 86.74 -55.15
CA PHE O 64 -20.21 86.09 -56.42
C PHE O 64 -21.09 84.88 -56.69
N LYS O 65 -22.08 84.61 -55.84
CA LYS O 65 -23.12 83.63 -56.16
C LYS O 65 -23.95 84.22 -57.29
N GLY O 66 -23.67 83.76 -58.50
CA GLY O 66 -23.80 84.64 -59.64
C GLY O 66 -22.48 84.69 -60.39
N ARG O 67 -21.78 85.81 -60.31
CA ARG O 67 -20.57 86.04 -61.10
C ARG O 67 -19.39 85.15 -60.72
N PHE O 68 -19.03 85.07 -59.45
CA PHE O 68 -17.75 84.51 -58.99
C PHE O 68 -17.68 83.00 -59.18
N VAL O 69 -16.75 82.58 -60.06
CA VAL O 69 -16.57 81.19 -60.45
C VAL O 69 -15.06 81.02 -60.65
N PHE O 70 -14.49 79.96 -60.06
CA PHE O 70 -13.05 79.75 -60.07
C PHE O 70 -12.68 78.33 -60.45
N SER O 71 -11.81 78.21 -61.44
CA SER O 71 -11.17 76.94 -61.77
C SER O 71 -9.69 77.09 -61.46
N LEU O 72 -9.00 75.97 -61.23
CA LEU O 72 -7.61 76.06 -60.82
C LEU O 72 -6.87 74.74 -61.01
N GLU O 73 -5.80 74.79 -61.79
CA GLU O 73 -4.74 73.80 -61.74
C GLU O 73 -3.77 74.28 -60.67
N ILE O 74 -3.95 73.74 -59.47
CA ILE O 74 -3.43 74.34 -58.25
C ILE O 74 -1.94 74.08 -58.04
N SER O 75 -1.38 73.14 -58.79
CA SER O 75 0.05 72.80 -58.64
C SER O 75 0.95 73.92 -59.13
N ALA O 76 0.64 74.51 -60.29
CA ALA O 76 1.25 75.76 -60.73
C ALA O 76 0.49 76.97 -60.23
N SER O 77 -0.57 76.77 -59.43
CA SER O 77 -1.34 77.85 -58.82
C SER O 77 -2.16 78.62 -59.85
N THR O 78 -2.39 78.03 -61.01
CA THR O 78 -3.04 78.70 -62.13
C THR O 78 -4.53 78.59 -61.96
N ALA O 79 -5.17 79.69 -61.56
CA ALA O 79 -6.59 79.69 -61.29
C ALA O 79 -7.26 80.91 -61.90
N TYR O 80 -8.35 80.67 -62.60
CA TYR O 80 -9.22 81.71 -63.09
C TYR O 80 -10.42 81.79 -62.16
N LEU O 81 -10.34 82.74 -61.22
CA LEU O 81 -11.48 83.15 -60.40
C LEU O 81 -11.98 84.45 -60.97
N GLN O 82 -13.26 84.51 -61.33
CA GLN O 82 -13.74 85.70 -62.03
C GLN O 82 -15.25 85.72 -62.13
N ILE O 83 -15.74 86.74 -62.82
CA ILE O 83 -17.17 86.99 -62.96
C ILE O 83 -17.67 86.16 -64.13
N ASN O 84 -17.95 84.89 -63.89
CA ASN O 84 -18.63 84.05 -64.86
C ASN O 84 -20.11 84.42 -64.83
N ASN O 85 -20.55 85.11 -65.87
CA ASN O 85 -21.86 85.76 -65.89
C ASN O 85 -21.98 86.84 -64.81
N LEU O 86 -21.13 87.86 -64.96
CA LEU O 86 -21.13 88.96 -63.99
C LEU O 86 -22.30 89.91 -64.22
N THR O 87 -22.54 90.76 -63.23
CA THR O 87 -23.65 91.70 -63.22
C THR O 87 -23.28 92.97 -64.00
N ASN O 88 -24.09 94.02 -63.79
CA ASN O 88 -23.88 95.27 -64.52
C ASN O 88 -22.63 96.00 -64.08
N GLU O 89 -22.42 96.17 -62.77
CA GLU O 89 -21.20 96.80 -62.24
C GLU O 89 -20.04 95.82 -62.09
N ASP O 90 -19.43 95.42 -63.21
CA ASP O 90 -18.49 94.31 -63.23
C ASP O 90 -17.04 94.71 -63.02
N THR O 91 -16.78 95.83 -62.35
CA THR O 91 -15.40 96.23 -62.09
C THR O 91 -14.94 95.64 -60.76
N ALA O 92 -13.80 94.95 -60.78
CA ALA O 92 -13.23 94.38 -59.57
C ALA O 92 -11.83 93.83 -59.80
N THR O 93 -10.95 94.00 -58.82
CA THR O 93 -9.67 93.30 -58.77
C THR O 93 -9.90 91.98 -58.05
N TYR O 94 -9.42 90.91 -58.66
CA TYR O 94 -9.52 89.56 -58.14
C TYR O 94 -8.12 89.10 -57.82
N PHE O 95 -7.82 88.96 -56.54
CA PHE O 95 -6.47 88.68 -56.06
C PHE O 95 -6.46 87.42 -55.21
N CYS O 96 -6.01 86.33 -55.79
CA CYS O 96 -5.82 85.12 -55.02
C CYS O 96 -4.54 85.24 -54.21
N VAL O 97 -4.71 85.36 -52.89
CA VAL O 97 -3.58 85.48 -51.98
C VAL O 97 -3.36 84.14 -51.30
N ARG O 98 -2.10 83.80 -51.08
CA ARG O 98 -1.71 82.53 -50.49
C ARG O 98 -1.99 82.58 -48.99
N ASP O 99 -2.81 81.65 -48.52
CA ASP O 99 -3.33 81.69 -47.15
C ASP O 99 -2.36 80.99 -46.19
N TYR O 100 -2.30 81.51 -44.98
CA TYR O 100 -1.76 80.88 -43.78
C TYR O 100 -2.12 81.84 -42.66
N PHE O 101 -2.67 81.34 -41.56
CA PHE O 101 -3.34 82.24 -40.62
C PHE O 101 -4.57 82.88 -41.27
N ILE O 102 -5.70 82.18 -41.22
CA ILE O 102 -6.71 81.95 -42.26
C ILE O 102 -7.07 82.98 -43.33
N SER O 103 -6.56 84.21 -43.25
CA SER O 103 -6.59 85.06 -44.43
C SER O 103 -5.27 84.86 -45.14
N LEU O 104 -5.02 85.63 -46.21
CA LEU O 104 -3.91 85.41 -47.14
C LEU O 104 -2.58 85.73 -46.45
N ASP O 105 -1.89 84.67 -46.00
CA ASP O 105 -0.59 84.79 -45.37
C ASP O 105 0.51 85.26 -46.32
N TYR O 106 0.37 84.97 -47.62
CA TYR O 106 1.09 85.67 -48.67
C TYR O 106 0.06 86.43 -49.50
N TRP O 107 0.47 87.54 -50.09
CA TRP O 107 -0.45 88.42 -50.80
C TRP O 107 -0.29 88.25 -52.30
N GLY O 108 -1.41 88.01 -52.97
CA GLY O 108 -1.43 87.94 -54.42
C GLY O 108 -2.16 89.12 -55.03
N GLN O 109 -1.70 89.50 -56.22
CA GLN O 109 -2.18 90.75 -56.83
C GLN O 109 -3.52 90.59 -57.53
N GLY O 110 -3.59 89.81 -58.59
CA GLY O 110 -4.86 89.61 -59.24
C GLY O 110 -5.01 90.46 -60.48
N THR O 111 -6.26 90.57 -60.95
CA THR O 111 -6.56 91.20 -62.23
C THR O 111 -7.75 92.13 -62.08
N THR O 112 -7.86 93.11 -62.97
CA THR O 112 -8.95 94.06 -62.95
C THR O 112 -9.95 93.71 -64.06
N LEU O 113 -11.21 93.52 -63.68
CA LEU O 113 -12.29 93.28 -64.62
C LEU O 113 -13.22 94.48 -64.63
N THR O 114 -13.88 94.70 -65.76
CA THR O 114 -14.80 95.82 -65.93
C THR O 114 -16.00 95.33 -66.73
N VAL O 115 -17.19 95.76 -66.33
CA VAL O 115 -18.40 95.52 -67.12
C VAL O 115 -18.68 96.79 -67.89
N SER O 116 -18.10 96.91 -69.09
CA SER O 116 -18.18 98.17 -69.83
C SER O 116 -18.10 98.01 -71.34
N SER O 117 -18.89 98.80 -72.06
CA SER O 117 -18.81 98.82 -73.51
C SER O 117 -17.98 100.02 -73.96
N ALA O 118 -17.68 100.08 -75.25
CA ALA O 118 -16.77 101.09 -75.79
C ALA O 118 -16.91 101.14 -77.31
N LYS O 119 -15.94 101.77 -77.97
CA LYS O 119 -15.81 101.71 -79.43
C LYS O 119 -15.08 100.44 -79.86
N THR O 120 -14.66 100.40 -81.13
CA THR O 120 -13.79 99.36 -81.67
C THR O 120 -12.58 100.06 -82.27
N THR O 121 -11.54 100.30 -81.46
CA THR O 121 -10.39 101.09 -81.91
C THR O 121 -9.25 101.01 -80.90
N ALA O 122 -8.02 101.15 -81.40
CA ALA O 122 -6.91 101.30 -80.49
C ALA O 122 -6.71 102.79 -80.16
N PRO O 123 -6.25 103.11 -78.96
CA PRO O 123 -6.06 104.51 -78.59
C PRO O 123 -4.84 105.09 -79.29
N SER O 124 -5.10 106.13 -80.08
CA SER O 124 -4.12 106.65 -81.03
C SER O 124 -3.16 107.55 -80.29
N VAL O 125 -1.90 107.12 -80.20
CA VAL O 125 -0.86 107.91 -79.58
C VAL O 125 -0.48 108.99 -80.57
N TYR O 126 -1.13 110.15 -80.47
CA TYR O 126 -0.84 111.29 -81.32
C TYR O 126 0.47 111.88 -80.86
N PRO O 127 1.34 112.30 -81.78
CA PRO O 127 2.67 112.75 -81.37
C PRO O 127 2.62 114.17 -80.84
N LEU O 128 2.61 114.28 -79.52
CA LEU O 128 2.70 115.58 -78.86
C LEU O 128 4.19 115.72 -78.57
N ALA O 129 4.92 116.26 -79.52
CA ALA O 129 6.36 116.37 -79.39
C ALA O 129 6.70 117.60 -78.55
N PRO O 130 7.99 117.79 -78.25
CA PRO O 130 8.42 119.06 -77.65
C PRO O 130 8.28 120.20 -78.65
N VAL O 131 8.18 121.42 -78.10
CA VAL O 131 7.83 122.60 -78.88
C VAL O 131 8.92 122.98 -79.87
N CYS O 132 8.51 123.57 -81.00
CA CYS O 132 9.49 124.09 -81.95
C CYS O 132 10.20 125.32 -81.41
N GLY O 133 9.52 126.13 -80.60
CA GLY O 133 10.14 127.26 -79.93
C GLY O 133 10.42 126.91 -78.49
N GLY O 134 11.69 126.67 -78.18
CA GLY O 134 12.07 126.12 -76.90
C GLY O 134 11.67 124.66 -76.79
N THR O 135 11.07 124.27 -75.66
CA THR O 135 10.45 122.95 -75.46
C THR O 135 11.49 121.83 -75.35
N THR O 136 12.74 122.23 -75.10
CA THR O 136 13.88 121.32 -75.08
C THR O 136 14.81 121.84 -74.00
N GLY O 137 14.85 121.15 -72.87
CA GLY O 137 15.67 121.55 -71.75
C GLY O 137 16.83 120.60 -71.60
N SER O 138 16.76 119.75 -70.58
CA SER O 138 17.73 118.67 -70.42
C SER O 138 17.65 117.66 -71.56
N SER O 139 16.47 117.46 -72.14
CA SER O 139 16.31 116.62 -73.31
C SER O 139 15.13 117.07 -74.15
N VAL O 140 14.64 116.17 -74.99
CA VAL O 140 13.42 116.44 -75.74
C VAL O 140 12.25 115.97 -74.90
N THR O 141 11.29 116.88 -74.68
CA THR O 141 10.10 116.60 -73.88
C THR O 141 8.93 116.30 -74.82
N LEU O 142 8.97 115.14 -75.44
CA LEU O 142 7.94 114.69 -76.36
C LEU O 142 6.93 113.82 -75.61
N GLY O 143 6.10 113.13 -76.38
CA GLY O 143 5.23 112.12 -75.81
C GLY O 143 4.21 111.61 -76.80
N CYS O 144 3.62 110.47 -76.45
CA CYS O 144 2.50 109.93 -77.21
C CYS O 144 1.25 110.18 -76.38
N LEU O 145 0.36 111.04 -76.86
CA LEU O 145 -0.89 111.34 -76.17
C LEU O 145 -1.91 110.40 -76.77
N VAL O 146 -2.26 109.37 -76.02
CA VAL O 146 -3.06 108.27 -76.54
C VAL O 146 -4.51 108.71 -76.38
N LYS O 147 -5.07 109.24 -77.47
CA LYS O 147 -6.47 109.62 -77.53
C LYS O 147 -7.15 108.93 -78.70
N GLY O 148 -8.42 108.62 -78.53
CA GLY O 148 -9.28 108.17 -79.62
C GLY O 148 -9.25 106.72 -80.06
N TYR O 149 -9.65 105.78 -79.20
CA TYR O 149 -9.89 104.41 -79.60
C TYR O 149 -10.53 103.62 -78.47
N PHE O 150 -11.46 102.74 -78.83
CA PHE O 150 -12.32 102.07 -77.85
C PHE O 150 -12.18 100.55 -77.88
N PRO O 151 -12.20 99.88 -76.72
CA PRO O 151 -12.27 100.23 -75.30
C PRO O 151 -10.87 100.57 -74.82
N GLU O 152 -10.66 100.49 -73.51
CA GLU O 152 -9.31 100.63 -72.99
C GLU O 152 -8.54 99.33 -73.21
N PRO O 153 -7.21 99.35 -73.01
CA PRO O 153 -6.38 100.49 -72.62
C PRO O 153 -5.48 100.96 -73.75
N VAL O 154 -4.92 102.13 -73.57
CA VAL O 154 -3.77 102.59 -74.35
C VAL O 154 -2.61 102.76 -73.39
N THR O 155 -1.55 102.00 -73.62
CA THR O 155 -0.34 102.05 -72.81
C THR O 155 0.63 103.03 -73.45
N LEU O 156 1.25 103.85 -72.60
CA LEU O 156 2.13 104.92 -73.06
C LEU O 156 3.47 104.78 -72.35
N THR O 157 4.51 104.46 -73.12
CA THR O 157 5.85 104.23 -72.59
C THR O 157 6.83 105.20 -73.23
N TRP O 158 7.98 105.36 -72.60
CA TRP O 158 9.03 106.26 -73.04
C TRP O 158 10.20 105.43 -73.53
N ASN O 159 10.91 105.94 -74.55
CA ASN O 159 12.14 105.31 -75.05
C ASN O 159 11.88 104.16 -76.02
N SER O 160 10.61 103.89 -76.28
CA SER O 160 10.16 102.73 -77.05
C SER O 160 10.45 101.41 -76.34
N GLY O 161 10.52 101.44 -75.01
CA GLY O 161 10.94 100.29 -74.23
C GLY O 161 12.37 100.34 -73.74
N SER O 162 13.20 101.23 -74.29
CA SER O 162 14.59 101.30 -73.86
C SER O 162 14.84 102.35 -72.80
N LEU O 163 14.43 103.60 -73.02
CA LEU O 163 14.77 104.71 -72.13
C LEU O 163 13.48 105.30 -71.56
N SER O 164 12.96 104.65 -70.54
CA SER O 164 11.70 105.03 -69.91
C SER O 164 11.76 106.28 -69.06
N SER O 165 12.95 106.83 -68.81
CA SER O 165 13.07 107.97 -67.91
C SER O 165 12.60 109.25 -68.60
N GLY O 166 11.89 110.09 -67.85
CA GLY O 166 11.10 111.15 -68.45
C GLY O 166 9.71 110.72 -68.86
N VAL O 167 9.49 109.42 -69.04
CA VAL O 167 8.21 108.84 -69.42
C VAL O 167 7.32 108.85 -68.19
N HIS O 168 6.52 109.89 -68.08
CA HIS O 168 5.43 110.00 -67.12
C HIS O 168 4.17 109.58 -67.84
N THR O 169 3.53 108.54 -67.35
CA THR O 169 2.29 108.03 -67.92
C THR O 169 1.14 108.50 -67.06
N PHE O 170 0.28 109.30 -67.63
CA PHE O 170 -0.87 109.86 -66.93
C PHE O 170 -1.99 108.84 -66.90
N PRO O 171 -2.99 109.02 -66.05
CA PRO O 171 -4.09 108.05 -66.00
C PRO O 171 -5.00 108.19 -67.21
N ALA O 172 -5.76 107.13 -67.46
CA ALA O 172 -6.62 107.10 -68.63
C ALA O 172 -7.86 107.96 -68.44
N LEU O 173 -8.22 108.69 -69.48
CA LEU O 173 -9.53 109.31 -69.60
C LEU O 173 -10.36 108.45 -70.54
N LEU O 174 -11.50 107.99 -70.06
CA LEU O 174 -12.36 107.11 -70.85
C LEU O 174 -13.47 107.94 -71.48
N GLN O 175 -13.14 108.62 -72.59
CA GLN O 175 -14.13 109.42 -73.29
C GLN O 175 -14.97 108.48 -74.13
N SER O 176 -16.08 108.01 -73.56
CA SER O 176 -17.00 107.08 -74.23
C SER O 176 -16.37 105.70 -74.39
N GLY O 177 -15.47 105.36 -73.47
CA GLY O 177 -14.62 104.20 -73.67
C GLY O 177 -13.45 104.45 -74.60
N LEU O 178 -13.24 105.68 -75.05
CA LEU O 178 -12.11 106.02 -75.90
C LEU O 178 -10.96 106.49 -75.04
N TYR O 179 -9.80 105.88 -75.22
CA TYR O 179 -8.63 106.14 -74.38
C TYR O 179 -8.04 107.50 -74.70
N THR O 180 -7.90 108.32 -73.66
CA THR O 180 -7.18 109.58 -73.72
C THR O 180 -6.35 109.71 -72.45
N LEU O 181 -5.16 109.14 -72.51
CA LEU O 181 -4.13 109.29 -71.50
C LEU O 181 -2.88 109.83 -72.19
N SER O 182 -1.78 109.86 -71.46
CA SER O 182 -0.54 110.35 -72.05
C SER O 182 0.62 109.51 -71.57
N SER O 183 1.60 109.35 -72.45
CA SER O 183 2.89 108.79 -72.07
C SER O 183 3.93 109.77 -72.56
N SER O 184 4.24 110.74 -71.71
CA SER O 184 5.17 111.80 -72.04
C SER O 184 6.58 111.29 -71.76
N VAL O 185 7.52 111.68 -72.60
CA VAL O 185 8.92 111.29 -72.43
C VAL O 185 9.77 112.54 -72.53
N THR O 186 10.31 112.98 -71.40
CA THR O 186 11.34 114.00 -71.37
C THR O 186 12.69 113.29 -71.35
N VAL O 187 13.14 112.84 -72.53
CA VAL O 187 14.33 112.03 -72.64
C VAL O 187 15.53 112.95 -72.80
N THR O 188 16.72 112.37 -72.71
CA THR O 188 17.96 113.13 -72.64
C THR O 188 18.34 113.75 -73.99
N SER O 189 19.47 114.46 -74.00
CA SER O 189 19.98 115.12 -75.20
C SER O 189 20.39 114.15 -76.29
N ASN O 190 20.86 112.95 -75.95
CA ASN O 190 21.13 111.93 -76.96
C ASN O 190 20.10 110.81 -76.93
N THR O 191 19.30 110.72 -75.85
CA THR O 191 18.38 109.61 -75.69
C THR O 191 17.11 109.81 -76.51
N TRP O 192 16.45 110.96 -76.33
CA TRP O 192 15.32 111.37 -77.15
C TRP O 192 15.05 112.86 -76.94
N PRO O 193 15.04 113.67 -78.01
CA PRO O 193 15.12 113.44 -79.45
C PRO O 193 16.51 113.50 -80.02
N SER O 194 17.50 113.01 -79.28
CA SER O 194 18.79 112.70 -79.88
C SER O 194 18.72 111.36 -80.59
N GLN O 195 18.39 110.31 -79.86
CA GLN O 195 18.06 109.00 -80.43
C GLN O 195 16.54 108.83 -80.39
N THR O 196 16.08 107.66 -80.78
CA THR O 196 14.65 107.39 -80.75
C THR O 196 14.19 107.12 -79.33
N ILE O 197 13.74 108.17 -78.65
CA ILE O 197 13.23 108.10 -77.29
C ILE O 197 11.74 108.40 -77.37
N THR O 198 10.94 107.35 -77.51
CA THR O 198 9.64 107.46 -78.16
C THR O 198 8.51 107.31 -77.17
N CYS O 199 7.57 108.25 -77.27
CA CYS O 199 6.23 108.08 -76.71
C CYS O 199 5.55 106.98 -77.51
N ASN O 200 5.20 105.91 -76.81
CA ASN O 200 4.64 104.72 -77.43
C ASN O 200 3.26 104.52 -76.84
N VAL O 201 2.27 104.36 -77.72
CA VAL O 201 0.88 104.12 -77.34
C VAL O 201 0.44 102.82 -77.98
N ALA O 202 -0.09 101.91 -77.16
CA ALA O 202 -0.62 100.64 -77.62
C ALA O 202 -2.07 100.51 -77.19
N HIS O 203 -2.94 100.22 -78.15
CA HIS O 203 -4.38 100.13 -77.93
C HIS O 203 -4.76 98.66 -78.02
N PRO O 204 -5.06 98.02 -76.89
CA PRO O 204 -5.48 96.61 -76.92
C PRO O 204 -6.91 96.40 -77.38
N ALA O 205 -7.73 97.47 -77.37
CA ALA O 205 -9.06 97.38 -77.93
C ALA O 205 -9.03 97.25 -79.44
N SER O 206 -8.08 97.91 -80.10
CA SER O 206 -7.83 97.72 -81.52
C SER O 206 -6.60 96.89 -81.80
N SER O 207 -5.74 96.67 -80.81
CA SER O 207 -4.54 95.84 -80.96
C SER O 207 -3.42 96.56 -81.71
N THR O 208 -3.45 97.90 -81.69
CA THR O 208 -2.48 98.71 -82.39
C THR O 208 -1.33 99.06 -81.45
N LYS O 209 -0.16 99.40 -82.00
CA LYS O 209 1.00 99.79 -81.23
C LYS O 209 1.86 100.74 -82.04
N VAL O 210 2.29 101.85 -81.43
CA VAL O 210 3.11 102.84 -82.10
C VAL O 210 4.13 103.39 -81.11
N ASP O 211 5.27 103.85 -81.62
CA ASP O 211 6.30 104.48 -80.81
C ASP O 211 6.99 105.55 -81.65
N LYS O 212 6.69 106.82 -81.34
CA LYS O 212 7.22 107.96 -82.09
C LYS O 212 8.21 108.70 -81.21
N LYS O 213 9.33 109.12 -81.80
CA LYS O 213 10.45 109.72 -81.07
C LYS O 213 10.06 111.09 -80.52
N ILE O 214 10.47 111.36 -79.28
CA ILE O 214 10.11 112.61 -78.62
C ILE O 214 11.19 113.64 -78.94
N GLU O 215 11.09 114.25 -80.11
CA GLU O 215 12.02 115.27 -80.58
C GLU O 215 11.31 116.62 -80.54
N SER O 216 11.83 117.56 -81.32
CA SER O 216 11.25 118.89 -81.38
C SER O 216 9.98 118.91 -82.25
N ARG O 217 9.61 120.12 -82.68
CA ARG O 217 8.44 120.28 -83.53
C ARG O 217 8.65 119.71 -84.93
N ARG O 218 9.89 119.61 -85.39
CA ARG O 218 10.20 118.99 -86.67
C ARG O 218 11.58 118.32 -86.61
N GLN P 1 -18.86 89.25 -42.68
CA GLN P 1 -19.75 89.44 -41.54
C GLN P 1 -19.48 90.77 -40.84
N ALA P 2 -18.26 91.28 -41.00
CA ALA P 2 -17.90 92.54 -40.37
C ALA P 2 -16.64 93.07 -41.02
N VAL P 3 -16.56 94.39 -41.12
CA VAL P 3 -15.39 95.08 -41.64
C VAL P 3 -14.58 95.46 -40.42
N VAL P 4 -13.45 96.13 -40.64
CA VAL P 4 -12.52 96.45 -39.57
C VAL P 4 -13.09 97.60 -38.76
N THR P 5 -13.78 97.26 -37.67
CA THR P 5 -14.12 98.20 -36.62
C THR P 5 -12.83 98.49 -35.88
N GLN P 6 -12.33 99.71 -36.04
CA GLN P 6 -11.11 100.12 -35.37
C GLN P 6 -10.88 101.58 -35.65
N GLU P 7 -9.69 102.03 -35.33
CA GLU P 7 -9.19 103.21 -36.01
C GLU P 7 -8.90 102.83 -37.46
N SER P 8 -9.85 103.16 -38.34
CA SER P 8 -9.73 102.85 -39.75
C SER P 8 -8.70 103.76 -40.43
N ALA P 9 -8.42 104.91 -39.82
CA ALA P 9 -7.31 105.75 -40.26
C ALA P 9 -6.37 105.90 -39.07
N LEU P 10 -5.35 105.06 -39.05
CA LEU P 10 -4.25 105.19 -38.11
C LEU P 10 -2.98 105.33 -38.95
N THR P 11 -2.71 106.56 -39.38
CA THR P 11 -1.63 106.85 -40.31
C THR P 11 -0.32 106.96 -39.55
N THR P 12 0.74 106.41 -40.12
CA THR P 12 2.05 106.43 -39.49
C THR P 12 2.73 107.74 -39.87
N SER P 13 3.76 108.09 -39.11
CA SER P 13 4.56 109.27 -39.37
C SER P 13 5.80 108.86 -40.16
N PRO P 14 6.69 109.79 -40.48
CA PRO P 14 7.93 109.42 -41.16
C PRO P 14 8.87 108.77 -40.16
N GLY P 15 8.95 107.44 -40.22
CA GLY P 15 9.50 106.67 -39.13
C GLY P 15 8.62 106.62 -37.90
N GLU P 16 7.35 106.96 -38.01
CA GLU P 16 6.46 107.14 -36.87
C GLU P 16 5.39 106.05 -36.82
N THR P 17 4.42 106.24 -35.94
CA THR P 17 3.49 105.19 -35.53
C THR P 17 2.05 105.59 -35.83
N VAL P 18 1.36 104.72 -36.56
CA VAL P 18 -0.09 104.71 -36.64
C VAL P 18 -0.55 103.34 -36.17
N THR P 19 -0.91 103.25 -34.89
CA THR P 19 -1.30 101.99 -34.28
C THR P 19 -2.80 101.80 -34.43
N LEU P 20 -3.26 101.65 -35.67
CA LEU P 20 -4.67 101.61 -35.99
C LEU P 20 -5.26 100.28 -35.55
N THR P 21 -6.51 100.33 -35.08
CA THR P 21 -7.26 99.14 -34.76
C THR P 21 -7.91 98.65 -36.04
N CYS P 22 -8.15 97.33 -36.11
CA CYS P 22 -8.94 96.73 -37.17
C CYS P 22 -9.42 95.38 -36.65
N ARG P 23 -10.68 95.29 -36.24
CA ARG P 23 -11.20 94.05 -35.70
C ARG P 23 -12.60 93.87 -36.26
N SER P 24 -13.38 93.00 -35.62
CA SER P 24 -14.80 92.90 -35.89
C SER P 24 -15.54 94.12 -35.34
N ASN P 25 -16.83 94.22 -35.68
CA ASN P 25 -17.64 95.39 -35.33
C ASN P 25 -17.99 95.47 -33.85
N ILE P 26 -17.74 94.44 -33.06
CA ILE P 26 -17.91 94.53 -31.61
C ILE P 26 -16.66 94.20 -30.82
N GLY P 27 -15.57 93.79 -31.48
CA GLY P 27 -14.43 93.29 -30.74
C GLY P 27 -13.33 92.82 -31.67
N ALA P 28 -12.47 91.96 -31.12
CA ALA P 28 -11.19 91.62 -31.73
C ALA P 28 -11.36 90.67 -32.92
N VAL P 29 -10.51 90.89 -33.94
CA VAL P 29 -10.47 90.06 -35.12
C VAL P 29 -9.90 88.69 -34.76
N THR P 30 -10.46 87.64 -35.33
CA THR P 30 -10.08 86.28 -34.97
C THR P 30 -8.78 85.92 -35.68
N SER P 31 -7.77 85.62 -34.87
CA SER P 31 -6.40 85.41 -35.35
C SER P 31 -6.23 84.10 -36.11
N SER P 32 -7.15 83.15 -35.96
CA SER P 32 -7.19 81.95 -36.78
C SER P 32 -7.71 82.24 -38.18
N ASN P 33 -8.39 83.38 -38.38
CA ASN P 33 -8.73 83.88 -39.70
C ASN P 33 -7.83 85.00 -40.17
N CYS P 34 -6.68 85.20 -39.51
CA CYS P 34 -5.84 86.35 -39.75
C CYS P 34 -6.48 87.64 -39.23
N ALA P 35 -6.83 87.64 -37.96
CA ALA P 35 -7.28 88.84 -37.28
C ALA P 35 -6.10 89.69 -36.83
N ASN P 36 -5.38 90.24 -37.80
CA ASN P 36 -4.13 90.95 -37.58
C ASN P 36 -4.00 92.04 -38.63
N TRP P 37 -2.91 92.79 -38.58
CA TRP P 37 -2.80 94.02 -39.33
C TRP P 37 -1.74 93.87 -40.41
N VAL P 38 -2.20 93.69 -41.65
CA VAL P 38 -1.30 93.50 -42.79
C VAL P 38 -1.37 94.74 -43.66
N GLN P 39 -0.23 95.07 -44.27
CA GLN P 39 -0.09 96.29 -45.05
C GLN P 39 -0.65 96.05 -46.44
N GLU P 40 -1.36 97.06 -46.97
CA GLU P 40 -1.87 97.04 -48.33
C GLU P 40 -1.32 98.26 -49.05
N LYS P 41 -0.55 98.03 -50.10
CA LYS P 41 0.09 99.04 -50.93
C LYS P 41 -0.92 99.66 -51.89
N PRO P 42 -0.44 100.53 -52.79
CA PRO P 42 -1.35 101.24 -53.69
C PRO P 42 -1.97 100.34 -54.75
N ASP P 43 -3.28 100.52 -54.97
CA ASP P 43 -4.04 99.67 -55.87
C ASP P 43 -4.43 98.35 -55.20
N HIS P 44 -4.39 98.33 -53.86
CA HIS P 44 -4.64 97.12 -53.08
C HIS P 44 -3.55 96.06 -53.26
N PHE P 45 -2.31 96.48 -53.08
CA PHE P 45 -1.16 95.57 -53.11
C PHE P 45 -0.93 95.09 -51.69
N PHE P 46 -1.57 93.98 -51.33
CA PHE P 46 -1.52 93.45 -49.98
C PHE P 46 -0.16 92.82 -49.71
N THR P 47 0.52 93.33 -48.68
CA THR P 47 1.89 92.97 -48.37
C THR P 47 1.95 92.54 -46.91
N GLY P 48 3.12 92.08 -46.49
CA GLY P 48 3.29 91.57 -45.14
C GLY P 48 3.49 92.72 -44.17
N LEU P 49 2.39 93.09 -43.51
CA LEU P 49 2.46 94.02 -42.38
C LEU P 49 2.56 93.15 -41.14
N ILE P 50 1.48 92.43 -40.83
CA ILE P 50 1.54 91.36 -39.84
C ILE P 50 0.26 90.54 -39.90
N GLY P 51 0.44 89.23 -39.97
CA GLY P 51 -0.69 88.34 -40.14
C GLY P 51 -0.78 87.36 -39.01
N ASP P 52 -1.97 86.77 -38.87
CA ASP P 52 -2.26 85.74 -37.87
C ASP P 52 -2.61 86.31 -36.50
N THR P 53 -2.61 87.63 -36.40
CA THR P 53 -3.00 88.30 -35.17
C THR P 53 -1.94 88.36 -34.08
N ASN P 54 -0.80 87.71 -34.28
CA ASN P 54 0.36 88.00 -33.46
C ASN P 54 1.67 87.96 -34.25
N ASN P 55 1.63 87.53 -35.51
CA ASN P 55 2.83 87.15 -36.25
C ASN P 55 3.32 88.35 -37.05
N ARG P 56 4.63 88.59 -37.00
CA ARG P 56 5.24 89.70 -37.72
C ARG P 56 5.29 89.39 -39.21
N ARG P 57 4.77 90.33 -40.01
CA ARG P 57 4.78 90.17 -41.45
C ARG P 57 5.99 90.87 -42.04
N SER P 58 6.74 90.11 -42.84
CA SER P 58 8.02 90.56 -43.36
C SER P 58 7.86 91.24 -44.71
N GLY P 59 8.99 91.40 -45.40
CA GLY P 59 9.01 92.02 -46.71
C GLY P 59 9.27 93.49 -46.70
N VAL P 60 9.14 94.14 -45.55
CA VAL P 60 9.45 95.55 -45.37
C VAL P 60 10.25 95.68 -44.09
N PRO P 61 10.52 96.91 -43.62
CA PRO P 61 11.16 97.07 -42.31
C PRO P 61 10.17 96.89 -41.18
N ALA P 62 10.59 97.28 -39.97
CA ALA P 62 9.82 97.07 -38.74
C ALA P 62 8.66 98.05 -38.55
N ARG P 63 8.25 98.77 -39.60
CA ARG P 63 7.15 99.72 -39.47
C ARG P 63 5.80 99.06 -39.30
N PHE P 64 5.27 98.39 -40.31
CA PHE P 64 3.95 97.79 -40.25
C PHE P 64 4.03 96.49 -39.46
N SER P 65 3.09 96.30 -38.54
CA SER P 65 3.05 95.09 -37.74
C SER P 65 1.60 94.74 -37.42
N GLY P 66 1.37 93.46 -37.14
CA GLY P 66 0.04 92.95 -36.90
C GLY P 66 -0.09 92.06 -35.68
N SER P 67 -0.93 92.51 -34.76
CA SER P 67 -0.97 92.01 -33.39
C SER P 67 -2.42 92.08 -32.93
N LEU P 68 -2.61 92.14 -31.61
CA LEU P 68 -3.86 92.57 -31.02
C LEU P 68 -3.67 93.98 -30.46
N ILE P 69 -4.24 94.97 -31.14
CA ILE P 69 -3.98 96.39 -30.86
C ILE P 69 -5.30 97.15 -30.99
N GLY P 70 -5.40 98.27 -30.27
CA GLY P 70 -6.66 99.01 -30.26
C GLY P 70 -7.70 98.24 -29.49
N ASP P 71 -8.80 97.91 -30.16
CA ASP P 71 -9.73 96.90 -29.69
C ASP P 71 -9.91 95.77 -30.70
N LYS P 72 -8.88 95.49 -31.51
CA LYS P 72 -9.02 94.55 -32.60
C LYS P 72 -7.67 93.92 -32.91
N ALA P 73 -7.54 93.37 -34.13
CA ALA P 73 -6.23 93.08 -34.68
C ALA P 73 -5.55 94.44 -34.90
N ALA P 74 -4.27 94.49 -34.63
CA ALA P 74 -3.58 95.76 -34.57
C ALA P 74 -2.72 95.90 -35.80
N LEU P 75 -3.01 96.94 -36.58
CA LEU P 75 -2.16 97.39 -37.67
C LEU P 75 -1.35 98.54 -37.09
N THR P 76 -0.25 98.19 -36.44
CA THR P 76 0.64 99.17 -35.84
C THR P 76 1.74 99.46 -36.85
N ILE P 77 1.56 100.53 -37.62
CA ILE P 77 2.55 100.97 -38.58
C ILE P 77 3.49 101.86 -37.80
N THR P 78 4.46 101.26 -37.11
CA THR P 78 5.33 101.97 -36.18
C THR P 78 6.70 102.09 -36.82
N GLY P 79 6.88 103.12 -37.63
CA GLY P 79 8.03 103.21 -38.51
C GLY P 79 7.59 103.21 -39.95
N ALA P 80 6.49 103.93 -40.23
CA ALA P 80 5.86 103.90 -41.54
C ALA P 80 6.72 104.60 -42.58
N GLN P 81 6.79 103.99 -43.76
CA GLN P 81 7.69 104.43 -44.83
C GLN P 81 7.09 105.64 -45.53
N THR P 82 7.97 106.40 -46.21
CA THR P 82 7.63 107.74 -46.68
C THR P 82 6.66 107.73 -47.85
N GLU P 83 6.53 106.59 -48.53
CA GLU P 83 5.47 106.41 -49.52
C GLU P 83 4.49 105.31 -49.15
N ASP P 84 4.23 105.10 -47.86
CA ASP P 84 3.38 104.00 -47.42
C ASP P 84 1.90 104.34 -47.37
N GLU P 85 1.44 105.27 -48.22
CA GLU P 85 0.03 105.63 -48.33
C GLU P 85 -0.74 104.44 -48.88
N ALA P 86 -1.44 103.74 -48.00
CA ALA P 86 -2.15 102.53 -48.38
C ALA P 86 -3.10 102.13 -47.25
N ILE P 87 -3.68 100.95 -47.39
CA ILE P 87 -4.53 100.37 -46.36
C ILE P 87 -3.79 99.27 -45.62
N TYR P 88 -3.10 99.63 -44.55
CA TYR P 88 -2.75 98.68 -43.51
C TYR P 88 -4.07 98.35 -42.82
N PHE P 89 -4.58 97.16 -43.11
CA PHE P 89 -5.88 96.75 -42.63
C PHE P 89 -5.71 95.63 -41.62
N CYS P 90 -6.47 95.72 -40.52
CA CYS P 90 -6.54 94.66 -39.53
C CYS P 90 -7.75 93.79 -39.84
N ALA P 91 -7.47 92.69 -40.53
CA ALA P 91 -8.49 91.74 -40.93
C ALA P 91 -8.91 90.92 -39.73
N LEU P 92 -10.13 90.40 -39.79
CA LEU P 92 -10.65 89.37 -38.91
C LEU P 92 -11.38 88.37 -39.78
N TRP P 93 -11.06 87.09 -39.63
CA TRP P 93 -11.66 86.06 -40.49
C TRP P 93 -12.14 84.87 -39.68
N TYR P 94 -12.57 83.81 -40.39
CA TYR P 94 -13.04 82.56 -39.80
C TYR P 94 -12.28 81.39 -40.45
N ASN P 95 -10.98 81.58 -40.66
CA ASN P 95 -10.09 80.59 -41.22
C ASN P 95 -10.15 80.54 -42.74
N ASN P 96 -10.88 81.48 -43.36
CA ASN P 96 -11.15 81.42 -44.79
C ASN P 96 -10.65 82.65 -45.54
N LEU P 97 -10.86 83.84 -44.97
CA LEU P 97 -10.35 85.08 -45.54
C LEU P 97 -10.55 86.20 -44.52
N TRP P 98 -9.51 87.00 -44.33
CA TRP P 98 -9.54 88.07 -43.34
C TRP P 98 -10.29 89.26 -43.90
N VAL P 99 -11.49 89.51 -43.36
CA VAL P 99 -12.28 90.68 -43.69
C VAL P 99 -11.60 91.87 -43.03
N PHE P 100 -11.05 92.75 -43.86
CA PHE P 100 -10.39 93.96 -43.41
C PHE P 100 -11.39 95.11 -43.40
N GLY P 101 -10.86 96.32 -43.26
CA GLY P 101 -11.72 97.49 -43.20
C GLY P 101 -11.99 98.10 -44.56
N GLY P 102 -12.04 99.42 -44.57
CA GLY P 102 -11.95 100.20 -45.78
C GLY P 102 -10.55 100.63 -46.12
N GLY P 103 -9.58 99.82 -45.72
CA GLY P 103 -8.19 100.20 -45.69
C GLY P 103 -7.84 100.85 -44.37
N THR P 104 -6.87 100.25 -43.67
CA THR P 104 -6.28 100.85 -42.49
C THR P 104 -5.50 102.05 -43.01
N LYS P 105 -6.02 103.26 -42.77
CA LYS P 105 -5.61 104.45 -43.52
C LYS P 105 -4.21 104.88 -43.12
N LEU P 106 -3.20 104.19 -43.67
CA LEU P 106 -1.83 104.32 -43.22
C LEU P 106 -1.07 105.24 -44.16
N THR P 107 -0.25 106.11 -43.59
CA THR P 107 0.55 107.07 -44.34
C THR P 107 1.96 107.11 -43.76
N VAL P 108 2.79 107.97 -44.33
CA VAL P 108 4.15 108.20 -43.86
C VAL P 108 4.50 109.66 -44.05
N LEU P 109 5.15 110.25 -43.06
CA LEU P 109 5.56 111.64 -43.14
C LEU P 109 6.89 111.75 -43.89
N GLY P 110 7.29 112.99 -44.17
CA GLY P 110 8.49 113.20 -44.94
C GLY P 110 8.18 113.04 -46.42
N GLN P 111 9.23 112.67 -47.17
CA GLN P 111 9.23 112.46 -48.61
C GLN P 111 8.70 113.67 -49.36
N PRO P 112 9.44 114.78 -49.39
CA PRO P 112 8.90 116.02 -49.95
C PRO P 112 8.93 116.02 -51.47
N LYS P 113 7.80 116.42 -52.07
CA LYS P 113 7.63 116.40 -53.52
C LYS P 113 8.10 117.71 -54.16
N SER P 114 7.65 117.97 -55.38
CA SER P 114 8.11 119.13 -56.14
C SER P 114 6.91 119.95 -56.61
N SER P 115 7.18 121.07 -57.26
CA SER P 115 6.13 121.92 -57.82
C SER P 115 5.58 121.30 -59.10
N PRO P 116 4.33 121.61 -59.45
CA PRO P 116 3.73 121.01 -60.64
C PRO P 116 4.25 121.66 -61.91
N SER P 117 5.04 120.87 -62.65
CA SER P 117 5.71 121.34 -63.86
C SER P 117 4.90 120.90 -65.07
N VAL P 118 4.39 121.87 -65.82
CA VAL P 118 3.74 121.60 -67.10
C VAL P 118 4.83 121.36 -68.13
N THR P 119 4.74 120.24 -68.83
CA THR P 119 5.57 119.96 -69.99
C THR P 119 4.63 119.91 -71.18
N LEU P 120 4.46 121.05 -71.84
CA LEU P 120 3.40 121.25 -72.81
C LEU P 120 3.99 121.21 -74.21
N PHE P 121 3.66 120.18 -74.94
CA PHE P 121 3.79 120.29 -76.36
C PHE P 121 2.53 120.94 -76.91
N PRO P 122 2.62 121.65 -78.03
CA PRO P 122 1.42 122.18 -78.66
C PRO P 122 0.82 121.13 -79.59
N PRO P 123 -0.21 121.50 -80.36
CA PRO P 123 -0.56 120.67 -81.51
C PRO P 123 0.56 120.76 -82.54
N SER P 124 1.30 119.66 -82.66
CA SER P 124 2.53 119.63 -83.44
C SER P 124 2.22 119.37 -84.91
N SER P 125 3.29 119.22 -85.70
CA SER P 125 3.15 118.82 -87.09
C SER P 125 2.63 117.39 -87.25
N GLU P 126 2.91 116.51 -86.29
CA GLU P 126 2.44 115.13 -86.39
C GLU P 126 0.96 115.00 -86.06
N GLU P 127 0.48 115.77 -85.09
CA GLU P 127 -0.96 115.82 -84.81
C GLU P 127 -1.70 116.65 -85.85
N LEU P 128 -1.00 117.46 -86.64
CA LEU P 128 -1.60 118.38 -87.60
C LEU P 128 -2.03 117.71 -88.90
N GLU P 129 -1.89 116.39 -89.04
CA GLU P 129 -2.29 115.68 -90.24
C GLU P 129 -3.80 115.56 -90.40
N THR P 130 -4.58 115.82 -89.35
CA THR P 130 -6.02 115.99 -89.44
C THR P 130 -6.46 117.38 -88.98
N ASN P 131 -5.52 118.35 -88.95
CA ASN P 131 -5.79 119.69 -88.45
C ASN P 131 -6.01 119.64 -86.94
N LYS P 132 -5.24 118.81 -86.25
CA LYS P 132 -5.41 118.59 -84.83
C LYS P 132 -4.43 119.47 -84.08
N ALA P 133 -4.95 120.19 -83.09
CA ALA P 133 -4.17 121.20 -82.38
C ALA P 133 -4.54 121.05 -80.92
N THR P 134 -3.71 120.31 -80.18
CA THR P 134 -4.00 119.95 -78.80
C THR P 134 -2.76 120.24 -77.98
N LEU P 135 -2.91 121.12 -77.00
CA LEU P 135 -1.94 121.29 -75.93
C LEU P 135 -1.89 119.98 -75.14
N VAL P 136 -0.76 119.28 -75.24
CA VAL P 136 -0.51 118.08 -74.47
C VAL P 136 0.38 118.48 -73.31
N CYS P 137 -0.13 118.29 -72.09
CA CYS P 137 0.55 118.72 -70.89
C CYS P 137 0.92 117.48 -70.08
N THR P 138 2.19 117.12 -70.11
CA THR P 138 2.75 116.19 -69.13
C THR P 138 2.91 116.96 -67.83
N ILE P 139 1.96 116.74 -66.91
CA ILE P 139 2.03 117.32 -65.58
C ILE P 139 2.99 116.45 -64.79
N THR P 140 4.21 116.94 -64.61
CA THR P 140 5.29 116.15 -64.05
C THR P 140 5.79 116.80 -62.77
N ASP P 141 6.12 115.96 -61.80
CA ASP P 141 6.69 116.38 -60.52
C ASP P 141 5.65 117.09 -59.64
N PHE P 142 4.37 116.83 -59.91
CA PHE P 142 3.27 117.51 -59.26
C PHE P 142 3.05 116.96 -57.86
N TYR P 143 3.59 117.68 -56.87
CA TYR P 143 3.42 117.33 -55.45
C TYR P 143 3.00 118.58 -54.69
N PRO P 144 1.71 118.90 -54.63
CA PRO P 144 0.53 118.20 -55.17
C PRO P 144 0.29 118.52 -56.64
N GLY P 145 -0.16 117.52 -57.40
CA GLY P 145 -0.47 117.71 -58.81
C GLY P 145 -1.93 118.05 -59.04
N VAL P 146 -2.65 118.33 -57.97
CA VAL P 146 -4.03 118.77 -58.05
C VAL P 146 -4.02 120.29 -57.96
N VAL P 147 -3.89 120.94 -59.11
CA VAL P 147 -3.78 122.39 -59.20
C VAL P 147 -4.57 122.88 -60.41
N THR P 148 -4.51 124.18 -60.63
CA THR P 148 -5.21 124.85 -61.73
C THR P 148 -4.52 124.48 -63.03
N VAL P 149 -5.30 124.29 -64.08
CA VAL P 149 -4.81 123.97 -65.42
C VAL P 149 -5.35 125.01 -66.39
N ASP P 150 -4.61 126.10 -66.56
CA ASP P 150 -5.00 127.18 -67.45
C ASP P 150 -4.66 126.76 -68.87
N TRP P 151 -5.67 126.31 -69.60
CA TRP P 151 -5.53 125.84 -70.97
C TRP P 151 -6.39 126.69 -71.89
N LYS P 152 -5.73 127.60 -72.62
CA LYS P 152 -6.39 128.49 -73.58
C LYS P 152 -5.30 128.92 -74.54
N VAL P 153 -5.56 128.77 -75.83
CA VAL P 153 -4.54 128.95 -76.87
C VAL P 153 -4.32 130.45 -77.09
N ASP P 154 -3.07 130.89 -76.91
CA ASP P 154 -2.67 132.26 -77.24
C ASP P 154 -3.11 133.28 -76.20
N GLY P 155 -3.35 132.83 -74.97
CA GLY P 155 -3.62 133.71 -73.86
C GLY P 155 -5.09 134.03 -73.63
N THR P 156 -5.92 133.95 -74.67
CA THR P 156 -7.36 134.04 -74.49
C THR P 156 -7.83 132.66 -74.04
N PRO P 157 -8.44 132.54 -72.85
CA PRO P 157 -8.74 131.20 -72.33
C PRO P 157 -9.93 130.55 -73.00
N VAL P 158 -9.65 129.61 -73.90
CA VAL P 158 -10.72 128.83 -74.53
C VAL P 158 -10.98 127.57 -73.72
N THR P 159 -12.19 127.46 -73.21
CA THR P 159 -12.55 126.35 -72.33
C THR P 159 -13.11 125.18 -73.11
N GLN P 160 -13.23 125.34 -74.42
CA GLN P 160 -13.72 124.27 -75.27
C GLN P 160 -12.52 123.45 -75.72
N GLY P 161 -12.13 122.50 -74.87
CA GLY P 161 -11.05 121.59 -75.15
C GLY P 161 -10.08 121.37 -74.01
N MET P 162 -9.79 122.40 -73.22
CA MET P 162 -8.75 122.32 -72.20
C MET P 162 -9.23 121.54 -70.99
N GLU P 163 -8.43 120.55 -70.59
CA GLU P 163 -8.70 119.80 -69.37
C GLU P 163 -7.43 119.09 -68.93
N THR P 164 -7.09 119.21 -67.64
CA THR P 164 -5.89 118.62 -67.06
C THR P 164 -6.17 117.16 -66.69
N THR P 165 -5.11 116.37 -66.55
CA THR P 165 -5.25 114.94 -66.27
C THR P 165 -4.89 114.63 -64.83
N GLN P 166 -5.07 113.36 -64.45
CA GLN P 166 -4.70 112.91 -63.11
C GLN P 166 -3.96 111.57 -63.16
N PRO P 167 -2.95 111.40 -62.32
CA PRO P 167 -2.24 110.12 -62.23
C PRO P 167 -2.82 109.21 -61.16
N SER P 168 -2.37 107.96 -61.14
CA SER P 168 -2.92 106.92 -60.28
C SER P 168 -2.14 106.82 -58.98
N LYS P 169 -2.45 105.80 -58.18
CA LYS P 169 -1.94 105.67 -56.81
C LYS P 169 -0.55 105.05 -56.81
N GLN P 170 0.39 105.72 -56.17
CA GLN P 170 1.78 105.25 -56.12
C GLN P 170 2.35 105.31 -54.70
N SER P 171 3.68 105.17 -54.63
CA SER P 171 4.42 105.39 -53.39
C SER P 171 5.61 106.33 -53.61
N ASN P 172 5.86 106.71 -54.86
CA ASN P 172 7.05 107.50 -55.18
C ASN P 172 6.94 108.94 -54.72
N ASN P 173 5.74 109.51 -54.70
CA ASN P 173 5.52 110.92 -54.41
C ASN P 173 5.79 111.84 -55.61
N LYS P 174 6.15 111.29 -56.77
CA LYS P 174 6.41 112.10 -57.96
C LYS P 174 5.17 112.09 -58.85
N TYR P 175 4.99 113.18 -59.59
CA TYR P 175 3.71 113.46 -60.23
C TYR P 175 3.78 113.21 -61.72
N MET P 176 2.62 112.94 -62.30
CA MET P 176 2.47 112.76 -63.75
C MET P 176 1.00 112.91 -64.09
N ALA P 177 0.74 113.34 -65.31
CA ALA P 177 -0.64 113.45 -65.78
C ALA P 177 -0.61 113.87 -67.24
N SER P 178 -1.67 113.49 -67.96
CA SER P 178 -1.81 113.87 -69.36
C SER P 178 -3.02 114.79 -69.48
N SER P 179 -2.75 116.08 -69.68
CA SER P 179 -3.79 117.09 -69.82
C SER P 179 -3.93 117.45 -71.29
N TYR P 180 -5.14 117.28 -71.82
CA TYR P 180 -5.42 117.46 -73.23
C TYR P 180 -6.21 118.74 -73.44
N LEU P 181 -5.77 119.55 -74.41
CA LEU P 181 -6.48 120.77 -74.80
C LEU P 181 -6.58 120.77 -76.31
N THR P 182 -7.59 120.10 -76.84
CA THR P 182 -7.77 119.96 -78.27
C THR P 182 -8.73 121.02 -78.76
N LEU P 183 -8.36 121.70 -79.84
CA LEU P 183 -9.21 122.68 -80.48
C LEU P 183 -9.36 122.27 -81.96
N THR P 184 -10.03 123.12 -82.73
CA THR P 184 -10.29 122.84 -84.13
C THR P 184 -9.09 123.25 -84.99
N ALA P 185 -9.27 123.10 -86.31
CA ALA P 185 -8.26 123.58 -87.25
C ALA P 185 -8.25 125.10 -87.29
N ARG P 186 -9.44 125.71 -87.23
CA ARG P 186 -9.52 127.16 -87.15
C ARG P 186 -9.11 127.66 -85.77
N ALA P 187 -9.44 126.91 -84.72
CA ALA P 187 -9.09 127.33 -83.37
C ALA P 187 -7.60 127.10 -83.09
N TRP P 188 -7.00 126.13 -83.77
CA TRP P 188 -5.58 125.83 -83.58
C TRP P 188 -4.71 126.73 -84.45
N GLU P 189 -5.17 127.02 -85.67
CA GLU P 189 -4.37 127.83 -86.58
C GLU P 189 -4.61 129.33 -86.40
N ARG P 190 -5.80 129.73 -85.94
CA ARG P 190 -6.08 131.13 -85.63
C ARG P 190 -5.31 131.54 -84.38
N HIS P 191 -5.21 130.62 -83.42
CA HIS P 191 -4.27 130.76 -82.32
C HIS P 191 -2.89 130.26 -82.76
N SER P 192 -1.95 130.22 -81.81
CA SER P 192 -0.59 129.84 -82.14
C SER P 192 -0.01 128.74 -81.28
N SER P 193 -0.24 128.74 -79.97
CA SER P 193 0.48 127.88 -79.06
C SER P 193 -0.48 127.22 -78.09
N TYR P 194 -0.24 125.95 -77.82
CA TYR P 194 -0.91 125.23 -76.73
C TYR P 194 -0.17 125.54 -75.45
N SER P 195 -0.92 125.86 -74.40
CA SER P 195 -0.30 126.31 -73.17
C SER P 195 -1.12 125.79 -72.00
N CYS P 196 -0.45 125.02 -71.14
CA CYS P 196 -1.04 124.55 -69.90
C CYS P 196 -0.26 125.19 -68.76
N GLN P 197 -0.92 126.07 -68.01
CA GLN P 197 -0.37 126.61 -66.78
C GLN P 197 -0.85 125.70 -65.65
N VAL P 198 0.06 124.90 -65.10
CA VAL P 198 -0.27 123.91 -64.08
C VAL P 198 0.24 124.44 -62.75
N THR P 199 -0.68 124.89 -61.91
CA THR P 199 -0.34 125.50 -60.63
C THR P 199 -0.85 124.59 -59.52
N HIS P 200 0.06 123.79 -58.94
CA HIS P 200 -0.27 122.82 -57.91
C HIS P 200 0.49 123.16 -56.63
N GLU P 201 -0.23 123.08 -55.50
CA GLU P 201 0.32 123.30 -54.17
C GLU P 201 0.74 124.76 -53.95
N GLY P 202 0.13 125.68 -54.70
CA GLY P 202 0.56 127.06 -54.69
C GLY P 202 1.70 127.37 -55.65
N HIS P 203 2.31 126.33 -56.22
CA HIS P 203 3.47 126.51 -57.09
C HIS P 203 3.11 126.24 -58.54
N THR P 204 3.44 127.19 -59.41
CA THR P 204 3.05 127.14 -60.81
C THR P 204 4.18 126.55 -61.65
N VAL P 205 3.79 126.00 -62.79
CA VAL P 205 4.70 125.64 -63.88
C VAL P 205 3.97 125.97 -65.16
N GLU P 206 4.72 126.23 -66.24
CA GLU P 206 4.14 126.61 -67.52
C GLU P 206 4.66 125.67 -68.59
N LYS P 207 3.74 125.01 -69.30
CA LYS P 207 4.09 124.13 -70.41
C LYS P 207 3.52 124.73 -71.68
N SER P 208 4.38 125.34 -72.48
CA SER P 208 3.98 126.01 -73.70
C SER P 208 4.64 125.29 -74.88
N LEU P 209 3.88 125.14 -75.95
CA LEU P 209 4.34 124.42 -77.13
C LEU P 209 4.82 125.40 -78.20
N SER P 210 5.24 124.82 -79.32
CA SER P 210 5.81 125.59 -80.42
C SER P 210 4.85 125.51 -81.60
N ARG P 211 4.38 126.67 -82.06
CA ARG P 211 3.53 126.73 -83.23
C ARG P 211 3.82 128.01 -84.01
#